data_5CDQ
#
_entry.id   5CDQ
#
_cell.length_a   87.930
_cell.length_b   170.550
_cell.length_c   125.670
_cell.angle_alpha   90.000
_cell.angle_beta   103.300
_cell.angle_gamma   90.000
#
_symmetry.space_group_name_H-M   'P 1 21 1'
#
loop_
_entity.id
_entity.type
_entity.pdbx_description
1 polymer 'DNA gyrase subunit A'
2 polymer 'DNA gyrase subunit B,DNA gyrase subunit B'
3 polymer "DNA (5'-D(P*GP*AP*GP*CP*GP*TP*AP*T*GP*GP*CP*CP*AP*TP*AP*CP*GP*CP*TP*T)-3')"
4 non-polymer 'MAGNESIUM ION'
5 non-polymer GLYCEROL
6 non-polymer '1-cyclopropyl-6-fluoro-8-methoxy-7-[(4aS,7aS)-octahydro-6H-pyrrolo[3,4-b]pyridin-6-yl]-4-oxo-1,4-dihydroquinoline-3-carboxylic acid'
7 water water
#
loop_
_entity_poly.entity_id
_entity_poly.type
_entity_poly.pdbx_seq_one_letter_code
_entity_poly.pdbx_strand_id
1 'polypeptide(L)'
;NERNITSEMRESFLDYAMSVIVARALPDVRDGLKPVHRRILYGLNEQGMTPDKSYKKSARIVGDVMGKYHPHGDSSIYEA
MVRMAQDFSYRYPLVDGQGNFGSMDGDGAAAMR(PTR)TEARMTKITLELLRDINKDTIDFIDNYDGNEREPSVLPARFP
NLLANGASGIAVGMATNIPPHNLTELINGVLSLSKNPDISIAELMEDIEGPDFPTAGLILGKSGIRRAYETGRGSIQMRS
RAVIEERGGGRQRIVVTEIPFQVNKARMIEKIAELVRDKKIDGITDLRDETSLRTGVRVVIDVRKDANASVILNNLYKQT
PLQTSFGVNMIALVNGRPKLINLKEALVHYLEHQKTVVRRRTQYNLRKAKDRAHILEGLRIALDHIDEIISTIRESDTDK
VAMESLQQRFKLSEKQAQAILDMRLRRLTGLERDKIEAEYNELLNYISELETILADEEVLLQLVRDELTEIRDRFGDDRR
TEIQL
;
A,C,R,T
2 'polypeptide(L)'
;LPGKLADCSSKSPEECEIFLVEGDSAGGSTKSGRDSRTQAILPLRGKILNVEKARLDRILNNNEIRQMITAFGTGIGGDF
DLAKARYHKIVIMTDADVDGAHIRTLLLTFFYRFMRPLIEAGYVYIAQPPTGYKGLGEMNADQLWETTMNPEHRALLQVK
LEDAIEADQTFEMLMGDVVENRRQFIEDNAVYA
;
B,D,S,U
3 'polydeoxyribonucleotide' (DG)(DA)(DG)(DC)(DG)(DT)(DA)(DT)(DG)(DG)(DC)(DC)(DA)(DT)(DA)(DC)(DG)(DC)(DT)(DT) E,F,V,W
#
loop_
_chem_comp.id
_chem_comp.type
_chem_comp.name
_chem_comp.formula
DA DNA linking 2'-DEOXYADENOSINE-5'-MONOPHOSPHATE 'C10 H14 N5 O6 P'
DC DNA linking 2'-DEOXYCYTIDINE-5'-MONOPHOSPHATE 'C9 H14 N3 O7 P'
DG DNA linking 2'-DEOXYGUANOSINE-5'-MONOPHOSPHATE 'C10 H14 N5 O7 P'
DT DNA linking THYMIDINE-5'-MONOPHOSPHATE 'C10 H15 N2 O8 P'
GOL non-polymer GLYCEROL 'C3 H8 O3'
MFX non-polymer '1-cyclopropyl-6-fluoro-8-methoxy-7-[(4aS,7aS)-octahydro-6H-pyrrolo[3,4-b]pyridin-6-yl]-4-oxo-1,4-dihydroquinoline-3-carboxylic acid' 'C21 H24 F N3 O4'
MG non-polymer 'MAGNESIUM ION' 'Mg 2'
#
# COMPACT_ATOMS: atom_id res chain seq x y z
N ASN A 1 16.61 -68.24 -14.44
CA ASN A 1 17.55 -68.66 -13.39
C ASN A 1 16.84 -68.92 -12.06
N GLU A 2 17.53 -69.55 -11.07
CA GLU A 2 16.98 -69.86 -9.74
C GLU A 2 17.46 -68.89 -8.64
N ARG A 3 16.79 -68.90 -7.46
CA ARG A 3 17.09 -68.03 -6.32
C ARG A 3 16.38 -68.54 -5.07
N ASN A 4 17.15 -68.79 -4.00
CA ASN A 4 16.65 -69.25 -2.71
C ASN A 4 15.81 -68.15 -2.06
N ILE A 5 14.68 -68.52 -1.42
CA ILE A 5 13.79 -67.55 -0.76
C ILE A 5 14.45 -66.90 0.50
N THR A 6 15.15 -67.70 1.35
CA THR A 6 15.84 -67.21 2.55
C THR A 6 16.97 -66.22 2.17
N SER A 7 17.77 -66.57 1.15
CA SER A 7 18.87 -65.76 0.63
C SER A 7 18.34 -64.41 0.12
N GLU A 8 17.23 -64.45 -0.66
CA GLU A 8 16.58 -63.25 -1.20
C GLU A 8 16.01 -62.36 -0.08
N MET A 9 15.45 -62.96 0.97
CA MET A 9 14.93 -62.21 2.11
C MET A 9 16.06 -61.54 2.88
N ARG A 10 17.12 -62.30 3.22
CA ARG A 10 18.27 -61.80 3.96
C ARG A 10 19.00 -60.69 3.20
N GLU A 11 19.31 -60.92 1.91
CA GLU A 11 20.02 -59.95 1.06
C GLU A 11 19.23 -58.65 0.81
N SER A 12 17.96 -58.76 0.36
CA SER A 12 17.13 -57.61 0.06
C SER A 12 16.78 -56.78 1.29
N PHE A 13 16.42 -57.43 2.41
CA PHE A 13 16.08 -56.70 3.64
C PHE A 13 17.29 -55.94 4.21
N LEU A 14 18.48 -56.59 4.24
CA LEU A 14 19.70 -55.94 4.72
C LEU A 14 20.03 -54.70 3.87
N ASP A 15 19.80 -54.76 2.54
CA ASP A 15 20.05 -53.64 1.62
C ASP A 15 19.22 -52.42 2.01
N TYR A 16 17.91 -52.64 2.22
CA TYR A 16 16.98 -51.59 2.62
C TYR A 16 17.36 -51.04 3.98
N ALA A 17 17.43 -51.93 5.01
CA ALA A 17 17.77 -51.58 6.39
C ALA A 17 19.04 -50.72 6.52
N MET A 18 20.13 -51.13 5.87
CA MET A 18 21.39 -50.39 5.92
C MET A 18 21.30 -49.01 5.29
N SER A 19 20.56 -48.91 4.15
CA SER A 19 20.31 -47.65 3.44
C SER A 19 19.47 -46.68 4.27
N VAL A 20 18.41 -47.18 4.95
CA VAL A 20 17.57 -46.34 5.83
C VAL A 20 18.42 -45.78 6.96
N ILE A 21 19.30 -46.63 7.53
CA ILE A 21 20.20 -46.31 8.62
C ILE A 21 21.26 -45.27 8.23
N VAL A 22 22.07 -45.57 7.18
CA VAL A 22 23.20 -44.70 6.81
C VAL A 22 22.87 -43.64 5.74
N ALA A 23 21.68 -43.68 5.12
CA ALA A 23 21.31 -42.74 4.07
C ALA A 23 19.83 -42.43 3.99
N ARG A 24 19.21 -42.05 5.13
CA ARG A 24 17.81 -41.64 5.19
C ARG A 24 17.36 -41.10 6.54
N ALA A 25 17.15 -42.01 7.52
CA ALA A 25 16.56 -41.74 8.82
C ALA A 25 17.49 -41.22 9.92
N LEU A 26 18.77 -41.58 9.92
CA LEU A 26 19.66 -41.14 11.00
C LEU A 26 20.58 -39.96 10.66
N PRO A 27 20.79 -39.01 11.60
CA PRO A 27 21.67 -37.87 11.31
C PRO A 27 23.16 -38.21 11.47
N ASP A 28 24.05 -37.40 10.88
CA ASP A 28 25.49 -37.58 11.05
C ASP A 28 25.82 -36.90 12.36
N VAL A 29 26.72 -37.48 13.16
CA VAL A 29 27.15 -36.89 14.44
C VAL A 29 27.83 -35.49 14.28
N ARG A 30 28.57 -35.29 13.17
CA ARG A 30 29.34 -34.08 12.90
C ARG A 30 28.52 -32.83 12.57
N ASP A 31 27.55 -32.93 11.64
CA ASP A 31 26.72 -31.80 11.22
C ASP A 31 25.23 -31.91 11.67
N GLY A 32 24.85 -33.05 12.24
CA GLY A 32 23.50 -33.31 12.74
C GLY A 32 22.42 -33.39 11.69
N LEU A 33 22.80 -33.72 10.45
CA LEU A 33 21.85 -33.76 9.35
C LEU A 33 21.62 -35.13 8.74
N LYS A 34 20.38 -35.30 8.25
CA LYS A 34 19.97 -36.48 7.47
C LYS A 34 20.31 -36.08 6.03
N PRO A 35 20.53 -37.03 5.09
CA PRO A 35 20.90 -36.64 3.73
C PRO A 35 19.99 -35.60 3.06
N VAL A 36 18.65 -35.72 3.21
CA VAL A 36 17.66 -34.81 2.62
C VAL A 36 17.92 -33.36 3.05
N HIS A 37 18.17 -33.12 4.35
CA HIS A 37 18.43 -31.77 4.88
C HIS A 37 19.72 -31.20 4.33
N ARG A 38 20.80 -32.01 4.35
CA ARG A 38 22.10 -31.61 3.85
C ARG A 38 21.96 -31.21 2.38
N ARG A 39 21.20 -32.00 1.59
CA ARG A 39 20.99 -31.76 0.16
C ARG A 39 20.21 -30.49 -0.11
N ILE A 40 19.25 -30.16 0.77
CA ILE A 40 18.45 -28.94 0.66
C ILE A 40 19.35 -27.73 0.94
N LEU A 41 20.11 -27.77 2.04
CA LEU A 41 21.03 -26.70 2.42
C LEU A 41 22.16 -26.46 1.41
N TYR A 42 22.78 -27.55 0.90
CA TYR A 42 23.84 -27.45 -0.11
C TYR A 42 23.30 -26.91 -1.42
N GLY A 43 22.06 -27.32 -1.76
CA GLY A 43 21.32 -26.89 -2.95
C GLY A 43 21.02 -25.39 -2.90
N LEU A 44 20.71 -24.88 -1.68
CA LEU A 44 20.45 -23.46 -1.44
C LEU A 44 21.78 -22.72 -1.64
N ASN A 45 22.86 -23.27 -1.05
CA ASN A 45 24.21 -22.72 -1.12
C ASN A 45 24.72 -22.60 -2.55
N GLU A 46 24.64 -23.69 -3.34
CA GLU A 46 25.10 -23.73 -4.74
C GLU A 46 24.36 -22.76 -5.61
N GLN A 47 23.05 -22.57 -5.33
CA GLN A 47 22.18 -21.66 -6.09
C GLN A 47 22.28 -20.20 -5.63
N GLY A 48 23.11 -19.96 -4.61
CA GLY A 48 23.33 -18.65 -4.02
C GLY A 48 22.11 -18.06 -3.35
N MET A 49 21.23 -18.93 -2.83
CA MET A 49 19.99 -18.53 -2.16
C MET A 49 20.29 -18.21 -0.69
N THR A 50 21.15 -17.18 -0.48
CA THR A 50 21.64 -16.65 0.81
C THR A 50 20.70 -15.60 1.42
N PRO A 51 20.86 -15.23 2.72
CA PRO A 51 19.94 -14.27 3.35
C PRO A 51 19.89 -12.87 2.70
N ASP A 52 21.03 -12.40 2.16
CA ASP A 52 21.16 -11.09 1.50
C ASP A 52 20.33 -10.97 0.21
N LYS A 53 20.06 -12.09 -0.45
CA LYS A 53 19.29 -12.05 -1.69
C LYS A 53 17.82 -12.38 -1.47
N SER A 54 16.98 -12.08 -2.47
CA SER A 54 15.53 -12.31 -2.45
C SER A 54 15.13 -13.78 -2.26
N TYR A 55 13.89 -14.00 -1.77
CA TYR A 55 13.32 -15.34 -1.57
C TYR A 55 13.14 -15.99 -2.95
N LYS A 56 13.50 -17.27 -3.07
CA LYS A 56 13.34 -17.99 -4.33
C LYS A 56 12.22 -19.01 -4.16
N LYS A 57 11.40 -19.20 -5.19
CA LYS A 57 10.25 -20.11 -5.20
C LYS A 57 10.60 -21.52 -4.76
N SER A 58 9.82 -22.09 -3.81
CA SER A 58 10.03 -23.42 -3.23
C SER A 58 10.14 -24.53 -4.27
N ALA A 59 9.30 -24.47 -5.32
CA ALA A 59 9.28 -25.46 -6.41
C ALA A 59 10.61 -25.49 -7.18
N ARG A 60 11.33 -24.35 -7.23
CA ARG A 60 12.62 -24.25 -7.90
C ARG A 60 13.71 -24.90 -7.05
N ILE A 61 13.67 -24.67 -5.71
CA ILE A 61 14.64 -25.25 -4.77
C ILE A 61 14.46 -26.78 -4.78
N VAL A 62 13.21 -27.26 -4.63
CA VAL A 62 12.84 -28.68 -4.62
C VAL A 62 13.27 -29.42 -5.89
N GLY A 63 12.98 -28.84 -7.05
CA GLY A 63 13.32 -29.40 -8.36
C GLY A 63 14.81 -29.50 -8.60
N ASP A 64 15.58 -28.54 -8.10
CA ASP A 64 17.04 -28.48 -8.22
C ASP A 64 17.68 -29.58 -7.39
N VAL A 65 17.32 -29.63 -6.08
CA VAL A 65 17.78 -30.60 -5.08
C VAL A 65 17.45 -32.02 -5.54
N MET A 66 16.27 -32.22 -6.14
CA MET A 66 15.81 -33.50 -6.65
C MET A 66 16.60 -33.94 -7.85
N GLY A 67 16.70 -33.07 -8.86
CA GLY A 67 17.41 -33.36 -10.09
C GLY A 67 18.90 -33.55 -9.91
N LYS A 68 19.49 -32.86 -8.92
CA LYS A 68 20.93 -32.91 -8.71
C LYS A 68 21.41 -33.82 -7.58
N TYR A 69 20.68 -33.94 -6.46
CA TYR A 69 21.19 -34.72 -5.33
C TYR A 69 20.26 -35.75 -4.70
N HIS A 70 18.93 -35.49 -4.62
CA HIS A 70 17.96 -36.35 -3.94
C HIS A 70 17.02 -37.11 -4.89
N PRO A 71 17.33 -38.39 -5.24
CA PRO A 71 16.49 -39.13 -6.19
C PRO A 71 15.19 -39.72 -5.59
N HIS A 72 14.37 -38.83 -5.01
CA HIS A 72 13.12 -39.22 -4.36
C HIS A 72 12.00 -38.24 -4.70
N GLY A 73 10.85 -38.37 -4.03
CA GLY A 73 9.66 -37.55 -4.25
C GLY A 73 9.86 -36.09 -3.91
N ASP A 74 9.20 -35.21 -4.68
CA ASP A 74 9.26 -33.77 -4.47
C ASP A 74 8.65 -33.37 -3.15
N SER A 75 7.59 -34.07 -2.72
CA SER A 75 6.87 -33.84 -1.46
C SER A 75 7.78 -34.09 -0.24
N SER A 76 8.53 -35.22 -0.24
CA SER A 76 9.45 -35.62 0.83
C SER A 76 10.57 -34.58 1.01
N ILE A 77 10.98 -33.87 -0.08
CA ILE A 77 12.00 -32.81 -0.08
C ILE A 77 11.37 -31.54 0.48
N TYR A 78 10.24 -31.12 -0.12
CA TYR A 78 9.51 -29.91 0.28
C TYR A 78 9.15 -29.94 1.75
N GLU A 79 8.60 -31.08 2.22
CA GLU A 79 8.20 -31.28 3.61
C GLU A 79 9.39 -31.21 4.57
N ALA A 80 10.55 -31.79 4.23
CA ALA A 80 11.80 -31.75 5.03
C ALA A 80 12.28 -30.31 5.16
N MET A 81 12.24 -29.54 4.03
CA MET A 81 12.62 -28.13 3.95
C MET A 81 11.69 -27.28 4.81
N VAL A 82 10.36 -27.57 4.76
CA VAL A 82 9.33 -26.84 5.51
C VAL A 82 9.63 -26.86 7.00
N ARG A 83 9.86 -28.06 7.57
N ARG A 83 9.87 -28.06 7.57
CA ARG A 83 10.18 -28.25 8.98
CA ARG A 83 10.20 -28.27 8.98
C ARG A 83 11.37 -27.36 9.41
C ARG A 83 11.38 -27.39 9.43
N MET A 84 12.41 -27.27 8.56
CA MET A 84 13.62 -26.44 8.79
C MET A 84 13.35 -24.95 8.90
N ALA A 85 12.19 -24.50 8.39
CA ALA A 85 11.76 -23.11 8.40
C ALA A 85 10.81 -22.79 9.54
N GLN A 86 10.37 -23.82 10.28
CA GLN A 86 9.42 -23.71 11.40
C GLN A 86 10.09 -23.39 12.75
N ASP A 87 9.80 -22.20 13.31
CA ASP A 87 10.35 -21.72 14.57
C ASP A 87 9.87 -22.52 15.80
N PHE A 88 8.89 -23.42 15.61
CA PHE A 88 8.37 -24.30 16.66
C PHE A 88 8.94 -25.73 16.54
N SER A 89 9.57 -26.04 15.38
CA SER A 89 10.20 -27.34 15.11
C SER A 89 11.71 -27.26 15.33
N TYR A 90 12.36 -26.27 14.69
CA TYR A 90 13.79 -26.05 14.79
C TYR A 90 14.12 -24.96 15.80
N ARG A 91 14.93 -25.30 16.82
CA ARG A 91 15.38 -24.41 17.89
C ARG A 91 16.16 -23.21 17.33
N TYR A 92 16.93 -23.45 16.25
CA TYR A 92 17.69 -22.46 15.49
C TYR A 92 17.36 -22.77 14.02
N PRO A 93 16.23 -22.21 13.48
CA PRO A 93 15.81 -22.55 12.10
C PRO A 93 16.88 -22.41 11.03
N LEU A 94 16.94 -23.40 10.14
CA LEU A 94 17.93 -23.48 9.08
C LEU A 94 17.44 -22.92 7.73
N VAL A 95 16.13 -22.78 7.56
CA VAL A 95 15.48 -22.26 6.35
C VAL A 95 14.63 -20.99 6.70
N ASP A 96 14.68 -19.98 5.82
CA ASP A 96 13.94 -18.72 5.96
C ASP A 96 12.76 -18.79 4.98
N GLY A 97 11.56 -19.02 5.51
CA GLY A 97 10.37 -19.17 4.70
C GLY A 97 9.45 -17.96 4.64
N GLN A 98 8.81 -17.76 3.48
CA GLN A 98 7.83 -16.72 3.20
C GLN A 98 6.53 -17.40 2.74
N GLY A 99 5.43 -17.14 3.45
CA GLY A 99 4.13 -17.73 3.16
C GLY A 99 3.65 -18.70 4.23
N ASN A 100 2.60 -19.50 3.93
CA ASN A 100 2.11 -20.48 4.90
C ASN A 100 3.08 -21.67 5.04
N PHE A 101 3.80 -21.71 6.15
CA PHE A 101 4.76 -22.76 6.43
C PHE A 101 4.25 -23.67 7.57
N GLY A 102 2.93 -23.61 7.81
CA GLY A 102 2.26 -24.39 8.84
C GLY A 102 2.31 -23.73 10.20
N SER A 103 1.57 -24.29 11.17
CA SER A 103 1.51 -23.81 12.56
C SER A 103 1.58 -24.99 13.53
N MET A 104 1.48 -24.70 14.84
CA MET A 104 1.53 -25.68 15.92
C MET A 104 0.32 -26.59 15.98
N ASP A 105 -0.82 -26.15 15.41
CA ASP A 105 -2.09 -26.89 15.39
C ASP A 105 -2.10 -28.13 14.47
N GLY A 106 -0.95 -28.44 13.87
CA GLY A 106 -0.80 -29.59 12.99
C GLY A 106 -1.05 -29.36 11.51
N ASP A 107 -1.63 -28.17 11.14
CA ASP A 107 -1.86 -27.86 9.72
C ASP A 107 -0.51 -27.75 9.02
N GLY A 108 -0.49 -28.26 7.80
CA GLY A 108 0.72 -28.23 7.00
C GLY A 108 0.95 -26.89 6.32
N ALA A 109 2.07 -26.80 5.63
CA ALA A 109 2.44 -25.65 4.83
C ALA A 109 1.61 -25.63 3.55
N ALA A 110 1.58 -24.49 2.85
CA ALA A 110 0.91 -24.37 1.55
C ALA A 110 1.70 -25.20 0.53
N ALA A 111 1.08 -25.59 -0.62
CA ALA A 111 1.79 -26.35 -1.67
C ALA A 111 3.00 -25.53 -2.16
N MET A 112 4.09 -26.20 -2.56
CA MET A 112 5.36 -25.55 -2.96
C MET A 112 5.22 -24.47 -4.07
N ARG A 113 4.08 -24.43 -4.77
N ARG A 113 4.06 -24.43 -4.77
CA ARG A 113 3.78 -23.44 -5.81
CA ARG A 113 3.77 -23.43 -5.82
C ARG A 113 3.43 -22.05 -5.22
C ARG A 113 3.41 -22.06 -5.22
N PTR A 114 3.08 -22.03 -3.92
CA PTR A 114 2.69 -20.85 -3.15
C PTR A 114 3.75 -20.35 -2.19
O PTR A 114 3.65 -19.22 -1.71
CB PTR A 114 1.46 -21.17 -2.25
CG PTR A 114 0.24 -21.69 -2.95
CD1 PTR A 114 -0.18 -23.01 -2.62
CD2 PTR A 114 -0.45 -20.93 -3.91
CE1 PTR A 114 -1.32 -23.57 -3.27
CE2 PTR A 114 -1.56 -21.45 -4.57
CZ PTR A 114 -2.02 -22.72 -4.25
OH PTR A 114 -3.12 -23.05 -5.02
P PTR A 114 -4.43 -23.28 -4.28
O1P PTR A 114 -4.62 -22.20 -3.20
O2P PTR A 114 -5.66 -23.08 -5.22
O3P PTR A 114 -4.43 -24.70 -3.70
N THR A 115 4.78 -21.16 -1.91
CA THR A 115 5.78 -20.73 -0.95
C THR A 115 7.10 -20.32 -1.59
N GLU A 116 7.93 -19.59 -0.80
CA GLU A 116 9.25 -19.10 -1.16
C GLU A 116 10.20 -19.34 0.01
N ALA A 117 11.48 -19.58 -0.28
CA ALA A 117 12.48 -19.74 0.77
C ALA A 117 13.88 -19.34 0.34
N ARG A 118 14.78 -19.22 1.33
CA ARG A 118 16.21 -18.93 1.26
C ARG A 118 16.84 -19.42 2.57
N MET A 119 18.18 -19.38 2.70
CA MET A 119 18.78 -19.85 3.94
C MET A 119 18.76 -18.77 5.04
N THR A 120 18.84 -19.20 6.32
CA THR A 120 18.90 -18.26 7.44
C THR A 120 20.37 -17.89 7.63
N LYS A 121 20.65 -16.84 8.41
CA LYS A 121 22.00 -16.37 8.69
C LYS A 121 22.82 -17.41 9.45
N ILE A 122 22.17 -18.27 10.29
CA ILE A 122 22.87 -19.32 11.05
C ILE A 122 23.36 -20.45 10.13
N THR A 123 22.60 -20.76 9.07
CA THR A 123 22.93 -21.80 8.08
C THR A 123 24.25 -21.48 7.37
N LEU A 124 24.59 -20.18 7.20
CA LEU A 124 25.86 -19.79 6.60
C LEU A 124 27.01 -20.34 7.43
N GLU A 125 26.79 -20.55 8.75
CA GLU A 125 27.81 -21.12 9.64
C GLU A 125 27.92 -22.62 9.45
N LEU A 126 26.85 -23.28 8.95
CA LEU A 126 26.90 -24.71 8.67
C LEU A 126 27.70 -24.93 7.40
N LEU A 127 27.62 -23.97 6.46
CA LEU A 127 28.28 -24.02 5.15
C LEU A 127 29.62 -23.30 5.09
N ARG A 128 29.97 -22.52 6.14
CA ARG A 128 31.19 -21.72 6.23
C ARG A 128 32.43 -22.56 5.97
N ASP A 129 33.27 -22.12 5.02
CA ASP A 129 34.53 -22.74 4.60
C ASP A 129 34.37 -24.08 3.81
N ILE A 130 33.15 -24.40 3.33
CA ILE A 130 32.89 -25.65 2.57
C ILE A 130 33.77 -25.77 1.31
N ASN A 131 34.05 -24.64 0.65
CA ASN A 131 34.83 -24.58 -0.58
C ASN A 131 36.34 -24.35 -0.34
N LYS A 132 36.81 -24.69 0.87
CA LYS A 132 38.21 -24.55 1.27
C LYS A 132 38.80 -25.91 1.67
N ASP A 133 38.39 -26.99 0.96
CA ASP A 133 38.82 -28.38 1.17
C ASP A 133 38.75 -28.81 2.66
N THR A 134 37.70 -28.34 3.36
CA THR A 134 37.46 -28.64 4.78
C THR A 134 36.75 -29.97 4.94
N ILE A 135 35.88 -30.32 3.98
CA ILE A 135 35.08 -31.56 3.99
C ILE A 135 35.30 -32.36 2.69
N ASP A 136 34.95 -33.65 2.73
CA ASP A 136 35.07 -34.50 1.54
C ASP A 136 33.81 -34.50 0.70
N PHE A 137 33.98 -34.29 -0.60
CA PHE A 137 32.90 -34.33 -1.57
C PHE A 137 32.83 -35.73 -2.18
N ILE A 138 31.63 -36.12 -2.60
CA ILE A 138 31.33 -37.43 -3.21
C ILE A 138 30.50 -37.24 -4.47
N ASP A 139 30.45 -38.26 -5.32
CA ASP A 139 29.63 -38.22 -6.53
C ASP A 139 28.17 -38.43 -6.16
N ASN A 140 27.26 -37.79 -6.90
CA ASN A 140 25.82 -37.93 -6.66
C ASN A 140 25.31 -39.25 -7.25
N TYR A 141 24.01 -39.54 -7.05
CA TYR A 141 23.34 -40.75 -7.51
C TYR A 141 23.58 -41.13 -9.00
N ASP A 142 23.57 -40.13 -9.93
CA ASP A 142 23.76 -40.36 -11.37
C ASP A 142 25.22 -40.19 -11.83
N GLY A 143 26.04 -39.53 -11.02
CA GLY A 143 27.46 -39.30 -11.32
C GLY A 143 27.77 -38.05 -12.13
N ASN A 144 26.75 -37.20 -12.40
CA ASN A 144 26.89 -35.96 -13.15
C ASN A 144 27.12 -34.74 -12.24
N GLU A 145 27.09 -34.95 -10.91
CA GLU A 145 27.30 -33.88 -9.92
C GLU A 145 28.17 -34.35 -8.75
N ARG A 146 28.61 -33.39 -7.92
CA ARG A 146 29.36 -33.62 -6.71
C ARG A 146 28.55 -33.05 -5.54
N GLU A 147 28.61 -33.71 -4.37
CA GLU A 147 27.88 -33.29 -3.18
C GLU A 147 28.69 -33.53 -1.88
N PRO A 148 28.43 -32.75 -0.80
CA PRO A 148 29.20 -32.94 0.44
C PRO A 148 28.82 -34.19 1.22
N SER A 149 29.82 -34.87 1.79
CA SER A 149 29.59 -36.04 2.63
C SER A 149 29.04 -35.56 3.99
N VAL A 150 29.54 -34.40 4.44
CA VAL A 150 29.22 -33.70 5.69
C VAL A 150 29.46 -32.18 5.45
N LEU A 151 28.76 -31.31 6.17
CA LEU A 151 28.97 -29.86 6.04
C LEU A 151 29.96 -29.43 7.13
N PRO A 152 30.77 -28.33 6.97
CA PRO A 152 31.70 -27.94 8.04
C PRO A 152 31.09 -27.75 9.45
N ALA A 153 29.80 -27.35 9.54
CA ALA A 153 29.02 -27.15 10.78
C ALA A 153 29.80 -26.42 11.86
N ARG A 154 30.03 -25.12 11.66
CA ARG A 154 30.82 -24.29 12.58
C ARG A 154 30.12 -24.06 13.95
N PHE A 155 28.90 -24.61 14.14
CA PHE A 155 28.15 -24.63 15.42
C PHE A 155 27.63 -26.07 15.68
N PRO A 156 27.55 -26.56 16.95
CA PRO A 156 27.09 -27.94 17.18
C PRO A 156 25.60 -28.18 16.88
N ASN A 157 25.26 -28.39 15.60
CA ASN A 157 23.91 -28.56 15.07
C ASN A 157 23.13 -29.79 15.56
N LEU A 158 23.80 -30.94 15.74
CA LEU A 158 23.13 -32.17 16.18
C LEU A 158 22.45 -31.93 17.51
N LEU A 159 23.17 -31.31 18.45
CA LEU A 159 22.64 -31.04 19.78
C LEU A 159 21.77 -29.78 19.78
N ALA A 160 22.09 -28.78 18.92
CA ALA A 160 21.36 -27.52 18.83
C ALA A 160 19.91 -27.69 18.44
N ASN A 161 19.66 -28.27 17.26
CA ASN A 161 18.32 -28.49 16.69
C ASN A 161 17.75 -29.85 16.99
N GLY A 162 18.58 -30.74 17.52
CA GLY A 162 18.20 -32.10 17.85
C GLY A 162 17.94 -32.94 16.62
N ALA A 163 17.40 -34.16 16.82
CA ALA A 163 17.06 -35.08 15.72
C ALA A 163 15.99 -36.04 16.15
N SER A 164 15.23 -36.56 15.17
CA SER A 164 14.14 -37.51 15.38
C SER A 164 13.95 -38.31 14.09
N GLY A 165 14.29 -39.58 14.13
CA GLY A 165 14.20 -40.45 12.96
C GLY A 165 13.88 -41.90 13.27
N ILE A 166 13.04 -42.54 12.44
CA ILE A 166 12.67 -43.95 12.57
C ILE A 166 13.39 -44.76 11.48
N ALA A 167 14.40 -45.55 11.87
CA ALA A 167 15.16 -46.33 10.89
C ALA A 167 14.59 -47.73 10.79
N VAL A 168 15.46 -48.76 10.73
CA VAL A 168 15.11 -50.17 10.70
C VAL A 168 16.03 -50.81 11.76
N GLY A 169 15.42 -51.48 12.73
CA GLY A 169 16.13 -52.09 13.86
C GLY A 169 16.49 -51.10 14.95
N MET A 170 16.36 -49.80 14.66
CA MET A 170 16.67 -48.70 15.57
C MET A 170 15.92 -47.41 15.18
N ALA A 171 16.02 -46.41 16.04
CA ALA A 171 15.44 -45.09 15.88
C ALA A 171 16.28 -44.09 16.71
N THR A 172 16.13 -42.79 16.45
CA THR A 172 16.84 -41.74 17.18
C THR A 172 15.88 -40.69 17.74
N ASN A 173 16.23 -40.10 18.89
CA ASN A 173 15.45 -39.03 19.50
C ASN A 173 16.34 -38.16 20.37
N ILE A 174 16.93 -37.14 19.74
CA ILE A 174 17.84 -36.19 20.38
C ILE A 174 17.09 -34.86 20.59
N PRO A 175 16.99 -34.36 21.84
CA PRO A 175 16.26 -33.09 22.05
C PRO A 175 17.07 -31.86 21.63
N PRO A 176 16.42 -30.71 21.33
CA PRO A 176 17.19 -29.51 20.99
C PRO A 176 17.81 -28.87 22.24
N HIS A 177 18.84 -28.03 22.06
CA HIS A 177 19.53 -27.39 23.19
C HIS A 177 19.84 -25.92 22.97
N ASN A 178 20.34 -25.24 24.02
CA ASN A 178 20.75 -23.85 23.95
C ASN A 178 22.18 -23.74 23.39
N LEU A 179 22.34 -22.95 22.30
CA LEU A 179 23.61 -22.72 21.61
C LEU A 179 24.67 -22.16 22.55
N THR A 180 24.31 -21.17 23.39
CA THR A 180 25.25 -20.56 24.33
C THR A 180 25.78 -21.62 25.29
N GLU A 181 24.86 -22.47 25.82
CA GLU A 181 25.18 -23.56 26.75
C GLU A 181 26.06 -24.63 26.10
N LEU A 182 25.73 -25.02 24.86
CA LEU A 182 26.46 -26.02 24.07
C LEU A 182 27.88 -25.60 23.80
N ILE A 183 28.04 -24.42 23.16
CA ILE A 183 29.35 -23.86 22.82
C ILE A 183 30.24 -23.77 24.06
N ASN A 184 29.69 -23.30 25.20
CA ASN A 184 30.40 -23.22 26.47
C ASN A 184 30.88 -24.60 26.92
N GLY A 185 30.04 -25.62 26.74
CA GLY A 185 30.38 -27.01 27.04
C GLY A 185 31.50 -27.52 26.15
N VAL A 186 31.45 -27.15 24.86
CA VAL A 186 32.47 -27.51 23.86
C VAL A 186 33.82 -26.88 24.26
N LEU A 187 33.80 -25.59 24.67
CA LEU A 187 34.98 -24.84 25.12
C LEU A 187 35.56 -25.47 26.37
N SER A 188 34.70 -25.92 27.30
CA SER A 188 35.10 -26.58 28.54
C SER A 188 35.76 -27.95 28.29
N LEU A 189 35.26 -28.68 27.25
CA LEU A 189 35.77 -29.98 26.82
C LEU A 189 37.16 -29.86 26.16
N SER A 190 37.36 -28.84 25.30
CA SER A 190 38.62 -28.58 24.60
C SER A 190 39.76 -28.28 25.57
N LYS A 191 39.43 -27.59 26.69
CA LYS A 191 40.36 -27.21 27.76
C LYS A 191 40.61 -28.39 28.71
N ASN A 192 39.60 -29.27 28.89
CA ASN A 192 39.70 -30.44 29.78
C ASN A 192 39.15 -31.72 29.11
N PRO A 193 40.03 -32.53 28.45
CA PRO A 193 39.56 -33.77 27.79
C PRO A 193 38.96 -34.83 28.71
N ASP A 194 39.32 -34.84 30.00
CA ASP A 194 38.81 -35.81 30.98
C ASP A 194 37.61 -35.25 31.79
N ILE A 195 36.88 -34.28 31.21
CA ILE A 195 35.71 -33.64 31.80
C ILE A 195 34.57 -34.67 32.01
N SER A 196 33.97 -34.66 33.21
CA SER A 196 32.86 -35.58 33.51
C SER A 196 31.55 -35.00 32.92
N ILE A 197 30.54 -35.87 32.72
CA ILE A 197 29.22 -35.47 32.24
C ILE A 197 28.62 -34.50 33.26
N ALA A 198 28.83 -34.78 34.57
CA ALA A 198 28.41 -33.94 35.69
C ALA A 198 28.99 -32.53 35.52
N GLU A 199 30.32 -32.42 35.25
CA GLU A 199 31.04 -31.16 35.02
C GLU A 199 30.49 -30.43 33.79
N LEU A 200 30.24 -31.15 32.69
CA LEU A 200 29.67 -30.61 31.44
C LEU A 200 28.29 -30.00 31.68
N MET A 201 27.49 -30.63 32.57
CA MET A 201 26.13 -30.21 32.93
C MET A 201 26.07 -28.87 33.68
N GLU A 202 27.25 -28.29 34.05
CA GLU A 202 27.34 -26.96 34.66
C GLU A 202 27.15 -25.92 33.56
N ASP A 203 27.48 -26.31 32.30
CA ASP A 203 27.32 -25.52 31.09
C ASP A 203 26.02 -25.93 30.42
N ILE A 204 25.89 -27.21 30.03
CA ILE A 204 24.69 -27.78 29.38
C ILE A 204 23.72 -28.28 30.46
N GLU A 205 22.79 -27.41 30.88
CA GLU A 205 21.79 -27.68 31.92
C GLU A 205 20.76 -28.75 31.53
N GLY A 206 20.51 -28.88 30.24
CA GLY A 206 19.57 -29.83 29.69
C GLY A 206 18.99 -29.39 28.36
N PRO A 207 17.93 -30.06 27.85
CA PRO A 207 17.34 -29.63 26.58
C PRO A 207 16.68 -28.26 26.68
N ASP A 208 16.70 -27.53 25.57
CA ASP A 208 16.09 -26.23 25.43
C ASP A 208 15.21 -26.30 24.20
N PHE A 209 13.88 -26.38 24.39
CA PHE A 209 12.94 -26.54 23.29
C PHE A 209 12.55 -25.22 22.63
N PRO A 210 12.31 -25.20 21.29
CA PRO A 210 11.86 -23.94 20.65
C PRO A 210 10.48 -23.49 21.15
N THR A 211 9.67 -24.47 21.61
CA THR A 211 8.32 -24.33 22.15
C THR A 211 8.35 -23.90 23.62
N ALA A 212 9.56 -23.71 24.18
CA ALA A 212 9.86 -23.34 25.58
C ALA A 212 9.27 -24.34 26.59
N GLY A 213 8.44 -23.86 27.50
CA GLY A 213 7.79 -24.71 28.49
C GLY A 213 8.66 -25.00 29.69
N LEU A 214 8.39 -26.13 30.35
CA LEU A 214 9.08 -26.56 31.56
C LEU A 214 9.54 -28.03 31.53
N ILE A 215 10.66 -28.32 32.21
CA ILE A 215 11.21 -29.67 32.39
C ILE A 215 11.11 -29.99 33.88
N LEU A 216 10.58 -31.18 34.23
CA LEU A 216 10.42 -31.59 35.63
C LEU A 216 11.59 -32.43 36.14
N GLY A 217 12.47 -31.78 36.90
CA GLY A 217 13.66 -32.39 37.49
C GLY A 217 14.84 -32.60 36.57
N LYS A 218 16.06 -32.66 37.16
CA LYS A 218 17.34 -32.88 36.45
C LYS A 218 17.64 -34.39 36.33
N SER A 219 16.89 -35.23 37.06
CA SER A 219 17.02 -36.70 37.09
C SER A 219 16.95 -37.33 35.69
N GLY A 220 15.88 -37.02 34.94
CA GLY A 220 15.66 -37.52 33.60
C GLY A 220 16.77 -37.16 32.64
N ILE A 221 17.21 -35.89 32.71
CA ILE A 221 18.29 -35.29 31.92
C ILE A 221 19.63 -36.01 32.17
N ARG A 222 20.02 -36.16 33.45
CA ARG A 222 21.27 -36.82 33.88
C ARG A 222 21.42 -38.20 33.28
N ARG A 223 20.35 -39.04 33.32
CA ARG A 223 20.36 -40.39 32.78
C ARG A 223 20.57 -40.36 31.27
N ALA A 224 19.83 -39.47 30.56
CA ALA A 224 19.93 -39.30 29.13
C ALA A 224 21.34 -38.88 28.69
N TYR A 225 22.03 -38.08 29.53
CA TYR A 225 23.37 -37.61 29.21
C TYR A 225 24.47 -38.62 29.47
N GLU A 226 24.32 -39.43 30.53
CA GLU A 226 25.28 -40.46 30.91
C GLU A 226 25.21 -41.69 29.99
N THR A 227 23.99 -42.10 29.60
CA THR A 227 23.78 -43.32 28.81
C THR A 227 23.33 -43.13 27.36
N GLY A 228 22.77 -41.95 27.03
CA GLY A 228 22.24 -41.68 25.71
C GLY A 228 20.75 -41.90 25.66
N ARG A 229 20.23 -42.62 26.67
CA ARG A 229 18.82 -42.96 26.83
C ARG A 229 18.30 -42.48 28.19
N GLY A 230 17.11 -41.90 28.15
CA GLY A 230 16.41 -41.39 29.32
C GLY A 230 15.08 -40.76 28.96
N SER A 231 14.17 -40.66 29.95
CA SER A 231 12.85 -40.05 29.77
C SER A 231 12.83 -38.69 30.46
N ILE A 232 12.57 -37.62 29.69
CA ILE A 232 12.50 -36.24 30.18
C ILE A 232 11.02 -35.74 30.21
N GLN A 233 10.53 -35.41 31.41
CA GLN A 233 9.17 -34.92 31.63
C GLN A 233 9.01 -33.47 31.22
N MET A 234 8.21 -33.21 30.15
CA MET A 234 7.93 -31.86 29.64
C MET A 234 6.54 -31.47 30.11
N ARG A 235 6.40 -30.27 30.67
CA ARG A 235 5.13 -29.74 31.15
C ARG A 235 4.85 -28.37 30.57
N SER A 236 3.58 -28.10 30.22
CA SER A 236 3.10 -26.83 29.69
C SER A 236 3.20 -25.72 30.74
N ARG A 237 3.36 -24.47 30.29
CA ARG A 237 3.34 -23.32 31.19
C ARG A 237 1.88 -22.91 31.33
N ALA A 238 1.32 -23.12 32.52
CA ALA A 238 -0.07 -22.79 32.82
C ALA A 238 -0.17 -21.98 34.09
N VAL A 239 -0.97 -20.92 34.03
CA VAL A 239 -1.19 -20.02 35.17
C VAL A 239 -2.67 -19.92 35.54
N ILE A 240 -2.95 -19.82 36.85
CA ILE A 240 -4.32 -19.68 37.37
C ILE A 240 -4.53 -18.21 37.71
N GLU A 241 -5.31 -17.50 36.87
CA GLU A 241 -5.60 -16.08 37.04
C GLU A 241 -6.89 -15.86 37.82
N GLU A 242 -6.92 -14.80 38.64
CA GLU A 242 -8.06 -14.49 39.49
C GLU A 242 -8.94 -13.38 38.88
N ARG A 243 -9.83 -13.80 37.94
CA ARG A 243 -10.74 -12.93 37.19
C ARG A 243 -11.94 -12.41 38.01
N GLY A 244 -13.03 -13.19 38.03
CA GLY A 244 -14.31 -12.88 38.68
C GLY A 244 -14.32 -12.81 40.19
N GLY A 245 -15.50 -12.48 40.74
CA GLY A 245 -15.78 -12.31 42.17
C GLY A 245 -15.46 -13.52 43.02
N GLY A 246 -15.38 -14.66 42.35
CA GLY A 246 -15.04 -15.97 42.89
C GLY A 246 -14.49 -16.85 41.79
N ARG A 247 -14.83 -16.47 40.53
CA ARG A 247 -14.45 -17.15 39.29
C ARG A 247 -12.93 -17.09 39.05
N GLN A 248 -12.40 -18.13 38.38
CA GLN A 248 -10.97 -18.27 38.05
C GLN A 248 -10.78 -19.01 36.73
N ARG A 249 -9.67 -18.72 36.01
CA ARG A 249 -9.35 -19.30 34.70
C ARG A 249 -7.90 -19.75 34.55
N ILE A 250 -7.70 -20.90 33.88
CA ILE A 250 -6.38 -21.48 33.56
C ILE A 250 -5.96 -20.93 32.19
N VAL A 251 -4.70 -20.46 32.08
CA VAL A 251 -4.16 -19.94 30.83
C VAL A 251 -2.88 -20.72 30.47
N VAL A 252 -2.88 -21.41 29.31
CA VAL A 252 -1.72 -22.18 28.84
C VAL A 252 -0.99 -21.31 27.82
N THR A 253 0.23 -20.85 28.17
CA THR A 253 1.04 -19.97 27.31
C THR A 253 2.13 -20.70 26.51
N GLU A 254 2.66 -21.80 27.07
CA GLU A 254 3.69 -22.62 26.43
C GLU A 254 3.25 -24.08 26.50
N ILE A 255 3.34 -24.85 25.40
CA ILE A 255 2.95 -26.27 25.37
C ILE A 255 4.19 -27.16 25.14
N PRO A 256 4.17 -28.50 25.43
CA PRO A 256 5.37 -29.31 25.22
C PRO A 256 5.83 -29.40 23.78
N PHE A 257 7.13 -29.67 23.60
CA PHE A 257 7.75 -29.83 22.29
C PHE A 257 7.17 -31.01 21.52
N GLN A 258 6.92 -30.81 20.22
CA GLN A 258 6.37 -31.78 19.26
C GLN A 258 4.89 -32.16 19.54
N VAL A 259 4.26 -31.55 20.58
CA VAL A 259 2.85 -31.80 20.93
C VAL A 259 1.95 -30.97 20.00
N ASN A 260 0.93 -31.61 19.39
CA ASN A 260 -0.02 -30.92 18.52
C ASN A 260 -1.06 -30.19 19.40
N LYS A 261 -1.09 -28.84 19.28
CA LYS A 261 -1.97 -27.96 20.06
C LYS A 261 -3.45 -28.30 19.89
N ALA A 262 -3.92 -28.39 18.63
CA ALA A 262 -5.32 -28.72 18.31
C ALA A 262 -5.74 -30.09 18.86
N ARG A 263 -4.85 -31.10 18.73
CA ARG A 263 -5.03 -32.46 19.22
C ARG A 263 -5.13 -32.45 20.75
N MET A 264 -4.27 -31.66 21.41
CA MET A 264 -4.22 -31.52 22.86
C MET A 264 -5.55 -30.92 23.36
N ILE A 265 -6.06 -29.86 22.67
CA ILE A 265 -7.32 -29.20 22.97
C ILE A 265 -8.49 -30.20 22.80
N GLU A 266 -8.48 -30.96 21.69
CA GLU A 266 -9.47 -32.00 21.37
C GLU A 266 -9.54 -33.05 22.48
N LYS A 267 -8.37 -33.44 23.05
CA LYS A 267 -8.25 -34.41 24.14
C LYS A 267 -8.88 -33.88 25.43
N ILE A 268 -8.72 -32.56 25.69
CA ILE A 268 -9.31 -31.89 26.86
C ILE A 268 -10.83 -31.82 26.66
N ALA A 269 -11.28 -31.39 25.45
CA ALA A 269 -12.69 -31.27 25.05
C ALA A 269 -13.42 -32.60 25.18
N GLU A 270 -12.75 -33.70 24.77
CA GLU A 270 -13.24 -35.08 24.82
C GLU A 270 -13.53 -35.49 26.27
N LEU A 271 -12.61 -35.19 27.22
CA LEU A 271 -12.76 -35.53 28.65
C LEU A 271 -13.94 -34.80 29.28
N VAL A 272 -14.16 -33.53 28.88
CA VAL A 272 -15.26 -32.69 29.34
C VAL A 272 -16.62 -33.27 28.90
N ARG A 273 -16.76 -33.60 27.58
CA ARG A 273 -17.98 -34.18 27.01
C ARG A 273 -18.27 -35.60 27.53
N ASP A 274 -17.21 -36.37 27.88
CA ASP A 274 -17.32 -37.73 28.45
C ASP A 274 -17.42 -37.71 30.00
N LYS A 275 -17.39 -36.51 30.62
CA LYS A 275 -17.48 -36.26 32.07
C LYS A 275 -16.34 -36.92 32.88
N LYS A 276 -15.18 -37.16 32.22
CA LYS A 276 -13.98 -37.76 32.80
C LYS A 276 -13.14 -36.70 33.59
N ILE A 277 -13.49 -35.40 33.38
CA ILE A 277 -12.96 -34.21 34.04
C ILE A 277 -14.13 -33.24 34.27
N ASP A 278 -14.39 -32.95 35.55
CA ASP A 278 -15.44 -32.02 35.94
C ASP A 278 -14.82 -30.78 36.55
N GLY A 279 -15.36 -29.64 36.16
CA GLY A 279 -14.92 -28.33 36.58
C GLY A 279 -14.72 -27.32 35.46
N ILE A 280 -14.63 -27.78 34.20
CA ILE A 280 -14.42 -26.89 33.05
C ILE A 280 -15.75 -26.44 32.44
N THR A 281 -16.00 -25.12 32.45
CA THR A 281 -17.20 -24.50 31.90
C THR A 281 -17.03 -24.24 30.39
N ASP A 282 -15.87 -23.69 30.00
CA ASP A 282 -15.52 -23.40 28.60
C ASP A 282 -14.02 -23.55 28.35
N LEU A 283 -13.66 -23.89 27.11
CA LEU A 283 -12.29 -24.09 26.63
C LEU A 283 -12.16 -23.38 25.27
N ARG A 284 -11.14 -22.52 25.13
CA ARG A 284 -10.94 -21.75 23.90
C ARG A 284 -9.48 -21.53 23.52
N ASP A 285 -9.21 -21.50 22.22
CA ASP A 285 -7.88 -21.27 21.69
C ASP A 285 -7.76 -19.81 21.26
N GLU A 286 -7.31 -18.97 22.18
CA GLU A 286 -7.13 -17.53 22.02
C GLU A 286 -5.77 -17.17 21.36
N THR A 287 -5.07 -18.18 20.83
CA THR A 287 -3.76 -18.06 20.18
C THR A 287 -3.80 -17.13 18.95
N SER A 288 -2.90 -16.12 18.95
CA SER A 288 -2.67 -15.14 17.88
C SER A 288 -1.14 -15.02 17.68
N LEU A 289 -0.65 -14.16 16.75
CA LEU A 289 0.80 -14.04 16.52
C LEU A 289 1.50 -13.22 17.61
N ARG A 290 0.99 -11.99 17.90
CA ARG A 290 1.54 -11.12 18.94
C ARG A 290 1.22 -11.67 20.34
N THR A 291 0.13 -12.46 20.44
CA THR A 291 -0.38 -13.11 21.65
C THR A 291 0.41 -14.39 21.96
N GLY A 292 0.77 -15.13 20.91
CA GLY A 292 1.43 -16.43 21.04
C GLY A 292 0.42 -17.46 21.49
N VAL A 293 0.89 -18.62 21.99
CA VAL A 293 0.00 -19.68 22.47
C VAL A 293 -0.78 -19.20 23.70
N ARG A 294 -2.12 -19.27 23.61
CA ARG A 294 -3.03 -18.88 24.67
C ARG A 294 -4.26 -19.79 24.67
N VAL A 295 -4.21 -20.85 25.48
CA VAL A 295 -5.32 -21.80 25.59
C VAL A 295 -5.97 -21.54 26.95
N VAL A 296 -7.24 -21.05 26.90
CA VAL A 296 -8.02 -20.65 28.07
C VAL A 296 -9.00 -21.73 28.49
N ILE A 297 -8.88 -22.14 29.75
CA ILE A 297 -9.74 -23.13 30.39
C ILE A 297 -10.47 -22.40 31.54
N ASP A 298 -11.77 -22.07 31.40
CA ASP A 298 -12.42 -21.38 32.51
C ASP A 298 -13.08 -22.39 33.46
N VAL A 299 -12.74 -22.24 34.76
CA VAL A 299 -13.13 -23.09 35.88
C VAL A 299 -14.47 -22.64 36.48
N ARG A 300 -15.36 -23.60 36.74
CA ARG A 300 -16.68 -23.42 37.36
C ARG A 300 -16.48 -22.95 38.81
N LYS A 301 -17.45 -22.19 39.34
CA LYS A 301 -17.41 -21.66 40.71
C LYS A 301 -17.35 -22.79 41.76
N ASP A 302 -16.64 -22.53 42.88
CA ASP A 302 -16.41 -23.45 44.01
C ASP A 302 -15.50 -24.66 43.68
N ALA A 303 -15.13 -24.84 42.39
CA ALA A 303 -14.25 -25.92 41.94
C ALA A 303 -12.79 -25.47 41.97
N ASN A 304 -11.88 -26.29 42.54
CA ASN A 304 -10.46 -25.96 42.65
C ASN A 304 -9.72 -26.10 41.32
N ALA A 305 -9.19 -24.98 40.80
CA ALA A 305 -8.44 -24.92 39.55
C ALA A 305 -7.10 -25.67 39.62
N SER A 306 -6.47 -25.70 40.82
CA SER A 306 -5.20 -26.39 41.08
C SER A 306 -5.37 -27.90 40.91
N VAL A 307 -6.55 -28.42 41.31
CA VAL A 307 -6.93 -29.83 41.20
C VAL A 307 -7.12 -30.19 39.72
N ILE A 308 -7.94 -29.39 38.99
CA ILE A 308 -8.25 -29.57 37.57
C ILE A 308 -6.97 -29.57 36.72
N LEU A 309 -6.09 -28.57 36.93
CA LEU A 309 -4.82 -28.41 36.22
C LEU A 309 -3.91 -29.62 36.36
N ASN A 310 -3.74 -30.13 37.60
CA ASN A 310 -2.92 -31.30 37.89
C ASN A 310 -3.48 -32.56 37.24
N ASN A 311 -4.83 -32.66 37.16
CA ASN A 311 -5.50 -33.78 36.52
C ASN A 311 -5.36 -33.68 35.00
N LEU A 312 -5.27 -32.44 34.46
CA LEU A 312 -5.06 -32.20 33.04
C LEU A 312 -3.65 -32.64 32.62
N TYR A 313 -2.64 -32.42 33.49
CA TYR A 313 -1.25 -32.83 33.23
C TYR A 313 -1.17 -34.35 33.09
N LYS A 314 -1.88 -35.08 33.97
CA LYS A 314 -1.94 -36.52 34.03
C LYS A 314 -2.71 -37.16 32.87
N GLN A 315 -3.90 -36.62 32.55
CA GLN A 315 -4.83 -37.17 31.55
C GLN A 315 -4.71 -36.64 30.11
N THR A 316 -4.04 -35.49 29.88
CA THR A 316 -3.90 -34.92 28.53
C THR A 316 -2.43 -34.68 28.15
N PRO A 317 -2.09 -34.38 26.86
CA PRO A 317 -0.69 -34.10 26.50
C PRO A 317 -0.21 -32.71 26.94
N LEU A 318 -0.85 -32.13 27.99
CA LEU A 318 -0.47 -30.84 28.60
C LEU A 318 0.86 -31.07 29.32
N GLN A 319 1.12 -32.34 29.68
CA GLN A 319 2.37 -32.88 30.21
C GLN A 319 2.70 -34.13 29.37
N THR A 320 3.90 -34.17 28.75
CA THR A 320 4.33 -35.25 27.86
C THR A 320 5.81 -35.60 28.10
N SER A 321 6.17 -36.89 27.99
CA SER A 321 7.56 -37.33 28.16
C SER A 321 8.33 -37.25 26.85
N PHE A 322 9.66 -37.04 26.93
CA PHE A 322 10.58 -37.03 25.79
C PHE A 322 11.55 -38.20 25.98
N GLY A 323 11.37 -39.24 25.17
CA GLY A 323 12.17 -40.44 25.24
C GLY A 323 13.45 -40.35 24.45
N VAL A 324 14.51 -39.81 25.09
CA VAL A 324 15.87 -39.61 24.56
C VAL A 324 16.49 -40.95 24.18
N ASN A 325 16.97 -41.05 22.93
CA ASN A 325 17.64 -42.21 22.35
C ASN A 325 18.66 -41.61 21.35
N MET A 326 19.83 -41.21 21.89
CA MET A 326 20.86 -40.50 21.12
C MET A 326 21.66 -41.41 20.21
N ILE A 327 21.09 -41.70 19.01
CA ILE A 327 21.73 -42.51 17.99
C ILE A 327 22.08 -41.62 16.81
N ALA A 328 23.37 -41.59 16.43
CA ALA A 328 23.87 -40.81 15.31
C ALA A 328 24.87 -41.61 14.48
N LEU A 329 25.13 -41.21 13.26
CA LEU A 329 26.12 -41.92 12.45
C LEU A 329 27.51 -41.40 12.82
N VAL A 330 28.30 -42.28 13.41
CA VAL A 330 29.69 -42.03 13.83
C VAL A 330 30.56 -42.99 13.01
N ASN A 331 31.43 -42.46 12.14
CA ASN A 331 32.28 -43.22 11.20
C ASN A 331 31.42 -44.06 10.21
N GLY A 332 30.34 -43.43 9.74
CA GLY A 332 29.38 -44.01 8.81
C GLY A 332 28.54 -45.16 9.33
N ARG A 333 28.59 -45.43 10.66
CA ARG A 333 27.85 -46.49 11.32
C ARG A 333 26.99 -45.96 12.47
N PRO A 334 25.79 -46.54 12.73
CA PRO A 334 24.96 -46.05 13.85
C PRO A 334 25.59 -46.34 15.22
N LYS A 335 25.42 -45.42 16.18
CA LYS A 335 25.99 -45.55 17.52
C LYS A 335 25.15 -44.81 18.54
N LEU A 336 24.88 -45.47 19.69
CA LEU A 336 24.17 -44.83 20.81
C LEU A 336 25.27 -44.11 21.56
N ILE A 337 25.22 -42.78 21.48
CA ILE A 337 26.22 -41.89 22.07
C ILE A 337 25.68 -41.15 23.30
N ASN A 338 26.55 -40.87 24.26
CA ASN A 338 26.21 -40.11 25.46
C ASN A 338 26.51 -38.63 25.16
N LEU A 339 26.20 -37.71 26.09
CA LEU A 339 26.43 -36.27 25.87
C LEU A 339 27.90 -35.95 25.53
N LYS A 340 28.86 -36.47 26.32
CA LYS A 340 30.29 -36.23 26.07
C LYS A 340 30.72 -36.71 24.69
N GLU A 341 30.33 -37.93 24.29
CA GLU A 341 30.69 -38.48 22.98
C GLU A 341 30.22 -37.58 21.84
N ALA A 342 28.97 -37.04 21.95
CA ALA A 342 28.39 -36.12 20.95
C ALA A 342 29.27 -34.87 20.81
N LEU A 343 29.74 -34.33 21.94
CA LEU A 343 30.58 -33.15 21.99
C LEU A 343 32.01 -33.42 21.50
N VAL A 344 32.60 -34.58 21.87
CA VAL A 344 33.96 -35.00 21.48
C VAL A 344 34.05 -35.14 19.96
N HIS A 345 33.07 -35.88 19.38
CA HIS A 345 32.96 -36.10 17.94
C HIS A 345 32.79 -34.79 17.21
N TYR A 346 31.99 -33.87 17.77
CA TYR A 346 31.79 -32.56 17.18
C TYR A 346 33.07 -31.74 17.21
N LEU A 347 33.79 -31.74 18.36
CA LEU A 347 35.04 -31.00 18.52
C LEU A 347 36.13 -31.49 17.55
N GLU A 348 36.17 -32.81 17.29
CA GLU A 348 37.10 -33.43 16.36
C GLU A 348 36.84 -32.98 14.94
N HIS A 349 35.55 -32.84 14.57
CA HIS A 349 35.13 -32.36 13.27
C HIS A 349 35.59 -30.93 13.09
N GLN A 350 35.43 -30.09 14.12
CA GLN A 350 35.89 -28.70 14.10
C GLN A 350 37.41 -28.60 13.97
N LYS A 351 38.15 -29.47 14.69
CA LYS A 351 39.62 -29.52 14.64
C LYS A 351 40.07 -29.82 13.21
N THR A 352 39.38 -30.79 12.56
CA THR A 352 39.69 -31.23 11.19
C THR A 352 39.35 -30.13 10.19
N VAL A 353 38.12 -29.56 10.29
CA VAL A 353 37.65 -28.47 9.44
C VAL A 353 38.69 -27.33 9.43
N VAL A 354 39.03 -26.79 10.61
CA VAL A 354 39.98 -25.68 10.78
C VAL A 354 41.40 -26.03 10.28
N ARG A 355 41.89 -27.26 10.53
CA ARG A 355 43.22 -27.71 10.08
C ARG A 355 43.24 -27.74 8.54
N ARG A 356 42.27 -28.47 7.95
CA ARG A 356 42.07 -28.62 6.50
C ARG A 356 41.96 -27.27 5.78
N ARG A 357 41.25 -26.29 6.41
CA ARG A 357 41.09 -24.92 5.92
C ARG A 357 42.45 -24.22 5.87
N THR A 358 43.19 -24.24 6.99
CA THR A 358 44.51 -23.64 7.16
C THR A 358 45.50 -24.25 6.16
N GLN A 359 45.41 -25.59 5.95
CA GLN A 359 46.25 -26.32 5.00
C GLN A 359 45.96 -25.87 3.56
N TYR A 360 44.66 -25.72 3.21
CA TYR A 360 44.18 -25.24 1.90
C TYR A 360 44.70 -23.83 1.66
N ASN A 361 44.38 -22.91 2.60
CA ASN A 361 44.76 -21.49 2.58
C ASN A 361 46.26 -21.33 2.34
N LEU A 362 47.08 -22.20 2.97
CA LEU A 362 48.54 -22.22 2.84
C LEU A 362 48.99 -22.63 1.43
N ARG A 363 48.43 -23.75 0.87
CA ARG A 363 48.75 -24.23 -0.48
C ARG A 363 48.58 -23.08 -1.46
N LYS A 364 47.38 -22.45 -1.46
CA LYS A 364 46.99 -21.32 -2.30
C LYS A 364 47.92 -20.11 -2.13
N ALA A 365 48.31 -19.81 -0.86
CA ALA A 365 49.19 -18.71 -0.52
C ALA A 365 50.60 -18.94 -1.09
N LYS A 366 51.12 -20.18 -0.92
CA LYS A 366 52.41 -20.60 -1.42
C LYS A 366 52.42 -20.53 -2.96
N ASP A 367 51.31 -20.99 -3.58
CA ASP A 367 51.09 -20.98 -5.03
C ASP A 367 51.13 -19.56 -5.57
N ARG A 368 50.39 -18.64 -4.92
CA ARG A 368 50.34 -17.23 -5.31
C ARG A 368 51.66 -16.53 -5.15
N ALA A 369 52.35 -16.75 -4.00
CA ALA A 369 53.66 -16.16 -3.70
C ALA A 369 54.67 -16.54 -4.79
N HIS A 370 54.58 -17.79 -5.30
CA HIS A 370 55.42 -18.35 -6.35
C HIS A 370 55.23 -17.56 -7.66
N ILE A 371 53.94 -17.35 -8.06
CA ILE A 371 53.58 -16.58 -9.25
C ILE A 371 54.12 -15.15 -9.11
N LEU A 372 53.87 -14.53 -7.93
CA LEU A 372 54.36 -13.19 -7.62
C LEU A 372 55.89 -13.09 -7.76
N GLU A 373 56.64 -14.14 -7.37
CA GLU A 373 58.10 -14.17 -7.51
C GLU A 373 58.46 -14.12 -9.00
N GLY A 374 57.69 -14.86 -9.80
CA GLY A 374 57.83 -14.93 -11.25
C GLY A 374 57.61 -13.58 -11.90
N LEU A 375 56.46 -12.93 -11.56
CA LEU A 375 56.10 -11.61 -12.04
C LEU A 375 57.14 -10.55 -11.61
N ARG A 376 57.69 -10.70 -10.38
CA ARG A 376 58.73 -9.82 -9.85
C ARG A 376 60.01 -9.93 -10.68
N ILE A 377 60.40 -11.16 -11.10
CA ILE A 377 61.57 -11.37 -11.98
C ILE A 377 61.27 -10.72 -13.33
N ALA A 378 60.07 -11.00 -13.87
CA ALA A 378 59.60 -10.46 -15.15
C ALA A 378 59.67 -8.95 -15.22
N LEU A 379 59.06 -8.26 -14.23
CA LEU A 379 59.03 -6.80 -14.15
C LEU A 379 60.42 -6.20 -14.00
N ASP A 380 61.31 -6.85 -13.24
CA ASP A 380 62.68 -6.40 -13.02
C ASP A 380 63.56 -6.48 -14.26
N HIS A 381 63.17 -7.33 -15.22
CA HIS A 381 63.90 -7.55 -16.48
C HIS A 381 62.95 -7.55 -17.67
N ILE A 382 61.94 -6.65 -17.70
CA ILE A 382 60.93 -6.58 -18.77
C ILE A 382 61.53 -6.38 -20.15
N ASP A 383 62.54 -5.51 -20.30
CA ASP A 383 63.19 -5.30 -21.59
C ASP A 383 63.64 -6.62 -22.22
N GLU A 384 64.23 -7.52 -21.38
CA GLU A 384 64.69 -8.86 -21.76
C GLU A 384 63.53 -9.81 -22.00
N ILE A 385 62.55 -9.84 -21.09
CA ILE A 385 61.37 -10.71 -21.14
C ILE A 385 60.63 -10.44 -22.45
N ILE A 386 60.38 -9.15 -22.77
CA ILE A 386 59.71 -8.72 -24.00
C ILE A 386 60.49 -9.20 -25.21
N SER A 387 61.83 -8.98 -25.17
CA SER A 387 62.75 -9.41 -26.22
C SER A 387 62.59 -10.94 -26.48
N THR A 388 62.68 -11.78 -25.41
CA THR A 388 62.55 -13.24 -25.37
C THR A 388 61.24 -13.73 -26.00
N ILE A 389 60.12 -13.07 -25.63
CA ILE A 389 58.80 -13.41 -26.16
C ILE A 389 58.76 -13.10 -27.66
N ARG A 390 59.12 -11.86 -28.05
CA ARG A 390 59.12 -11.38 -29.42
C ARG A 390 59.94 -12.24 -30.38
N GLU A 391 61.10 -12.75 -29.90
CA GLU A 391 62.02 -13.62 -30.66
C GLU A 391 61.40 -15.02 -30.87
N SER A 392 60.42 -15.41 -30.02
CA SER A 392 59.76 -16.72 -30.07
C SER A 392 58.65 -16.79 -31.11
N ASP A 393 58.68 -17.84 -31.94
CA ASP A 393 57.70 -18.09 -33.01
C ASP A 393 56.35 -18.52 -32.45
N THR A 394 56.35 -19.42 -31.46
CA THR A 394 55.13 -19.95 -30.84
C THR A 394 55.11 -19.70 -29.33
N ASP A 395 53.96 -20.00 -28.67
CA ASP A 395 53.80 -19.88 -27.21
C ASP A 395 54.70 -20.90 -26.52
N LYS A 396 54.82 -22.11 -27.11
CA LYS A 396 55.66 -23.21 -26.63
C LYS A 396 57.12 -22.79 -26.52
N VAL A 397 57.64 -22.11 -27.55
CA VAL A 397 59.03 -21.65 -27.57
C VAL A 397 59.24 -20.54 -26.52
N ALA A 398 58.28 -19.58 -26.41
CA ALA A 398 58.35 -18.49 -25.43
C ALA A 398 58.41 -19.08 -24.01
N MET A 399 57.58 -20.09 -23.74
CA MET A 399 57.50 -20.81 -22.48
C MET A 399 58.84 -21.43 -22.11
N GLU A 400 59.47 -22.15 -23.05
CA GLU A 400 60.77 -22.81 -22.88
C GLU A 400 61.88 -21.78 -22.68
N SER A 401 61.97 -20.78 -23.59
CA SER A 401 62.98 -19.71 -23.55
C SER A 401 62.96 -18.94 -22.25
N LEU A 402 61.75 -18.58 -21.73
CA LEU A 402 61.60 -17.85 -20.46
C LEU A 402 62.09 -18.70 -19.28
N GLN A 403 61.73 -19.99 -19.27
CA GLN A 403 62.09 -20.95 -18.23
C GLN A 403 63.59 -21.17 -18.17
N GLN A 404 64.23 -21.34 -19.36
CA GLN A 404 65.66 -21.61 -19.52
C GLN A 404 66.54 -20.39 -19.26
N ARG A 405 66.12 -19.20 -19.72
CA ARG A 405 66.89 -17.97 -19.53
C ARG A 405 66.74 -17.35 -18.14
N PHE A 406 65.52 -17.21 -17.65
CA PHE A 406 65.28 -16.53 -16.37
C PHE A 406 65.06 -17.48 -15.19
N LYS A 407 65.43 -18.78 -15.35
CA LYS A 407 65.30 -19.82 -14.32
C LYS A 407 63.91 -19.82 -13.67
N LEU A 408 62.85 -19.77 -14.52
CA LEU A 408 61.44 -19.72 -14.11
C LEU A 408 60.74 -21.08 -14.25
N SER A 409 59.67 -21.29 -13.49
CA SER A 409 58.88 -22.52 -13.53
C SER A 409 57.89 -22.44 -14.67
N GLU A 410 57.26 -23.58 -15.03
CA GLU A 410 56.26 -23.64 -16.08
C GLU A 410 55.13 -22.69 -15.73
N LYS A 411 54.69 -22.72 -14.45
CA LYS A 411 53.63 -21.87 -13.90
C LYS A 411 54.02 -20.40 -13.95
N GLN A 412 55.28 -20.07 -13.55
CA GLN A 412 55.79 -18.70 -13.55
C GLN A 412 55.89 -18.14 -14.96
N ALA A 413 56.39 -18.95 -15.93
CA ALA A 413 56.48 -18.56 -17.34
C ALA A 413 55.06 -18.34 -17.94
N GLN A 414 54.11 -19.25 -17.66
CA GLN A 414 52.73 -19.13 -18.14
C GLN A 414 52.08 -17.86 -17.59
N ALA A 415 52.34 -17.52 -16.29
CA ALA A 415 51.78 -16.35 -15.62
C ALA A 415 52.28 -15.06 -16.27
N ILE A 416 53.57 -15.04 -16.65
CA ILE A 416 54.23 -13.93 -17.33
C ILE A 416 53.63 -13.76 -18.72
N LEU A 417 53.40 -14.86 -19.45
CA LEU A 417 52.80 -14.82 -20.78
C LEU A 417 51.36 -14.33 -20.75
N ASP A 418 50.65 -14.57 -19.62
CA ASP A 418 49.26 -14.15 -19.43
C ASP A 418 49.16 -12.74 -18.82
N MET A 419 50.31 -12.10 -18.57
CA MET A 419 50.41 -10.77 -17.97
C MET A 419 50.03 -9.70 -18.97
N ARG A 420 49.05 -8.84 -18.60
CA ARG A 420 48.56 -7.75 -19.45
C ARG A 420 49.53 -6.57 -19.41
N LEU A 421 49.62 -5.81 -20.52
CA LEU A 421 50.53 -4.67 -20.65
C LEU A 421 50.33 -3.62 -19.57
N ARG A 422 49.09 -3.47 -19.04
CA ARG A 422 48.75 -2.52 -17.99
C ARG A 422 49.43 -2.82 -16.63
N ARG A 423 50.03 -4.02 -16.47
CA ARG A 423 50.76 -4.38 -15.24
C ARG A 423 52.13 -3.71 -15.21
N LEU A 424 52.56 -3.12 -16.34
CA LEU A 424 53.85 -2.44 -16.51
C LEU A 424 53.83 -0.97 -16.03
N THR A 425 52.67 -0.45 -15.56
CA THR A 425 52.59 0.93 -15.06
C THR A 425 53.25 1.01 -13.68
N GLY A 426 53.61 2.22 -13.28
CA GLY A 426 54.28 2.51 -12.00
C GLY A 426 53.61 1.89 -10.80
N LEU A 427 52.34 2.27 -10.58
CA LEU A 427 51.52 1.79 -9.46
C LEU A 427 51.28 0.30 -9.46
N GLU A 428 51.09 -0.32 -10.65
CA GLU A 428 50.82 -1.76 -10.79
C GLU A 428 52.00 -2.63 -10.41
N ARG A 429 53.22 -2.08 -10.58
CA ARG A 429 54.49 -2.73 -10.23
C ARG A 429 54.67 -2.74 -8.70
N ASP A 430 54.24 -1.65 -8.04
CA ASP A 430 54.30 -1.44 -6.59
C ASP A 430 53.28 -2.31 -5.85
N LYS A 431 52.12 -2.57 -6.49
CA LYS A 431 51.02 -3.39 -5.94
C LYS A 431 51.50 -4.84 -5.77
N ILE A 432 52.26 -5.34 -6.76
CA ILE A 432 52.82 -6.70 -6.77
C ILE A 432 53.77 -6.91 -5.59
N GLU A 433 54.66 -5.92 -5.33
CA GLU A 433 55.58 -6.00 -4.20
C GLU A 433 54.82 -6.00 -2.86
N ALA A 434 53.80 -5.15 -2.73
CA ALA A 434 52.96 -5.05 -1.53
C ALA A 434 52.21 -6.36 -1.26
N GLU A 435 51.72 -7.02 -2.34
CA GLU A 435 50.99 -8.28 -2.26
C GLU A 435 51.92 -9.40 -1.80
N TYR A 436 53.13 -9.48 -2.39
CA TYR A 436 54.12 -10.49 -2.03
C TYR A 436 54.52 -10.41 -0.57
N ASN A 437 54.84 -9.20 -0.07
CA ASN A 437 55.25 -8.96 1.31
C ASN A 437 54.15 -9.31 2.32
N GLU A 438 52.90 -8.90 2.03
CA GLU A 438 51.76 -9.21 2.89
C GLU A 438 51.51 -10.70 2.92
N LEU A 439 51.71 -11.36 1.76
CA LEU A 439 51.53 -12.79 1.60
C LEU A 439 52.55 -13.63 2.38
N LEU A 440 53.82 -13.19 2.44
CA LEU A 440 54.86 -13.89 3.18
C LEU A 440 54.52 -13.93 4.68
N ASN A 441 53.93 -12.81 5.18
CA ASN A 441 53.47 -12.61 6.55
C ASN A 441 52.26 -13.51 6.88
N TYR A 442 51.39 -13.75 5.88
CA TYR A 442 50.21 -14.62 5.98
C TYR A 442 50.66 -16.07 5.98
N ILE A 443 51.67 -16.42 5.16
CA ILE A 443 52.22 -17.77 5.09
C ILE A 443 52.81 -18.14 6.45
N SER A 444 53.59 -17.24 7.06
CA SER A 444 54.18 -17.44 8.40
C SER A 444 53.08 -17.66 9.46
N GLU A 445 52.03 -16.82 9.40
CA GLU A 445 50.86 -16.84 10.27
C GLU A 445 50.14 -18.21 10.24
N LEU A 446 49.98 -18.76 9.01
CA LEU A 446 49.34 -20.07 8.75
C LEU A 446 50.23 -21.20 9.25
N GLU A 447 51.53 -21.14 8.91
CA GLU A 447 52.54 -22.14 9.27
C GLU A 447 52.64 -22.31 10.78
N THR A 448 52.39 -21.22 11.54
CA THR A 448 52.37 -21.16 13.00
C THR A 448 51.19 -21.96 13.54
N ILE A 449 50.03 -21.88 12.85
CA ILE A 449 48.82 -22.61 13.23
C ILE A 449 49.03 -24.12 13.08
N LEU A 450 49.61 -24.55 11.95
CA LEU A 450 49.87 -25.97 11.69
C LEU A 450 51.03 -26.53 12.50
N ALA A 451 51.96 -25.67 12.95
CA ALA A 451 53.12 -26.05 13.76
C ALA A 451 52.75 -26.39 15.20
N ASP A 452 51.78 -25.67 15.79
CA ASP A 452 51.33 -25.87 17.17
C ASP A 452 49.86 -26.30 17.24
N GLU A 453 49.61 -27.53 17.73
CA GLU A 453 48.25 -28.07 17.88
C GLU A 453 47.39 -27.25 18.86
N GLU A 454 48.05 -26.57 19.81
CA GLU A 454 47.39 -25.71 20.80
C GLU A 454 46.93 -24.39 20.18
N VAL A 455 47.74 -23.84 19.23
CA VAL A 455 47.40 -22.62 18.50
C VAL A 455 46.15 -22.91 17.64
N LEU A 456 46.13 -24.08 16.98
CA LEU A 456 45.02 -24.54 16.16
C LEU A 456 43.76 -24.75 17.04
N LEU A 457 43.91 -25.36 18.24
CA LEU A 457 42.82 -25.59 19.19
C LEU A 457 42.26 -24.25 19.68
N GLN A 458 43.15 -23.26 19.92
CA GLN A 458 42.76 -21.93 20.36
C GLN A 458 41.99 -21.21 19.27
N LEU A 459 42.38 -21.40 17.99
CA LEU A 459 41.68 -20.80 16.85
C LEU A 459 40.24 -21.33 16.78
N VAL A 460 40.05 -22.65 17.00
CA VAL A 460 38.73 -23.31 17.03
C VAL A 460 37.86 -22.67 18.12
N ARG A 461 38.45 -22.48 19.33
CA ARG A 461 37.82 -21.85 20.49
C ARG A 461 37.37 -20.42 20.16
N ASP A 462 38.29 -19.61 19.59
CA ASP A 462 38.05 -18.23 19.20
C ASP A 462 36.89 -18.10 18.21
N GLU A 463 36.88 -18.96 17.16
CA GLU A 463 35.82 -18.98 16.14
C GLU A 463 34.48 -19.46 16.71
N LEU A 464 34.51 -20.42 17.65
CA LEU A 464 33.31 -20.93 18.32
C LEU A 464 32.67 -19.86 19.21
N THR A 465 33.52 -19.05 19.88
CA THR A 465 33.08 -17.97 20.76
C THR A 465 32.40 -16.88 19.94
N GLU A 466 32.95 -16.58 18.75
CA GLU A 466 32.42 -15.59 17.79
C GLU A 466 30.96 -15.95 17.41
N ILE A 467 30.71 -17.25 17.11
CA ILE A 467 29.38 -17.76 16.77
C ILE A 467 28.44 -17.66 17.98
N ARG A 468 28.96 -17.99 19.18
CA ARG A 468 28.21 -17.93 20.43
C ARG A 468 27.72 -16.51 20.72
N ASP A 469 28.58 -15.51 20.50
CA ASP A 469 28.28 -14.10 20.73
C ASP A 469 27.29 -13.55 19.70
N ARG A 470 27.30 -14.10 18.48
CA ARG A 470 26.44 -13.65 17.40
C ARG A 470 25.05 -14.29 17.38
N PHE A 471 24.99 -15.63 17.60
CA PHE A 471 23.76 -16.39 17.47
C PHE A 471 23.18 -16.96 18.78
N GLY A 472 23.99 -17.03 19.84
CA GLY A 472 23.58 -17.54 21.14
C GLY A 472 22.46 -16.71 21.73
N ASP A 473 21.43 -17.39 22.25
CA ASP A 473 20.26 -16.73 22.83
C ASP A 473 19.90 -17.24 24.22
N ASP A 474 18.94 -16.57 24.88
CA ASP A 474 18.45 -16.92 26.22
C ASP A 474 17.78 -18.30 26.19
N ARG A 475 17.90 -19.02 27.33
CA ARG A 475 17.29 -20.34 27.53
C ARG A 475 15.75 -20.18 27.54
N ARG A 476 15.03 -20.98 26.73
CA ARG A 476 13.57 -20.92 26.63
C ARG A 476 12.85 -21.83 27.64
N THR A 477 13.29 -23.12 27.74
CA THR A 477 12.68 -24.09 28.66
C THR A 477 13.23 -23.92 30.07
N GLU A 478 12.33 -23.81 31.07
CA GLU A 478 12.70 -23.71 32.48
C GLU A 478 12.79 -25.10 33.14
N ILE A 479 13.99 -25.50 33.59
CA ILE A 479 14.20 -26.79 34.27
C ILE A 479 13.95 -26.57 35.77
N GLN A 480 12.82 -27.11 36.27
CA GLN A 480 12.41 -27.00 37.67
C GLN A 480 13.14 -27.99 38.57
N LEU A 481 13.68 -27.51 39.70
CA LEU A 481 14.43 -28.32 40.68
C LEU A 481 13.49 -28.91 41.73
N PRO B 2 -5.87 -47.84 -16.10
CA PRO B 2 -6.07 -47.26 -14.75
C PRO B 2 -5.02 -47.77 -13.74
N GLY B 3 -5.35 -47.69 -12.45
CA GLY B 3 -4.54 -48.20 -11.36
C GLY B 3 -4.86 -49.66 -11.07
N LYS B 4 -5.96 -50.16 -11.67
CA LYS B 4 -6.41 -51.54 -11.53
C LYS B 4 -5.60 -52.49 -12.45
N LEU B 5 -5.91 -53.80 -12.35
CA LEU B 5 -5.29 -54.86 -13.13
C LEU B 5 -5.60 -54.71 -14.63
N ALA B 6 -4.60 -54.98 -15.47
CA ALA B 6 -4.73 -55.00 -16.93
C ALA B 6 -4.41 -56.43 -17.39
N ASP B 7 -5.45 -57.26 -17.53
CA ASP B 7 -5.32 -58.67 -17.91
C ASP B 7 -4.78 -58.88 -19.33
N CYS B 8 -4.48 -60.16 -19.66
CA CYS B 8 -4.01 -60.63 -20.97
C CYS B 8 -5.17 -61.32 -21.70
N SER B 9 -5.17 -61.30 -23.04
CA SER B 9 -6.23 -61.87 -23.89
C SER B 9 -6.38 -63.40 -23.79
N SER B 10 -5.28 -64.12 -23.49
CA SER B 10 -5.28 -65.58 -23.36
C SER B 10 -6.02 -66.07 -22.12
N LYS B 11 -6.66 -67.23 -22.24
CA LYS B 11 -7.42 -67.86 -21.16
C LYS B 11 -6.70 -69.11 -20.59
N SER B 12 -5.57 -69.52 -21.21
CA SER B 12 -4.75 -70.66 -20.77
C SER B 12 -3.70 -70.15 -19.76
N PRO B 13 -3.76 -70.57 -18.47
CA PRO B 13 -2.81 -70.03 -17.49
C PRO B 13 -1.35 -70.47 -17.66
N GLU B 14 -1.11 -71.64 -18.29
CA GLU B 14 0.23 -72.20 -18.50
C GLU B 14 1.18 -71.24 -19.26
N GLU B 15 0.61 -70.41 -20.16
CA GLU B 15 1.36 -69.45 -20.98
C GLU B 15 1.19 -68.00 -20.50
N CYS B 16 0.28 -67.78 -19.53
CA CYS B 16 -0.02 -66.45 -18.98
C CYS B 16 0.85 -66.07 -17.78
N GLU B 17 1.32 -64.80 -17.81
CA GLU B 17 2.22 -64.20 -16.82
C GLU B 17 1.63 -62.92 -16.25
N ILE B 18 1.81 -62.68 -14.93
CA ILE B 18 1.37 -61.45 -14.25
C ILE B 18 2.56 -60.69 -13.64
N PHE B 19 2.70 -59.43 -14.02
CA PHE B 19 3.75 -58.56 -13.55
C PHE B 19 3.22 -57.59 -12.50
N LEU B 20 3.64 -57.81 -11.25
CA LEU B 20 3.29 -56.97 -10.12
C LEU B 20 4.31 -55.83 -10.13
N VAL B 21 3.89 -54.71 -10.72
CA VAL B 21 4.73 -53.54 -10.99
C VAL B 21 4.70 -52.49 -9.87
N GLU B 22 5.87 -52.01 -9.49
CA GLU B 22 6.03 -51.01 -8.45
C GLU B 22 5.67 -49.62 -8.95
N GLY B 23 4.59 -49.08 -8.40
CA GLY B 23 4.15 -47.73 -8.71
C GLY B 23 3.29 -47.57 -9.95
N ASP B 24 2.50 -46.48 -9.96
CA ASP B 24 1.58 -46.11 -11.03
C ASP B 24 2.30 -45.84 -12.34
N SER B 25 3.29 -44.92 -12.32
CA SER B 25 4.07 -44.45 -13.47
C SER B 25 4.77 -45.55 -14.24
N ALA B 26 5.26 -46.58 -13.54
CA ALA B 26 5.90 -47.75 -14.12
C ALA B 26 4.83 -48.64 -14.75
N GLY B 27 3.72 -48.84 -14.03
CA GLY B 27 2.55 -49.61 -14.45
C GLY B 27 1.95 -49.22 -15.80
N GLY B 28 1.99 -47.94 -16.12
CA GLY B 28 1.51 -47.41 -17.41
C GLY B 28 2.38 -47.83 -18.59
N SER B 29 3.71 -47.64 -18.46
CA SER B 29 4.72 -47.99 -19.48
C SER B 29 4.82 -49.52 -19.74
N THR B 30 4.64 -50.30 -18.65
CA THR B 30 4.62 -51.74 -18.63
C THR B 30 3.44 -52.20 -19.49
N LYS B 31 2.23 -51.63 -19.22
CA LYS B 31 0.97 -51.92 -19.92
C LYS B 31 1.06 -51.62 -21.41
N SER B 32 1.96 -50.69 -21.78
CA SER B 32 2.19 -50.24 -23.15
C SER B 32 3.26 -51.08 -23.86
N GLY B 33 4.28 -51.50 -23.10
CA GLY B 33 5.39 -52.29 -23.61
C GLY B 33 5.20 -53.80 -23.60
N ARG B 34 4.23 -54.31 -22.82
CA ARG B 34 3.91 -55.76 -22.65
C ARG B 34 3.46 -56.51 -23.92
N ASP B 35 3.33 -57.85 -23.78
CA ASP B 35 2.78 -58.75 -24.80
C ASP B 35 1.34 -58.88 -24.36
N SER B 36 0.44 -58.16 -25.05
CA SER B 36 -1.00 -58.13 -24.73
C SER B 36 -1.64 -59.52 -24.65
N ARG B 37 -1.12 -60.48 -25.42
CA ARG B 37 -1.65 -61.83 -25.47
C ARG B 37 -1.38 -62.65 -24.20
N THR B 38 -0.13 -62.65 -23.71
CA THR B 38 0.28 -63.50 -22.59
C THR B 38 0.72 -62.76 -21.31
N GLN B 39 0.75 -61.42 -21.29
CA GLN B 39 1.23 -60.70 -20.11
C GLN B 39 0.23 -59.69 -19.47
N ALA B 40 -0.11 -59.93 -18.19
CA ALA B 40 -0.98 -59.09 -17.37
C ALA B 40 -0.14 -58.22 -16.43
N ILE B 41 -0.58 -56.97 -16.15
CA ILE B 41 0.11 -56.00 -15.29
C ILE B 41 -0.79 -55.62 -14.13
N LEU B 42 -0.29 -55.78 -12.89
CA LEU B 42 -1.02 -55.32 -11.71
C LEU B 42 -0.18 -54.25 -11.00
N PRO B 43 -0.51 -52.94 -11.17
CA PRO B 43 0.27 -51.89 -10.51
C PRO B 43 0.02 -51.88 -8.99
N LEU B 44 1.11 -52.01 -8.22
CA LEU B 44 1.08 -52.02 -6.76
C LEU B 44 1.60 -50.67 -6.29
N ARG B 45 0.70 -49.92 -5.65
CA ARG B 45 0.93 -48.56 -5.17
C ARG B 45 1.34 -48.51 -3.70
N GLY B 46 2.43 -47.81 -3.43
CA GLY B 46 2.98 -47.63 -2.08
C GLY B 46 3.62 -48.89 -1.51
N LYS B 47 4.06 -48.82 -0.24
CA LYS B 47 4.66 -49.95 0.45
C LYS B 47 3.54 -50.94 0.79
N ILE B 48 3.74 -52.23 0.49
CA ILE B 48 2.77 -53.30 0.75
C ILE B 48 2.72 -53.58 2.24
N LEU B 49 1.51 -53.84 2.78
CA LEU B 49 1.30 -54.15 4.19
C LEU B 49 2.12 -55.36 4.64
N ASN B 50 2.87 -55.21 5.76
CA ASN B 50 3.63 -56.31 6.33
C ASN B 50 2.64 -57.24 7.04
N VAL B 51 2.34 -58.39 6.40
CA VAL B 51 1.39 -59.39 6.91
C VAL B 51 1.90 -60.07 8.19
N GLU B 52 3.23 -60.14 8.38
CA GLU B 52 3.86 -60.75 9.56
C GLU B 52 3.54 -59.92 10.83
N LYS B 53 3.46 -58.58 10.68
CA LYS B 53 3.15 -57.64 11.77
C LYS B 53 1.63 -57.39 11.99
N ALA B 54 0.78 -57.63 10.95
CA ALA B 54 -0.67 -57.40 10.97
C ALA B 54 -1.53 -58.60 11.38
N ARG B 55 -2.78 -58.32 11.83
CA ARG B 55 -3.78 -59.34 12.17
C ARG B 55 -4.70 -59.53 10.92
N LEU B 56 -5.42 -60.66 10.83
CA LEU B 56 -6.22 -61.02 9.66
C LEU B 56 -7.21 -59.96 9.19
N ASP B 57 -7.97 -59.33 10.11
CA ASP B 57 -8.98 -58.31 9.78
C ASP B 57 -8.37 -57.16 8.98
N ARG B 58 -7.12 -56.80 9.30
CA ARG B 58 -6.38 -55.75 8.60
C ARG B 58 -5.92 -56.24 7.22
N ILE B 59 -5.28 -57.43 7.16
CA ILE B 59 -4.77 -58.06 5.92
C ILE B 59 -5.86 -58.13 4.83
N LEU B 60 -7.05 -58.62 5.19
CA LEU B 60 -8.19 -58.75 4.27
C LEU B 60 -8.82 -57.41 3.89
N ASN B 61 -8.61 -56.38 4.73
CA ASN B 61 -9.13 -55.03 4.48
C ASN B 61 -8.17 -54.19 3.60
N ASN B 62 -6.92 -54.66 3.40
CA ASN B 62 -5.94 -53.95 2.57
C ASN B 62 -6.25 -54.18 1.10
N ASN B 63 -6.54 -53.08 0.39
CA ASN B 63 -6.95 -53.12 -1.02
C ASN B 63 -5.91 -53.73 -1.92
N GLU B 64 -4.64 -53.33 -1.77
CA GLU B 64 -3.56 -53.86 -2.61
C GLU B 64 -3.40 -55.39 -2.45
N ILE B 65 -3.62 -55.93 -1.22
CA ILE B 65 -3.59 -57.37 -0.92
C ILE B 65 -4.80 -58.01 -1.61
N ARG B 66 -5.99 -57.40 -1.46
CA ARG B 66 -7.22 -57.90 -2.07
C ARG B 66 -7.11 -57.99 -3.60
N GLN B 67 -6.54 -56.93 -4.24
CA GLN B 67 -6.33 -56.84 -5.69
C GLN B 67 -5.52 -58.01 -6.24
N MET B 68 -4.47 -58.42 -5.51
CA MET B 68 -3.63 -59.56 -5.84
C MET B 68 -4.39 -60.89 -5.76
N ILE B 69 -5.13 -61.11 -4.64
CA ILE B 69 -5.92 -62.33 -4.41
C ILE B 69 -6.96 -62.51 -5.53
N THR B 70 -7.65 -61.42 -5.91
CA THR B 70 -8.66 -61.40 -6.96
C THR B 70 -8.02 -61.68 -8.34
N ALA B 71 -6.77 -61.23 -8.54
CA ALA B 71 -6.03 -61.43 -9.79
C ALA B 71 -5.59 -62.88 -9.99
N PHE B 72 -5.03 -63.50 -8.94
CA PHE B 72 -4.57 -64.89 -9.01
C PHE B 72 -5.75 -65.85 -8.97
N GLY B 73 -6.79 -65.49 -8.20
CA GLY B 73 -8.01 -66.27 -8.01
C GLY B 73 -7.79 -67.64 -7.41
N THR B 74 -6.79 -67.75 -6.53
CA THR B 74 -6.38 -68.99 -5.87
C THR B 74 -7.03 -69.16 -4.51
N GLY B 75 -7.15 -68.05 -3.78
CA GLY B 75 -7.68 -68.04 -2.42
C GLY B 75 -6.52 -67.95 -1.46
N ILE B 76 -6.81 -67.74 -0.17
CA ILE B 76 -5.72 -67.64 0.81
C ILE B 76 -5.88 -68.62 1.98
N GLY B 77 -4.75 -68.89 2.65
CA GLY B 77 -4.66 -69.78 3.79
C GLY B 77 -5.00 -71.22 3.46
N GLY B 78 -5.98 -71.75 4.18
CA GLY B 78 -6.45 -73.12 4.01
C GLY B 78 -7.24 -73.39 2.74
N ASP B 79 -7.78 -72.30 2.13
CA ASP B 79 -8.59 -72.40 0.91
C ASP B 79 -7.82 -72.09 -0.39
N PHE B 80 -6.47 -72.05 -0.35
CA PHE B 80 -5.62 -71.82 -1.53
C PHE B 80 -5.63 -73.04 -2.46
N ASP B 81 -6.05 -72.84 -3.72
CA ASP B 81 -6.11 -73.91 -4.72
C ASP B 81 -5.25 -73.52 -5.92
N LEU B 82 -4.07 -74.15 -6.06
CA LEU B 82 -3.11 -73.91 -7.15
C LEU B 82 -3.73 -74.22 -8.53
N ALA B 83 -4.70 -75.14 -8.57
CA ALA B 83 -5.44 -75.53 -9.78
C ALA B 83 -6.27 -74.35 -10.32
N LYS B 84 -6.66 -73.43 -9.41
CA LYS B 84 -7.44 -72.24 -9.73
C LYS B 84 -6.58 -71.02 -10.11
N ALA B 85 -5.23 -71.19 -10.19
CA ALA B 85 -4.32 -70.09 -10.55
C ALA B 85 -4.50 -69.62 -11.98
N ARG B 86 -4.64 -68.30 -12.14
CA ARG B 86 -4.87 -67.62 -13.43
C ARG B 86 -3.58 -67.39 -14.22
N TYR B 87 -2.42 -67.42 -13.53
CA TYR B 87 -1.08 -67.21 -14.10
C TYR B 87 -0.11 -68.23 -13.52
N HIS B 88 0.68 -68.88 -14.39
CA HIS B 88 1.68 -69.87 -13.95
C HIS B 88 3.01 -69.19 -13.62
N LYS B 89 3.12 -67.90 -13.97
CA LYS B 89 4.24 -67.02 -13.66
C LYS B 89 3.71 -65.74 -12.98
N ILE B 90 4.17 -65.47 -11.77
CA ILE B 90 3.83 -64.30 -10.97
C ILE B 90 5.16 -63.61 -10.78
N VAL B 91 5.36 -62.52 -11.53
CA VAL B 91 6.61 -61.78 -11.60
C VAL B 91 6.60 -60.53 -10.70
N ILE B 92 7.55 -60.46 -9.76
CA ILE B 92 7.72 -59.31 -8.87
C ILE B 92 8.65 -58.35 -9.60
N MET B 93 8.11 -57.20 -10.06
CA MET B 93 8.89 -56.20 -10.80
C MET B 93 8.98 -54.86 -10.06
N THR B 94 10.03 -54.72 -9.23
CA THR B 94 10.29 -53.51 -8.43
C THR B 94 11.46 -52.74 -8.99
N ASP B 95 11.62 -51.48 -8.54
CA ASP B 95 12.73 -50.58 -8.88
C ASP B 95 14.08 -51.24 -8.48
N ALA B 96 15.16 -50.91 -9.21
CA ALA B 96 16.49 -51.46 -8.89
C ALA B 96 17.15 -50.65 -7.76
N ASP B 97 16.34 -50.24 -6.76
CA ASP B 97 16.76 -49.47 -5.58
C ASP B 97 16.40 -50.20 -4.27
N VAL B 98 16.85 -49.64 -3.14
CA VAL B 98 16.66 -50.14 -1.77
C VAL B 98 15.18 -50.30 -1.36
N ASP B 99 14.29 -49.40 -1.86
CA ASP B 99 12.86 -49.45 -1.56
C ASP B 99 12.18 -50.51 -2.43
N GLY B 100 12.75 -50.77 -3.60
CA GLY B 100 12.31 -51.82 -4.50
C GLY B 100 12.57 -53.16 -3.84
N ALA B 101 13.72 -53.27 -3.14
CA ALA B 101 14.12 -54.45 -2.36
C ALA B 101 13.14 -54.65 -1.22
N HIS B 102 12.76 -53.55 -0.51
CA HIS B 102 11.82 -53.59 0.60
C HIS B 102 10.46 -54.13 0.19
N ILE B 103 9.92 -53.63 -0.94
CA ILE B 103 8.64 -54.06 -1.49
C ILE B 103 8.70 -55.54 -1.85
N ARG B 104 9.84 -55.97 -2.40
CA ARG B 104 10.09 -57.36 -2.78
C ARG B 104 10.01 -58.25 -1.53
N THR B 105 10.56 -57.80 -0.37
CA THR B 105 10.52 -58.56 0.90
C THR B 105 9.10 -58.69 1.42
N LEU B 106 8.34 -57.57 1.40
CA LEU B 106 6.95 -57.48 1.87
C LEU B 106 6.03 -58.41 1.05
N LEU B 107 6.23 -58.48 -0.28
CA LEU B 107 5.44 -59.33 -1.17
C LEU B 107 5.72 -60.80 -0.89
N LEU B 108 7.00 -61.16 -0.69
CA LEU B 108 7.39 -62.54 -0.38
C LEU B 108 6.86 -62.99 0.99
N THR B 109 6.71 -62.06 1.94
CA THR B 109 6.16 -62.31 3.27
C THR B 109 4.67 -62.70 3.15
N PHE B 110 3.92 -61.97 2.31
CA PHE B 110 2.51 -62.26 2.07
C PHE B 110 2.37 -63.61 1.38
N PHE B 111 3.16 -63.85 0.30
CA PHE B 111 3.15 -65.11 -0.44
C PHE B 111 3.55 -66.29 0.42
N TYR B 112 4.54 -66.12 1.32
CA TYR B 112 4.97 -67.21 2.21
C TYR B 112 3.94 -67.59 3.27
N ARG B 113 3.28 -66.59 3.86
CA ARG B 113 2.31 -66.82 4.92
C ARG B 113 0.88 -67.11 4.41
N PHE B 114 0.52 -66.69 3.17
CA PHE B 114 -0.84 -66.89 2.66
C PHE B 114 -0.96 -67.71 1.38
N MET B 115 0.05 -67.71 0.52
CA MET B 115 0.02 -68.46 -0.74
C MET B 115 1.26 -69.35 -0.90
N ARG B 116 1.70 -70.01 0.20
CA ARG B 116 2.90 -70.85 0.23
C ARG B 116 3.02 -71.86 -0.94
N PRO B 117 1.97 -72.64 -1.33
CA PRO B 117 2.14 -73.58 -2.46
C PRO B 117 2.35 -72.93 -3.84
N LEU B 118 2.23 -71.60 -3.93
CA LEU B 118 2.45 -70.86 -5.17
C LEU B 118 3.97 -70.76 -5.38
N ILE B 119 4.73 -70.52 -4.28
CA ILE B 119 6.20 -70.44 -4.29
C ILE B 119 6.79 -71.84 -4.50
N GLU B 120 6.21 -72.87 -3.81
CA GLU B 120 6.62 -74.27 -3.89
C GLU B 120 6.53 -74.83 -5.31
N ALA B 121 5.46 -74.45 -6.06
CA ALA B 121 5.21 -74.86 -7.44
C ALA B 121 6.09 -74.11 -8.46
N GLY B 122 6.87 -73.15 -7.97
CA GLY B 122 7.78 -72.33 -8.77
C GLY B 122 7.09 -71.31 -9.65
N TYR B 123 5.95 -70.80 -9.18
CA TYR B 123 5.15 -69.81 -9.90
C TYR B 123 5.63 -68.37 -9.60
N VAL B 124 6.33 -68.15 -8.48
CA VAL B 124 6.84 -66.82 -8.07
C VAL B 124 8.24 -66.57 -8.66
N TYR B 125 8.37 -65.46 -9.40
CA TYR B 125 9.59 -65.00 -10.06
C TYR B 125 9.93 -63.56 -9.71
N ILE B 126 11.22 -63.19 -9.87
CA ILE B 126 11.70 -61.85 -9.63
C ILE B 126 12.33 -61.34 -10.92
N ALA B 127 11.76 -60.27 -11.48
CA ALA B 127 12.25 -59.64 -12.71
C ALA B 127 13.59 -58.97 -12.42
N GLN B 128 14.51 -58.97 -13.40
CA GLN B 128 15.82 -58.33 -13.24
C GLN B 128 15.99 -57.14 -14.19
N PRO B 129 15.50 -55.95 -13.77
CA PRO B 129 15.60 -54.77 -14.64
C PRO B 129 17.00 -54.17 -14.64
N PRO B 130 17.38 -53.30 -15.62
CA PRO B 130 18.72 -52.71 -15.61
C PRO B 130 18.98 -51.87 -14.36
N THR B 131 20.02 -52.25 -13.63
CA THR B 131 20.45 -51.69 -12.34
C THR B 131 21.16 -50.32 -12.45
N GLY B 132 20.90 -49.61 -13.55
CA GLY B 132 21.50 -48.32 -13.86
C GLY B 132 20.95 -47.10 -13.13
N TYR B 133 20.97 -47.11 -11.75
CA TYR B 133 20.56 -46.09 -10.75
C TYR B 133 19.13 -45.50 -10.89
N LYS B 134 18.57 -45.46 -12.11
CA LYS B 134 17.22 -44.97 -12.37
C LYS B 134 16.23 -46.10 -12.13
N GLY B 135 15.08 -45.75 -11.58
CA GLY B 135 14.00 -46.69 -11.30
C GLY B 135 13.17 -47.09 -12.52
N LEU B 136 12.07 -47.79 -12.28
CA LEU B 136 11.17 -48.25 -13.33
C LEU B 136 10.38 -47.11 -14.03
N GLY B 137 9.94 -46.10 -13.29
CA GLY B 137 9.15 -44.98 -13.79
C GLY B 137 9.88 -43.99 -14.69
N GLU B 138 11.22 -44.06 -14.71
CA GLU B 138 12.11 -43.19 -15.50
C GLU B 138 12.69 -43.95 -16.73
N MET B 139 12.03 -45.10 -17.08
CA MET B 139 12.37 -46.02 -18.16
C MET B 139 11.31 -45.99 -19.27
N ASN B 140 11.74 -46.10 -20.56
CA ASN B 140 10.84 -46.13 -21.74
C ASN B 140 10.08 -47.46 -21.82
N ALA B 141 8.94 -47.48 -22.54
CA ALA B 141 8.14 -48.69 -22.72
C ALA B 141 8.85 -49.72 -23.61
N ASP B 142 9.67 -49.22 -24.56
CA ASP B 142 10.47 -50.03 -25.49
C ASP B 142 11.56 -50.80 -24.75
N GLN B 143 12.34 -50.10 -23.91
CA GLN B 143 13.42 -50.70 -23.13
C GLN B 143 12.90 -51.55 -21.95
N LEU B 144 11.73 -51.22 -21.37
CA LEU B 144 11.15 -52.01 -20.28
C LEU B 144 10.80 -53.40 -20.78
N TRP B 145 10.43 -53.51 -22.06
CA TRP B 145 10.12 -54.78 -22.70
C TRP B 145 11.41 -55.53 -23.00
N GLU B 146 12.27 -54.97 -23.87
CA GLU B 146 13.52 -55.53 -24.36
C GLU B 146 14.52 -55.98 -23.28
N THR B 147 14.39 -55.49 -22.02
CA THR B 147 15.31 -55.82 -20.92
C THR B 147 14.70 -56.61 -19.75
N THR B 148 13.39 -56.42 -19.47
CA THR B 148 12.72 -56.99 -18.30
C THR B 148 11.47 -57.85 -18.64
N MET B 149 10.88 -57.69 -19.83
CA MET B 149 9.65 -58.41 -20.15
C MET B 149 9.72 -59.42 -21.30
N ASN B 150 10.50 -59.12 -22.37
CA ASN B 150 10.68 -59.98 -23.56
C ASN B 150 11.33 -61.29 -23.13
N PRO B 151 10.66 -62.46 -23.31
CA PRO B 151 11.26 -63.74 -22.88
C PRO B 151 12.59 -64.09 -23.58
N GLU B 152 12.83 -63.52 -24.78
CA GLU B 152 14.02 -63.71 -25.60
C GLU B 152 15.30 -63.13 -24.96
N HIS B 153 15.16 -62.07 -24.11
CA HIS B 153 16.29 -61.38 -23.47
C HIS B 153 16.21 -61.23 -21.95
N ARG B 154 15.00 -61.29 -21.34
CA ARG B 154 14.78 -61.13 -19.90
C ARG B 154 15.44 -62.24 -19.05
N ALA B 155 15.66 -61.94 -17.76
CA ALA B 155 16.24 -62.87 -16.80
C ALA B 155 15.41 -62.85 -15.52
N LEU B 156 14.58 -63.88 -15.32
CA LEU B 156 13.74 -63.97 -14.13
C LEU B 156 14.34 -64.93 -13.12
N LEU B 157 14.27 -64.58 -11.82
CA LEU B 157 14.78 -65.44 -10.78
C LEU B 157 13.63 -66.23 -10.17
N GLN B 158 13.66 -67.57 -10.34
CA GLN B 158 12.63 -68.46 -9.80
C GLN B 158 12.83 -68.58 -8.31
N VAL B 159 11.81 -68.18 -7.53
CA VAL B 159 11.89 -68.23 -6.07
C VAL B 159 11.64 -69.68 -5.63
N LYS B 160 12.63 -70.24 -4.91
CA LYS B 160 12.57 -71.63 -4.46
C LYS B 160 12.63 -71.76 -2.94
N LEU B 161 11.92 -72.78 -2.44
CA LEU B 161 11.85 -73.14 -1.03
C LEU B 161 12.73 -74.34 -0.84
N GLU B 162 13.77 -74.28 0.03
CA GLU B 162 14.64 -75.44 0.25
C GLU B 162 14.59 -75.96 1.69
N ASP B 163 14.41 -75.05 2.66
CA ASP B 163 14.33 -75.37 4.08
C ASP B 163 13.23 -74.52 4.71
N ALA B 164 12.04 -75.13 4.90
CA ALA B 164 10.85 -74.47 5.45
C ALA B 164 11.02 -74.05 6.90
N ILE B 165 11.85 -74.78 7.66
CA ILE B 165 12.15 -74.49 9.06
C ILE B 165 13.03 -73.24 9.14
N GLU B 166 14.00 -73.11 8.22
CA GLU B 166 14.91 -71.96 8.11
C GLU B 166 14.15 -70.73 7.61
N ALA B 167 13.30 -70.90 6.58
CA ALA B 167 12.49 -69.84 6.00
C ALA B 167 11.55 -69.24 7.05
N ASP B 168 10.89 -70.10 7.86
CA ASP B 168 10.00 -69.67 8.95
C ASP B 168 10.74 -68.75 9.92
N GLN B 169 11.98 -69.13 10.33
CA GLN B 169 12.83 -68.36 11.24
C GLN B 169 13.28 -67.05 10.60
N THR B 170 13.50 -67.05 9.26
CA THR B 170 13.92 -65.90 8.46
C THR B 170 12.82 -64.83 8.36
N PHE B 171 11.57 -65.23 7.99
CA PHE B 171 10.45 -64.30 7.89
C PHE B 171 10.08 -63.72 9.24
N GLU B 172 10.16 -64.55 10.31
CA GLU B 172 9.89 -64.15 11.69
C GLU B 172 10.89 -63.10 12.18
N MET B 173 12.18 -63.27 11.85
CA MET B 173 13.22 -62.34 12.29
C MET B 173 13.17 -60.97 11.58
N LEU B 174 13.19 -61.01 10.24
CA LEU B 174 13.23 -59.86 9.36
C LEU B 174 11.93 -59.05 9.36
N MET B 175 10.78 -59.75 9.35
CA MET B 175 9.47 -59.09 9.25
C MET B 175 8.63 -59.14 10.53
N GLY B 176 9.13 -59.79 11.58
CA GLY B 176 8.43 -59.92 12.84
C GLY B 176 8.42 -58.69 13.72
N ASP B 177 7.67 -58.76 14.82
CA ASP B 177 7.53 -57.67 15.76
C ASP B 177 8.76 -57.51 16.68
N VAL B 178 9.64 -58.55 16.75
CA VAL B 178 10.83 -58.50 17.61
C VAL B 178 11.93 -57.71 16.91
N VAL B 179 12.13 -56.46 17.37
CA VAL B 179 13.11 -55.51 16.81
C VAL B 179 14.56 -55.97 17.08
N GLU B 180 14.85 -56.40 18.32
CA GLU B 180 16.18 -56.82 18.74
C GLU B 180 16.86 -57.83 17.81
N ASN B 181 16.13 -58.87 17.34
CA ASN B 181 16.66 -59.91 16.43
C ASN B 181 16.99 -59.33 15.07
N ARG B 182 16.18 -58.36 14.62
CA ARG B 182 16.32 -57.64 13.36
C ARG B 182 17.56 -56.73 13.46
N ARG B 183 17.69 -55.99 14.59
CA ARG B 183 18.82 -55.12 14.84
C ARG B 183 20.11 -55.93 14.85
N GLN B 184 20.08 -57.12 15.49
CA GLN B 184 21.22 -58.04 15.55
C GLN B 184 21.62 -58.48 14.14
N PHE B 185 20.62 -58.81 13.27
CA PHE B 185 20.85 -59.25 11.89
C PHE B 185 21.60 -58.19 11.09
N ILE B 186 21.17 -56.93 11.24
CA ILE B 186 21.80 -55.78 10.60
C ILE B 186 23.26 -55.66 11.11
N GLU B 187 23.49 -55.55 12.44
CA GLU B 187 24.85 -55.38 13.02
C GLU B 187 25.81 -56.57 12.72
N ASP B 188 25.29 -57.78 12.42
CA ASP B 188 26.11 -58.93 12.02
C ASP B 188 26.44 -58.90 10.53
N ASN B 189 25.42 -58.73 9.67
CA ASN B 189 25.54 -58.76 8.21
C ASN B 189 26.04 -57.43 7.62
N ALA B 190 26.32 -56.48 8.54
CA ALA B 190 26.87 -55.14 8.43
C ALA B 190 27.09 -54.64 7.02
N VAL B 191 28.37 -54.57 6.60
CA VAL B 191 28.87 -54.08 5.31
C VAL B 191 28.07 -54.59 4.06
N TYR B 192 27.88 -55.93 3.90
CA TYR B 192 27.17 -56.52 2.74
C TYR B 192 25.73 -55.99 2.56
N ASN C 1 -15.08 2.89 0.14
CA ASN C 1 -15.56 3.46 -1.12
C ASN C 1 -16.59 2.53 -1.81
N GLU C 2 -17.24 3.00 -2.91
CA GLU C 2 -18.24 2.24 -3.66
C GLU C 2 -17.69 1.69 -4.99
N ARG C 3 -18.48 0.85 -5.68
CA ARG C 3 -18.16 0.22 -6.97
C ARG C 3 -19.42 -0.26 -7.67
N ASN C 4 -19.68 0.27 -8.88
CA ASN C 4 -20.84 -0.11 -9.69
C ASN C 4 -20.72 -1.57 -10.10
N ILE C 5 -21.84 -2.31 -10.10
CA ILE C 5 -21.85 -3.73 -10.45
C ILE C 5 -21.56 -3.96 -11.96
N THR C 6 -22.19 -3.15 -12.85
CA THR C 6 -22.01 -3.23 -14.31
C THR C 6 -20.55 -2.89 -14.70
N SER C 7 -19.99 -1.83 -14.09
CA SER C 7 -18.61 -1.39 -14.31
C SER C 7 -17.63 -2.50 -13.90
N GLU C 8 -17.82 -3.13 -12.71
CA GLU C 8 -16.96 -4.21 -12.27
C GLU C 8 -17.06 -5.42 -13.20
N MET C 9 -18.28 -5.76 -13.66
CA MET C 9 -18.48 -6.87 -14.59
C MET C 9 -17.75 -6.61 -15.91
N ARG C 10 -17.97 -5.43 -16.52
CA ARG C 10 -17.35 -5.05 -17.77
C ARG C 10 -15.83 -4.98 -17.67
N GLU C 11 -15.30 -4.30 -16.64
CA GLU C 11 -13.86 -4.14 -16.42
C GLU C 11 -13.13 -5.44 -16.10
N SER C 12 -13.63 -6.23 -15.12
CA SER C 12 -13.02 -7.48 -14.72
C SER C 12 -13.08 -8.54 -15.80
N PHE C 13 -14.23 -8.70 -16.49
CA PHE C 13 -14.35 -9.69 -17.56
C PHE C 13 -13.42 -9.39 -18.72
N LEU C 14 -13.37 -8.12 -19.16
CA LEU C 14 -12.48 -7.72 -20.26
C LEU C 14 -11.00 -8.00 -19.90
N ASP C 15 -10.59 -7.79 -18.64
CA ASP C 15 -9.23 -8.05 -18.16
C ASP C 15 -8.86 -9.52 -18.34
N TYR C 16 -9.74 -10.44 -17.90
CA TYR C 16 -9.55 -11.88 -18.03
C TYR C 16 -9.53 -12.28 -19.50
N ALA C 17 -10.60 -11.93 -20.25
CA ALA C 17 -10.73 -12.25 -21.67
C ALA C 17 -9.52 -11.84 -22.51
N MET C 18 -9.04 -10.59 -22.37
CA MET C 18 -7.89 -10.12 -23.13
C MET C 18 -6.60 -10.86 -22.78
N SER C 19 -6.41 -11.19 -21.48
CA SER C 19 -5.26 -11.95 -20.99
C SER C 19 -5.26 -13.38 -21.52
N VAL C 20 -6.44 -14.05 -21.57
CA VAL C 20 -6.56 -15.42 -22.10
C VAL C 20 -6.19 -15.41 -23.58
N ILE C 21 -6.67 -14.37 -24.31
CA ILE C 21 -6.43 -14.15 -25.72
C ILE C 21 -4.97 -13.86 -26.06
N VAL C 22 -4.37 -12.83 -25.45
CA VAL C 22 -3.00 -12.42 -25.79
C VAL C 22 -1.90 -13.04 -24.92
N ALA C 23 -2.24 -13.74 -23.82
CA ALA C 23 -1.24 -14.33 -22.94
C ALA C 23 -1.70 -15.62 -22.24
N ARG C 24 -2.16 -16.59 -23.04
CA ARG C 24 -2.54 -17.92 -22.55
C ARG C 24 -2.88 -18.92 -23.65
N ALA C 25 -4.08 -18.77 -24.24
CA ALA C 25 -4.72 -19.70 -25.17
C ALA C 25 -4.34 -19.59 -26.63
N LEU C 26 -3.99 -18.40 -27.14
CA LEU C 26 -3.70 -18.26 -28.57
C LEU C 26 -2.20 -18.21 -28.91
N PRO C 27 -1.77 -18.87 -30.02
CA PRO C 27 -0.35 -18.82 -30.40
C PRO C 27 0.02 -17.54 -31.15
N ASP C 28 1.33 -17.22 -31.19
CA ASP C 28 1.80 -16.08 -31.97
C ASP C 28 2.03 -16.54 -33.41
N VAL C 29 1.50 -15.80 -34.41
CA VAL C 29 1.65 -16.13 -35.83
C VAL C 29 3.12 -16.41 -36.25
N ARG C 30 4.10 -15.68 -35.66
CA ARG C 30 5.51 -15.75 -36.01
C ARG C 30 6.22 -17.05 -35.60
N ASP C 31 6.09 -17.46 -34.32
CA ASP C 31 6.74 -18.68 -33.82
C ASP C 31 5.78 -19.86 -33.53
N GLY C 32 4.47 -19.62 -33.62
CA GLY C 32 3.42 -20.61 -33.39
C GLY C 32 3.30 -21.11 -31.97
N LEU C 33 3.76 -20.32 -31.00
CA LEU C 33 3.74 -20.73 -29.60
C LEU C 33 2.82 -19.92 -28.69
N LYS C 34 2.29 -20.60 -27.66
CA LYS C 34 1.53 -19.99 -26.58
C LYS C 34 2.62 -19.60 -25.56
N PRO C 35 2.38 -18.62 -24.64
CA PRO C 35 3.46 -18.25 -23.70
C PRO C 35 4.11 -19.40 -22.92
N VAL C 36 3.32 -20.39 -22.44
CA VAL C 36 3.80 -21.54 -21.66
C VAL C 36 4.85 -22.34 -22.43
N HIS C 37 4.61 -22.64 -23.72
CA HIS C 37 5.50 -23.39 -24.59
C HIS C 37 6.80 -22.63 -24.79
N ARG C 38 6.70 -21.33 -25.15
CA ARG C 38 7.85 -20.44 -25.36
C ARG C 38 8.72 -20.40 -24.10
N ARG C 39 8.08 -20.30 -22.92
CA ARG C 39 8.77 -20.26 -21.64
C ARG C 39 9.49 -21.54 -21.31
N ILE C 40 8.91 -22.69 -21.71
CA ILE C 40 9.52 -24.00 -21.50
C ILE C 40 10.78 -24.10 -22.38
N LEU C 41 10.65 -23.78 -23.68
CA LEU C 41 11.75 -23.82 -24.64
C LEU C 41 12.89 -22.84 -24.30
N TYR C 42 12.55 -21.59 -23.91
CA TYR C 42 13.56 -20.59 -23.52
C TYR C 42 14.29 -21.02 -22.24
N GLY C 43 13.54 -21.59 -21.31
CA GLY C 43 14.07 -22.11 -20.05
C GLY C 43 15.07 -23.23 -20.30
N LEU C 44 14.75 -24.12 -21.29
CA LEU C 44 15.63 -25.23 -21.70
C LEU C 44 16.91 -24.61 -22.27
N ASN C 45 16.74 -23.60 -23.13
CA ASN C 45 17.83 -22.90 -23.78
C ASN C 45 18.77 -22.22 -22.80
N GLU C 46 18.21 -21.45 -21.84
CA GLU C 46 19.00 -20.72 -20.82
C GLU C 46 19.77 -21.65 -19.93
N GLN C 47 19.19 -22.83 -19.63
CA GLN C 47 19.80 -23.85 -18.77
C GLN C 47 20.76 -24.76 -19.52
N GLY C 48 20.92 -24.52 -20.83
CA GLY C 48 21.79 -25.28 -21.72
C GLY C 48 21.39 -26.74 -21.89
N MET C 49 20.08 -27.03 -21.75
CA MET C 49 19.52 -28.39 -21.86
C MET C 49 19.28 -28.71 -23.34
N THR C 50 20.39 -28.73 -24.10
CA THR C 50 20.51 -28.95 -25.55
C THR C 50 20.57 -30.44 -25.92
N PRO C 51 20.40 -30.85 -27.22
CA PRO C 51 20.45 -32.30 -27.55
C PRO C 51 21.76 -33.01 -27.27
N ASP C 52 22.90 -32.29 -27.37
CA ASP C 52 24.25 -32.84 -27.13
C ASP C 52 24.51 -33.21 -25.68
N LYS C 53 23.81 -32.53 -24.73
CA LYS C 53 23.95 -32.73 -23.29
C LYS C 53 22.89 -33.68 -22.74
N SER C 54 23.21 -34.38 -21.64
CA SER C 54 22.35 -35.38 -20.97
C SER C 54 20.94 -34.87 -20.64
N TYR C 55 19.99 -35.81 -20.48
CA TYR C 55 18.60 -35.50 -20.12
C TYR C 55 18.59 -34.91 -18.71
N LYS C 56 17.81 -33.84 -18.49
CA LYS C 56 17.67 -33.21 -17.18
C LYS C 56 16.28 -33.49 -16.62
N LYS C 57 16.17 -33.82 -15.31
CA LYS C 57 14.92 -34.16 -14.61
C LYS C 57 13.83 -33.12 -14.86
N SER C 58 12.62 -33.59 -15.26
CA SER C 58 11.44 -32.77 -15.57
C SER C 58 11.07 -31.77 -14.48
N ALA C 59 11.15 -32.18 -13.19
CA ALA C 59 10.86 -31.32 -12.05
C ALA C 59 11.82 -30.12 -11.95
N ARG C 60 13.06 -30.27 -12.47
CA ARG C 60 14.04 -29.18 -12.46
C ARG C 60 13.70 -28.18 -13.55
N ILE C 61 13.29 -28.65 -14.74
CA ILE C 61 12.89 -27.79 -15.88
C ILE C 61 11.64 -27.00 -15.45
N VAL C 62 10.60 -27.70 -14.93
CA VAL C 62 9.32 -27.14 -14.47
C VAL C 62 9.52 -26.06 -13.41
N GLY C 63 10.33 -26.35 -12.38
CA GLY C 63 10.62 -25.44 -11.28
C GLY C 63 11.33 -24.18 -11.71
N ASP C 64 12.24 -24.31 -12.69
CA ASP C 64 13.01 -23.19 -13.23
C ASP C 64 12.11 -22.25 -14.03
N VAL C 65 11.35 -22.81 -14.99
CA VAL C 65 10.39 -22.13 -15.87
C VAL C 65 9.33 -21.39 -15.02
N MET C 66 8.88 -22.04 -13.95
CA MET C 66 7.90 -21.49 -13.03
C MET C 66 8.45 -20.31 -12.24
N GLY C 67 9.58 -20.52 -11.58
CA GLY C 67 10.22 -19.50 -10.77
C GLY C 67 10.75 -18.30 -11.53
N LYS C 68 11.17 -18.53 -12.78
CA LYS C 68 11.73 -17.46 -13.59
C LYS C 68 10.76 -16.81 -14.60
N TYR C 69 9.79 -17.57 -15.18
CA TYR C 69 8.96 -17.01 -16.25
C TYR C 69 7.43 -17.23 -16.17
N HIS C 70 6.98 -18.43 -15.78
CA HIS C 70 5.56 -18.80 -15.76
C HIS C 70 4.92 -18.82 -14.35
N PRO C 71 4.25 -17.72 -13.92
CA PRO C 71 3.68 -17.68 -12.56
C PRO C 71 2.37 -18.46 -12.39
N HIS C 72 2.40 -19.75 -12.72
CA HIS C 72 1.24 -20.61 -12.64
C HIS C 72 1.58 -21.98 -12.05
N GLY C 73 0.63 -22.94 -12.09
CA GLY C 73 0.81 -24.27 -11.54
C GLY C 73 1.89 -25.09 -12.21
N ASP C 74 2.58 -25.94 -11.42
CA ASP C 74 3.64 -26.82 -11.93
C ASP C 74 3.10 -27.87 -12.89
N SER C 75 1.87 -28.35 -12.65
CA SER C 75 1.16 -29.35 -13.48
C SER C 75 0.90 -28.80 -14.89
N SER C 76 0.39 -27.56 -14.97
CA SER C 76 0.08 -26.89 -16.24
C SER C 76 1.32 -26.72 -17.12
N ILE C 77 2.53 -26.56 -16.49
CA ILE C 77 3.82 -26.43 -17.18
C ILE C 77 4.27 -27.81 -17.63
N TYR C 78 4.30 -28.77 -16.70
CA TYR C 78 4.71 -30.15 -16.98
C TYR C 78 3.89 -30.77 -18.10
N GLU C 79 2.55 -30.63 -18.03
CA GLU C 79 1.62 -31.13 -19.03
C GLU C 79 1.84 -30.51 -20.41
N ALA C 80 2.09 -29.19 -20.48
CA ALA C 80 2.37 -28.47 -21.74
C ALA C 80 3.65 -29.00 -22.37
N MET C 81 4.70 -29.22 -21.53
CA MET C 81 6.01 -29.76 -21.93
C MET C 81 5.86 -31.19 -22.42
N VAL C 82 5.00 -32.01 -21.74
CA VAL C 82 4.77 -33.41 -22.09
C VAL C 82 4.27 -33.55 -23.51
N ARG C 83 3.23 -32.78 -23.87
CA ARG C 83 2.63 -32.74 -25.20
C ARG C 83 3.71 -32.53 -26.27
N MET C 84 4.63 -31.58 -26.03
CA MET C 84 5.73 -31.21 -26.93
C MET C 84 6.71 -32.34 -27.21
N ALA C 85 6.73 -33.36 -26.34
CA ALA C 85 7.61 -34.53 -26.44
C ALA C 85 6.91 -35.73 -27.07
N GLN C 86 5.58 -35.65 -27.30
CA GLN C 86 4.76 -36.74 -27.86
C GLN C 86 4.74 -36.75 -29.39
N ASP C 87 5.28 -37.84 -29.98
CA ASP C 87 5.36 -38.03 -31.43
C ASP C 87 3.98 -38.20 -32.12
N PHE C 88 2.90 -38.36 -31.32
CA PHE C 88 1.53 -38.49 -31.81
C PHE C 88 0.76 -37.18 -31.65
N SER C 89 1.32 -36.21 -30.87
CA SER C 89 0.73 -34.88 -30.65
C SER C 89 1.41 -33.83 -31.54
N TYR C 90 2.75 -33.77 -31.48
CA TYR C 90 3.54 -32.84 -32.27
C TYR C 90 4.10 -33.52 -33.51
N ARG C 91 3.80 -32.94 -34.70
CA ARG C 91 4.23 -33.43 -36.01
C ARG C 91 5.76 -33.42 -36.12
N TYR C 92 6.40 -32.40 -35.48
CA TYR C 92 7.86 -32.23 -35.37
C TYR C 92 8.10 -31.91 -33.89
N PRO C 93 8.23 -32.96 -33.03
CA PRO C 93 8.36 -32.73 -31.57
C PRO C 93 9.43 -31.73 -31.15
N LEU C 94 9.07 -30.85 -30.20
CA LEU C 94 9.94 -29.79 -29.72
C LEU C 94 10.71 -30.14 -28.45
N VAL C 95 10.27 -31.20 -27.73
CA VAL C 95 10.89 -31.69 -26.49
C VAL C 95 11.31 -33.18 -26.68
N ASP C 96 12.51 -33.53 -26.20
CA ASP C 96 13.09 -34.88 -26.25
C ASP C 96 12.89 -35.50 -24.85
N GLY C 97 11.93 -36.41 -24.74
CA GLY C 97 11.59 -37.02 -23.46
C GLY C 97 12.13 -38.40 -23.24
N GLN C 98 12.48 -38.70 -21.96
CA GLN C 98 12.96 -40.01 -21.48
C GLN C 98 12.04 -40.46 -20.36
N GLY C 99 11.43 -41.63 -20.53
CA GLY C 99 10.50 -42.19 -19.56
C GLY C 99 9.06 -42.24 -20.07
N ASN C 100 8.10 -42.48 -19.18
CA ASN C 100 6.70 -42.54 -19.60
C ASN C 100 6.16 -41.14 -19.91
N PHE C 101 5.98 -40.85 -21.20
CA PHE C 101 5.47 -39.57 -21.68
C PHE C 101 4.06 -39.74 -22.25
N GLY C 102 3.42 -40.86 -21.89
CA GLY C 102 2.07 -41.21 -22.33
C GLY C 102 2.03 -41.89 -23.67
N SER C 103 0.83 -42.38 -24.05
CA SER C 103 0.59 -43.07 -25.32
C SER C 103 -0.72 -42.56 -25.95
N MET C 104 -1.08 -43.15 -27.11
CA MET C 104 -2.29 -42.81 -27.87
C MET C 104 -3.59 -43.20 -27.18
N ASP C 105 -3.52 -44.19 -26.26
CA ASP C 105 -4.65 -44.70 -25.50
C ASP C 105 -5.24 -43.71 -24.46
N GLY C 106 -4.67 -42.51 -24.36
CA GLY C 106 -5.12 -41.46 -23.44
C GLY C 106 -4.40 -41.55 -22.13
N ASP C 107 -3.44 -42.51 -22.08
CA ASP C 107 -2.48 -42.85 -21.05
C ASP C 107 -1.63 -41.58 -20.80
N GLY C 108 -1.70 -41.05 -19.57
CA GLY C 108 -0.93 -39.85 -19.24
C GLY C 108 0.54 -40.17 -19.02
N ALA C 109 1.38 -39.13 -18.95
CA ALA C 109 2.79 -39.28 -18.67
C ALA C 109 2.97 -39.58 -17.18
N ALA C 110 4.16 -40.08 -16.80
CA ALA C 110 4.51 -40.32 -15.40
C ALA C 110 4.61 -38.97 -14.68
N ALA C 111 4.55 -38.94 -13.34
CA ALA C 111 4.72 -37.69 -12.57
C ALA C 111 6.11 -37.11 -12.86
N MET C 112 6.25 -35.78 -12.87
CA MET C 112 7.50 -35.09 -13.22
C MET C 112 8.74 -35.53 -12.40
N ARG C 113 8.57 -36.21 -11.24
CA ARG C 113 9.68 -36.71 -10.42
C ARG C 113 10.42 -37.87 -11.15
N PTR C 114 9.66 -38.67 -11.95
CA PTR C 114 10.12 -39.75 -12.85
C PTR C 114 10.26 -38.94 -14.16
O PTR C 114 9.89 -37.78 -14.13
CB PTR C 114 8.93 -40.72 -13.06
CG PTR C 114 8.26 -41.25 -11.83
CD1 PTR C 114 8.83 -42.27 -11.08
CD2 PTR C 114 7.02 -40.72 -11.45
CE1 PTR C 114 8.14 -42.77 -9.96
CE2 PTR C 114 6.33 -41.19 -10.31
CZ PTR C 114 6.89 -42.24 -9.56
OH PTR C 114 6.30 -42.75 -8.42
P PTR C 114 5.04 -43.62 -8.62
O1P PTR C 114 3.83 -42.68 -8.61
O2P PTR C 114 4.85 -44.50 -7.39
O3P PTR C 114 5.12 -44.51 -9.90
N THR C 115 10.70 -39.49 -15.31
CA THR C 115 10.82 -38.69 -16.56
C THR C 115 11.88 -37.56 -16.46
N GLU C 116 12.44 -37.25 -17.63
CA GLU C 116 13.46 -36.24 -17.82
C GLU C 116 13.42 -35.83 -19.27
N ALA C 117 13.87 -34.63 -19.55
CA ALA C 117 13.81 -34.10 -20.89
C ALA C 117 14.96 -33.17 -21.22
N ARG C 118 15.06 -32.81 -22.49
CA ARG C 118 15.99 -31.86 -23.11
C ARG C 118 15.35 -31.39 -24.44
N MET C 119 15.95 -30.44 -25.14
CA MET C 119 15.34 -30.00 -26.39
C MET C 119 15.69 -30.94 -27.56
N THR C 120 14.85 -30.95 -28.62
CA THR C 120 15.09 -31.73 -29.83
C THR C 120 15.98 -30.91 -30.76
N LYS C 121 16.65 -31.56 -31.72
CA LYS C 121 17.52 -30.88 -32.68
C LYS C 121 16.79 -29.82 -33.50
N ILE C 122 15.47 -30.01 -33.75
CA ILE C 122 14.65 -29.06 -34.52
C ILE C 122 14.40 -27.79 -33.69
N THR C 123 14.25 -27.90 -32.35
CA THR C 123 14.02 -26.79 -31.43
C THR C 123 15.18 -25.80 -31.47
N LEU C 124 16.41 -26.28 -31.74
CA LEU C 124 17.57 -25.38 -31.88
C LEU C 124 17.35 -24.40 -33.01
N GLU C 125 16.53 -24.76 -34.01
CA GLU C 125 16.18 -23.88 -35.13
C GLU C 125 15.14 -22.85 -34.70
N LEU C 126 14.36 -23.14 -33.64
CA LEU C 126 13.39 -22.16 -33.13
C LEU C 126 14.14 -21.10 -32.34
N LEU C 127 15.25 -21.50 -31.67
CA LEU C 127 16.08 -20.64 -30.83
C LEU C 127 17.29 -20.06 -31.54
N ARG C 128 17.59 -20.51 -32.78
CA ARG C 128 18.73 -20.08 -33.58
C ARG C 128 18.79 -18.58 -33.73
N ASP C 129 19.93 -17.97 -33.37
CA ASP C 129 20.23 -16.53 -33.46
C ASP C 129 19.47 -15.66 -32.42
N ILE C 130 18.84 -16.26 -31.39
CA ILE C 130 18.08 -15.51 -30.35
C ILE C 130 18.95 -14.43 -29.62
N ASN C 131 20.24 -14.72 -29.43
CA ASN C 131 21.18 -13.85 -28.74
C ASN C 131 21.96 -12.91 -29.68
N LYS C 132 21.40 -12.68 -30.87
CA LYS C 132 21.99 -11.81 -31.89
C LYS C 132 21.05 -10.64 -32.23
N ASP C 133 20.33 -10.12 -31.21
CA ASP C 133 19.37 -9.00 -31.30
C ASP C 133 18.34 -9.20 -32.45
N THR C 134 17.92 -10.46 -32.68
CA THR C 134 16.96 -10.81 -33.74
C THR C 134 15.53 -10.60 -33.27
N ILE C 135 15.28 -10.81 -31.97
CA ILE C 135 13.96 -10.69 -31.34
C ILE C 135 13.98 -9.70 -30.16
N ASP C 136 12.81 -9.20 -29.76
CA ASP C 136 12.70 -8.30 -28.63
C ASP C 136 12.45 -9.04 -27.32
N PHE C 137 13.26 -8.70 -26.31
CA PHE C 137 13.14 -9.25 -24.96
C PHE C 137 12.28 -8.31 -24.12
N ILE C 138 11.60 -8.89 -23.12
CA ILE C 138 10.72 -8.18 -22.19
C ILE C 138 11.02 -8.60 -20.75
N ASP C 139 10.57 -7.81 -19.76
CA ASP C 139 10.75 -8.16 -18.36
C ASP C 139 9.74 -9.23 -17.98
N ASN C 140 10.11 -10.13 -17.05
CA ASN C 140 9.23 -11.19 -16.57
C ASN C 140 8.22 -10.63 -15.56
N TYR C 141 7.31 -11.50 -15.08
CA TYR C 141 6.24 -11.18 -14.14
C TYR C 141 6.68 -10.40 -12.88
N ASP C 142 7.85 -10.75 -12.28
CA ASP C 142 8.36 -10.09 -11.07
C ASP C 142 9.37 -8.97 -11.35
N GLY C 143 9.94 -8.95 -12.57
CA GLY C 143 10.91 -7.95 -12.99
C GLY C 143 12.36 -8.27 -12.67
N ASN C 144 12.63 -9.48 -12.14
CA ASN C 144 13.99 -9.91 -11.80
C ASN C 144 14.65 -10.70 -12.95
N GLU C 145 13.91 -10.90 -14.06
CA GLU C 145 14.41 -11.64 -15.23
C GLU C 145 13.87 -11.10 -16.58
N ARG C 146 14.60 -11.42 -17.67
CA ARG C 146 14.25 -11.05 -19.05
C ARG C 146 13.81 -12.31 -19.82
N GLU C 147 12.82 -12.16 -20.71
CA GLU C 147 12.29 -13.26 -21.52
C GLU C 147 11.94 -12.85 -22.95
N PRO C 148 11.96 -13.78 -23.93
CA PRO C 148 11.64 -13.40 -25.31
C PRO C 148 10.16 -13.15 -25.57
N SER C 149 9.86 -12.12 -26.37
CA SER C 149 8.49 -11.82 -26.77
C SER C 149 8.04 -12.88 -27.79
N VAL C 150 8.98 -13.30 -28.66
CA VAL C 150 8.83 -14.27 -29.74
C VAL C 150 10.20 -14.92 -29.96
N LEU C 151 10.24 -16.16 -30.45
CA LEU C 151 11.52 -16.85 -30.73
C LEU C 151 11.85 -16.63 -32.21
N PRO C 152 13.13 -16.64 -32.65
CA PRO C 152 13.42 -16.43 -34.09
C PRO C 152 12.67 -17.35 -35.08
N ALA C 153 12.33 -18.60 -34.66
CA ALA C 153 11.59 -19.62 -35.43
C ALA C 153 12.06 -19.75 -36.87
N ARG C 154 13.26 -20.32 -37.07
CA ARG C 154 13.88 -20.45 -38.39
C ARG C 154 13.16 -21.47 -39.31
N PHE C 155 12.08 -22.11 -38.83
CA PHE C 155 11.17 -22.98 -39.59
C PHE C 155 9.70 -22.58 -39.30
N PRO C 156 8.75 -22.66 -40.27
CA PRO C 156 7.35 -22.24 -39.97
C PRO C 156 6.59 -23.14 -38.99
N ASN C 157 6.82 -22.93 -37.68
CA ASN C 157 6.27 -23.74 -36.58
C ASN C 157 4.75 -23.70 -36.40
N LEU C 158 4.10 -22.54 -36.62
CA LEU C 158 2.65 -22.44 -36.47
C LEU C 158 1.94 -23.46 -37.37
N LEU C 159 2.34 -23.57 -38.64
CA LEU C 159 1.72 -24.52 -39.56
C LEU C 159 2.29 -25.94 -39.41
N ALA C 160 3.60 -26.08 -39.10
CA ALA C 160 4.27 -27.37 -38.94
C ALA C 160 3.67 -28.24 -37.85
N ASN C 161 3.55 -27.70 -36.62
CA ASN C 161 3.01 -28.42 -35.47
C ASN C 161 1.54 -28.11 -35.16
N GLY C 162 1.03 -27.08 -35.82
CA GLY C 162 -0.35 -26.62 -35.64
C GLY C 162 -0.57 -25.98 -34.29
N ALA C 163 -1.83 -25.71 -33.97
CA ALA C 163 -2.25 -25.11 -32.69
C ALA C 163 -3.67 -25.47 -32.37
N SER C 164 -4.01 -25.49 -31.07
CA SER C 164 -5.34 -25.79 -30.56
C SER C 164 -5.51 -25.11 -29.18
N GLY C 165 -6.36 -24.08 -29.13
CA GLY C 165 -6.59 -23.32 -27.90
C GLY C 165 -7.98 -22.76 -27.76
N ILE C 166 -8.54 -22.80 -26.52
CA ILE C 166 -9.87 -22.25 -26.21
C ILE C 166 -9.67 -20.93 -25.43
N ALA C 167 -9.97 -19.80 -26.07
CA ALA C 167 -9.81 -18.50 -25.44
C ALA C 167 -11.12 -18.06 -24.81
N VAL C 168 -11.48 -16.78 -24.96
CA VAL C 168 -12.74 -16.19 -24.50
C VAL C 168 -13.23 -15.37 -25.70
N GLY C 169 -14.44 -15.64 -26.16
CA GLY C 169 -15.03 -15.00 -27.33
C GLY C 169 -14.54 -15.59 -28.64
N MET C 170 -13.49 -16.45 -28.57
CA MET C 170 -12.88 -17.12 -29.72
C MET C 170 -12.10 -18.36 -29.28
N ALA C 171 -11.63 -19.13 -30.28
CA ALA C 171 -10.81 -20.33 -30.12
C ALA C 171 -9.98 -20.52 -31.38
N THR C 172 -8.95 -21.37 -31.33
CA THR C 172 -8.10 -21.64 -32.50
C THR C 172 -7.96 -23.15 -32.75
N ASN C 173 -7.85 -23.53 -34.02
CA ASN C 173 -7.67 -24.93 -34.40
C ASN C 173 -6.96 -25.01 -35.75
N ILE C 174 -5.62 -25.01 -35.69
CA ILE C 174 -4.74 -25.06 -36.84
C ILE C 174 -4.16 -26.48 -36.95
N PRO C 175 -4.37 -27.19 -38.09
CA PRO C 175 -3.82 -28.56 -38.20
C PRO C 175 -2.31 -28.58 -38.46
N PRO C 176 -1.61 -29.69 -38.14
CA PRO C 176 -0.17 -29.76 -38.44
C PRO C 176 0.08 -29.95 -39.94
N HIS C 177 1.30 -29.58 -40.43
CA HIS C 177 1.68 -29.70 -41.83
C HIS C 177 3.09 -30.29 -42.03
N ASN C 178 3.36 -30.73 -43.28
CA ASN C 178 4.65 -31.29 -43.70
C ASN C 178 5.63 -30.14 -43.91
N LEU C 179 6.78 -30.21 -43.24
CA LEU C 179 7.83 -29.20 -43.27
C LEU C 179 8.40 -28.98 -44.67
N THR C 180 8.63 -30.07 -45.43
CA THR C 180 9.15 -29.97 -46.81
C THR C 180 8.15 -29.18 -47.67
N GLU C 181 6.85 -29.50 -47.53
CA GLU C 181 5.75 -28.84 -48.22
C GLU C 181 5.62 -27.36 -47.86
N LEU C 182 5.67 -27.03 -46.56
CA LEU C 182 5.57 -25.66 -46.04
C LEU C 182 6.71 -24.79 -46.54
N ILE C 183 7.96 -25.23 -46.29
CA ILE C 183 9.16 -24.49 -46.70
C ILE C 183 9.10 -24.20 -48.20
N ASN C 184 8.68 -25.20 -49.01
CA ASN C 184 8.53 -25.03 -50.45
C ASN C 184 7.51 -23.96 -50.80
N GLY C 185 6.43 -23.92 -50.05
CA GLY C 185 5.39 -22.90 -50.18
C GLY C 185 5.91 -21.53 -49.84
N VAL C 186 6.74 -21.44 -48.76
CA VAL C 186 7.38 -20.21 -48.29
C VAL C 186 8.33 -19.67 -49.39
N LEU C 187 9.14 -20.58 -49.99
CA LEU C 187 10.08 -20.26 -51.06
C LEU C 187 9.33 -19.78 -52.30
N SER C 188 8.18 -20.40 -52.62
CA SER C 188 7.33 -20.02 -53.76
C SER C 188 6.69 -18.64 -53.55
N LEU C 189 6.34 -18.30 -52.30
CA LEU C 189 5.76 -17.00 -51.91
C LEU C 189 6.78 -15.85 -52.00
N SER C 190 8.03 -16.10 -51.53
CA SER C 190 9.11 -15.12 -51.56
C SER C 190 9.46 -14.70 -52.98
N LYS C 191 9.37 -15.65 -53.93
CA LYS C 191 9.64 -15.46 -55.36
C LYS C 191 8.43 -14.83 -56.08
N ASN C 192 7.20 -15.11 -55.60
CA ASN C 192 5.96 -14.58 -56.18
C ASN C 192 5.00 -14.03 -55.10
N PRO C 193 5.07 -12.71 -54.79
CA PRO C 193 4.18 -12.15 -53.75
C PRO C 193 2.68 -12.23 -54.04
N ASP C 194 2.28 -12.29 -55.33
CA ASP C 194 0.88 -12.36 -55.74
C ASP C 194 0.40 -13.81 -56.00
N ILE C 195 1.07 -14.79 -55.34
CA ILE C 195 0.76 -16.21 -55.43
C ILE C 195 -0.65 -16.50 -54.89
N SER C 196 -1.45 -17.27 -55.65
CA SER C 196 -2.81 -17.62 -55.23
C SER C 196 -2.74 -18.79 -54.23
N ILE C 197 -3.80 -18.97 -53.40
CA ILE C 197 -3.90 -20.08 -52.45
C ILE C 197 -3.88 -21.39 -53.24
N ALA C 198 -4.56 -21.40 -54.42
CA ALA C 198 -4.57 -22.52 -55.36
C ALA C 198 -3.13 -22.88 -55.74
N GLU C 199 -2.32 -21.89 -56.16
CA GLU C 199 -0.91 -22.06 -56.55
C GLU C 199 -0.07 -22.59 -55.37
N LEU C 200 -0.28 -22.03 -54.15
CA LEU C 200 0.41 -22.46 -52.93
C LEU C 200 0.13 -23.93 -52.62
N MET C 201 -1.11 -24.39 -52.91
CA MET C 201 -1.56 -25.75 -52.67
C MET C 201 -0.86 -26.81 -53.55
N GLU C 202 -0.02 -26.36 -54.51
CA GLU C 202 0.79 -27.25 -55.36
C GLU C 202 1.97 -27.71 -54.53
N ASP C 203 2.36 -26.91 -53.52
CA ASP C 203 3.41 -27.19 -52.56
C ASP C 203 2.77 -27.74 -51.28
N ILE C 204 1.88 -26.95 -50.64
CA ILE C 204 1.16 -27.34 -49.41
C ILE C 204 -0.16 -28.05 -49.79
N GLU C 205 -0.09 -29.39 -49.91
CA GLU C 205 -1.21 -30.24 -50.30
C GLU C 205 -2.35 -30.25 -49.30
N GLY C 206 -2.04 -30.02 -48.03
CA GLY C 206 -3.00 -30.01 -46.95
C GLY C 206 -2.37 -30.38 -45.61
N PRO C 207 -3.17 -30.63 -44.57
CA PRO C 207 -2.58 -31.00 -43.28
C PRO C 207 -1.89 -32.36 -43.34
N ASP C 208 -0.81 -32.50 -42.57
CA ASP C 208 -0.05 -33.73 -42.45
C ASP C 208 -0.02 -34.04 -40.98
N PHE C 209 -0.79 -35.04 -40.54
CA PHE C 209 -0.89 -35.38 -39.12
C PHE C 209 0.23 -36.31 -38.65
N PRO C 210 0.71 -36.17 -37.38
CA PRO C 210 1.73 -37.11 -36.89
C PRO C 210 1.21 -38.55 -36.79
N THR C 211 -0.12 -38.69 -36.62
CA THR C 211 -0.89 -39.92 -36.49
C THR C 211 -1.21 -40.56 -37.87
N ALA C 212 -0.73 -39.90 -38.95
CA ALA C 212 -0.91 -40.26 -40.36
C ALA C 212 -2.40 -40.33 -40.73
N GLY C 213 -2.84 -41.48 -41.23
CA GLY C 213 -4.22 -41.70 -41.64
C GLY C 213 -4.54 -41.15 -43.01
N LEU C 214 -5.82 -40.82 -43.22
CA LEU C 214 -6.36 -40.33 -44.50
C LEU C 214 -7.23 -39.09 -44.35
N ILE C 215 -7.21 -38.22 -45.39
CA ILE C 215 -8.05 -37.03 -45.52
C ILE C 215 -8.99 -37.28 -46.71
N LEU C 216 -10.29 -37.03 -46.52
CA LEU C 216 -11.29 -37.24 -47.56
C LEU C 216 -11.58 -35.97 -48.40
N GLY C 217 -10.99 -35.93 -49.60
CA GLY C 217 -11.12 -34.83 -50.56
C GLY C 217 -10.30 -33.59 -50.26
N LYS C 218 -10.05 -32.79 -51.31
CA LYS C 218 -9.31 -31.52 -51.22
C LYS C 218 -10.27 -30.35 -50.93
N SER C 219 -11.60 -30.60 -51.03
CA SER C 219 -12.67 -29.63 -50.80
C SER C 219 -12.59 -28.96 -49.42
N GLY C 220 -12.53 -29.77 -48.37
CA GLY C 220 -12.46 -29.32 -46.98
C GLY C 220 -11.25 -28.45 -46.72
N ILE C 221 -10.08 -28.90 -47.24
CA ILE C 221 -8.76 -28.25 -47.17
C ILE C 221 -8.80 -26.87 -47.85
N ARG C 222 -9.30 -26.82 -49.10
N ARG C 222 -9.28 -26.80 -49.13
CA ARG C 222 -9.42 -25.64 -49.95
CA ARG C 222 -9.38 -25.59 -49.95
C ARG C 222 -10.13 -24.48 -49.23
C ARG C 222 -10.14 -24.46 -49.24
N ARG C 223 -11.29 -24.78 -48.59
CA ARG C 223 -12.12 -23.81 -47.85
C ARG C 223 -11.34 -23.30 -46.63
N ALA C 224 -10.70 -24.21 -45.87
CA ALA C 224 -9.90 -23.87 -44.70
C ALA C 224 -8.71 -22.98 -45.07
N TYR C 225 -8.13 -23.14 -46.25
CA TYR C 225 -6.99 -22.34 -46.70
C TYR C 225 -7.38 -20.97 -47.23
N GLU C 226 -8.52 -20.87 -47.91
CA GLU C 226 -9.01 -19.63 -48.47
C GLU C 226 -9.61 -18.69 -47.42
N THR C 227 -10.33 -19.25 -46.42
CA THR C 227 -11.03 -18.46 -45.41
C THR C 227 -10.46 -18.57 -44.00
N GLY C 228 -9.62 -19.58 -43.76
CA GLY C 228 -9.04 -19.85 -42.44
C GLY C 228 -9.98 -20.68 -41.60
N ARG C 229 -11.08 -21.11 -42.21
CA ARG C 229 -12.17 -21.87 -41.60
C ARG C 229 -12.67 -22.94 -42.56
N GLY C 230 -12.84 -24.16 -42.06
CA GLY C 230 -13.30 -25.31 -42.83
C GLY C 230 -13.29 -26.60 -42.04
N SER C 231 -14.04 -27.60 -42.51
CA SER C 231 -14.08 -28.91 -41.87
C SER C 231 -13.37 -29.93 -42.74
N ILE C 232 -12.33 -30.59 -42.17
CA ILE C 232 -11.51 -31.60 -42.85
C ILE C 232 -11.83 -33.01 -42.28
N GLN C 233 -12.42 -33.89 -43.11
CA GLN C 233 -12.81 -35.26 -42.73
C GLN C 233 -11.63 -36.23 -42.66
N MET C 234 -11.18 -36.55 -41.42
CA MET C 234 -10.06 -37.47 -41.15
C MET C 234 -10.64 -38.86 -40.99
N ARG C 235 -10.07 -39.83 -41.70
CA ARG C 235 -10.52 -41.22 -41.66
C ARG C 235 -9.34 -42.14 -41.33
N SER C 236 -9.62 -43.16 -40.51
CA SER C 236 -8.67 -44.19 -40.12
C SER C 236 -8.26 -45.04 -41.32
N ARG C 237 -7.04 -45.59 -41.29
CA ARG C 237 -6.58 -46.52 -42.32
C ARG C 237 -7.06 -47.89 -41.89
N ALA C 238 -8.04 -48.43 -42.64
CA ALA C 238 -8.63 -49.73 -42.35
C ALA C 238 -8.66 -50.59 -43.59
N VAL C 239 -8.28 -51.86 -43.43
CA VAL C 239 -8.27 -52.84 -44.52
C VAL C 239 -9.13 -54.05 -44.20
N ILE C 240 -9.83 -54.58 -45.22
CA ILE C 240 -10.65 -55.77 -45.10
C ILE C 240 -9.88 -56.95 -45.65
N GLU C 241 -9.51 -57.88 -44.77
CA GLU C 241 -8.77 -59.06 -45.20
C GLU C 241 -9.78 -60.16 -45.51
N GLU C 242 -9.77 -60.67 -46.76
CA GLU C 242 -10.64 -61.78 -47.14
C GLU C 242 -9.97 -63.03 -46.61
N ARG C 243 -10.68 -63.76 -45.77
CA ARG C 243 -10.14 -64.95 -45.14
C ARG C 243 -10.86 -66.22 -45.59
N GLY C 244 -10.30 -67.36 -45.23
CA GLY C 244 -10.85 -68.66 -45.57
C GLY C 244 -12.28 -68.83 -45.10
N GLY C 245 -13.03 -69.59 -45.89
CA GLY C 245 -14.43 -69.92 -45.64
C GLY C 245 -15.37 -68.73 -45.72
N GLY C 246 -15.11 -67.83 -46.67
CA GLY C 246 -15.91 -66.62 -46.88
C GLY C 246 -15.65 -65.50 -45.91
N ARG C 247 -15.35 -65.86 -44.62
CA ARG C 247 -15.07 -65.01 -43.46
C ARG C 247 -14.19 -63.78 -43.75
N GLN C 248 -14.47 -62.68 -43.04
CA GLN C 248 -13.75 -61.41 -43.17
C GLN C 248 -13.41 -60.84 -41.80
N ARG C 249 -12.54 -59.82 -41.81
CA ARG C 249 -12.13 -59.02 -40.66
C ARG C 249 -11.56 -57.69 -41.14
N ILE C 250 -11.67 -56.67 -40.28
CA ILE C 250 -11.17 -55.33 -40.53
C ILE C 250 -9.98 -55.08 -39.62
N VAL C 251 -8.91 -54.50 -40.19
CA VAL C 251 -7.69 -54.16 -39.46
C VAL C 251 -7.47 -52.63 -39.54
N VAL C 252 -7.45 -51.95 -38.38
CA VAL C 252 -7.22 -50.50 -38.30
C VAL C 252 -5.73 -50.27 -37.95
N THR C 253 -4.96 -49.70 -38.88
CA THR C 253 -3.52 -49.47 -38.69
C THR C 253 -3.17 -48.03 -38.31
N GLU C 254 -3.97 -47.06 -38.78
CA GLU C 254 -3.79 -45.63 -38.50
C GLU C 254 -5.11 -45.06 -38.04
N ILE C 255 -5.13 -44.26 -36.96
CA ILE C 255 -6.38 -43.64 -36.43
C ILE C 255 -6.34 -42.11 -36.60
N PRO C 256 -7.48 -41.37 -36.55
CA PRO C 256 -7.41 -39.91 -36.74
C PRO C 256 -6.62 -39.16 -35.67
N PHE C 257 -6.14 -37.97 -36.05
CA PHE C 257 -5.40 -37.07 -35.18
C PHE C 257 -6.25 -36.61 -33.99
N GLN C 258 -5.64 -36.58 -32.79
CA GLN C 258 -6.22 -36.19 -31.50
C GLN C 258 -7.29 -37.17 -30.99
N VAL C 259 -7.59 -38.26 -31.74
CA VAL C 259 -8.57 -39.29 -31.35
C VAL C 259 -7.94 -40.25 -30.34
N ASN C 260 -8.65 -40.51 -29.22
CA ASN C 260 -8.19 -41.43 -28.18
C ASN C 260 -8.52 -42.86 -28.61
N LYS C 261 -7.46 -43.70 -28.80
CA LYS C 261 -7.56 -45.10 -29.26
C LYS C 261 -8.46 -45.96 -28.37
N ALA C 262 -8.19 -45.96 -27.04
CA ALA C 262 -8.97 -46.73 -26.06
C ALA C 262 -10.44 -46.32 -26.03
N ARG C 263 -10.70 -44.99 -26.08
CA ARG C 263 -12.03 -44.39 -26.10
C ARG C 263 -12.77 -44.79 -27.38
N MET C 264 -12.06 -44.81 -28.53
CA MET C 264 -12.60 -45.19 -29.84
C MET C 264 -13.05 -46.64 -29.78
N ILE C 265 -12.20 -47.52 -29.21
CA ILE C 265 -12.47 -48.96 -29.04
C ILE C 265 -13.70 -49.16 -28.12
N GLU C 266 -13.75 -48.43 -26.99
CA GLU C 266 -14.86 -48.42 -26.00
C GLU C 266 -16.17 -48.04 -26.69
N LYS C 267 -16.14 -47.06 -27.63
CA LYS C 267 -17.30 -46.61 -28.40
C LYS C 267 -17.81 -47.70 -29.34
N ILE C 268 -16.89 -48.47 -29.97
CA ILE C 268 -17.23 -49.58 -30.85
C ILE C 268 -17.84 -50.71 -29.99
N ALA C 269 -17.14 -51.06 -28.89
CA ALA C 269 -17.55 -52.08 -27.93
C ALA C 269 -18.93 -51.80 -27.32
N GLU C 270 -19.28 -50.52 -27.04
CA GLU C 270 -20.60 -50.19 -26.47
C GLU C 270 -21.71 -50.33 -27.52
N LEU C 271 -21.45 -50.00 -28.82
CA LEU C 271 -22.46 -50.15 -29.89
C LEU C 271 -22.83 -51.62 -30.08
N VAL C 272 -21.82 -52.53 -30.01
CA VAL C 272 -22.00 -53.98 -30.13
C VAL C 272 -22.87 -54.50 -28.96
N ARG C 273 -22.52 -54.08 -27.71
CA ARG C 273 -23.22 -54.42 -26.48
C ARG C 273 -24.67 -53.96 -26.56
N ASP C 274 -24.88 -52.70 -26.94
CA ASP C 274 -26.19 -52.05 -27.05
C ASP C 274 -26.98 -52.45 -28.30
N LYS C 275 -26.40 -53.32 -29.19
CA LYS C 275 -26.98 -53.82 -30.44
C LYS C 275 -27.31 -52.69 -31.46
N LYS C 276 -26.59 -51.56 -31.35
CA LYS C 276 -26.70 -50.40 -32.24
C LYS C 276 -25.93 -50.60 -33.58
N ILE C 277 -25.06 -51.64 -33.64
CA ILE C 277 -24.29 -52.06 -34.82
C ILE C 277 -24.42 -53.60 -34.95
N ASP C 278 -24.64 -54.13 -36.17
CA ASP C 278 -24.77 -55.58 -36.36
C ASP C 278 -23.66 -56.19 -37.23
N GLY C 279 -23.05 -57.29 -36.75
CA GLY C 279 -22.06 -58.02 -37.53
C GLY C 279 -20.70 -58.29 -36.92
N ILE C 280 -20.38 -57.64 -35.78
CA ILE C 280 -19.09 -57.79 -35.11
C ILE C 280 -19.11 -58.94 -34.10
N THR C 281 -18.26 -59.95 -34.33
CA THR C 281 -18.10 -61.13 -33.48
C THR C 281 -17.09 -60.86 -32.37
N ASP C 282 -15.93 -60.27 -32.72
CA ASP C 282 -14.88 -59.93 -31.78
C ASP C 282 -14.17 -58.63 -32.14
N LEU C 283 -13.65 -57.91 -31.13
CA LEU C 283 -12.90 -56.66 -31.25
C LEU C 283 -11.65 -56.75 -30.38
N ARG C 284 -10.48 -56.45 -30.97
CA ARG C 284 -9.20 -56.59 -30.26
C ARG C 284 -8.22 -55.45 -30.51
N ASP C 285 -7.40 -55.12 -29.48
CA ASP C 285 -6.34 -54.11 -29.62
C ASP C 285 -5.01 -54.87 -29.65
N GLU C 286 -4.59 -55.25 -30.86
CA GLU C 286 -3.37 -56.01 -31.13
C GLU C 286 -2.12 -55.09 -31.23
N THR C 287 -2.27 -53.80 -30.87
CA THR C 287 -1.22 -52.78 -30.90
C THR C 287 -0.02 -53.17 -30.05
N SER C 288 1.16 -53.24 -30.68
CA SER C 288 2.43 -53.53 -30.02
C SER C 288 3.47 -52.56 -30.57
N LEU C 289 4.62 -52.41 -29.87
CA LEU C 289 5.71 -51.52 -30.29
C LEU C 289 6.25 -51.92 -31.68
N ARG C 290 6.31 -53.25 -31.94
CA ARG C 290 6.77 -53.88 -33.17
C ARG C 290 5.90 -53.58 -34.40
N THR C 291 4.57 -53.45 -34.19
CA THR C 291 3.59 -53.27 -35.27
C THR C 291 2.98 -51.89 -35.39
N GLY C 292 2.89 -51.18 -34.29
CA GLY C 292 2.19 -49.91 -34.20
C GLY C 292 0.73 -50.19 -33.93
N VAL C 293 -0.16 -49.25 -34.33
CA VAL C 293 -1.61 -49.38 -34.12
C VAL C 293 -2.19 -50.55 -34.95
N ARG C 294 -2.87 -51.49 -34.28
CA ARG C 294 -3.51 -52.64 -34.90
C ARG C 294 -4.79 -52.99 -34.14
N VAL C 295 -5.93 -52.46 -34.61
CA VAL C 295 -7.23 -52.72 -33.99
C VAL C 295 -7.98 -53.67 -34.95
N VAL C 296 -8.18 -54.94 -34.54
CA VAL C 296 -8.83 -55.96 -35.40
C VAL C 296 -10.29 -56.17 -35.03
N ILE C 297 -11.20 -56.02 -36.00
CA ILE C 297 -12.65 -56.17 -35.86
C ILE C 297 -13.06 -57.39 -36.67
N ASP C 298 -13.48 -58.47 -35.99
CA ASP C 298 -13.93 -59.68 -36.68
C ASP C 298 -15.38 -59.54 -37.12
N VAL C 299 -15.66 -59.96 -38.38
CA VAL C 299 -16.98 -59.90 -39.00
C VAL C 299 -17.63 -61.30 -39.07
N ARG C 300 -18.95 -61.37 -38.81
CA ARG C 300 -19.76 -62.58 -38.89
C ARG C 300 -19.80 -63.10 -40.35
N LYS C 301 -20.02 -64.43 -40.54
CA LYS C 301 -20.01 -65.11 -41.84
C LYS C 301 -21.05 -64.57 -42.84
N ASP C 302 -22.32 -64.45 -42.40
CA ASP C 302 -23.44 -63.97 -43.22
C ASP C 302 -23.45 -62.42 -43.39
N ALA C 303 -22.46 -61.71 -42.82
CA ALA C 303 -22.37 -60.25 -42.86
C ALA C 303 -21.36 -59.70 -43.89
N ASN C 304 -21.57 -58.42 -44.34
CA ASN C 304 -20.72 -57.70 -45.30
C ASN C 304 -19.85 -56.70 -44.53
N ALA C 305 -18.53 -56.91 -44.59
CA ALA C 305 -17.53 -56.09 -43.89
C ALA C 305 -17.47 -54.66 -44.38
N SER C 306 -17.73 -54.42 -45.69
CA SER C 306 -17.74 -53.09 -46.31
C SER C 306 -18.86 -52.23 -45.74
N VAL C 307 -20.01 -52.89 -45.43
CA VAL C 307 -21.19 -52.26 -44.83
C VAL C 307 -20.87 -51.85 -43.39
N ILE C 308 -20.35 -52.80 -42.58
CA ILE C 308 -19.98 -52.62 -41.17
C ILE C 308 -18.96 -51.49 -41.00
N LEU C 309 -17.88 -51.52 -41.82
CA LEU C 309 -16.79 -50.53 -41.80
C LEU C 309 -17.29 -49.12 -42.05
N ASN C 310 -18.15 -48.94 -43.07
CA ASN C 310 -18.73 -47.63 -43.42
C ASN C 310 -19.65 -47.12 -42.31
N ASN C 311 -20.35 -48.03 -41.63
CA ASN C 311 -21.22 -47.69 -40.49
C ASN C 311 -20.37 -47.33 -39.27
N LEU C 312 -19.18 -47.93 -39.16
CA LEU C 312 -18.22 -47.62 -38.08
C LEU C 312 -17.66 -46.20 -38.25
N TYR C 313 -17.41 -45.78 -39.51
CA TYR C 313 -16.91 -44.43 -39.82
C TYR C 313 -17.93 -43.38 -39.37
N LYS C 314 -19.22 -43.64 -39.64
CA LYS C 314 -20.35 -42.78 -39.32
C LYS C 314 -20.67 -42.70 -37.82
N GLN C 315 -20.70 -43.87 -37.13
CA GLN C 315 -21.11 -43.99 -35.73
C GLN C 315 -19.99 -43.92 -34.67
N THR C 316 -18.70 -44.11 -35.05
CA THR C 316 -17.61 -44.06 -34.07
C THR C 316 -16.53 -43.02 -34.47
N PRO C 317 -15.55 -42.69 -33.58
CA PRO C 317 -14.49 -41.76 -33.99
C PRO C 317 -13.42 -42.37 -34.90
N LEU C 318 -13.77 -43.45 -35.64
CA LEU C 318 -12.90 -44.10 -36.62
C LEU C 318 -12.76 -43.13 -37.81
N GLN C 319 -13.75 -42.22 -37.96
CA GLN C 319 -13.76 -41.09 -38.88
C GLN C 319 -14.17 -39.89 -38.02
N THR C 320 -13.35 -38.83 -38.02
CA THR C 320 -13.59 -37.63 -37.21
C THR C 320 -13.26 -36.39 -38.04
N SER C 321 -14.04 -35.31 -37.87
CA SER C 321 -13.79 -34.07 -38.57
C SER C 321 -12.80 -33.19 -37.80
N PHE C 322 -12.04 -32.36 -38.55
CA PHE C 322 -11.12 -31.39 -37.99
C PHE C 322 -11.65 -30.02 -38.37
N GLY C 323 -12.19 -29.32 -37.37
CA GLY C 323 -12.79 -27.99 -37.55
C GLY C 323 -11.77 -26.89 -37.47
N VAL C 324 -11.14 -26.59 -38.63
CA VAL C 324 -10.11 -25.56 -38.83
C VAL C 324 -10.69 -24.18 -38.52
N ASN C 325 -10.00 -23.45 -37.65
CA ASN C 325 -10.32 -22.09 -37.23
C ASN C 325 -8.95 -21.43 -36.96
N MET C 326 -8.32 -20.92 -38.04
CA MET C 326 -6.99 -20.37 -38.01
C MET C 326 -6.91 -18.98 -37.39
N ILE C 327 -6.89 -18.94 -36.05
CA ILE C 327 -6.75 -17.70 -35.29
C ILE C 327 -5.40 -17.67 -34.61
N ALA C 328 -4.61 -16.62 -34.88
CA ALA C 328 -3.28 -16.44 -34.30
C ALA C 328 -3.08 -14.99 -33.87
N LEU C 329 -2.08 -14.74 -33.01
CA LEU C 329 -1.77 -13.38 -32.58
C LEU C 329 -0.89 -12.69 -33.62
N VAL C 330 -1.48 -11.75 -34.37
CA VAL C 330 -0.81 -10.97 -35.41
C VAL C 330 -0.74 -9.52 -34.89
N ASN C 331 0.48 -9.02 -34.60
CA ASN C 331 0.72 -7.69 -34.01
C ASN C 331 0.06 -7.56 -32.62
N GLY C 332 0.19 -8.64 -31.84
CA GLY C 332 -0.33 -8.75 -30.49
C GLY C 332 -1.85 -8.77 -30.35
N ARG C 333 -2.58 -8.89 -31.49
CA ARG C 333 -4.04 -8.93 -31.53
C ARG C 333 -4.54 -10.20 -32.25
N PRO C 334 -5.67 -10.81 -31.81
CA PRO C 334 -6.15 -12.03 -32.50
C PRO C 334 -6.66 -11.74 -33.90
N LYS C 335 -6.46 -12.69 -34.84
CA LYS C 335 -6.88 -12.53 -36.22
C LYS C 335 -7.17 -13.87 -36.87
N LEU C 336 -8.30 -13.97 -37.60
CA LEU C 336 -8.63 -15.17 -38.38
C LEU C 336 -7.87 -14.98 -39.69
N ILE C 337 -6.83 -15.79 -39.87
CA ILE C 337 -5.92 -15.74 -41.01
C ILE C 337 -6.13 -16.91 -41.97
N ASN C 338 -5.90 -16.68 -43.25
CA ASN C 338 -5.98 -17.71 -44.29
C ASN C 338 -4.57 -18.30 -44.44
N LEU C 339 -4.40 -19.35 -45.30
CA LEU C 339 -3.09 -19.98 -45.50
C LEU C 339 -2.01 -18.99 -45.93
N LYS C 340 -2.30 -18.16 -46.96
CA LYS C 340 -1.33 -17.17 -47.46
C LYS C 340 -0.90 -16.19 -46.37
N GLU C 341 -1.87 -15.63 -45.59
CA GLU C 341 -1.57 -14.70 -44.51
C GLU C 341 -0.60 -15.30 -43.49
N ALA C 342 -0.82 -16.58 -43.12
CA ALA C 342 0.04 -17.32 -42.18
C ALA C 342 1.48 -17.37 -42.70
N LEU C 343 1.62 -17.65 -44.01
CA LEU C 343 2.92 -17.75 -44.68
C LEU C 343 3.61 -16.37 -44.85
N VAL C 344 2.82 -15.32 -45.21
CA VAL C 344 3.31 -13.95 -45.41
C VAL C 344 3.87 -13.40 -44.11
N HIS C 345 3.10 -13.53 -43.01
CA HIS C 345 3.50 -13.09 -41.67
C HIS C 345 4.72 -13.82 -41.21
N TYR C 346 4.82 -15.13 -41.51
CA TYR C 346 6.00 -15.92 -41.16
C TYR C 346 7.23 -15.46 -41.95
N LEU C 347 7.07 -15.22 -43.26
CA LEU C 347 8.16 -14.76 -44.14
C LEU C 347 8.70 -13.40 -43.69
N GLU C 348 7.80 -12.50 -43.22
CA GLU C 348 8.16 -11.18 -42.71
C GLU C 348 8.99 -11.27 -41.45
N HIS C 349 8.63 -12.23 -40.57
CA HIS C 349 9.37 -12.50 -39.33
C HIS C 349 10.77 -12.95 -39.68
N GLN C 350 10.90 -13.82 -40.71
CA GLN C 350 12.22 -14.31 -41.15
C GLN C 350 13.05 -13.21 -41.77
N LYS C 351 12.42 -12.33 -42.55
CA LYS C 351 13.08 -11.18 -43.16
C LYS C 351 13.65 -10.28 -42.06
N THR C 352 12.87 -10.03 -40.98
CA THR C 352 13.26 -9.19 -39.84
C THR C 352 14.38 -9.86 -39.03
N VAL C 353 14.20 -11.15 -38.65
CA VAL C 353 15.18 -11.93 -37.89
C VAL C 353 16.56 -11.91 -38.61
N VAL C 354 16.60 -12.22 -39.93
CA VAL C 354 17.83 -12.24 -40.74
C VAL C 354 18.45 -10.83 -40.87
N ARG C 355 17.62 -9.77 -41.07
CA ARG C 355 18.11 -8.38 -41.18
C ARG C 355 18.75 -7.95 -39.85
N ARG C 356 17.98 -8.10 -38.74
CA ARG C 356 18.39 -7.79 -37.36
C ARG C 356 19.69 -8.49 -36.96
N ARG C 357 19.84 -9.78 -37.39
CA ARG C 357 21.03 -10.60 -37.17
C ARG C 357 22.23 -9.98 -37.90
N THR C 358 22.08 -9.71 -39.22
CA THR C 358 23.09 -9.12 -40.10
C THR C 358 23.51 -7.75 -39.57
N GLN C 359 22.54 -6.96 -39.05
CA GLN C 359 22.80 -5.63 -38.46
C GLN C 359 23.65 -5.76 -37.21
N TYR C 360 23.31 -6.75 -36.32
CA TYR C 360 24.02 -7.07 -35.08
C TYR C 360 25.46 -7.48 -35.42
N ASN C 361 25.60 -8.53 -36.28
CA ASN C 361 26.85 -9.11 -36.76
C ASN C 361 27.79 -8.03 -37.30
N LEU C 362 27.23 -7.03 -38.03
CA LEU C 362 27.95 -5.89 -38.59
C LEU C 362 28.51 -4.96 -37.50
N ARG C 363 27.66 -4.55 -36.51
CA ARG C 363 28.07 -3.68 -35.39
C ARG C 363 29.30 -4.28 -34.73
N LYS C 364 29.19 -5.56 -34.32
CA LYS C 364 30.24 -6.36 -33.67
C LYS C 364 31.51 -6.47 -34.53
N ALA C 365 31.34 -6.68 -35.85
CA ALA C 365 32.43 -6.80 -36.84
C ALA C 365 33.19 -5.49 -36.95
N LYS C 366 32.46 -4.38 -37.05
CA LYS C 366 33.00 -3.02 -37.14
C LYS C 366 33.76 -2.69 -35.85
N ASP C 367 33.18 -3.07 -34.70
CA ASP C 367 33.77 -2.88 -33.37
C ASP C 367 35.10 -3.62 -33.26
N ARG C 368 35.11 -4.91 -33.67
CA ARG C 368 36.31 -5.75 -33.63
C ARG C 368 37.39 -5.25 -34.58
N ALA C 369 37.00 -4.88 -35.80
CA ALA C 369 37.88 -4.34 -36.84
C ALA C 369 38.66 -3.16 -36.29
N HIS C 370 37.98 -2.26 -35.55
CA HIS C 370 38.50 -1.06 -34.89
C HIS C 370 39.59 -1.41 -33.87
N ILE C 371 39.30 -2.38 -32.99
CA ILE C 371 40.23 -2.88 -31.97
C ILE C 371 41.47 -3.45 -32.68
N LEU C 372 41.25 -4.28 -33.71
CA LEU C 372 42.32 -4.87 -34.50
C LEU C 372 43.23 -3.79 -35.12
N GLU C 373 42.65 -2.66 -35.56
CA GLU C 373 43.44 -1.53 -36.11
C GLU C 373 44.38 -0.97 -35.04
N GLY C 374 43.85 -0.88 -33.81
CA GLY C 374 44.57 -0.40 -32.63
C GLY C 374 45.73 -1.32 -32.27
N LEU C 375 45.43 -2.63 -32.19
CA LEU C 375 46.43 -3.67 -31.91
C LEU C 375 47.51 -3.71 -33.01
N ARG C 376 47.10 -3.47 -34.27
CA ARG C 376 48.00 -3.39 -35.43
C ARG C 376 48.96 -2.21 -35.30
N ILE C 377 48.47 -1.04 -34.84
CA ILE C 377 49.33 0.14 -34.60
C ILE C 377 50.28 -0.21 -33.45
N ALA C 378 49.74 -0.80 -32.36
CA ALA C 378 50.49 -1.23 -31.17
C ALA C 378 51.67 -2.13 -31.53
N LEU C 379 51.39 -3.22 -32.26
CA LEU C 379 52.40 -4.21 -32.67
C LEU C 379 53.45 -3.61 -33.58
N ASP C 380 53.05 -2.71 -34.49
CA ASP C 380 53.95 -2.03 -35.43
C ASP C 380 54.92 -1.07 -34.76
N HIS C 381 54.59 -0.59 -33.56
CA HIS C 381 55.38 0.37 -32.77
C HIS C 381 55.48 -0.10 -31.32
N ILE C 382 55.66 -1.42 -31.12
CA ILE C 382 55.66 -2.08 -29.83
C ILE C 382 56.69 -1.52 -28.85
N ASP C 383 57.91 -1.24 -29.32
CA ASP C 383 58.96 -0.70 -28.48
C ASP C 383 58.56 0.64 -27.87
N GLU C 384 57.81 1.46 -28.63
CA GLU C 384 57.31 2.75 -28.19
C GLU C 384 56.14 2.61 -27.24
N ILE C 385 55.19 1.69 -27.55
CA ILE C 385 53.97 1.41 -26.75
C ILE C 385 54.38 0.98 -25.35
N ILE C 386 55.38 0.06 -25.27
CA ILE C 386 55.91 -0.47 -24.01
C ILE C 386 56.52 0.65 -23.17
N SER C 387 57.37 1.49 -23.77
CA SER C 387 57.98 2.60 -23.04
C SER C 387 56.91 3.57 -22.53
N THR C 388 55.90 3.93 -23.38
CA THR C 388 54.76 4.81 -23.04
C THR C 388 54.03 4.29 -21.79
N ILE C 389 53.75 2.98 -21.74
CA ILE C 389 53.07 2.34 -20.61
C ILE C 389 53.96 2.41 -19.35
N ARG C 390 55.20 1.93 -19.48
CA ARG C 390 56.20 1.89 -18.40
C ARG C 390 56.46 3.26 -17.75
N GLU C 391 56.49 4.33 -18.57
CA GLU C 391 56.69 5.73 -18.14
C GLU C 391 55.47 6.26 -17.37
N SER C 392 54.27 5.64 -17.56
CA SER C 392 53.02 6.04 -16.91
C SER C 392 52.87 5.52 -15.49
N ASP C 393 52.51 6.43 -14.56
CA ASP C 393 52.33 6.15 -13.13
C ASP C 393 51.05 5.34 -12.88
N THR C 394 49.93 5.70 -13.54
CA THR C 394 48.62 5.04 -13.40
C THR C 394 48.11 4.54 -14.75
N ASP C 395 47.02 3.73 -14.74
CA ASP C 395 46.36 3.24 -15.96
C ASP C 395 45.76 4.41 -16.73
N LYS C 396 45.19 5.41 -16.00
CA LYS C 396 44.60 6.62 -16.56
C LYS C 396 45.61 7.41 -17.41
N VAL C 397 46.86 7.56 -16.91
CA VAL C 397 47.91 8.27 -17.62
C VAL C 397 48.33 7.47 -18.87
N ALA C 398 48.48 6.13 -18.72
CA ALA C 398 48.82 5.23 -19.82
C ALA C 398 47.81 5.35 -20.95
N MET C 399 46.52 5.37 -20.61
CA MET C 399 45.37 5.53 -21.50
C MET C 399 45.45 6.82 -22.29
N GLU C 400 45.70 7.95 -21.60
CA GLU C 400 45.82 9.27 -22.19
C GLU C 400 47.04 9.36 -23.10
N SER C 401 48.23 8.96 -22.59
CA SER C 401 49.49 8.98 -23.32
C SER C 401 49.44 8.17 -24.61
N LEU C 402 48.83 6.97 -24.59
CA LEU C 402 48.68 6.11 -25.78
C LEU C 402 47.78 6.78 -26.84
N GLN C 403 46.65 7.37 -26.40
CA GLN C 403 45.69 8.05 -27.28
C GLN C 403 46.29 9.33 -27.89
N GLN C 404 47.04 10.10 -27.10
CA GLN C 404 47.65 11.36 -27.52
C GLN C 404 48.85 11.14 -28.45
N ARG C 405 49.70 10.14 -28.15
CA ARG C 405 50.90 9.88 -28.95
C ARG C 405 50.62 9.10 -30.22
N PHE C 406 49.86 8.00 -30.13
CA PHE C 406 49.62 7.13 -31.28
C PHE C 406 48.27 7.34 -31.96
N LYS C 407 47.61 8.49 -31.70
CA LYS C 407 46.31 8.87 -32.27
C LYS C 407 45.29 7.72 -32.20
N LEU C 408 45.22 7.05 -31.04
CA LEU C 408 44.32 5.92 -30.78
C LEU C 408 43.05 6.37 -30.06
N SER C 409 41.98 5.53 -30.13
CA SER C 409 40.73 5.81 -29.45
C SER C 409 40.80 5.28 -28.03
N GLU C 410 39.83 5.66 -27.19
CA GLU C 410 39.74 5.21 -25.80
C GLU C 410 39.69 3.69 -25.80
N LYS C 411 38.83 3.11 -26.66
CA LYS C 411 38.64 1.67 -26.82
C LYS C 411 39.92 0.99 -27.30
N GLN C 412 40.63 1.59 -28.29
CA GLN C 412 41.87 1.05 -28.84
C GLN C 412 42.96 1.04 -27.79
N ALA C 413 43.10 2.16 -27.03
CA ALA C 413 44.06 2.27 -25.94
C ALA C 413 43.77 1.21 -24.84
N GLN C 414 42.51 1.08 -24.42
CA GLN C 414 42.10 0.10 -23.40
C GLN C 414 42.39 -1.33 -23.87
N ALA C 415 42.17 -1.63 -25.17
CA ALA C 415 42.40 -2.96 -25.74
C ALA C 415 43.89 -3.31 -25.72
N ILE C 416 44.76 -2.31 -25.99
CA ILE C 416 46.22 -2.44 -25.97
C ILE C 416 46.69 -2.69 -24.55
N LEU C 417 46.13 -1.97 -23.56
CA LEU C 417 46.46 -2.16 -22.15
C LEU C 417 46.01 -3.53 -21.63
N ASP C 418 44.96 -4.12 -22.22
CA ASP C 418 44.42 -5.44 -21.85
C ASP C 418 45.08 -6.57 -22.65
N MET C 419 46.02 -6.22 -23.53
CA MET C 419 46.73 -7.16 -24.38
C MET C 419 47.77 -7.93 -23.56
N ARG C 420 47.69 -9.26 -23.60
CA ARG C 420 48.60 -10.16 -22.88
C ARG C 420 49.92 -10.26 -23.62
N LEU C 421 51.04 -10.45 -22.87
CA LEU C 421 52.39 -10.53 -23.43
C LEU C 421 52.53 -11.62 -24.49
N ARG C 422 51.75 -12.72 -24.38
CA ARG C 422 51.76 -13.83 -25.33
C ARG C 422 51.26 -13.45 -26.73
N ARG C 423 50.62 -12.27 -26.88
CA ARG C 423 50.15 -11.79 -28.19
C ARG C 423 51.32 -11.20 -29.02
N LEU C 424 52.54 -11.12 -28.42
CA LEU C 424 53.79 -10.61 -29.02
C LEU C 424 54.64 -11.74 -29.66
N THR C 425 54.18 -13.00 -29.62
CA THR C 425 54.90 -14.11 -30.26
C THR C 425 54.70 -14.02 -31.77
N GLY C 426 55.58 -14.68 -32.54
CA GLY C 426 55.55 -14.69 -34.00
C GLY C 426 54.18 -14.98 -34.61
N LEU C 427 53.64 -16.17 -34.30
CA LEU C 427 52.35 -16.62 -34.79
C LEU C 427 51.18 -15.75 -34.36
N GLU C 428 51.19 -15.24 -33.11
CA GLU C 428 50.11 -14.41 -32.56
C GLU C 428 49.97 -13.04 -33.22
N ARG C 429 51.09 -12.49 -33.74
CA ARG C 429 51.07 -11.21 -34.44
C ARG C 429 50.46 -11.44 -35.83
N ASP C 430 50.83 -12.56 -36.49
CA ASP C 430 50.35 -12.95 -37.83
C ASP C 430 48.84 -13.22 -37.84
N LYS C 431 48.31 -13.76 -36.72
CA LYS C 431 46.90 -14.08 -36.52
C LYS C 431 46.08 -12.81 -36.57
N ILE C 432 46.58 -11.72 -35.95
CA ILE C 432 45.92 -10.43 -35.90
C ILE C 432 45.71 -9.85 -37.32
N GLU C 433 46.75 -9.91 -38.18
CA GLU C 433 46.66 -9.45 -39.56
C GLU C 433 45.65 -10.28 -40.34
N ALA C 434 45.68 -11.62 -40.16
CA ALA C 434 44.78 -12.55 -40.84
C ALA C 434 43.32 -12.32 -40.44
N GLU C 435 43.08 -11.99 -39.14
CA GLU C 435 41.76 -11.71 -38.58
C GLU C 435 41.21 -10.42 -39.16
N TYR C 436 42.04 -9.36 -39.21
CA TYR C 436 41.63 -8.06 -39.76
C TYR C 436 41.20 -8.17 -41.22
N ASN C 437 42.02 -8.83 -42.06
CA ASN C 437 41.76 -9.02 -43.48
C ASN C 437 40.51 -9.85 -43.76
N GLU C 438 40.30 -10.95 -43.01
CA GLU C 438 39.10 -11.80 -43.14
C GLU C 438 37.88 -11.01 -42.70
N LEU C 439 38.05 -10.16 -41.68
CA LEU C 439 36.99 -9.33 -41.12
C LEU C 439 36.50 -8.25 -42.09
N LEU C 440 37.43 -7.61 -42.84
CA LEU C 440 37.09 -6.60 -43.83
C LEU C 440 36.19 -7.18 -44.92
N ASN C 441 36.46 -8.43 -45.37
N ASN C 441 36.48 -8.43 -45.36
CA ASN C 441 35.69 -9.15 -46.38
CA ASN C 441 35.71 -9.17 -46.37
C ASN C 441 34.30 -9.51 -45.84
C ASN C 441 34.32 -9.54 -45.85
N TYR C 442 34.22 -9.85 -44.53
CA TYR C 442 32.96 -10.19 -43.85
C TYR C 442 32.13 -8.94 -43.71
N ILE C 443 32.77 -7.78 -43.41
CA ILE C 443 32.07 -6.49 -43.29
C ILE C 443 31.45 -6.14 -44.64
N SER C 444 32.21 -6.28 -45.75
CA SER C 444 31.72 -6.03 -47.10
C SER C 444 30.54 -6.97 -47.43
N GLU C 445 30.69 -8.26 -47.12
CA GLU C 445 29.70 -9.33 -47.32
C GLU C 445 28.39 -8.99 -46.62
N LEU C 446 28.46 -8.52 -45.34
CA LEU C 446 27.31 -8.12 -44.52
C LEU C 446 26.66 -6.83 -45.04
N GLU C 447 27.48 -5.83 -45.43
CA GLU C 447 27.04 -4.53 -45.96
C GLU C 447 26.25 -4.70 -47.27
N THR C 448 26.62 -5.72 -48.06
CA THR C 448 26.01 -6.12 -49.33
C THR C 448 24.62 -6.68 -49.05
N ILE C 449 24.45 -7.43 -47.95
CA ILE C 449 23.17 -8.01 -47.55
C ILE C 449 22.19 -6.90 -47.19
N LEU C 450 22.62 -5.93 -46.39
CA LEU C 450 21.76 -4.82 -45.97
C LEU C 450 21.48 -3.81 -47.08
N ALA C 451 22.39 -3.70 -48.07
CA ALA C 451 22.27 -2.79 -49.22
C ALA C 451 21.21 -3.25 -50.23
N ASP C 452 21.07 -4.57 -50.46
CA ASP C 452 20.14 -5.13 -51.44
C ASP C 452 19.11 -6.04 -50.77
N GLU C 453 17.82 -5.67 -50.87
CA GLU C 453 16.72 -6.45 -50.29
C GLU C 453 16.63 -7.85 -50.91
N GLU C 454 17.10 -8.00 -52.18
CA GLU C 454 17.08 -9.27 -52.89
C GLU C 454 18.14 -10.22 -52.39
N VAL C 455 19.35 -9.70 -52.06
CA VAL C 455 20.42 -10.50 -51.47
C VAL C 455 19.94 -11.04 -50.10
N LEU C 456 19.29 -10.16 -49.29
CA LEU C 456 18.75 -10.51 -47.98
C LEU C 456 17.67 -11.58 -48.13
N LEU C 457 16.77 -11.43 -49.13
CA LEU C 457 15.70 -12.37 -49.41
C LEU C 457 16.26 -13.72 -49.85
N GLN C 458 17.35 -13.69 -50.66
CA GLN C 458 18.02 -14.90 -51.12
C GLN C 458 18.69 -15.62 -49.95
N LEU C 459 19.26 -14.87 -48.99
CA LEU C 459 19.86 -15.46 -47.80
C LEU C 459 18.80 -16.22 -46.97
N VAL C 460 17.60 -15.63 -46.81
CA VAL C 460 16.46 -16.23 -46.10
C VAL C 460 16.09 -17.56 -46.78
N ARG C 461 16.01 -17.54 -48.12
CA ARG C 461 15.70 -18.70 -48.97
C ARG C 461 16.73 -19.82 -48.75
N ASP C 462 18.03 -19.46 -48.84
CA ASP C 462 19.16 -20.38 -48.66
C ASP C 462 19.11 -21.07 -47.30
N GLU C 463 18.89 -20.30 -46.22
CA GLU C 463 18.81 -20.81 -44.85
C GLU C 463 17.57 -21.68 -44.64
N LEU C 464 16.44 -21.32 -45.28
CA LEU C 464 15.19 -22.10 -45.21
C LEU C 464 15.34 -23.45 -45.91
N THR C 465 16.08 -23.47 -47.04
CA THR C 465 16.32 -24.68 -47.82
C THR C 465 17.19 -25.65 -47.02
N GLU C 466 18.18 -25.11 -46.28
CA GLU C 466 19.11 -25.86 -45.43
C GLU C 466 18.30 -26.65 -44.37
N ILE C 467 17.31 -25.99 -43.73
CA ILE C 467 16.44 -26.58 -42.73
C ILE C 467 15.55 -27.67 -43.37
N ARG C 468 15.03 -27.39 -44.57
CA ARG C 468 14.19 -28.31 -45.33
C ARG C 468 14.94 -29.61 -45.65
N ASP C 469 16.22 -29.49 -46.06
CA ASP C 469 17.06 -30.64 -46.40
C ASP C 469 17.47 -31.44 -45.18
N ARG C 470 17.58 -30.79 -44.01
CA ARG C 470 17.99 -31.44 -42.77
C ARG C 470 16.84 -32.09 -42.00
N PHE C 471 15.69 -31.39 -41.89
CA PHE C 471 14.56 -31.84 -41.05
C PHE C 471 13.29 -32.26 -41.79
N GLY C 472 13.18 -31.88 -43.07
CA GLY C 472 12.01 -32.23 -43.88
C GLY C 472 11.87 -33.72 -44.05
N ASP C 473 10.63 -34.24 -43.92
CA ASP C 473 10.35 -35.67 -44.02
C ASP C 473 9.20 -35.99 -44.96
N ASP C 474 8.98 -37.30 -45.20
CA ASP C 474 7.89 -37.81 -46.06
C ASP C 474 6.52 -37.47 -45.48
N ARG C 475 5.52 -37.24 -46.37
CA ARG C 475 4.13 -36.98 -46.00
C ARG C 475 3.53 -38.24 -45.35
N ARG C 476 2.90 -38.09 -44.17
CA ARG C 476 2.29 -39.20 -43.43
C ARG C 476 0.80 -39.41 -43.80
N THR C 477 0.00 -38.33 -43.81
CA THR C 477 -1.44 -38.42 -44.10
C THR C 477 -1.69 -38.43 -45.60
N GLU C 478 -2.47 -39.42 -46.10
CA GLU C 478 -2.82 -39.57 -47.51
C GLU C 478 -4.13 -38.83 -47.83
N ILE C 479 -4.04 -37.79 -48.68
CA ILE C 479 -5.21 -37.03 -49.10
C ILE C 479 -5.82 -37.72 -50.33
N GLN C 480 -6.99 -38.35 -50.15
CA GLN C 480 -7.70 -39.08 -51.20
C GLN C 480 -8.52 -38.19 -52.10
N LEU C 481 -8.56 -38.51 -53.43
CA LEU C 481 -9.34 -37.78 -54.42
C LEU C 481 -10.79 -38.27 -54.36
N LEU D 1 -14.54 -29.07 8.87
CA LEU D 1 -13.88 -27.80 8.56
C LEU D 1 -12.52 -27.95 7.79
N PRO D 2 -12.13 -29.11 7.15
CA PRO D 2 -10.82 -29.15 6.46
C PRO D 2 -10.79 -28.44 5.09
N GLY D 3 -11.81 -28.68 4.26
CA GLY D 3 -11.97 -28.06 2.95
C GLY D 3 -13.26 -27.27 2.84
N LYS D 4 -14.14 -27.44 3.85
CA LYS D 4 -15.45 -26.81 4.03
C LYS D 4 -15.29 -25.46 4.75
N LEU D 5 -16.39 -24.87 5.23
CA LEU D 5 -16.32 -23.57 5.91
C LEU D 5 -15.89 -23.65 7.39
N ALA D 6 -15.60 -22.47 7.97
CA ALA D 6 -15.23 -22.20 9.35
C ALA D 6 -16.06 -20.95 9.71
N ASP D 7 -17.02 -21.10 10.65
CA ASP D 7 -17.98 -20.04 10.98
C ASP D 7 -17.58 -19.09 12.12
N CYS D 8 -18.29 -17.94 12.22
CA CYS D 8 -18.12 -16.89 13.23
C CYS D 8 -18.90 -17.24 14.50
N SER D 9 -18.32 -16.96 15.67
CA SER D 9 -18.91 -17.26 16.98
C SER D 9 -20.19 -16.47 17.28
N SER D 10 -20.31 -15.23 16.77
CA SER D 10 -21.48 -14.37 16.97
C SER D 10 -22.72 -14.87 16.22
N LYS D 11 -23.86 -14.89 16.93
CA LYS D 11 -25.15 -15.30 16.38
C LYS D 11 -25.91 -14.13 15.75
N SER D 12 -25.41 -12.88 15.90
CA SER D 12 -26.02 -11.67 15.35
C SER D 12 -25.43 -11.37 13.96
N PRO D 13 -26.27 -11.25 12.90
CA PRO D 13 -25.73 -11.02 11.54
C PRO D 13 -25.15 -9.63 11.26
N GLU D 14 -25.56 -8.60 12.04
CA GLU D 14 -25.07 -7.22 11.89
C GLU D 14 -23.57 -7.10 12.22
N GLU D 15 -23.14 -7.88 13.24
CA GLU D 15 -21.79 -7.96 13.79
C GLU D 15 -20.86 -8.86 12.96
N CYS D 16 -21.39 -10.01 12.45
CA CYS D 16 -20.65 -11.04 11.70
C CYS D 16 -20.59 -10.81 10.18
N GLU D 17 -19.47 -11.25 9.57
CA GLU D 17 -19.19 -11.16 8.13
C GLU D 17 -18.58 -12.44 7.56
N ILE D 18 -18.91 -12.77 6.29
CA ILE D 18 -18.39 -13.96 5.58
C ILE D 18 -17.41 -13.57 4.45
N PHE D 19 -16.24 -14.23 4.40
CA PHE D 19 -15.23 -13.98 3.38
C PHE D 19 -15.06 -15.20 2.48
N LEU D 20 -15.52 -15.08 1.21
CA LEU D 20 -15.43 -16.12 0.18
C LEU D 20 -14.03 -16.01 -0.44
N VAL D 21 -13.02 -16.68 0.15
CA VAL D 21 -11.63 -16.60 -0.32
C VAL D 21 -11.37 -17.50 -1.55
N GLU D 22 -10.30 -17.22 -2.31
CA GLU D 22 -9.96 -17.93 -3.54
C GLU D 22 -8.78 -18.91 -3.41
N GLY D 23 -9.10 -20.21 -3.43
CA GLY D 23 -8.13 -21.30 -3.36
C GLY D 23 -7.94 -21.91 -1.97
N ASP D 24 -7.46 -23.18 -1.92
CA ASP D 24 -7.20 -23.94 -0.69
C ASP D 24 -6.20 -23.22 0.25
N SER D 25 -5.00 -22.90 -0.29
CA SER D 25 -3.92 -22.20 0.41
C SER D 25 -4.34 -20.87 1.01
N ALA D 26 -5.27 -20.15 0.35
CA ALA D 26 -5.79 -18.86 0.83
C ALA D 26 -6.74 -19.12 2.02
N GLY D 27 -7.55 -20.17 1.91
CA GLY D 27 -8.50 -20.59 2.94
C GLY D 27 -7.89 -20.88 4.28
N GLY D 28 -6.77 -21.60 4.28
CA GLY D 28 -6.06 -21.99 5.49
C GLY D 28 -5.52 -20.83 6.32
N SER D 29 -4.76 -19.92 5.66
CA SER D 29 -4.14 -18.72 6.26
C SER D 29 -5.19 -17.71 6.72
N THR D 30 -6.33 -17.59 5.98
CA THR D 30 -7.44 -16.69 6.32
C THR D 30 -8.24 -17.22 7.51
N LYS D 31 -8.30 -18.56 7.69
CA LYS D 31 -8.92 -19.19 8.85
C LYS D 31 -8.06 -18.98 10.11
N SER D 32 -6.74 -18.78 9.90
CA SER D 32 -5.77 -18.55 10.97
C SER D 32 -5.63 -17.06 11.31
N GLY D 33 -5.67 -16.20 10.30
CA GLY D 33 -5.55 -14.75 10.48
C GLY D 33 -6.87 -14.02 10.50
N ARG D 34 -7.80 -14.48 11.35
CA ARG D 34 -9.13 -13.89 11.44
C ARG D 34 -9.58 -13.65 12.90
N ASP D 35 -10.70 -12.90 13.06
CA ASP D 35 -11.33 -12.64 14.35
C ASP D 35 -12.51 -13.62 14.42
N SER D 36 -12.22 -14.87 14.86
CA SER D 36 -13.13 -16.03 14.97
C SER D 36 -14.57 -15.69 15.39
N ARG D 37 -14.74 -14.66 16.23
CA ARG D 37 -16.05 -14.23 16.72
C ARG D 37 -16.89 -13.53 15.66
N THR D 38 -16.27 -12.66 14.84
CA THR D 38 -16.97 -11.87 13.82
C THR D 38 -16.73 -12.32 12.37
N GLN D 39 -15.61 -13.01 12.09
CA GLN D 39 -15.22 -13.38 10.74
C GLN D 39 -15.38 -14.88 10.42
N ALA D 40 -16.01 -15.20 9.25
CA ALA D 40 -16.25 -16.57 8.76
C ALA D 40 -15.70 -16.80 7.35
N ILE D 41 -14.77 -17.78 7.21
CA ILE D 41 -14.07 -18.12 5.95
C ILE D 41 -14.74 -19.27 5.18
N LEU D 42 -15.21 -19.02 3.93
CA LEU D 42 -15.72 -20.07 3.04
C LEU D 42 -14.75 -20.22 1.87
N PRO D 43 -13.81 -21.19 1.92
CA PRO D 43 -12.86 -21.34 0.82
C PRO D 43 -13.52 -21.94 -0.43
N LEU D 44 -13.38 -21.23 -1.57
CA LEU D 44 -13.91 -21.64 -2.86
C LEU D 44 -12.76 -22.23 -3.68
N ARG D 45 -12.95 -23.48 -4.13
CA ARG D 45 -11.94 -24.22 -4.88
C ARG D 45 -12.28 -24.27 -6.37
N GLY D 46 -11.32 -23.89 -7.19
CA GLY D 46 -11.47 -23.86 -8.64
C GLY D 46 -12.36 -22.74 -9.16
N LYS D 47 -12.64 -22.76 -10.47
CA LYS D 47 -13.51 -21.76 -11.11
C LYS D 47 -14.95 -22.06 -10.74
N ILE D 48 -15.72 -21.05 -10.32
CA ILE D 48 -17.10 -21.29 -9.91
C ILE D 48 -18.00 -21.36 -11.16
N LEU D 49 -19.00 -22.27 -11.15
CA LEU D 49 -19.91 -22.55 -12.27
C LEU D 49 -20.59 -21.29 -12.80
N ASN D 50 -20.55 -21.09 -14.13
CA ASN D 50 -21.23 -19.95 -14.76
C ASN D 50 -22.72 -20.29 -14.81
N VAL D 51 -23.51 -19.66 -13.91
CA VAL D 51 -24.95 -19.87 -13.79
C VAL D 51 -25.71 -19.36 -15.02
N GLU D 52 -25.12 -18.37 -15.75
CA GLU D 52 -25.74 -17.80 -16.95
C GLU D 52 -25.74 -18.76 -18.12
N LYS D 53 -24.77 -19.70 -18.15
CA LYS D 53 -24.64 -20.74 -19.17
C LYS D 53 -25.37 -22.06 -18.78
N ALA D 54 -25.55 -22.31 -17.47
CA ALA D 54 -26.16 -23.54 -16.94
C ALA D 54 -27.68 -23.51 -16.75
N ARG D 55 -28.31 -24.71 -16.75
CA ARG D 55 -29.75 -24.91 -16.50
C ARG D 55 -29.90 -25.17 -14.99
N LEU D 56 -31.08 -24.86 -14.41
CA LEU D 56 -31.33 -24.98 -12.96
C LEU D 56 -30.92 -26.31 -12.34
N ASP D 57 -31.22 -27.44 -13.01
CA ASP D 57 -30.87 -28.78 -12.53
C ASP D 57 -29.37 -28.93 -12.24
N ARG D 58 -28.52 -28.32 -13.08
CA ARG D 58 -27.06 -28.33 -12.90
C ARG D 58 -26.62 -27.39 -11.77
N ILE D 59 -27.16 -26.14 -11.73
CA ILE D 59 -26.86 -25.12 -10.71
C ILE D 59 -27.07 -25.66 -9.29
N LEU D 60 -28.24 -26.30 -9.05
CA LEU D 60 -28.62 -26.87 -7.75
C LEU D 60 -27.83 -28.13 -7.41
N ASN D 61 -27.29 -28.81 -8.45
CA ASN D 61 -26.50 -30.03 -8.27
C ASN D 61 -25.02 -29.71 -7.97
N ASN D 62 -24.59 -28.44 -8.17
CA ASN D 62 -23.23 -27.97 -7.90
C ASN D 62 -23.00 -27.80 -6.42
N ASN D 63 -21.90 -28.38 -5.92
CA ASN D 63 -21.55 -28.32 -4.50
C ASN D 63 -20.93 -27.01 -4.09
N GLU D 64 -20.36 -26.26 -5.04
CA GLU D 64 -19.76 -24.97 -4.74
C GLU D 64 -20.87 -23.97 -4.41
N ILE D 65 -21.89 -23.95 -5.27
CA ILE D 65 -23.08 -23.12 -5.20
C ILE D 65 -23.90 -23.50 -3.97
N ARG D 66 -24.08 -24.82 -3.71
CA ARG D 66 -24.81 -25.36 -2.56
C ARG D 66 -24.19 -25.01 -1.20
N GLN D 67 -22.84 -24.88 -1.14
CA GLN D 67 -22.11 -24.50 0.07
C GLN D 67 -22.42 -23.06 0.46
N MET D 68 -22.47 -22.16 -0.55
CA MET D 68 -22.78 -20.73 -0.39
C MET D 68 -24.21 -20.50 0.10
N ILE D 69 -25.21 -21.16 -0.55
CA ILE D 69 -26.63 -21.04 -0.21
C ILE D 69 -26.86 -21.47 1.24
N THR D 70 -26.24 -22.59 1.65
CA THR D 70 -26.34 -23.13 3.00
C THR D 70 -25.68 -22.17 4.02
N ALA D 71 -24.59 -21.48 3.61
CA ALA D 71 -23.87 -20.53 4.46
C ALA D 71 -24.67 -19.25 4.72
N PHE D 72 -25.27 -18.66 3.67
CA PHE D 72 -26.06 -17.43 3.79
C PHE D 72 -27.43 -17.72 4.41
N GLY D 73 -27.99 -18.89 4.08
CA GLY D 73 -29.29 -19.37 4.56
C GLY D 73 -30.45 -18.48 4.16
N THR D 74 -30.34 -17.86 2.98
CA THR D 74 -31.31 -16.92 2.42
C THR D 74 -32.33 -17.53 1.48
N GLY D 75 -31.98 -18.64 0.85
CA GLY D 75 -32.81 -19.27 -0.16
C GLY D 75 -32.50 -18.62 -1.50
N ILE D 76 -32.97 -19.20 -2.60
CA ILE D 76 -32.67 -18.63 -3.92
C ILE D 76 -33.95 -18.37 -4.74
N GLY D 77 -33.81 -17.51 -5.75
CA GLY D 77 -34.87 -17.11 -6.66
C GLY D 77 -36.02 -16.40 -5.97
N GLY D 78 -37.21 -16.94 -6.16
CA GLY D 78 -38.44 -16.40 -5.59
C GLY D 78 -38.58 -16.57 -4.10
N ASP D 79 -37.83 -17.54 -3.51
CA ASP D 79 -37.88 -17.85 -2.07
C ASP D 79 -36.77 -17.17 -1.26
N PHE D 80 -36.06 -16.21 -1.90
CA PHE D 80 -35.01 -15.43 -1.25
C PHE D 80 -35.63 -14.51 -0.20
N ASP D 81 -35.03 -14.47 1.02
CA ASP D 81 -35.48 -13.61 2.12
C ASP D 81 -34.30 -12.80 2.67
N LEU D 82 -34.29 -11.48 2.38
CA LEU D 82 -33.24 -10.54 2.81
C LEU D 82 -33.06 -10.49 4.33
N ALA D 83 -34.19 -10.63 5.07
CA ALA D 83 -34.20 -10.65 6.54
C ALA D 83 -33.63 -11.97 7.07
N LYS D 84 -33.93 -13.09 6.38
CA LYS D 84 -33.42 -14.40 6.77
C LYS D 84 -32.00 -14.60 6.21
N ALA D 85 -31.07 -13.68 6.57
CA ALA D 85 -29.65 -13.70 6.17
C ALA D 85 -28.76 -13.92 7.40
N ARG D 86 -27.68 -14.69 7.23
CA ARG D 86 -26.76 -15.03 8.32
C ARG D 86 -25.65 -14.01 8.55
N TYR D 87 -25.28 -13.26 7.50
CA TYR D 87 -24.21 -12.26 7.51
C TYR D 87 -24.69 -10.96 6.86
N HIS D 88 -24.14 -9.81 7.31
CA HIS D 88 -24.47 -8.50 6.74
C HIS D 88 -23.42 -8.03 5.73
N LYS D 89 -22.26 -8.71 5.71
CA LYS D 89 -21.14 -8.44 4.81
C LYS D 89 -20.68 -9.75 4.17
N ILE D 90 -20.86 -9.86 2.86
CA ILE D 90 -20.43 -11.02 2.06
C ILE D 90 -19.28 -10.48 1.22
N VAL D 91 -18.03 -10.80 1.63
CA VAL D 91 -16.78 -10.32 1.02
C VAL D 91 -16.17 -11.27 -0.01
N ILE D 92 -16.08 -10.85 -1.28
CA ILE D 92 -15.45 -11.62 -2.36
C ILE D 92 -13.95 -11.35 -2.29
N MET D 93 -13.20 -12.35 -1.83
CA MET D 93 -11.75 -12.25 -1.70
C MET D 93 -11.10 -13.16 -2.76
N THR D 94 -10.38 -12.53 -3.68
CA THR D 94 -9.77 -13.20 -4.82
C THR D 94 -8.36 -12.69 -5.10
N ASP D 95 -7.53 -13.50 -5.80
CA ASP D 95 -6.18 -13.14 -6.20
C ASP D 95 -6.19 -11.82 -7.00
N ALA D 96 -5.12 -11.03 -6.88
CA ALA D 96 -5.02 -9.77 -7.61
C ALA D 96 -4.58 -9.98 -9.08
N ASP D 97 -4.99 -11.11 -9.68
CA ASP D 97 -4.69 -11.49 -11.06
C ASP D 97 -5.96 -11.62 -11.92
N VAL D 98 -5.77 -11.88 -13.23
CA VAL D 98 -6.80 -12.02 -14.27
C VAL D 98 -7.83 -13.15 -13.97
N ASP D 99 -7.37 -14.25 -13.33
CA ASP D 99 -8.24 -15.37 -12.95
C ASP D 99 -9.04 -15.01 -11.71
N GLY D 100 -8.45 -14.15 -10.87
CA GLY D 100 -9.10 -13.59 -9.69
C GLY D 100 -10.27 -12.73 -10.09
N ALA D 101 -10.09 -11.95 -11.18
CA ALA D 101 -11.11 -11.12 -11.79
C ALA D 101 -12.20 -12.01 -12.36
N HIS D 102 -11.81 -13.12 -13.01
CA HIS D 102 -12.76 -14.06 -13.60
C HIS D 102 -13.69 -14.64 -12.55
N ILE D 103 -13.14 -15.14 -11.43
CA ILE D 103 -13.89 -15.73 -10.31
C ILE D 103 -14.86 -14.69 -9.75
N ARG D 104 -14.41 -13.44 -9.66
CA ARG D 104 -15.20 -12.32 -9.19
C ARG D 104 -16.42 -12.12 -10.09
N THR D 105 -16.26 -12.25 -11.43
CA THR D 105 -17.37 -12.11 -12.41
C THR D 105 -18.38 -13.25 -12.25
N LEU D 106 -17.88 -14.49 -12.12
CA LEU D 106 -18.70 -15.69 -11.96
C LEU D 106 -19.56 -15.66 -10.68
N LEU D 107 -18.99 -15.14 -9.56
CA LEU D 107 -19.69 -15.02 -8.29
C LEU D 107 -20.79 -13.97 -8.38
N LEU D 108 -20.50 -12.82 -9.02
CA LEU D 108 -21.49 -11.75 -9.22
C LEU D 108 -22.64 -12.19 -10.14
N THR D 109 -22.37 -13.12 -11.09
CA THR D 109 -23.38 -13.67 -12.00
C THR D 109 -24.38 -14.50 -11.21
N PHE D 110 -23.87 -15.33 -10.27
CA PHE D 110 -24.71 -16.14 -9.41
C PHE D 110 -25.55 -15.25 -8.49
N PHE D 111 -24.92 -14.28 -7.82
CA PHE D 111 -25.58 -13.34 -6.93
C PHE D 111 -26.62 -12.50 -7.65
N TYR D 112 -26.34 -12.07 -8.90
CA TYR D 112 -27.30 -11.26 -9.66
C TYR D 112 -28.53 -12.04 -10.11
N ARG D 113 -28.34 -13.30 -10.54
CA ARG D 113 -29.43 -14.12 -11.04
C ARG D 113 -30.20 -14.89 -9.94
N PHE D 114 -29.57 -15.13 -8.76
CA PHE D 114 -30.22 -15.91 -7.71
C PHE D 114 -30.42 -15.18 -6.38
N MET D 115 -29.54 -14.24 -6.03
CA MET D 115 -29.63 -13.50 -4.76
C MET D 115 -29.59 -11.98 -4.96
N ARG D 116 -30.29 -11.49 -6.00
CA ARG D 116 -30.32 -10.07 -6.39
C ARG D 116 -30.55 -9.09 -5.20
N PRO D 117 -31.54 -9.28 -4.28
CA PRO D 117 -31.72 -8.30 -3.19
C PRO D 117 -30.60 -8.29 -2.14
N LEU D 118 -29.61 -9.19 -2.26
CA LEU D 118 -28.45 -9.23 -1.37
C LEU D 118 -27.49 -8.10 -1.81
N ILE D 119 -27.35 -7.92 -3.14
CA ILE D 119 -26.50 -6.87 -3.75
C ILE D 119 -27.18 -5.51 -3.54
N GLU D 120 -28.52 -5.44 -3.74
CA GLU D 120 -29.36 -4.25 -3.58
C GLU D 120 -29.31 -3.67 -2.15
N ALA D 121 -29.25 -4.55 -1.14
CA ALA D 121 -29.15 -4.18 0.28
C ALA D 121 -27.73 -3.76 0.69
N GLY D 122 -26.79 -3.87 -0.26
CA GLY D 122 -25.39 -3.49 -0.07
C GLY D 122 -24.61 -4.43 0.82
N TYR D 123 -24.97 -5.71 0.78
CA TYR D 123 -24.31 -6.74 1.59
C TYR D 123 -23.05 -7.25 0.88
N VAL D 124 -23.06 -7.29 -0.46
CA VAL D 124 -21.96 -7.79 -1.27
C VAL D 124 -20.81 -6.78 -1.36
N TYR D 125 -19.59 -7.22 -0.96
CA TYR D 125 -18.37 -6.43 -0.96
C TYR D 125 -17.22 -7.15 -1.69
N ILE D 126 -16.22 -6.37 -2.14
CA ILE D 126 -15.02 -6.87 -2.82
C ILE D 126 -13.81 -6.44 -2.01
N ALA D 127 -13.07 -7.40 -1.48
CA ALA D 127 -11.84 -7.16 -0.71
C ALA D 127 -10.76 -6.60 -1.63
N GLN D 128 -9.90 -5.71 -1.10
CA GLN D 128 -8.84 -5.12 -1.90
C GLN D 128 -7.44 -5.53 -1.39
N PRO D 129 -6.94 -6.68 -1.87
CA PRO D 129 -5.59 -7.12 -1.45
C PRO D 129 -4.50 -6.37 -2.23
N PRO D 130 -3.22 -6.40 -1.78
CA PRO D 130 -2.16 -5.69 -2.55
C PRO D 130 -1.93 -6.30 -3.93
N THR D 131 -1.92 -5.47 -4.99
CA THR D 131 -1.86 -5.83 -6.42
C THR D 131 -0.64 -6.65 -6.92
N GLY D 132 0.57 -6.28 -6.48
CA GLY D 132 1.85 -6.87 -6.89
C GLY D 132 2.05 -8.36 -7.05
N TYR D 133 1.58 -8.93 -8.22
CA TYR D 133 1.72 -10.29 -8.82
C TYR D 133 1.60 -11.57 -7.92
N LYS D 134 1.90 -11.48 -6.61
CA LYS D 134 1.92 -12.57 -5.63
C LYS D 134 0.61 -13.39 -5.52
N GLY D 135 -0.50 -12.73 -5.27
CA GLY D 135 -1.75 -13.45 -5.08
C GLY D 135 -1.91 -13.93 -3.65
N LEU D 136 -3.14 -14.30 -3.29
CA LEU D 136 -3.55 -14.69 -1.94
C LEU D 136 -2.73 -15.81 -1.29
N GLY D 137 -2.59 -16.95 -1.97
CA GLY D 137 -1.85 -18.12 -1.48
C GLY D 137 -0.45 -17.86 -0.98
N GLU D 138 0.31 -17.04 -1.74
CA GLU D 138 1.70 -16.66 -1.45
C GLU D 138 1.86 -15.74 -0.22
N MET D 139 0.76 -15.22 0.34
CA MET D 139 0.80 -14.33 1.50
C MET D 139 0.80 -15.07 2.84
N ASN D 140 1.53 -14.51 3.84
CA ASN D 140 1.64 -15.03 5.21
C ASN D 140 0.41 -14.68 6.03
N ALA D 141 0.10 -15.51 7.04
CA ALA D 141 -1.06 -15.40 7.93
C ALA D 141 -1.26 -14.00 8.53
N ASP D 142 -0.16 -13.33 8.96
CA ASP D 142 -0.19 -11.99 9.54
C ASP D 142 -0.25 -10.88 8.48
N GLN D 143 0.27 -11.16 7.25
CA GLN D 143 0.20 -10.20 6.13
C GLN D 143 -1.24 -10.17 5.65
N LEU D 144 -1.88 -11.37 5.55
CA LEU D 144 -3.27 -11.58 5.15
C LEU D 144 -4.24 -10.83 6.06
N TRP D 145 -3.94 -10.84 7.37
CA TRP D 145 -4.72 -10.21 8.44
C TRP D 145 -4.67 -8.67 8.39
N GLU D 146 -3.47 -8.09 8.32
CA GLU D 146 -3.29 -6.63 8.26
C GLU D 146 -3.57 -6.02 6.88
N THR D 147 -3.76 -6.87 5.86
CA THR D 147 -4.03 -6.44 4.48
C THR D 147 -5.50 -6.21 4.22
N THR D 148 -6.34 -7.20 4.58
CA THR D 148 -7.76 -7.15 4.27
C THR D 148 -8.66 -7.77 5.37
N MET D 149 -8.07 -8.40 6.40
CA MET D 149 -8.87 -9.02 7.45
C MET D 149 -9.24 -8.04 8.59
N ASN D 150 -8.47 -6.95 8.77
CA ASN D 150 -8.79 -5.91 9.76
C ASN D 150 -9.71 -4.94 9.05
N PRO D 151 -11.02 -4.83 9.37
CA PRO D 151 -11.87 -3.82 8.69
C PRO D 151 -11.42 -2.37 9.00
N GLU D 152 -10.34 -2.25 9.82
CA GLU D 152 -9.61 -1.04 10.20
C GLU D 152 -8.70 -0.64 9.01
N HIS D 153 -7.72 -1.53 8.67
CA HIS D 153 -6.76 -1.36 7.57
C HIS D 153 -7.40 -1.63 6.20
N ARG D 154 -8.29 -2.65 6.13
CA ARG D 154 -9.00 -3.11 4.93
C ARG D 154 -9.86 -2.05 4.25
N ALA D 155 -9.92 -2.14 2.92
CA ALA D 155 -10.71 -1.30 2.03
C ALA D 155 -11.62 -2.20 1.18
N LEU D 156 -12.92 -2.27 1.52
CA LEU D 156 -13.89 -3.09 0.80
C LEU D 156 -14.70 -2.25 -0.16
N LEU D 157 -14.96 -2.79 -1.36
CA LEU D 157 -15.76 -2.10 -2.37
C LEU D 157 -17.19 -2.60 -2.30
N GLN D 158 -18.14 -1.71 -1.91
CA GLN D 158 -19.55 -2.04 -1.82
C GLN D 158 -20.13 -2.14 -3.22
N VAL D 159 -20.64 -3.33 -3.57
CA VAL D 159 -21.22 -3.57 -4.89
C VAL D 159 -22.61 -2.95 -4.93
N LYS D 160 -22.83 -2.04 -5.90
CA LYS D 160 -24.11 -1.34 -6.07
C LYS D 160 -24.71 -1.53 -7.47
N LEU D 161 -26.04 -1.61 -7.54
CA LEU D 161 -26.78 -1.75 -8.79
C LEU D 161 -27.43 -0.39 -9.08
N GLU D 162 -27.13 0.20 -10.25
CA GLU D 162 -27.65 1.53 -10.63
C GLU D 162 -28.68 1.49 -11.77
N ASP D 163 -28.55 0.52 -12.70
CA ASP D 163 -29.45 0.35 -13.84
C ASP D 163 -29.63 -1.15 -14.07
N ALA D 164 -30.77 -1.70 -13.59
CA ALA D 164 -31.12 -3.12 -13.69
C ALA D 164 -31.36 -3.60 -15.12
N ILE D 165 -31.84 -2.72 -16.01
CA ILE D 165 -32.11 -3.05 -17.40
C ILE D 165 -30.78 -3.13 -18.19
N GLU D 166 -29.76 -2.33 -17.78
CA GLU D 166 -28.41 -2.32 -18.36
C GLU D 166 -27.63 -3.53 -17.84
N ALA D 167 -27.73 -3.81 -16.51
CA ALA D 167 -27.08 -4.94 -15.85
C ALA D 167 -27.54 -6.26 -16.45
N ASP D 168 -28.85 -6.41 -16.71
CA ASP D 168 -29.43 -7.60 -17.34
C ASP D 168 -28.78 -7.87 -18.71
N GLN D 169 -28.62 -6.81 -19.54
CA GLN D 169 -28.00 -6.90 -20.86
C GLN D 169 -26.51 -7.24 -20.76
N THR D 170 -25.84 -6.74 -19.69
CA THR D 170 -24.41 -6.92 -19.40
C THR D 170 -24.11 -8.38 -19.01
N PHE D 171 -24.85 -8.96 -18.05
CA PHE D 171 -24.67 -10.34 -17.63
C PHE D 171 -24.95 -11.33 -18.74
N GLU D 172 -26.00 -11.06 -19.55
CA GLU D 172 -26.40 -11.91 -20.68
C GLU D 172 -25.39 -11.86 -21.84
N MET D 173 -24.66 -10.74 -21.99
CA MET D 173 -23.67 -10.59 -23.05
C MET D 173 -22.31 -11.23 -22.69
N LEU D 174 -21.77 -10.86 -21.51
CA LEU D 174 -20.49 -11.32 -20.97
C LEU D 174 -20.49 -12.79 -20.51
N MET D 175 -21.57 -13.21 -19.84
CA MET D 175 -21.66 -14.57 -19.31
C MET D 175 -22.65 -15.51 -20.05
N GLY D 176 -23.37 -15.02 -21.06
CA GLY D 176 -24.35 -15.79 -21.85
C GLY D 176 -23.85 -16.93 -22.71
N ASP D 177 -24.68 -17.43 -23.65
CA ASP D 177 -24.38 -18.61 -24.50
C ASP D 177 -23.87 -18.21 -25.90
N VAL D 178 -24.24 -17.00 -26.33
CA VAL D 178 -23.95 -16.40 -27.64
C VAL D 178 -22.55 -15.81 -27.62
N VAL D 179 -21.63 -16.48 -28.33
CA VAL D 179 -20.22 -16.10 -28.45
C VAL D 179 -20.04 -14.78 -29.23
N GLU D 180 -20.75 -14.64 -30.37
CA GLU D 180 -20.67 -13.50 -31.28
C GLU D 180 -20.83 -12.13 -30.60
N ASN D 181 -21.72 -12.03 -29.59
CA ASN D 181 -21.95 -10.78 -28.85
C ASN D 181 -20.79 -10.47 -27.89
N ARG D 182 -20.16 -11.54 -27.37
CA ARG D 182 -19.00 -11.50 -26.46
C ARG D 182 -17.76 -11.08 -27.27
N ARG D 183 -17.58 -11.71 -28.44
CA ARG D 183 -16.52 -11.51 -29.41
C ARG D 183 -16.58 -10.06 -29.90
N GLN D 184 -17.81 -9.54 -30.11
CA GLN D 184 -18.03 -8.17 -30.54
C GLN D 184 -17.58 -7.23 -29.43
N PHE D 185 -18.00 -7.49 -28.17
CA PHE D 185 -17.66 -6.66 -27.02
C PHE D 185 -16.15 -6.51 -26.86
N ILE D 186 -15.42 -7.64 -26.98
CA ILE D 186 -13.96 -7.69 -26.89
C ILE D 186 -13.39 -6.83 -28.02
N GLU D 187 -13.79 -7.12 -29.29
CA GLU D 187 -13.36 -6.41 -30.52
C GLU D 187 -13.45 -4.89 -30.39
N ASP D 188 -14.55 -4.40 -29.81
CA ASP D 188 -14.86 -2.97 -29.63
C ASP D 188 -14.13 -2.32 -28.46
N ASN D 189 -14.14 -2.97 -27.27
CA ASN D 189 -13.56 -2.44 -26.04
C ASN D 189 -12.06 -2.71 -25.80
N ALA D 190 -11.46 -3.73 -26.47
CA ALA D 190 -10.04 -4.14 -26.39
C ALA D 190 -9.30 -3.77 -25.07
N ASN G 1 0.55 10.15 -26.19
CA ASN G 1 1.24 10.99 -25.21
C ASN G 1 1.87 12.26 -25.84
N GLU G 2 1.33 12.75 -26.98
CA GLU G 2 1.78 13.97 -27.67
C GLU G 2 0.80 15.14 -27.46
N ARG G 3 1.22 16.40 -27.75
CA ARG G 3 0.39 17.60 -27.55
C ARG G 3 0.81 18.83 -28.35
N ASN G 4 -0.09 19.33 -29.23
CA ASN G 4 0.15 20.53 -30.05
C ASN G 4 0.20 21.77 -29.15
N ILE G 5 1.12 22.71 -29.44
CA ILE G 5 1.26 23.94 -28.63
C ILE G 5 0.03 24.88 -28.79
N THR G 6 -0.47 25.08 -30.03
CA THR G 6 -1.63 25.93 -30.33
C THR G 6 -2.90 25.37 -29.65
N SER G 7 -3.11 24.04 -29.75
CA SER G 7 -4.25 23.35 -29.16
C SER G 7 -4.24 23.51 -27.64
N GLU G 8 -3.06 23.33 -27.00
CA GLU G 8 -2.86 23.47 -25.56
C GLU G 8 -3.11 24.91 -25.09
N MET G 9 -2.68 25.91 -25.89
CA MET G 9 -2.92 27.33 -25.59
C MET G 9 -4.41 27.67 -25.69
N ARG G 10 -5.05 27.28 -26.80
CA ARG G 10 -6.47 27.54 -27.03
C ARG G 10 -7.36 26.88 -25.98
N GLU G 11 -7.14 25.57 -25.71
CA GLU G 11 -7.91 24.80 -24.73
C GLU G 11 -7.76 25.29 -23.29
N SER G 12 -6.50 25.44 -22.82
CA SER G 12 -6.21 25.88 -21.45
C SER G 12 -6.65 27.31 -21.18
N PHE G 13 -6.38 28.24 -22.12
CA PHE G 13 -6.78 29.65 -21.93
C PHE G 13 -8.30 29.82 -21.88
N LEU G 14 -9.04 29.16 -22.80
CA LEU G 14 -10.49 29.21 -22.82
C LEU G 14 -11.08 28.68 -21.51
N ASP G 15 -10.48 27.61 -20.94
CA ASP G 15 -10.92 27.03 -19.66
C ASP G 15 -10.84 28.06 -18.51
N TYR G 16 -9.70 28.75 -18.40
CA TYR G 16 -9.49 29.79 -17.39
C TYR G 16 -10.46 30.95 -17.61
N ALA G 17 -10.43 31.55 -18.83
CA ALA G 17 -11.27 32.68 -19.22
C ALA G 17 -12.77 32.46 -18.91
N MET G 18 -13.32 31.32 -19.32
CA MET G 18 -14.74 31.00 -19.07
C MET G 18 -15.06 30.88 -17.59
N SER G 19 -14.13 30.27 -16.81
CA SER G 19 -14.26 30.11 -15.36
C SER G 19 -14.22 31.44 -14.63
N VAL G 20 -13.32 32.36 -15.03
CA VAL G 20 -13.23 33.71 -14.42
C VAL G 20 -14.54 34.46 -14.67
N ILE G 21 -15.07 34.33 -15.89
CA ILE G 21 -16.31 34.95 -16.34
C ILE G 21 -17.55 34.40 -15.60
N VAL G 22 -17.78 33.08 -15.65
CA VAL G 22 -19.00 32.48 -15.08
C VAL G 22 -18.87 31.99 -13.63
N ALA G 23 -17.66 31.96 -13.06
CA ALA G 23 -17.44 31.49 -11.70
C ALA G 23 -16.30 32.17 -10.97
N ARG G 24 -16.31 33.52 -10.93
CA ARG G 24 -15.33 34.31 -10.20
C ARG G 24 -15.63 35.81 -10.15
N ALA G 25 -15.34 36.50 -11.28
CA ALA G 25 -15.35 37.94 -11.42
C ALA G 25 -16.68 38.61 -11.71
N LEU G 26 -17.62 37.94 -12.39
CA LEU G 26 -18.89 38.61 -12.74
C LEU G 26 -20.07 38.21 -11.87
N PRO G 27 -20.95 39.17 -11.51
CA PRO G 27 -22.13 38.82 -10.68
C PRO G 27 -23.27 38.20 -11.49
N ASP G 28 -24.18 37.47 -10.82
CA ASP G 28 -25.38 36.92 -11.48
C ASP G 28 -26.47 38.02 -11.48
N VAL G 29 -27.10 38.28 -12.62
CA VAL G 29 -28.13 39.32 -12.79
C VAL G 29 -29.27 39.22 -11.72
N ARG G 30 -29.64 38.00 -11.32
CA ARG G 30 -30.75 37.71 -10.40
C ARG G 30 -30.51 38.13 -8.95
N ASP G 31 -29.37 37.73 -8.36
CA ASP G 31 -29.05 38.06 -6.97
C ASP G 31 -27.90 39.10 -6.81
N GLY G 32 -27.29 39.49 -7.93
CA GLY G 32 -26.16 40.41 -7.99
C GLY G 32 -24.92 39.99 -7.23
N LEU G 33 -24.66 38.68 -7.13
CA LEU G 33 -23.52 38.16 -6.39
C LEU G 33 -22.52 37.40 -7.23
N LYS G 34 -21.25 37.47 -6.80
CA LYS G 34 -20.15 36.69 -7.36
C LYS G 34 -20.19 35.40 -6.53
N PRO G 35 -19.66 34.24 -7.01
CA PRO G 35 -19.72 33.01 -6.19
C PRO G 35 -19.21 33.14 -4.74
N VAL G 36 -18.07 33.85 -4.53
CA VAL G 36 -17.46 34.02 -3.20
C VAL G 36 -18.45 34.68 -2.21
N HIS G 37 -19.18 35.71 -2.66
CA HIS G 37 -20.18 36.46 -1.89
C HIS G 37 -21.34 35.57 -1.48
N ARG G 38 -21.86 34.83 -2.46
CA ARG G 38 -22.97 33.92 -2.28
C ARG G 38 -22.58 32.85 -1.27
N ARG G 39 -21.36 32.31 -1.39
CA ARG G 39 -20.86 31.25 -0.50
C ARG G 39 -20.67 31.72 0.92
N ILE G 40 -20.26 32.99 1.11
CA ILE G 40 -20.09 33.59 2.44
C ILE G 40 -21.47 33.73 3.10
N LEU G 41 -22.45 34.30 2.38
CA LEU G 41 -23.81 34.51 2.86
C LEU G 41 -24.54 33.19 3.16
N TYR G 42 -24.43 32.19 2.25
CA TYR G 42 -25.06 30.87 2.45
C TYR G 42 -24.43 30.15 3.65
N GLY G 43 -23.11 30.28 3.81
CA GLY G 43 -22.36 29.70 4.91
C GLY G 43 -22.81 30.29 6.24
N LEU G 44 -23.07 31.62 6.25
CA LEU G 44 -23.56 32.33 7.44
C LEU G 44 -24.95 31.77 7.77
N ASN G 45 -25.79 31.64 6.74
CA ASN G 45 -27.15 31.14 6.84
C ASN G 45 -27.20 29.70 7.40
N GLU G 46 -26.40 28.78 6.84
CA GLU G 46 -26.34 27.37 7.25
C GLU G 46 -25.89 27.23 8.68
N GLN G 47 -24.96 28.09 9.11
CA GLN G 47 -24.41 28.09 10.46
C GLN G 47 -25.27 28.83 11.48
N GLY G 48 -26.38 29.39 11.01
CA GLY G 48 -27.33 30.15 11.80
C GLY G 48 -26.76 31.43 12.39
N MET G 49 -25.79 32.04 11.69
CA MET G 49 -25.12 33.27 12.12
C MET G 49 -25.96 34.47 11.67
N THR G 50 -27.18 34.54 12.22
CA THR G 50 -28.27 35.51 11.97
C THR G 50 -28.13 36.77 12.83
N PRO G 51 -28.86 37.89 12.53
CA PRO G 51 -28.71 39.11 13.36
C PRO G 51 -29.08 38.96 14.84
N ASP G 52 -30.05 38.09 15.18
CA ASP G 52 -30.52 37.84 16.55
C ASP G 52 -29.49 37.14 17.43
N LYS G 53 -28.59 36.37 16.82
CA LYS G 53 -27.55 35.60 17.51
C LYS G 53 -26.21 36.34 17.51
N SER G 54 -25.39 36.08 18.55
CA SER G 54 -24.07 36.69 18.78
C SER G 54 -23.13 36.64 17.60
N TYR G 55 -22.15 37.58 17.57
CA TYR G 55 -21.13 37.65 16.53
C TYR G 55 -20.24 36.40 16.63
N LYS G 56 -19.89 35.80 15.50
CA LYS G 56 -19.04 34.61 15.47
C LYS G 56 -17.71 34.98 14.86
N LYS G 57 -16.61 34.42 15.38
CA LYS G 57 -15.23 34.67 14.93
C LYS G 57 -15.08 34.51 13.42
N SER G 58 -14.48 35.51 12.75
CA SER G 58 -14.25 35.54 11.29
C SER G 58 -13.54 34.32 10.75
N ALA G 59 -12.53 33.82 11.48
CA ALA G 59 -11.76 32.62 11.10
C ALA G 59 -12.64 31.36 11.03
N ARG G 60 -13.72 31.31 11.82
CA ARG G 60 -14.65 30.19 11.84
C ARG G 60 -15.56 30.25 10.61
N ILE G 61 -16.03 31.46 10.24
CA ILE G 61 -16.87 31.67 9.05
C ILE G 61 -16.04 31.32 7.81
N VAL G 62 -14.82 31.88 7.69
CA VAL G 62 -13.88 31.68 6.57
C VAL G 62 -13.52 30.19 6.37
N GLY G 63 -13.20 29.50 7.45
CA GLY G 63 -12.83 28.08 7.42
C GLY G 63 -13.97 27.18 6.99
N ASP G 64 -15.19 27.53 7.39
CA ASP G 64 -16.41 26.77 7.05
C ASP G 64 -16.74 26.91 5.57
N VAL G 65 -16.81 28.17 5.08
CA VAL G 65 -17.08 28.57 3.70
C VAL G 65 -16.04 27.93 2.75
N MET G 66 -14.77 27.91 3.18
CA MET G 66 -13.67 27.34 2.44
C MET G 66 -13.78 25.82 2.34
N GLY G 67 -13.95 25.16 3.48
CA GLY G 67 -14.03 23.72 3.54
C GLY G 67 -15.27 23.14 2.89
N LYS G 68 -16.37 23.89 2.94
CA LYS G 68 -17.63 23.40 2.40
C LYS G 68 -17.96 23.88 0.99
N TYR G 69 -17.57 25.13 0.60
CA TYR G 69 -18.02 25.65 -0.70
C TYR G 69 -16.97 26.32 -1.59
N HIS G 70 -16.05 27.11 -1.04
CA HIS G 70 -15.06 27.89 -1.79
C HIS G 70 -13.64 27.30 -1.77
N PRO G 71 -13.25 26.51 -2.80
CA PRO G 71 -11.92 25.88 -2.78
C PRO G 71 -10.76 26.81 -3.16
N HIS G 72 -10.62 27.90 -2.42
CA HIS G 72 -9.59 28.91 -2.66
C HIS G 72 -8.98 29.40 -1.34
N GLY G 73 -8.16 30.45 -1.41
CA GLY G 73 -7.46 30.99 -0.25
C GLY G 73 -8.36 31.59 0.80
N ASP G 74 -7.94 31.45 2.08
CA ASP G 74 -8.70 32.00 3.20
C ASP G 74 -8.74 33.53 3.17
N SER G 75 -7.67 34.17 2.69
CA SER G 75 -7.54 35.61 2.55
C SER G 75 -8.57 36.19 1.56
N SER G 76 -8.69 35.55 0.38
CA SER G 76 -9.64 35.94 -0.68
C SER G 76 -11.09 35.90 -0.19
N ILE G 77 -11.42 34.98 0.76
CA ILE G 77 -12.75 34.82 1.37
C ILE G 77 -12.93 35.92 2.42
N TYR G 78 -11.98 36.03 3.35
CA TYR G 78 -12.01 37.02 4.42
C TYR G 78 -12.13 38.44 3.88
N GLU G 79 -11.32 38.77 2.87
CA GLU G 79 -11.32 40.08 2.22
C GLU G 79 -12.66 40.39 1.54
N ALA G 80 -13.27 39.41 0.84
CA ALA G 80 -14.57 39.57 0.16
C ALA G 80 -15.66 39.84 1.19
N MET G 81 -15.63 39.10 2.34
CA MET G 81 -16.55 39.23 3.47
C MET G 81 -16.41 40.60 4.10
N VAL G 82 -15.16 41.08 4.27
CA VAL G 82 -14.84 42.38 4.88
C VAL G 82 -15.55 43.51 4.14
N ARG G 83 -15.40 43.57 2.81
CA ARG G 83 -16.03 44.55 1.94
C ARG G 83 -17.55 44.63 2.18
N MET G 84 -18.20 43.47 2.30
CA MET G 84 -19.65 43.33 2.54
C MET G 84 -20.11 43.94 3.86
N ALA G 85 -19.17 44.14 4.80
CA ALA G 85 -19.43 44.72 6.12
C ALA G 85 -19.13 46.20 6.19
N GLN G 86 -18.54 46.78 5.11
CA GLN G 86 -18.14 48.19 5.02
C GLN G 86 -19.25 49.12 4.53
N ASP G 87 -19.70 50.03 5.42
CA ASP G 87 -20.78 51.00 5.13
C ASP G 87 -20.40 52.05 4.07
N PHE G 88 -19.13 52.10 3.67
CA PHE G 88 -18.62 53.00 2.64
C PHE G 88 -18.44 52.26 1.29
N SER G 89 -18.48 50.90 1.31
CA SER G 89 -18.33 50.05 0.12
C SER G 89 -19.71 49.57 -0.34
N TYR G 90 -20.50 48.99 0.57
CA TYR G 90 -21.84 48.49 0.28
C TYR G 90 -22.90 49.49 0.70
N ARG G 91 -23.77 49.88 -0.24
CA ARG G 91 -24.87 50.82 -0.06
C ARG G 91 -25.88 50.30 0.97
N TYR G 92 -26.09 48.96 0.98
CA TYR G 92 -26.93 48.24 1.92
C TYR G 92 -26.06 47.06 2.38
N PRO G 93 -25.18 47.26 3.41
CA PRO G 93 -24.24 46.18 3.81
C PRO G 93 -24.87 44.82 4.08
N LEU G 94 -24.21 43.77 3.59
CA LEU G 94 -24.69 42.41 3.69
C LEU G 94 -24.12 41.62 4.85
N VAL G 95 -23.00 42.11 5.45
CA VAL G 95 -22.32 41.52 6.60
C VAL G 95 -22.27 42.53 7.77
N ASP G 96 -22.51 42.06 9.00
CA ASP G 96 -22.48 42.85 10.23
C ASP G 96 -21.16 42.52 10.95
N GLY G 97 -20.20 43.44 10.89
CA GLY G 97 -18.88 43.24 11.45
C GLY G 97 -18.62 43.92 12.79
N GLN G 98 -17.81 43.25 13.64
CA GLN G 98 -17.35 43.72 14.94
C GLN G 98 -15.81 43.70 14.95
N GLY G 99 -15.23 44.86 15.19
CA GLY G 99 -13.77 45.05 15.23
C GLY G 99 -13.28 45.92 14.09
N ASN G 100 -11.95 45.95 13.84
CA ASN G 100 -11.40 46.76 12.74
C ASN G 100 -11.73 46.12 11.38
N PHE G 101 -12.66 46.74 10.66
CA PHE G 101 -13.10 46.27 9.35
C PHE G 101 -12.62 47.21 8.26
N GLY G 102 -11.61 48.02 8.59
CA GLY G 102 -11.03 48.99 7.67
C GLY G 102 -11.79 50.31 7.66
N SER G 103 -11.21 51.31 7.01
CA SER G 103 -11.81 52.63 6.88
C SER G 103 -11.65 53.15 5.46
N MET G 104 -12.11 54.40 5.21
CA MET G 104 -12.05 55.07 3.92
C MET G 104 -10.65 55.44 3.49
N ASP G 105 -9.71 55.56 4.46
CA ASP G 105 -8.31 55.95 4.22
C ASP G 105 -7.47 54.85 3.54
N GLY G 106 -8.10 53.73 3.18
CA GLY G 106 -7.44 52.62 2.49
C GLY G 106 -6.88 51.52 3.35
N ASP G 107 -6.81 51.73 4.68
CA ASP G 107 -6.30 50.71 5.60
C ASP G 107 -7.26 49.53 5.59
N GLY G 108 -6.69 48.34 5.63
CA GLY G 108 -7.49 47.12 5.62
C GLY G 108 -8.04 46.78 6.99
N ALA G 109 -8.79 45.70 7.04
CA ALA G 109 -9.36 45.18 8.28
C ALA G 109 -8.26 44.47 9.09
N ALA G 110 -8.52 44.20 10.37
CA ALA G 110 -7.60 43.42 11.22
C ALA G 110 -7.56 41.97 10.69
N ALA G 111 -6.53 41.17 11.06
CA ALA G 111 -6.46 39.76 10.63
C ALA G 111 -7.71 39.01 11.15
N MET G 112 -8.21 38.01 10.39
CA MET G 112 -9.44 37.28 10.73
C MET G 112 -9.50 36.67 12.16
N ARG G 113 -8.35 36.55 12.84
CA ARG G 113 -8.31 36.01 14.19
C ARG G 113 -8.88 37.03 15.20
N PTR G 114 -8.77 38.34 14.87
CA PTR G 114 -9.19 39.47 15.69
C PTR G 114 -10.61 39.96 15.45
O PTR G 114 -11.14 40.71 16.27
CB PTR G 114 -8.30 40.74 15.39
CG PTR G 114 -6.84 40.53 15.63
CD1 PTR G 114 -6.34 40.51 16.93
CD2 PTR G 114 -6.00 40.37 14.53
CE1 PTR G 114 -5.00 40.27 17.17
CE2 PTR G 114 -4.63 40.16 14.72
CZ PTR G 114 -4.13 40.13 16.07
OH PTR G 114 -2.85 39.82 16.45
P PTR G 114 -1.75 40.82 16.35
O1P PTR G 114 -2.30 42.12 16.91
O2P PTR G 114 -0.59 40.42 17.28
O3P PTR G 114 -1.31 40.92 14.88
N THR G 115 -11.23 39.57 14.34
CA THR G 115 -12.56 40.05 14.04
C THR G 115 -13.64 39.02 14.20
N GLU G 116 -14.90 39.48 14.19
CA GLU G 116 -16.10 38.66 14.27
C GLU G 116 -17.20 39.26 13.42
N ALA G 117 -18.08 38.40 12.88
CA ALA G 117 -19.19 38.82 12.02
C ALA G 117 -20.42 37.93 12.15
N ARG G 118 -21.53 38.41 11.55
CA ARG G 118 -22.85 37.78 11.42
C ARG G 118 -23.57 38.48 10.23
N MET G 119 -24.73 37.99 9.82
CA MET G 119 -25.43 38.64 8.71
C MET G 119 -26.25 39.86 9.16
N THR G 120 -26.59 40.75 8.22
CA THR G 120 -27.41 41.92 8.52
C THR G 120 -28.86 41.56 8.27
N LYS G 121 -29.79 42.37 8.84
CA LYS G 121 -31.22 42.14 8.69
C LYS G 121 -31.69 42.13 7.24
N ILE G 122 -31.03 42.90 6.35
CA ILE G 122 -31.37 42.96 4.93
C ILE G 122 -30.97 41.67 4.21
N THR G 123 -29.84 41.03 4.62
CA THR G 123 -29.34 39.77 4.05
C THR G 123 -30.37 38.65 4.22
N LEU G 124 -31.17 38.68 5.31
CA LEU G 124 -32.23 37.70 5.52
C LEU G 124 -33.21 37.74 4.36
N GLU G 125 -33.34 38.91 3.68
CA GLU G 125 -34.23 39.04 2.51
C GLU G 125 -33.58 38.44 1.27
N LEU G 126 -32.24 38.32 1.24
CA LEU G 126 -31.57 37.68 0.12
C LEU G 126 -31.75 36.17 0.23
N LEU G 127 -31.81 35.67 1.48
CA LEU G 127 -31.95 34.26 1.80
C LEU G 127 -33.37 33.81 2.05
N ARG G 128 -34.34 34.76 2.16
N ARG G 128 -34.33 34.75 2.16
CA ARG G 128 -35.75 34.47 2.43
CA ARG G 128 -35.76 34.51 2.41
C ARG G 128 -36.32 33.46 1.44
C ARG G 128 -36.32 33.47 1.44
N ASP G 129 -36.96 32.42 1.99
CA ASP G 129 -37.62 31.31 1.24
C ASP G 129 -36.64 30.36 0.50
N ILE G 130 -35.31 30.41 0.80
CA ILE G 130 -34.31 29.56 0.14
C ILE G 130 -34.61 28.06 0.31
N ASN G 131 -35.15 27.67 1.47
CA ASN G 131 -35.45 26.27 1.79
C ASN G 131 -36.88 25.86 1.42
N LYS G 132 -37.51 26.60 0.50
CA LYS G 132 -38.87 26.35 0.03
C LYS G 132 -38.89 26.05 -1.49
N ASP G 133 -37.85 25.34 -1.99
CA ASP G 133 -37.67 24.95 -3.40
C ASP G 133 -37.87 26.13 -4.38
N THR G 134 -37.41 27.33 -3.97
CA THR G 134 -37.51 28.56 -4.76
C THR G 134 -36.37 28.67 -5.73
N ILE G 135 -35.18 28.15 -5.35
CA ILE G 135 -33.96 28.18 -6.15
C ILE G 135 -33.39 26.79 -6.36
N ASP G 136 -32.52 26.62 -7.36
CA ASP G 136 -31.89 25.33 -7.61
C ASP G 136 -30.58 25.17 -6.86
N PHE G 137 -30.45 24.03 -6.16
CA PHE G 137 -29.23 23.68 -5.45
C PHE G 137 -28.37 22.82 -6.36
N ILE G 138 -27.04 22.89 -6.15
CA ILE G 138 -26.04 22.15 -6.91
C ILE G 138 -25.03 21.51 -5.97
N ASP G 139 -24.28 20.53 -6.47
CA ASP G 139 -23.23 19.88 -5.68
C ASP G 139 -22.03 20.82 -5.58
N ASN G 140 -21.35 20.80 -4.43
CA ASN G 140 -20.16 21.61 -4.19
C ASN G 140 -18.97 20.98 -4.95
N TYR G 141 -17.80 21.63 -4.90
CA TYR G 141 -16.56 21.23 -5.56
C TYR G 141 -16.12 19.76 -5.33
N ASP G 142 -16.26 19.23 -4.10
CA ASP G 142 -15.87 17.85 -3.76
C ASP G 142 -17.02 16.83 -3.86
N GLY G 143 -18.26 17.33 -3.85
CA GLY G 143 -19.45 16.51 -3.95
C GLY G 143 -20.01 16.00 -2.63
N ASN G 144 -19.45 16.46 -1.50
CA ASN G 144 -19.89 16.06 -0.15
C ASN G 144 -20.89 17.06 0.43
N GLU G 145 -21.19 18.15 -0.30
CA GLU G 145 -22.15 19.19 0.14
C GLU G 145 -23.03 19.67 -1.02
N ARG G 146 -24.08 20.44 -0.68
CA ARG G 146 -25.00 21.09 -1.60
C ARG G 146 -24.92 22.60 -1.36
N GLU G 147 -25.02 23.38 -2.45
CA GLU G 147 -24.97 24.85 -2.39
C GLU G 147 -25.95 25.53 -3.38
N PRO G 148 -26.40 26.77 -3.10
CA PRO G 148 -27.33 27.43 -4.03
C PRO G 148 -26.69 27.93 -5.32
N SER G 149 -27.40 27.77 -6.44
CA SER G 149 -26.93 28.29 -7.72
C SER G 149 -27.08 29.82 -7.73
N VAL G 150 -28.17 30.30 -7.10
CA VAL G 150 -28.59 31.70 -6.96
C VAL G 150 -29.39 31.79 -5.65
N LEU G 151 -29.42 32.96 -5.00
CA LEU G 151 -30.21 33.15 -3.77
C LEU G 151 -31.56 33.74 -4.16
N PRO G 152 -32.67 33.53 -3.41
CA PRO G 152 -33.96 34.11 -3.81
C PRO G 152 -33.97 35.63 -4.07
N ALA G 153 -33.11 36.41 -3.38
CA ALA G 153 -32.91 37.87 -3.51
C ALA G 153 -34.23 38.63 -3.58
N ARG G 154 -34.95 38.70 -2.44
CA ARG G 154 -36.25 39.34 -2.37
C ARG G 154 -36.20 40.88 -2.54
N PHE G 155 -34.99 41.45 -2.73
CA PHE G 155 -34.76 42.87 -3.05
C PHE G 155 -33.74 42.95 -4.24
N PRO G 156 -33.84 43.93 -5.17
CA PRO G 156 -32.90 43.97 -6.31
C PRO G 156 -31.46 44.33 -5.94
N ASN G 157 -30.68 43.33 -5.48
CA ASN G 157 -29.31 43.47 -4.98
C ASN G 157 -28.25 43.91 -6.01
N LEU G 158 -28.34 43.46 -7.27
CA LEU G 158 -27.39 43.85 -8.31
C LEU G 158 -27.34 45.36 -8.46
N LEU G 159 -28.50 46.01 -8.59
CA LEU G 159 -28.53 47.46 -8.75
C LEU G 159 -28.38 48.19 -7.43
N ALA G 160 -28.86 47.59 -6.30
CA ALA G 160 -28.77 48.18 -4.96
C ALA G 160 -27.35 48.41 -4.49
N ASN G 161 -26.56 47.34 -4.38
CA ASN G 161 -25.16 47.39 -3.91
C ASN G 161 -24.15 47.55 -5.04
N GLY G 162 -24.62 47.40 -6.28
CA GLY G 162 -23.78 47.50 -7.47
C GLY G 162 -22.82 46.34 -7.58
N ALA G 163 -21.86 46.44 -8.51
CA ALA G 163 -20.83 45.41 -8.74
C ALA G 163 -19.62 46.00 -9.41
N SER G 164 -18.46 45.38 -9.23
CA SER G 164 -17.18 45.79 -9.80
C SER G 164 -16.29 44.55 -9.88
N GLY G 165 -16.00 44.10 -11.10
CA GLY G 165 -15.18 42.91 -11.34
C GLY G 165 -14.36 42.93 -12.60
N ILE G 166 -13.11 42.41 -12.54
CA ILE G 166 -12.21 42.31 -13.70
C ILE G 166 -12.14 40.82 -14.15
N ALA G 167 -12.75 40.51 -15.30
CA ALA G 167 -12.76 39.13 -15.79
C ALA G 167 -11.60 38.91 -16.78
N VAL G 168 -11.87 38.20 -17.89
CA VAL G 168 -10.95 37.95 -19.00
C VAL G 168 -11.76 38.26 -20.26
N GLY G 169 -11.25 39.20 -21.06
CA GLY G 169 -11.92 39.69 -22.25
C GLY G 169 -13.00 40.73 -21.96
N MET G 170 -13.37 40.88 -20.68
CA MET G 170 -14.38 41.83 -20.22
C MET G 170 -14.18 42.18 -18.75
N ALA G 171 -14.99 43.14 -18.29
CA ALA G 171 -15.05 43.61 -16.91
C ALA G 171 -16.45 44.20 -16.65
N THR G 172 -16.82 44.41 -15.38
CA THR G 172 -18.09 45.00 -15.01
C THR G 172 -17.92 46.19 -14.04
N ASN G 173 -18.84 47.17 -14.14
CA ASN G 173 -18.85 48.32 -13.24
C ASN G 173 -20.25 48.89 -13.13
N ILE G 174 -21.01 48.35 -12.17
CA ILE G 174 -22.39 48.72 -11.90
C ILE G 174 -22.43 49.61 -10.63
N PRO G 175 -22.94 50.86 -10.70
CA PRO G 175 -22.97 51.71 -9.49
C PRO G 175 -24.08 51.31 -8.51
N PRO G 176 -23.97 51.64 -7.21
CA PRO G 176 -25.05 51.31 -6.27
C PRO G 176 -26.26 52.25 -6.48
N HIS G 177 -27.46 51.79 -6.09
CA HIS G 177 -28.67 52.60 -6.23
C HIS G 177 -29.53 52.58 -4.96
N ASN G 178 -30.52 53.50 -4.89
CA ASN G 178 -31.45 53.61 -3.76
C ASN G 178 -32.52 52.52 -3.84
N LEU G 179 -32.69 51.75 -2.78
CA LEU G 179 -33.66 50.66 -2.69
C LEU G 179 -35.09 51.13 -2.93
N THR G 180 -35.50 52.28 -2.32
CA THR G 180 -36.84 52.82 -2.49
C THR G 180 -37.10 53.13 -3.97
N GLU G 181 -36.10 53.76 -4.63
CA GLU G 181 -36.14 54.12 -6.06
C GLU G 181 -36.24 52.90 -6.96
N LEU G 182 -35.40 51.87 -6.67
CA LEU G 182 -35.32 50.60 -7.41
C LEU G 182 -36.63 49.84 -7.36
N ILE G 183 -37.12 49.54 -6.14
CA ILE G 183 -38.36 48.81 -5.92
C ILE G 183 -39.53 49.51 -6.63
N ASN G 184 -39.59 50.86 -6.55
CA ASN G 184 -40.62 51.65 -7.23
C ASN G 184 -40.57 51.45 -8.74
N GLY G 185 -39.34 51.40 -9.28
CA GLY G 185 -39.10 51.14 -10.70
C GLY G 185 -39.55 49.76 -11.12
N VAL G 186 -39.30 48.74 -10.27
CA VAL G 186 -39.71 47.35 -10.49
C VAL G 186 -41.24 47.26 -10.50
N LEU G 187 -41.88 47.95 -9.53
CA LEU G 187 -43.34 48.00 -9.42
C LEU G 187 -43.94 48.67 -10.66
N SER G 188 -43.29 49.73 -11.18
CA SER G 188 -43.73 50.44 -12.39
C SER G 188 -43.59 49.56 -13.65
N LEU G 189 -42.54 48.70 -13.68
CA LEU G 189 -42.27 47.76 -14.77
C LEU G 189 -43.29 46.61 -14.80
N SER G 190 -43.64 46.06 -13.62
CA SER G 190 -44.61 44.97 -13.50
C SER G 190 -46.00 45.37 -13.99
N LYS G 191 -46.36 46.64 -13.77
CA LYS G 191 -47.63 47.25 -14.17
C LYS G 191 -47.61 47.65 -15.65
N ASN G 192 -46.42 48.01 -16.18
CA ASN G 192 -46.26 48.40 -17.59
C ASN G 192 -45.01 47.72 -18.23
N PRO G 193 -45.20 46.56 -18.90
CA PRO G 193 -44.04 45.87 -19.51
C PRO G 193 -43.32 46.64 -20.62
N ASP G 194 -44.02 47.57 -21.31
CA ASP G 194 -43.43 48.37 -22.39
C ASP G 194 -42.95 49.76 -21.91
N ILE G 195 -42.59 49.87 -20.61
CA ILE G 195 -42.08 51.08 -19.97
C ILE G 195 -40.72 51.50 -20.61
N SER G 196 -40.57 52.79 -20.92
CA SER G 196 -39.31 53.29 -21.48
C SER G 196 -38.30 53.54 -20.37
N ILE G 197 -36.99 53.60 -20.72
CA ILE G 197 -35.92 53.91 -19.77
C ILE G 197 -36.16 55.30 -19.20
N ALA G 198 -36.61 56.24 -20.07
CA ALA G 198 -36.98 57.59 -19.70
C ALA G 198 -38.04 57.57 -18.58
N GLU G 199 -39.13 56.77 -18.79
CA GLU G 199 -40.22 56.59 -17.83
C GLU G 199 -39.72 55.99 -16.51
N LEU G 200 -38.84 54.97 -16.58
CA LEU G 200 -38.23 54.31 -15.43
C LEU G 200 -37.42 55.30 -14.59
N MET G 201 -36.75 56.25 -15.25
CA MET G 201 -35.92 57.27 -14.63
C MET G 201 -36.69 58.28 -13.77
N GLU G 202 -38.04 58.20 -13.79
CA GLU G 202 -38.90 59.04 -12.95
C GLU G 202 -38.88 58.45 -11.53
N ASP G 203 -38.59 57.13 -11.44
CA ASP G 203 -38.44 56.38 -10.20
C ASP G 203 -36.94 56.28 -9.88
N ILE G 204 -36.15 55.69 -10.77
CA ILE G 204 -34.70 55.52 -10.61
C ILE G 204 -33.98 56.75 -11.20
N GLU G 205 -33.73 57.76 -10.36
CA GLU G 205 -33.09 59.03 -10.72
C GLU G 205 -31.64 58.89 -11.16
N GLY G 206 -30.96 57.86 -10.65
CA GLY G 206 -29.56 57.58 -10.95
C GLY G 206 -28.88 56.83 -9.84
N PRO G 207 -27.54 56.71 -9.86
CA PRO G 207 -26.84 55.98 -8.78
C PRO G 207 -26.92 56.72 -7.45
N ASP G 208 -26.92 55.95 -6.37
CA ASP G 208 -26.97 56.47 -5.01
C ASP G 208 -25.82 55.79 -4.26
N PHE G 209 -24.73 56.53 -4.03
CA PHE G 209 -23.53 55.98 -3.40
C PHE G 209 -23.61 55.94 -1.88
N PRO G 210 -22.99 54.92 -1.23
CA PRO G 210 -22.98 54.91 0.25
C PRO G 210 -22.20 56.08 0.85
N THR G 211 -21.22 56.58 0.07
CA THR G 211 -20.32 57.69 0.37
C THR G 211 -20.99 59.05 0.11
N ALA G 212 -22.27 59.04 -0.34
CA ALA G 212 -23.12 60.17 -0.70
C ALA G 212 -22.47 61.04 -1.80
N GLY G 213 -22.27 62.32 -1.51
CA GLY G 213 -21.66 63.25 -2.44
C GLY G 213 -22.63 63.81 -3.46
N LEU G 214 -22.09 64.19 -4.63
CA LEU G 214 -22.85 64.80 -5.73
C LEU G 214 -22.56 64.18 -7.09
N ILE G 215 -23.57 64.18 -7.98
CA ILE G 215 -23.48 63.73 -9.37
C ILE G 215 -23.71 64.96 -10.25
N LEU G 216 -22.83 65.19 -11.24
CA LEU G 216 -22.92 66.33 -12.13
C LEU G 216 -23.68 66.02 -13.44
N GLY G 217 -24.95 66.44 -13.48
CA GLY G 217 -25.83 66.25 -14.62
C GLY G 217 -26.45 64.87 -14.77
N LYS G 218 -27.61 64.81 -15.45
CA LYS G 218 -28.35 63.58 -15.74
C LYS G 218 -27.90 62.93 -17.05
N SER G 219 -27.08 63.66 -17.84
CA SER G 219 -26.54 63.24 -19.14
C SER G 219 -25.79 61.91 -19.06
N GLY G 220 -24.82 61.84 -18.14
CA GLY G 220 -24.00 60.65 -17.92
C GLY G 220 -24.82 59.43 -17.55
N ILE G 221 -25.78 59.63 -16.64
CA ILE G 221 -26.73 58.63 -16.12
C ILE G 221 -27.60 58.05 -17.26
N ARG G 222 -28.26 58.93 -18.04
CA ARG G 222 -29.13 58.57 -19.16
C ARG G 222 -28.45 57.62 -20.15
N ARG G 223 -27.19 57.92 -20.55
CA ARG G 223 -26.41 57.10 -21.48
C ARG G 223 -26.15 55.72 -20.89
N ALA G 224 -25.72 55.68 -19.60
CA ALA G 224 -25.43 54.46 -18.87
C ALA G 224 -26.68 53.56 -18.76
N TYR G 225 -27.87 54.16 -18.66
CA TYR G 225 -29.12 53.41 -18.53
C TYR G 225 -29.65 52.86 -19.83
N GLU G 226 -29.49 53.63 -20.92
CA GLU G 226 -29.95 53.25 -22.26
C GLU G 226 -29.06 52.17 -22.89
N THR G 227 -27.73 52.29 -22.70
CA THR G 227 -26.76 51.40 -23.34
C THR G 227 -26.01 50.43 -22.44
N GLY G 228 -25.99 50.71 -21.13
CA GLY G 228 -25.24 49.92 -20.15
C GLY G 228 -23.85 50.48 -19.93
N ARG G 229 -23.43 51.39 -20.81
N ARG G 229 -23.43 51.39 -20.81
CA ARG G 229 -22.13 52.05 -20.78
CA ARG G 229 -22.14 52.05 -20.81
C ARG G 229 -22.28 53.57 -20.78
C ARG G 229 -22.30 53.58 -20.78
N GLY G 230 -21.61 54.22 -19.84
CA GLY G 230 -21.60 55.66 -19.65
C GLY G 230 -20.65 56.13 -18.57
N SER G 231 -20.24 57.41 -18.62
CA SER G 231 -19.36 58.02 -17.61
C SER G 231 -20.16 58.98 -16.74
N ILE G 232 -20.18 58.74 -15.43
CA ILE G 232 -20.91 59.56 -14.46
C ILE G 232 -19.93 60.38 -13.59
N GLN G 233 -20.02 61.74 -13.67
CA GLN G 233 -19.13 62.62 -12.90
C GLN G 233 -19.55 62.74 -11.43
N MET G 234 -18.68 62.24 -10.53
CA MET G 234 -18.91 62.30 -9.07
C MET G 234 -18.06 63.42 -8.50
N ARG G 235 -18.66 64.29 -7.68
CA ARG G 235 -17.98 65.41 -7.05
C ARG G 235 -18.19 65.39 -5.53
N SER G 236 -17.13 65.72 -4.78
CA SER G 236 -17.14 65.84 -3.32
C SER G 236 -18.05 66.98 -2.84
N ARG G 237 -18.61 66.86 -1.62
CA ARG G 237 -19.39 67.93 -1.02
C ARG G 237 -18.38 68.81 -0.28
N ALA G 238 -18.19 70.03 -0.77
CA ALA G 238 -17.24 70.98 -0.19
C ALA G 238 -17.90 72.34 0.01
N VAL G 239 -17.67 72.92 1.20
CA VAL G 239 -18.22 74.22 1.57
C VAL G 239 -17.11 75.21 1.95
N ILE G 240 -17.28 76.49 1.57
CA ILE G 240 -16.31 77.54 1.90
C ILE G 240 -16.88 78.27 3.13
N GLU G 241 -16.46 77.82 4.32
CA GLU G 241 -16.91 78.37 5.61
C GLU G 241 -15.83 79.27 6.26
N GLU G 242 -16.26 80.34 6.96
CA GLU G 242 -15.35 81.29 7.60
C GLU G 242 -14.75 80.73 8.89
N ARG G 243 -13.42 80.91 9.06
CA ARG G 243 -12.68 80.50 10.26
C ARG G 243 -12.35 81.71 11.16
N GLY G 244 -12.88 82.88 10.80
CA GLY G 244 -12.71 84.11 11.55
C GLY G 244 -11.39 84.83 11.32
N GLY G 245 -11.45 86.15 11.43
CA GLY G 245 -10.31 87.06 11.27
C GLY G 245 -9.94 87.42 9.85
N GLY G 246 -10.96 87.59 8.99
CA GLY G 246 -10.80 87.91 7.58
C GLY G 246 -10.08 86.81 6.82
N ARG G 247 -10.25 85.55 7.28
CA ARG G 247 -9.63 84.35 6.73
C ARG G 247 -10.70 83.25 6.54
N GLN G 248 -10.66 82.57 5.38
CA GLN G 248 -11.61 81.50 5.04
C GLN G 248 -10.92 80.13 4.85
N ARG G 249 -11.72 79.05 4.68
CA ARG G 249 -11.27 77.66 4.51
C ARG G 249 -12.31 76.80 3.76
N ILE G 250 -11.89 75.67 3.15
CA ILE G 250 -12.76 74.71 2.44
C ILE G 250 -12.90 73.45 3.29
N VAL G 251 -14.14 73.02 3.54
CA VAL G 251 -14.45 71.83 4.34
C VAL G 251 -15.08 70.75 3.42
N VAL G 252 -14.43 69.59 3.30
CA VAL G 252 -14.91 68.46 2.49
C VAL G 252 -15.61 67.49 3.43
N THR G 253 -16.96 67.36 3.30
CA THR G 253 -17.78 66.50 4.17
C THR G 253 -18.11 65.13 3.55
N GLU G 254 -18.23 65.09 2.22
CA GLU G 254 -18.54 63.87 1.46
C GLU G 254 -17.52 63.76 0.32
N ILE G 255 -16.90 62.58 0.10
CA ILE G 255 -15.92 62.36 -0.98
C ILE G 255 -16.49 61.38 -2.02
N PRO G 256 -15.97 61.30 -3.27
CA PRO G 256 -16.56 60.36 -4.25
C PRO G 256 -16.45 58.88 -3.86
N PHE G 257 -17.35 58.07 -4.42
CA PHE G 257 -17.41 56.64 -4.19
C PHE G 257 -16.16 55.94 -4.71
N GLN G 258 -15.63 54.99 -3.92
CA GLN G 258 -14.42 54.18 -4.18
C GLN G 258 -13.10 55.00 -4.17
N VAL G 259 -13.18 56.32 -3.89
CA VAL G 259 -12.01 57.20 -3.80
C VAL G 259 -11.33 57.02 -2.43
N ASN G 260 -10.01 56.81 -2.40
CA ASN G 260 -9.24 56.67 -1.17
C ASN G 260 -8.97 58.07 -0.59
N LYS G 261 -9.50 58.34 0.62
CA LYS G 261 -9.39 59.62 1.31
C LYS G 261 -7.94 60.06 1.55
N ALA G 262 -7.11 59.18 2.12
CA ALA G 262 -5.70 59.45 2.40
C ALA G 262 -4.91 59.74 1.12
N ARG G 263 -5.18 58.95 0.04
CA ARG G 263 -4.56 59.09 -1.29
C ARG G 263 -4.96 60.44 -1.88
N MET G 264 -6.25 60.84 -1.73
CA MET G 264 -6.79 62.10 -2.23
C MET G 264 -6.09 63.27 -1.55
N ILE G 265 -5.92 63.19 -0.20
CA ILE G 265 -5.22 64.19 0.61
C ILE G 265 -3.75 64.29 0.18
N GLU G 266 -3.07 63.13 -0.01
CA GLU G 266 -1.69 63.00 -0.48
C GLU G 266 -1.51 63.70 -1.83
N LYS G 267 -2.51 63.57 -2.75
CA LYS G 267 -2.50 64.19 -4.07
C LYS G 267 -2.58 65.70 -3.99
N ILE G 268 -3.37 66.22 -3.02
CA ILE G 268 -3.51 67.66 -2.76
C ILE G 268 -2.18 68.15 -2.17
N ALA G 269 -1.63 67.43 -1.17
CA ALA G 269 -0.36 67.73 -0.50
C ALA G 269 0.82 67.78 -1.50
N GLU G 270 0.82 66.86 -2.48
CA GLU G 270 1.79 66.72 -3.56
C GLU G 270 1.81 67.99 -4.43
N LEU G 271 0.62 68.50 -4.82
CA LEU G 271 0.47 69.70 -5.64
C LEU G 271 0.98 70.94 -4.90
N VAL G 272 0.75 71.00 -3.58
CA VAL G 272 1.19 72.11 -2.71
C VAL G 272 2.73 72.14 -2.62
N ARG G 273 3.37 70.97 -2.35
CA ARG G 273 4.83 70.85 -2.26
C ARG G 273 5.53 71.10 -3.62
N ASP G 274 4.87 70.75 -4.74
CA ASP G 274 5.37 70.96 -6.10
C ASP G 274 4.97 72.35 -6.68
N LYS G 275 4.23 73.17 -5.88
CA LYS G 275 3.75 74.52 -6.21
C LYS G 275 2.81 74.56 -7.44
N LYS G 276 2.17 73.41 -7.78
CA LYS G 276 1.24 73.22 -8.90
C LYS G 276 -0.14 73.80 -8.62
N ILE G 277 -0.39 74.13 -7.34
CA ILE G 277 -1.62 74.74 -6.83
C ILE G 277 -1.21 75.85 -5.85
N ASP G 278 -1.79 77.05 -5.99
CA ASP G 278 -1.43 78.16 -5.11
C ASP G 278 -2.61 78.69 -4.32
N GLY G 279 -2.37 78.92 -3.02
CA GLY G 279 -3.38 79.43 -2.08
C GLY G 279 -3.63 78.60 -0.83
N ILE G 280 -3.10 77.37 -0.77
CA ILE G 280 -3.29 76.48 0.39
C ILE G 280 -2.17 76.66 1.41
N THR G 281 -2.54 77.08 2.63
CA THR G 281 -1.60 77.28 3.73
C THR G 281 -1.42 75.97 4.52
N ASP G 282 -2.54 75.28 4.83
CA ASP G 282 -2.56 74.01 5.54
C ASP G 282 -3.72 73.12 5.09
N LEU G 283 -3.56 71.80 5.25
CA LEU G 283 -4.55 70.79 4.89
C LEU G 283 -4.46 69.62 5.89
N ARG G 284 -5.52 69.43 6.71
CA ARG G 284 -5.58 68.40 7.74
C ARG G 284 -6.91 67.63 7.71
N ASP G 285 -6.83 66.35 8.11
CA ASP G 285 -7.93 65.40 8.12
C ASP G 285 -8.56 65.34 9.51
N GLU G 286 -9.60 66.16 9.71
CA GLU G 286 -10.35 66.28 10.96
C GLU G 286 -11.52 65.27 11.05
N THR G 287 -11.42 64.18 10.26
CA THR G 287 -12.41 63.11 10.22
C THR G 287 -12.43 62.39 11.56
N SER G 288 -13.60 62.44 12.22
CA SER G 288 -13.83 61.80 13.49
C SER G 288 -15.00 60.84 13.38
N LEU G 289 -15.04 59.85 14.29
CA LEU G 289 -16.07 58.84 14.39
C LEU G 289 -17.45 59.48 14.69
N ARG G 290 -17.43 60.72 15.25
CA ARG G 290 -18.61 61.53 15.60
C ARG G 290 -19.04 62.48 14.48
N THR G 291 -18.08 63.17 13.81
CA THR G 291 -18.42 64.13 12.75
C THR G 291 -18.60 63.47 11.38
N GLY G 292 -17.73 62.53 11.05
CA GLY G 292 -17.69 61.87 9.75
C GLY G 292 -16.56 62.49 8.94
N VAL G 293 -16.61 62.36 7.59
CA VAL G 293 -15.54 62.91 6.75
C VAL G 293 -15.47 64.42 6.88
N ARG G 294 -14.29 64.91 7.29
CA ARG G 294 -13.98 66.31 7.44
C ARG G 294 -12.54 66.56 7.00
N VAL G 295 -12.37 67.08 5.79
CA VAL G 295 -11.05 67.41 5.24
C VAL G 295 -11.03 68.92 5.10
N VAL G 296 -10.17 69.58 5.93
CA VAL G 296 -10.02 71.04 6.00
C VAL G 296 -8.85 71.52 5.14
N ILE G 297 -9.14 72.44 4.22
CA ILE G 297 -8.16 73.08 3.35
C ILE G 297 -8.16 74.58 3.75
N ASP G 298 -7.12 75.01 4.50
CA ASP G 298 -6.97 76.39 4.99
C ASP G 298 -6.43 77.27 3.87
N VAL G 299 -7.20 78.33 3.53
CA VAL G 299 -6.91 79.28 2.46
C VAL G 299 -6.01 80.41 2.95
N ARG G 300 -5.15 80.92 2.05
CA ARG G 300 -4.30 82.07 2.31
C ARG G 300 -5.20 83.32 2.28
N LYS G 301 -4.78 84.40 2.97
CA LYS G 301 -5.58 85.64 2.97
C LYS G 301 -5.57 86.26 1.56
N ASP G 302 -6.70 86.86 1.14
CA ASP G 302 -6.94 87.52 -0.16
C ASP G 302 -6.91 86.54 -1.37
N ALA G 303 -6.85 85.22 -1.10
CA ALA G 303 -6.84 84.15 -2.10
C ALA G 303 -8.25 83.63 -2.34
N ASN G 304 -8.69 83.63 -3.62
CA ASN G 304 -10.01 83.18 -4.04
C ASN G 304 -10.19 81.67 -3.81
N ALA G 305 -10.94 81.33 -2.74
CA ALA G 305 -11.25 79.95 -2.36
C ALA G 305 -12.07 79.21 -3.42
N SER G 306 -12.96 79.94 -4.14
CA SER G 306 -13.79 79.41 -5.22
C SER G 306 -12.93 78.93 -6.40
N VAL G 307 -11.83 79.68 -6.65
CA VAL G 307 -10.84 79.37 -7.70
C VAL G 307 -10.06 78.10 -7.33
N ILE G 308 -9.52 78.06 -6.09
CA ILE G 308 -8.75 76.93 -5.55
C ILE G 308 -9.57 75.63 -5.57
N LEU G 309 -10.81 75.68 -5.07
CA LEU G 309 -11.73 74.54 -5.00
C LEU G 309 -12.02 73.94 -6.38
N ASN G 310 -12.31 74.79 -7.39
CA ASN G 310 -12.57 74.35 -8.76
C ASN G 310 -11.34 73.72 -9.40
N ASN G 311 -10.15 74.23 -9.06
CA ASN G 311 -8.88 73.69 -9.54
C ASN G 311 -8.58 72.36 -8.88
N LEU G 312 -9.04 72.18 -7.62
CA LEU G 312 -8.89 70.94 -6.88
C LEU G 312 -9.75 69.84 -7.51
N TYR G 313 -10.97 70.18 -7.97
CA TYR G 313 -11.87 69.24 -8.64
C TYR G 313 -11.22 68.68 -9.91
N LYS G 314 -10.56 69.57 -10.69
CA LYS G 314 -9.89 69.26 -11.94
C LYS G 314 -8.60 68.45 -11.77
N GLN G 315 -7.74 68.85 -10.82
CA GLN G 315 -6.42 68.26 -10.60
C GLN G 315 -6.32 67.10 -9.57
N THR G 316 -7.32 66.93 -8.68
CA THR G 316 -7.27 65.86 -7.67
C THR G 316 -8.50 64.94 -7.74
N PRO G 317 -8.52 63.77 -7.02
CA PRO G 317 -9.72 62.92 -7.04
C PRO G 317 -10.87 63.44 -6.19
N LEU G 318 -10.91 64.78 -5.93
CA LEU G 318 -12.00 65.45 -5.21
C LEU G 318 -13.25 65.42 -6.12
N GLN G 319 -13.00 65.26 -7.43
CA GLN G 319 -13.99 65.01 -8.48
C GLN G 319 -13.44 63.83 -9.30
N THR G 320 -14.22 62.74 -9.43
CA THR G 320 -13.82 61.50 -10.12
C THR G 320 -14.97 60.94 -10.96
N SER G 321 -14.66 60.35 -12.13
CA SER G 321 -15.68 59.75 -13.00
C SER G 321 -15.96 58.29 -12.62
N PHE G 322 -17.20 57.83 -12.88
CA PHE G 322 -17.62 56.43 -12.68
C PHE G 322 -17.96 55.86 -14.05
N GLY G 323 -17.08 54.98 -14.53
CA GLY G 323 -17.21 54.35 -15.83
C GLY G 323 -18.09 53.11 -15.82
N VAL G 324 -19.43 53.32 -15.96
CA VAL G 324 -20.47 52.30 -15.97
C VAL G 324 -20.27 51.35 -17.16
N ASN G 325 -20.25 50.04 -16.87
CA ASN G 325 -20.12 48.93 -17.82
C ASN G 325 -20.94 47.80 -17.20
N MET G 326 -22.27 47.83 -17.43
CA MET G 326 -23.22 46.90 -16.81
C MET G 326 -23.21 45.52 -17.45
N ILE G 327 -22.24 44.68 -17.02
CA ILE G 327 -22.11 43.29 -17.47
C ILE G 327 -22.44 42.35 -16.31
N ALA G 328 -23.43 41.47 -16.53
CA ALA G 328 -23.87 40.51 -15.52
C ALA G 328 -24.10 39.13 -16.14
N LEU G 329 -24.17 38.09 -15.33
CA LEU G 329 -24.42 36.74 -15.85
C LEU G 329 -25.93 36.52 -16.01
N VAL G 330 -26.39 36.51 -17.27
CA VAL G 330 -27.79 36.33 -17.64
C VAL G 330 -27.87 34.96 -18.34
N ASN G 331 -28.55 33.98 -17.73
CA ASN G 331 -28.66 32.59 -18.21
C ASN G 331 -27.27 31.93 -18.29
N GLY G 332 -26.46 32.19 -17.26
CA GLY G 332 -25.11 31.66 -17.09
C GLY G 332 -24.08 32.16 -18.09
N ARG G 333 -24.43 33.19 -18.91
CA ARG G 333 -23.55 33.78 -19.92
C ARG G 333 -23.39 35.30 -19.67
N PRO G 334 -22.19 35.89 -19.92
CA PRO G 334 -22.03 37.35 -19.71
C PRO G 334 -22.83 38.18 -20.72
N LYS G 335 -23.38 39.32 -20.28
CA LYS G 335 -24.19 40.18 -21.14
C LYS G 335 -24.11 41.63 -20.70
N LEU G 336 -23.95 42.56 -21.67
CA LEU G 336 -23.98 43.99 -21.39
C LEU G 336 -25.45 44.33 -21.43
N ILE G 337 -25.99 44.64 -20.25
CA ILE G 337 -27.39 44.92 -20.03
C ILE G 337 -27.64 46.40 -19.75
N ASN G 338 -28.81 46.89 -20.18
CA ASN G 338 -29.24 48.27 -19.94
C ASN G 338 -30.06 48.26 -18.64
N LEU G 339 -30.50 49.44 -18.15
CA LEU G 339 -31.27 49.53 -16.91
C LEU G 339 -32.54 48.67 -16.93
N LYS G 340 -33.35 48.75 -18.01
CA LYS G 340 -34.58 47.98 -18.14
C LYS G 340 -34.32 46.47 -18.08
N GLU G 341 -33.32 45.98 -18.84
CA GLU G 341 -32.96 44.56 -18.86
C GLU G 341 -32.63 44.03 -17.46
N ALA G 342 -31.86 44.83 -16.66
CA ALA G 342 -31.48 44.49 -15.29
C ALA G 342 -32.74 44.30 -14.43
N LEU G 343 -33.73 45.20 -14.60
CA LEU G 343 -34.99 45.18 -13.85
C LEU G 343 -35.91 44.03 -14.31
N VAL G 344 -36.00 43.77 -15.63
CA VAL G 344 -36.83 42.73 -16.23
C VAL G 344 -36.39 41.36 -15.74
N HIS G 345 -35.06 41.10 -15.82
CA HIS G 345 -34.44 39.86 -15.38
C HIS G 345 -34.65 39.65 -13.89
N TYR G 346 -34.55 40.75 -13.11
CA TYR G 346 -34.79 40.67 -11.69
C TYR G 346 -36.26 40.34 -11.38
N LEU G 347 -37.21 41.00 -12.08
CA LEU G 347 -38.64 40.76 -11.91
C LEU G 347 -39.04 39.31 -12.24
N GLU G 348 -38.39 38.72 -13.27
CA GLU G 348 -38.61 37.34 -13.69
C GLU G 348 -38.15 36.36 -12.61
N HIS G 349 -37.02 36.67 -11.96
CA HIS G 349 -36.50 35.88 -10.85
C HIS G 349 -37.49 35.89 -9.69
N GLN G 350 -38.11 37.06 -9.44
CA GLN G 350 -39.11 37.24 -8.38
C GLN G 350 -40.41 36.50 -8.67
N LYS G 351 -40.79 36.47 -9.94
CA LYS G 351 -41.96 35.76 -10.39
C LYS G 351 -41.76 34.24 -10.17
N THR G 352 -40.54 33.73 -10.50
CA THR G 352 -40.18 32.32 -10.39
C THR G 352 -40.09 31.90 -8.92
N VAL G 353 -39.33 32.65 -8.11
CA VAL G 353 -39.16 32.42 -6.69
C VAL G 353 -40.55 32.30 -6.01
N VAL G 354 -41.42 33.31 -6.18
CA VAL G 354 -42.77 33.33 -5.58
C VAL G 354 -43.66 32.16 -6.08
N ARG G 355 -43.60 31.81 -7.39
CA ARG G 355 -44.38 30.69 -7.95
C ARG G 355 -43.91 29.37 -7.33
N ARG G 356 -42.58 29.12 -7.40
CA ARG G 356 -41.92 27.94 -6.85
C ARG G 356 -42.21 27.74 -5.35
N ARG G 357 -42.24 28.87 -4.59
CA ARG G 357 -42.56 28.90 -3.17
C ARG G 357 -43.99 28.43 -2.94
N THR G 358 -44.95 29.06 -3.66
CA THR G 358 -46.38 28.77 -3.60
C THR G 358 -46.65 27.31 -3.97
N GLN G 359 -45.92 26.78 -4.98
CA GLN G 359 -46.02 25.40 -5.44
C GLN G 359 -45.55 24.45 -4.35
N TYR G 360 -44.40 24.77 -3.68
CA TYR G 360 -43.82 24.02 -2.57
C TYR G 360 -44.80 23.99 -1.41
N ASN G 361 -45.20 25.19 -0.94
CA ASN G 361 -46.14 25.42 0.16
C ASN G 361 -47.43 24.60 -0.02
N LEU G 362 -47.93 24.52 -1.26
CA LEU G 362 -49.11 23.76 -1.63
C LEU G 362 -48.90 22.26 -1.48
N ARG G 363 -47.79 21.69 -2.03
CA ARG G 363 -47.45 20.26 -1.94
C ARG G 363 -47.49 19.85 -0.47
N LYS G 364 -46.74 20.56 0.39
CA LYS G 364 -46.64 20.35 1.84
C LYS G 364 -48.01 20.45 2.54
N ALA G 365 -48.85 21.45 2.14
CA ALA G 365 -50.18 21.70 2.68
C ALA G 365 -51.11 20.53 2.34
N LYS G 366 -51.07 20.07 1.08
CA LYS G 366 -51.86 18.95 0.59
C LYS G 366 -51.45 17.68 1.31
N ASP G 367 -50.13 17.49 1.50
CA ASP G 367 -49.53 16.35 2.22
C ASP G 367 -50.02 16.30 3.66
N ARG G 368 -49.97 17.46 4.36
CA ARG G 368 -50.41 17.57 5.75
C ARG G 368 -51.91 17.35 5.91
N ALA G 369 -52.73 17.96 5.03
CA ALA G 369 -54.19 17.83 5.04
C ALA G 369 -54.59 16.37 4.92
N HIS G 370 -53.83 15.59 4.10
CA HIS G 370 -54.04 14.17 3.86
C HIS G 370 -53.83 13.37 5.15
N ILE G 371 -52.70 13.63 5.86
CA ILE G 371 -52.37 13.00 7.14
C ILE G 371 -53.47 13.32 8.15
N LEU G 372 -53.86 14.61 8.24
CA LEU G 372 -54.93 15.08 9.12
C LEU G 372 -56.24 14.34 8.84
N GLU G 373 -56.56 14.05 7.57
CA GLU G 373 -57.76 13.31 7.21
C GLU G 373 -57.71 11.90 7.81
N GLY G 374 -56.52 11.29 7.74
CA GLY G 374 -56.25 9.95 8.27
C GLY G 374 -56.40 9.92 9.78
N LEU G 375 -55.76 10.90 10.49
CA LEU G 375 -55.86 11.05 11.95
C LEU G 375 -57.31 11.31 12.36
N ARG G 376 -58.05 12.07 11.55
CA ARG G 376 -59.48 12.36 11.77
C ARG G 376 -60.31 11.09 11.69
N ILE G 377 -60.03 10.20 10.71
CA ILE G 377 -60.71 8.91 10.58
C ILE G 377 -60.35 8.06 11.81
N ALA G 378 -59.04 8.00 12.14
CA ALA G 378 -58.52 7.25 13.30
C ALA G 378 -59.21 7.63 14.60
N LEU G 379 -59.24 8.93 14.92
CA LEU G 379 -59.83 9.45 16.15
C LEU G 379 -61.33 9.18 16.22
N ASP G 380 -62.02 9.30 15.07
CA ASP G 380 -63.48 9.07 14.96
C ASP G 380 -63.89 7.61 15.18
N HIS G 381 -62.95 6.67 15.01
CA HIS G 381 -63.17 5.23 15.15
C HIS G 381 -62.03 4.61 15.96
N ILE G 382 -61.62 5.29 17.05
CA ILE G 382 -60.47 4.89 17.84
C ILE G 382 -60.61 3.49 18.48
N ASP G 383 -61.80 3.11 18.94
CA ASP G 383 -62.01 1.78 19.51
C ASP G 383 -61.69 0.67 18.50
N GLU G 384 -62.01 0.91 17.22
CA GLU G 384 -61.76 0.01 16.11
C GLU G 384 -60.31 0.01 15.73
N ILE G 385 -59.72 1.22 15.65
CA ILE G 385 -58.31 1.43 15.27
C ILE G 385 -57.40 0.67 16.23
N ILE G 386 -57.65 0.85 17.55
CA ILE G 386 -56.90 0.20 18.64
C ILE G 386 -56.99 -1.30 18.52
N SER G 387 -58.22 -1.85 18.38
CA SER G 387 -58.44 -3.27 18.21
C SER G 387 -57.64 -3.82 17.01
N THR G 388 -57.75 -3.16 15.84
CA THR G 388 -57.06 -3.53 14.59
C THR G 388 -55.55 -3.67 14.79
N ILE G 389 -54.94 -2.69 15.49
CA ILE G 389 -53.51 -2.67 15.78
C ILE G 389 -53.18 -3.86 16.74
N ARG G 390 -53.89 -3.94 17.87
CA ARG G 390 -53.75 -4.98 18.89
C ARG G 390 -53.86 -6.40 18.35
N GLU G 391 -54.76 -6.64 17.39
CA GLU G 391 -54.96 -7.94 16.77
C GLU G 391 -53.80 -8.30 15.80
N SER G 392 -53.03 -7.29 15.35
CA SER G 392 -51.91 -7.47 14.42
C SER G 392 -50.62 -7.91 15.12
N ASP G 393 -49.96 -8.95 14.58
CA ASP G 393 -48.72 -9.50 15.13
C ASP G 393 -47.54 -8.58 14.84
N THR G 394 -47.44 -8.03 13.61
CA THR G 394 -46.34 -7.14 13.19
C THR G 394 -46.86 -5.77 12.74
N ASP G 395 -45.93 -4.81 12.53
CA ASP G 395 -46.26 -3.46 12.05
C ASP G 395 -46.80 -3.55 10.62
N LYS G 396 -46.23 -4.46 9.80
CA LYS G 396 -46.64 -4.72 8.42
C LYS G 396 -48.13 -5.12 8.34
N VAL G 397 -48.57 -6.03 9.23
CA VAL G 397 -49.94 -6.49 9.27
C VAL G 397 -50.88 -5.35 9.69
N ALA G 398 -50.48 -4.56 10.72
CA ALA G 398 -51.28 -3.43 11.21
C ALA G 398 -51.50 -2.45 10.08
N MET G 399 -50.42 -2.14 9.33
CA MET G 399 -50.42 -1.24 8.19
C MET G 399 -51.42 -1.66 7.14
N GLU G 400 -51.41 -2.96 6.77
CA GLU G 400 -52.30 -3.54 5.77
C GLU G 400 -53.75 -3.54 6.27
N SER G 401 -53.99 -4.06 7.49
CA SER G 401 -55.31 -4.12 8.13
C SER G 401 -55.98 -2.74 8.24
N LEU G 402 -55.22 -1.70 8.64
CA LEU G 402 -55.74 -0.32 8.75
C LEU G 402 -56.16 0.23 7.38
N GLN G 403 -55.33 0.01 6.34
CA GLN G 403 -55.57 0.46 4.97
C GLN G 403 -56.76 -0.25 4.34
N GLN G 404 -56.89 -1.58 4.58
CA GLN G 404 -57.95 -2.40 4.02
C GLN G 404 -59.30 -2.15 4.70
N ARG G 405 -59.31 -1.99 6.04
CA ARG G 405 -60.55 -1.79 6.78
C ARG G 405 -61.07 -0.37 6.72
N PHE G 406 -60.23 0.62 6.97
CA PHE G 406 -60.66 2.01 7.05
C PHE G 406 -60.39 2.82 5.76
N LYS G 407 -60.10 2.13 4.64
CA LYS G 407 -59.81 2.74 3.33
C LYS G 407 -58.79 3.88 3.43
N LEU G 408 -57.70 3.64 4.17
CA LEU G 408 -56.63 4.61 4.41
C LEU G 408 -55.45 4.37 3.47
N SER G 409 -54.58 5.38 3.31
CA SER G 409 -53.40 5.29 2.47
C SER G 409 -52.25 4.75 3.31
N GLU G 410 -51.16 4.35 2.65
CA GLU G 410 -49.96 3.85 3.31
C GLU G 410 -49.46 4.92 4.26
N LYS G 411 -49.40 6.19 3.79
CA LYS G 411 -48.97 7.35 4.57
C LYS G 411 -49.89 7.60 5.76
N GLN G 412 -51.23 7.52 5.54
CA GLN G 412 -52.23 7.72 6.58
C GLN G 412 -52.13 6.65 7.65
N ALA G 413 -51.95 5.37 7.24
CA ALA G 413 -51.82 4.25 8.18
C ALA G 413 -50.52 4.34 8.98
N GLN G 414 -49.42 4.76 8.33
CA GLN G 414 -48.14 4.93 9.01
C GLN G 414 -48.25 6.07 10.04
N ALA G 415 -48.96 7.17 9.70
CA ALA G 415 -49.14 8.34 10.58
C ALA G 415 -49.93 7.97 11.83
N ILE G 416 -50.95 7.10 11.66
CA ILE G 416 -51.80 6.58 12.73
C ILE G 416 -50.97 5.69 13.66
N LEU G 417 -50.10 4.83 13.08
CA LEU G 417 -49.23 3.95 13.86
C LEU G 417 -48.17 4.73 14.65
N ASP G 418 -47.78 5.93 14.15
CA ASP G 418 -46.81 6.81 14.79
C ASP G 418 -47.48 7.80 15.78
N MET G 419 -48.81 7.72 15.89
CA MET G 419 -49.61 8.58 16.75
C MET G 419 -49.47 8.19 18.21
N ARG G 420 -49.10 9.16 19.07
CA ARG G 420 -48.91 8.93 20.50
C ARG G 420 -50.26 8.90 21.23
N LEU G 421 -50.32 8.16 22.36
CA LEU G 421 -51.53 8.04 23.17
C LEU G 421 -52.09 9.39 23.65
N ARG G 422 -51.22 10.37 23.92
CA ARG G 422 -51.66 11.69 24.35
C ARG G 422 -52.61 12.39 23.37
N ARG G 423 -52.54 12.08 22.05
CA ARG G 423 -53.41 12.67 21.02
C ARG G 423 -54.89 12.28 21.17
N LEU G 424 -55.18 11.37 22.11
CA LEU G 424 -56.52 10.87 22.40
C LEU G 424 -57.30 11.77 23.39
N THR G 425 -56.67 12.84 23.93
CA THR G 425 -57.34 13.73 24.88
C THR G 425 -58.33 14.64 24.15
N GLY G 426 -59.28 15.21 24.89
CA GLY G 426 -60.31 16.11 24.37
C GLY G 426 -59.78 17.27 23.56
N LEU G 427 -58.88 18.07 24.16
CA LEU G 427 -58.27 19.24 23.53
C LEU G 427 -57.43 18.89 22.29
N GLU G 428 -56.72 17.74 22.32
CA GLU G 428 -55.85 17.30 21.22
C GLU G 428 -56.64 16.91 19.97
N ARG G 429 -57.92 16.47 20.09
CA ARG G 429 -58.78 16.15 18.93
C ARG G 429 -59.27 17.46 18.31
N ASP G 430 -59.61 18.43 19.18
CA ASP G 430 -60.08 19.74 18.77
C ASP G 430 -59.02 20.51 17.97
N LYS G 431 -57.73 20.34 18.33
CA LYS G 431 -56.58 20.96 17.69
C LYS G 431 -56.45 20.45 16.25
N ILE G 432 -56.63 19.13 16.05
CA ILE G 432 -56.55 18.46 14.75
C ILE G 432 -57.61 19.02 13.79
N GLU G 433 -58.85 19.17 14.27
CA GLU G 433 -59.93 19.72 13.47
C GLU G 433 -59.66 21.19 13.09
N ALA G 434 -59.14 21.99 14.03
CA ALA G 434 -58.78 23.40 13.80
C ALA G 434 -57.68 23.55 12.76
N GLU G 435 -56.68 22.63 12.80
CA GLU G 435 -55.55 22.61 11.86
C GLU G 435 -56.02 22.27 10.47
N TYR G 436 -56.88 21.23 10.33
CA TYR G 436 -57.43 20.81 9.05
C TYR G 436 -58.22 21.91 8.37
N ASN G 437 -59.11 22.59 9.11
CA ASN G 437 -59.96 23.67 8.61
C ASN G 437 -59.15 24.89 8.16
N GLU G 438 -58.13 25.29 8.95
CA GLU G 438 -57.25 26.41 8.61
C GLU G 438 -56.46 26.06 7.35
N LEU G 439 -56.06 24.78 7.24
CA LEU G 439 -55.28 24.26 6.13
C LEU G 439 -56.05 24.25 4.80
N LEU G 440 -57.34 23.91 4.84
CA LEU G 440 -58.19 23.90 3.65
C LEU G 440 -58.29 25.30 3.03
N ASN G 441 -58.36 26.34 3.89
CA ASN G 441 -58.43 27.74 3.45
C ASN G 441 -57.12 28.13 2.79
N TYR G 442 -56.00 27.72 3.43
CA TYR G 442 -54.65 28.00 2.94
C TYR G 442 -54.43 27.33 1.59
N ILE G 443 -54.94 26.11 1.42
CA ILE G 443 -54.84 25.38 0.15
C ILE G 443 -55.59 26.17 -0.93
N SER G 444 -56.82 26.63 -0.64
CA SER G 444 -57.63 27.44 -1.56
C SER G 444 -56.88 28.73 -1.94
N GLU G 445 -56.31 29.42 -0.94
CA GLU G 445 -55.56 30.66 -1.06
C GLU G 445 -54.38 30.49 -2.01
N LEU G 446 -53.62 29.38 -1.84
CA LEU G 446 -52.45 29.05 -2.67
C LEU G 446 -52.86 28.71 -4.11
N GLU G 447 -53.93 27.85 -4.25
CA GLU G 447 -54.47 27.38 -5.55
C GLU G 447 -54.92 28.56 -6.42
N THR G 448 -55.43 29.63 -5.77
CA THR G 448 -55.87 30.89 -6.38
C THR G 448 -54.68 31.63 -6.96
N ILE G 449 -53.52 31.59 -6.27
CA ILE G 449 -52.28 32.25 -6.70
C ILE G 449 -51.75 31.58 -7.97
N LEU G 450 -51.72 30.24 -8.00
CA LEU G 450 -51.22 29.49 -9.15
C LEU G 450 -52.19 29.51 -10.33
N ALA G 451 -53.50 29.71 -10.07
CA ALA G 451 -54.54 29.78 -11.10
C ALA G 451 -54.48 31.05 -11.93
N ASP G 452 -54.16 32.20 -11.29
CA ASP G 452 -54.12 33.52 -11.95
C ASP G 452 -52.74 34.13 -11.89
N GLU G 453 -52.14 34.37 -13.07
CA GLU G 453 -50.81 34.99 -13.20
C GLU G 453 -50.77 36.42 -12.64
N GLU G 454 -51.92 37.11 -12.66
CA GLU G 454 -52.06 38.47 -12.16
C GLU G 454 -52.08 38.49 -10.63
N VAL G 455 -52.69 37.46 -10.02
CA VAL G 455 -52.74 37.32 -8.55
C VAL G 455 -51.32 37.09 -8.06
N LEU G 456 -50.56 36.23 -8.77
CA LEU G 456 -49.16 35.92 -8.48
C LEU G 456 -48.30 37.19 -8.63
N LEU G 457 -48.52 37.98 -9.70
CA LEU G 457 -47.80 39.24 -9.95
C LEU G 457 -48.10 40.25 -8.87
N GLN G 458 -49.37 40.30 -8.40
CA GLN G 458 -49.79 41.20 -7.32
C GLN G 458 -49.14 40.80 -6.01
N LEU G 459 -48.97 39.49 -5.76
CA LEU G 459 -48.30 39.00 -4.55
C LEU G 459 -46.83 39.47 -4.53
N VAL G 460 -46.14 39.40 -5.69
CA VAL G 460 -44.75 39.84 -5.86
C VAL G 460 -44.65 41.33 -5.51
N ARG G 461 -45.60 42.13 -6.04
CA ARG G 461 -45.70 43.57 -5.82
C ARG G 461 -45.86 43.89 -4.33
N ASP G 462 -46.83 43.19 -3.67
CA ASP G 462 -47.14 43.33 -2.24
C ASP G 462 -45.91 43.05 -1.37
N GLU G 463 -45.19 41.93 -1.65
CA GLU G 463 -43.99 41.53 -0.93
C GLU G 463 -42.83 42.48 -1.15
N LEU G 464 -42.70 43.02 -2.39
CA LEU G 464 -41.64 43.98 -2.74
C LEU G 464 -41.87 45.31 -2.01
N THR G 465 -43.16 45.72 -1.87
CA THR G 465 -43.53 46.96 -1.19
C THR G 465 -43.22 46.84 0.30
N GLU G 466 -43.44 45.66 0.89
CA GLU G 466 -43.16 45.34 2.29
C GLU G 466 -41.67 45.58 2.60
N ILE G 467 -40.77 45.10 1.71
CA ILE G 467 -39.33 45.27 1.84
C ILE G 467 -38.95 46.74 1.69
N ARG G 468 -39.58 47.44 0.73
CA ARG G 468 -39.37 48.87 0.49
C ARG G 468 -39.68 49.71 1.72
N ASP G 469 -40.81 49.40 2.39
CA ASP G 469 -41.26 50.10 3.60
C ASP G 469 -40.38 49.80 4.81
N ARG G 470 -39.77 48.61 4.84
CA ARG G 470 -38.91 48.19 5.96
C ARG G 470 -37.46 48.65 5.84
N PHE G 471 -36.87 48.51 4.65
CA PHE G 471 -35.45 48.76 4.42
C PHE G 471 -35.09 49.97 3.55
N GLY G 472 -36.07 50.49 2.81
CA GLY G 472 -35.86 51.65 1.94
C GLY G 472 -35.47 52.88 2.73
N ASP G 473 -34.46 53.61 2.25
CA ASP G 473 -33.97 54.81 2.94
C ASP G 473 -33.86 56.03 2.04
N ASP G 474 -33.54 57.20 2.63
CA ASP G 474 -33.38 58.45 1.91
C ASP G 474 -32.21 58.37 0.93
N ARG G 475 -32.34 59.10 -0.21
CA ARG G 475 -31.29 59.21 -1.24
C ARG G 475 -30.09 59.97 -0.63
N ARG G 476 -28.87 59.41 -0.73
CA ARG G 476 -27.64 60.01 -0.20
C ARG G 476 -26.94 60.95 -1.20
N THR G 477 -26.75 60.50 -2.46
CA THR G 477 -26.08 61.31 -3.48
C THR G 477 -27.03 62.28 -4.14
N GLU G 478 -26.66 63.58 -4.18
CA GLU G 478 -27.44 64.65 -4.80
C GLU G 478 -27.08 64.81 -6.29
N ILE G 479 -28.05 64.56 -7.19
CA ILE G 479 -27.86 64.71 -8.63
C ILE G 479 -28.22 66.17 -9.02
N GLN G 480 -27.19 66.96 -9.35
CA GLN G 480 -27.31 68.37 -9.70
C GLN G 480 -27.63 68.61 -11.19
N LEU G 481 -28.21 69.80 -11.50
CA LEU G 481 -28.50 70.34 -12.85
C LEU G 481 -28.68 69.28 -13.95
N LEU H 1 16.60 25.59 1.30
CA LEU H 1 15.93 25.65 -0.01
C LEU H 1 14.36 25.55 0.07
N PRO H 2 13.63 26.33 0.93
CA PRO H 2 12.17 26.16 1.00
C PRO H 2 11.34 26.97 -0.04
N GLY H 3 12.00 27.42 -1.11
CA GLY H 3 11.40 28.13 -2.22
C GLY H 3 12.25 28.08 -3.48
N LYS H 4 13.57 27.88 -3.31
CA LYS H 4 14.53 27.79 -4.39
C LYS H 4 14.52 26.41 -5.07
N LEU H 5 15.34 26.25 -6.11
CA LEU H 5 15.50 25.03 -6.89
C LEU H 5 16.12 23.92 -6.04
N ALA H 6 15.63 22.69 -6.22
CA ALA H 6 16.16 21.48 -5.57
C ALA H 6 16.65 20.57 -6.68
N ASP H 7 17.95 20.64 -6.96
CA ASP H 7 18.62 19.91 -8.03
C ASP H 7 18.64 18.40 -7.86
N CYS H 8 19.04 17.70 -8.94
CA CYS H 8 19.23 16.26 -8.96
C CYS H 8 20.73 15.94 -8.94
N SER H 9 21.11 14.79 -8.35
CA SER H 9 22.50 14.36 -8.19
C SER H 9 23.25 14.07 -9.52
N SER H 10 22.51 13.63 -10.56
CA SER H 10 23.08 13.32 -11.88
C SER H 10 23.58 14.56 -12.61
N LYS H 11 24.68 14.39 -13.36
CA LYS H 11 25.28 15.47 -14.14
C LYS H 11 25.13 15.25 -15.67
N SER H 12 24.47 14.15 -16.08
CA SER H 12 24.17 13.86 -17.47
C SER H 12 22.79 14.45 -17.80
N PRO H 13 22.70 15.46 -18.69
CA PRO H 13 21.39 16.09 -18.94
C PRO H 13 20.36 15.23 -19.70
N GLU H 14 20.84 14.26 -20.50
CA GLU H 14 20.02 13.36 -21.33
C GLU H 14 18.91 12.65 -20.56
N GLU H 15 19.19 12.24 -19.30
CA GLU H 15 18.25 11.53 -18.41
C GLU H 15 17.63 12.42 -17.33
N CYS H 16 18.25 13.59 -17.06
CA CYS H 16 17.80 14.56 -16.06
C CYS H 16 16.50 15.23 -16.46
N GLU H 17 15.62 15.46 -15.47
CA GLU H 17 14.28 16.05 -15.61
C GLU H 17 14.05 17.17 -14.60
N ILE H 18 13.38 18.24 -15.01
CA ILE H 18 13.04 19.35 -14.12
C ILE H 18 11.53 19.53 -14.07
N PHE H 19 10.98 19.58 -12.84
CA PHE H 19 9.57 19.75 -12.60
C PHE H 19 9.28 21.12 -12.06
N LEU H 20 8.65 21.96 -12.90
CA LEU H 20 8.24 23.32 -12.54
C LEU H 20 6.88 23.17 -11.88
N VAL H 21 6.86 23.08 -10.53
CA VAL H 21 5.62 22.86 -9.80
C VAL H 21 4.93 24.16 -9.35
N GLU H 22 3.60 24.15 -9.37
CA GLU H 22 2.80 25.28 -8.97
C GLU H 22 2.68 25.32 -7.45
N GLY H 23 3.22 26.38 -6.86
CA GLY H 23 3.11 26.64 -5.44
C GLY H 23 4.15 26.03 -4.53
N ASP H 24 4.25 26.61 -3.32
CA ASP H 24 5.16 26.23 -2.24
C ASP H 24 4.81 24.85 -1.68
N SER H 25 3.54 24.66 -1.27
CA SER H 25 3.00 23.45 -0.65
C SER H 25 3.15 22.19 -1.51
N ALA H 26 2.96 22.34 -2.81
CA ALA H 26 3.14 21.28 -3.78
C ALA H 26 4.62 20.98 -3.84
N GLY H 27 5.43 22.03 -4.02
CA GLY H 27 6.88 22.01 -4.11
C GLY H 27 7.59 21.10 -3.13
N GLY H 28 7.17 21.18 -1.86
CA GLY H 28 7.72 20.41 -0.75
C GLY H 28 7.52 18.91 -0.88
N SER H 29 6.27 18.48 -1.18
CA SER H 29 5.87 17.07 -1.33
C SER H 29 6.53 16.41 -2.55
N THR H 30 6.69 17.20 -3.63
CA THR H 30 7.34 16.82 -4.87
C THR H 30 8.79 16.48 -4.56
N LYS H 31 9.51 17.38 -3.84
CA LYS H 31 10.91 17.25 -3.42
C LYS H 31 11.14 16.01 -2.56
N SER H 32 10.08 15.57 -1.86
CA SER H 32 10.10 14.42 -0.97
C SER H 32 9.75 13.12 -1.71
N GLY H 33 8.81 13.21 -2.67
CA GLY H 33 8.32 12.09 -3.47
C GLY H 33 9.14 11.72 -4.70
N ARG H 34 9.99 12.66 -5.18
CA ARG H 34 10.82 12.52 -6.37
C ARG H 34 11.89 11.42 -6.30
N ASP H 35 12.60 11.24 -7.42
CA ASP H 35 13.76 10.40 -7.57
C ASP H 35 14.89 11.43 -7.49
N SER H 36 15.56 11.53 -6.34
CA SER H 36 16.66 12.45 -6.07
C SER H 36 17.79 12.41 -7.11
N ARG H 37 17.98 11.25 -7.74
CA ARG H 37 19.02 11.04 -8.73
C ARG H 37 18.78 11.77 -10.05
N THR H 38 17.59 11.60 -10.67
CA THR H 38 17.31 12.17 -12.00
C THR H 38 16.22 13.27 -12.06
N GLN H 39 15.62 13.66 -10.93
CA GLN H 39 14.55 14.66 -10.94
C GLN H 39 14.80 15.90 -10.06
N ALA H 40 14.77 17.10 -10.68
CA ALA H 40 14.91 18.40 -10.01
C ALA H 40 13.51 19.05 -9.89
N ILE H 41 13.30 19.84 -8.83
CA ILE H 41 12.03 20.53 -8.58
C ILE H 41 12.29 22.02 -8.48
N LEU H 42 11.57 22.83 -9.27
CA LEU H 42 11.64 24.28 -9.17
C LEU H 42 10.24 24.83 -8.80
N PRO H 43 10.01 25.17 -7.50
CA PRO H 43 8.69 25.68 -7.11
C PRO H 43 8.44 27.06 -7.68
N LEU H 44 7.34 27.21 -8.45
CA LEU H 44 6.93 28.48 -9.05
C LEU H 44 5.77 29.03 -8.24
N ARG H 45 6.00 30.19 -7.60
CA ARG H 45 5.06 30.84 -6.70
C ARG H 45 4.28 31.96 -7.40
N GLY H 46 2.95 31.92 -7.23
CA GLY H 46 2.03 32.88 -7.82
C GLY H 46 1.87 32.76 -9.32
N LYS H 47 1.10 33.67 -9.94
CA LYS H 47 0.90 33.68 -11.39
C LYS H 47 2.19 34.18 -12.04
N ILE H 48 2.67 33.48 -13.09
CA ILE H 48 3.90 33.83 -13.80
C ILE H 48 3.63 35.07 -14.65
N LEU H 49 4.60 35.98 -14.72
CA LEU H 49 4.50 37.21 -15.51
C LEU H 49 4.20 36.92 -16.98
N ASN H 50 3.18 37.60 -17.54
CA ASN H 50 2.84 37.46 -18.96
C ASN H 50 3.89 38.27 -19.74
N VAL H 51 4.84 37.54 -20.36
CA VAL H 51 5.94 38.11 -21.15
C VAL H 51 5.45 38.82 -22.42
N GLU H 52 4.28 38.39 -22.96
CA GLU H 52 3.67 38.98 -24.16
C GLU H 52 3.22 40.42 -23.89
N LYS H 53 2.74 40.70 -22.66
CA LYS H 53 2.28 42.02 -22.21
C LYS H 53 3.42 42.93 -21.66
N ALA H 54 4.51 42.33 -21.13
CA ALA H 54 5.64 43.05 -20.50
C ALA H 54 6.77 43.47 -21.44
N ARG H 55 7.55 44.48 -20.99
CA ARG H 55 8.76 45.01 -21.64
C ARG H 55 9.97 44.26 -21.05
N LEU H 56 11.07 44.10 -21.82
CA LEU H 56 12.25 43.33 -21.43
C LEU H 56 12.79 43.65 -20.02
N ASP H 57 12.88 44.95 -19.65
CA ASP H 57 13.38 45.38 -18.34
C ASP H 57 12.62 44.72 -17.19
N ARG H 58 11.29 44.54 -17.35
CA ARG H 58 10.44 43.90 -16.36
C ARG H 58 10.64 42.38 -16.36
N ILE H 59 10.65 41.73 -17.56
CA ILE H 59 10.86 40.29 -17.74
C ILE H 59 12.13 39.79 -17.04
N LEU H 60 13.26 40.50 -17.27
CA LEU H 60 14.55 40.15 -16.66
C LEU H 60 14.60 40.45 -15.17
N ASN H 61 13.76 41.38 -14.69
CA ASN H 61 13.67 41.77 -13.28
C ASN H 61 12.76 40.83 -12.48
N ASN H 62 11.92 40.02 -13.17
CA ASN H 62 11.00 39.05 -12.56
C ASN H 62 11.80 37.88 -11.96
N ASN H 63 11.69 37.71 -10.63
CA ASN H 63 12.42 36.70 -9.86
C ASN H 63 12.17 35.28 -10.30
N GLU H 64 10.89 34.93 -10.54
CA GLU H 64 10.50 33.58 -10.94
C GLU H 64 11.02 33.23 -12.37
N ILE H 65 11.06 34.23 -13.30
CA ILE H 65 11.58 34.07 -14.66
C ILE H 65 13.10 33.85 -14.56
N ARG H 66 13.78 34.65 -13.69
CA ARG H 66 15.22 34.56 -13.44
C ARG H 66 15.61 33.16 -12.97
N GLN H 67 14.85 32.62 -12.00
CA GLN H 67 15.08 31.31 -11.39
C GLN H 67 15.08 30.20 -12.42
N MET H 68 14.15 30.26 -13.39
CA MET H 68 14.04 29.30 -14.50
C MET H 68 15.25 29.35 -15.45
N ILE H 69 15.66 30.57 -15.87
CA ILE H 69 16.79 30.80 -16.77
C ILE H 69 18.09 30.22 -16.15
N THR H 70 18.29 30.49 -14.85
CA THR H 70 19.45 30.02 -14.09
C THR H 70 19.43 28.49 -13.96
N ALA H 71 18.23 27.90 -13.86
CA ALA H 71 18.06 26.45 -13.72
C ALA H 71 18.37 25.71 -15.03
N PHE H 72 17.87 26.19 -16.17
CA PHE H 72 18.10 25.56 -17.46
C PHE H 72 19.51 25.85 -17.96
N GLY H 73 20.01 27.06 -17.67
CA GLY H 73 21.34 27.54 -18.05
C GLY H 73 21.59 27.58 -19.54
N THR H 74 20.57 27.93 -20.32
CA THR H 74 20.62 27.99 -21.77
C THR H 74 20.77 29.42 -22.28
N GLY H 75 20.33 30.39 -21.49
CA GLY H 75 20.32 31.79 -21.88
C GLY H 75 19.01 32.08 -22.59
N ILE H 76 18.73 33.35 -22.91
CA ILE H 76 17.47 33.70 -23.57
C ILE H 76 17.69 34.50 -24.86
N GLY H 77 16.65 34.51 -25.71
CA GLY H 77 16.61 35.19 -26.98
C GLY H 77 17.63 34.67 -27.98
N GLY H 78 18.48 35.58 -28.46
CA GLY H 78 19.52 35.29 -29.42
C GLY H 78 20.68 34.49 -28.88
N ASP H 79 20.86 34.47 -27.53
CA ASP H 79 21.96 33.77 -26.87
C ASP H 79 21.56 32.38 -26.31
N PHE H 80 20.43 31.82 -26.79
CA PHE H 80 19.94 30.49 -26.41
C PHE H 80 20.79 29.38 -27.03
N ASP H 81 21.43 28.54 -26.18
CA ASP H 81 22.22 27.39 -26.62
C ASP H 81 21.65 26.11 -25.99
N LEU H 82 20.92 25.29 -26.79
CA LEU H 82 20.31 24.04 -26.32
C LEU H 82 21.35 23.04 -25.81
N ALA H 83 22.58 23.13 -26.38
CA ALA H 83 23.72 22.28 -25.99
C ALA H 83 24.08 22.52 -24.52
N LYS H 84 23.77 23.73 -24.00
CA LYS H 84 24.01 24.15 -22.63
C LYS H 84 22.86 23.79 -21.68
N ALA H 85 21.79 23.09 -22.17
CA ALA H 85 20.62 22.71 -21.34
C ALA H 85 20.98 21.68 -20.28
N ARG H 86 20.58 21.98 -19.04
CA ARG H 86 20.84 21.15 -17.86
C ARG H 86 19.88 19.97 -17.70
N TYR H 87 18.71 20.04 -18.36
CA TYR H 87 17.65 19.02 -18.33
C TYR H 87 17.09 18.80 -19.73
N HIS H 88 16.83 17.52 -20.09
CA HIS H 88 16.27 17.17 -21.40
C HIS H 88 14.74 17.00 -21.36
N LYS H 89 14.17 17.05 -20.15
CA LYS H 89 12.74 17.02 -19.87
C LYS H 89 12.42 18.17 -18.90
N ILE H 90 11.71 19.18 -19.39
CA ILE H 90 11.26 20.32 -18.60
C ILE H 90 9.75 20.09 -18.50
N VAL H 91 9.32 19.59 -17.33
CA VAL H 91 7.92 19.23 -17.08
C VAL H 91 7.16 20.33 -16.34
N ILE H 92 6.06 20.81 -16.97
CA ILE H 92 5.15 21.80 -16.39
C ILE H 92 4.13 21.02 -15.53
N MET H 93 4.20 21.17 -14.19
CA MET H 93 3.30 20.49 -13.26
C MET H 93 2.46 21.52 -12.49
N THR H 94 1.18 21.58 -12.83
CA THR H 94 0.27 22.60 -12.33
C THR H 94 -1.05 21.97 -11.88
N ASP H 95 -1.74 22.57 -10.88
CA ASP H 95 -3.02 22.07 -10.33
C ASP H 95 -4.01 21.71 -11.47
N ALA H 96 -4.79 20.63 -11.30
CA ALA H 96 -5.77 20.17 -12.29
C ALA H 96 -7.02 21.09 -12.37
N ASP H 97 -6.83 22.40 -12.10
CA ASP H 97 -7.88 23.43 -12.10
C ASP H 97 -7.61 24.53 -13.15
N VAL H 98 -8.56 25.48 -13.28
CA VAL H 98 -8.57 26.59 -14.23
C VAL H 98 -7.37 27.55 -14.06
N ASP H 99 -6.88 27.73 -12.82
CA ASP H 99 -5.70 28.58 -12.54
C ASP H 99 -4.43 27.83 -12.89
N GLY H 100 -4.48 26.50 -12.78
CA GLY H 100 -3.41 25.60 -13.17
C GLY H 100 -3.19 25.70 -14.66
N ALA H 101 -4.32 25.79 -15.42
CA ALA H 101 -4.34 25.96 -16.86
C ALA H 101 -3.74 27.31 -17.23
N HIS H 102 -4.11 28.38 -16.48
CA HIS H 102 -3.60 29.74 -16.69
C HIS H 102 -2.10 29.82 -16.58
N ILE H 103 -1.54 29.22 -15.51
CA ILE H 103 -0.09 29.19 -15.25
C ILE H 103 0.61 28.44 -16.40
N ARG H 104 -0.02 27.35 -16.87
CA ARG H 104 0.49 26.55 -17.98
C ARG H 104 0.59 27.42 -19.26
N THR H 105 -0.43 28.31 -19.51
CA THR H 105 -0.41 29.20 -20.69
C THR H 105 0.70 30.23 -20.60
N LEU H 106 0.85 30.84 -19.39
CA LEU H 106 1.86 31.86 -19.11
C LEU H 106 3.28 31.32 -19.27
N LEU H 107 3.53 30.06 -18.84
CA LEU H 107 4.83 29.42 -18.95
C LEU H 107 5.18 29.14 -20.42
N LEU H 108 4.19 28.67 -21.20
CA LEU H 108 4.37 28.39 -22.63
C LEU H 108 4.63 29.68 -23.42
N THR H 109 4.08 30.82 -22.97
CA THR H 109 4.27 32.14 -23.59
C THR H 109 5.73 32.57 -23.42
N PHE H 110 6.30 32.36 -22.21
CA PHE H 110 7.69 32.67 -21.93
C PHE H 110 8.61 31.79 -22.77
N PHE H 111 8.37 30.46 -22.75
CA PHE H 111 9.14 29.49 -23.51
C PHE H 111 9.07 29.74 -25.01
N TYR H 112 7.88 30.14 -25.54
CA TYR H 112 7.75 30.41 -26.97
C TYR H 112 8.48 31.67 -27.42
N ARG H 113 8.43 32.74 -26.62
CA ARG H 113 9.06 34.01 -26.97
C ARG H 113 10.55 34.10 -26.59
N PHE H 114 11.03 33.30 -25.60
CA PHE H 114 12.42 33.39 -25.15
C PHE H 114 13.26 32.12 -25.29
N MET H 115 12.63 30.94 -25.23
CA MET H 115 13.35 29.66 -25.33
C MET H 115 12.73 28.74 -26.39
N ARG H 116 12.32 29.32 -27.54
CA ARG H 116 11.66 28.61 -28.65
C ARG H 116 12.34 27.27 -29.05
N PRO H 117 13.68 27.17 -29.25
CA PRO H 117 14.26 25.86 -29.65
C PRO H 117 14.24 24.78 -28.57
N LEU H 118 13.78 25.11 -27.35
CA LEU H 118 13.63 24.15 -26.26
C LEU H 118 12.36 23.33 -26.54
N ILE H 119 11.28 24.01 -27.02
CA ILE H 119 9.99 23.39 -27.37
C ILE H 119 10.18 22.57 -28.66
N GLU H 120 10.92 23.13 -29.65
CA GLU H 120 11.23 22.50 -30.95
C GLU H 120 11.98 21.18 -30.81
N ALA H 121 12.91 21.11 -29.84
CA ALA H 121 13.71 19.92 -29.54
C ALA H 121 12.93 18.86 -28.73
N GLY H 122 11.70 19.20 -28.37
CA GLY H 122 10.79 18.33 -27.62
C GLY H 122 11.17 18.14 -26.17
N TYR H 123 11.79 19.19 -25.57
CA TYR H 123 12.24 19.18 -24.17
C TYR H 123 11.12 19.60 -23.21
N VAL H 124 10.09 20.33 -23.71
CA VAL H 124 8.97 20.81 -22.89
C VAL H 124 7.85 19.76 -22.84
N TYR H 125 7.46 19.37 -21.61
CA TYR H 125 6.41 18.41 -21.31
C TYR H 125 5.37 18.96 -20.33
N ILE H 126 4.18 18.36 -20.31
CA ILE H 126 3.09 18.71 -19.42
C ILE H 126 2.72 17.47 -18.63
N ALA H 127 2.91 17.54 -17.30
CA ALA H 127 2.56 16.45 -16.39
C ALA H 127 1.04 16.30 -16.33
N GLN H 128 0.54 15.05 -16.18
CA GLN H 128 -0.90 14.83 -16.10
C GLN H 128 -1.29 14.28 -14.73
N PRO H 129 -1.53 15.19 -13.74
CA PRO H 129 -1.88 14.74 -12.39
C PRO H 129 -3.33 14.29 -12.30
N PRO H 130 -3.72 13.52 -11.24
CA PRO H 130 -5.13 13.09 -11.13
C PRO H 130 -6.09 14.28 -10.97
N THR H 131 -7.10 14.28 -11.85
CA THR H 131 -8.13 15.31 -12.00
C THR H 131 -9.24 15.22 -10.93
N GLY H 132 -9.88 16.35 -10.64
CA GLY H 132 -11.02 16.42 -9.73
C GLY H 132 -10.84 17.12 -8.40
N TYR H 133 -11.16 18.43 -8.36
CA TYR H 133 -11.15 19.43 -7.26
C TYR H 133 -9.85 19.56 -6.45
N LYS H 134 -9.05 18.50 -6.34
CA LYS H 134 -7.80 18.53 -5.59
C LYS H 134 -6.64 18.89 -6.48
N GLY H 135 -5.84 19.84 -6.02
CA GLY H 135 -4.61 20.30 -6.66
C GLY H 135 -3.42 19.51 -6.15
N LEU H 136 -2.21 20.07 -6.27
CA LEU H 136 -0.99 19.35 -5.86
C LEU H 136 -0.66 19.51 -4.35
N GLY H 137 -0.97 20.66 -3.77
CA GLY H 137 -0.74 20.92 -2.34
C GLY H 137 -1.65 20.12 -1.44
N GLU H 138 -2.76 19.61 -2.02
CA GLU H 138 -3.80 18.80 -1.35
C GLU H 138 -3.47 17.30 -1.41
N MET H 139 -2.53 16.93 -2.29
CA MET H 139 -2.05 15.57 -2.59
C MET H 139 -0.82 15.20 -1.78
N ASN H 140 -0.66 13.89 -1.48
CA ASN H 140 0.49 13.32 -0.74
C ASN H 140 1.71 13.15 -1.65
N ALA H 141 2.90 13.03 -1.04
CA ALA H 141 4.14 12.86 -1.78
C ALA H 141 4.18 11.54 -2.52
N ASP H 142 3.64 10.46 -1.90
CA ASP H 142 3.62 9.13 -2.52
C ASP H 142 2.62 9.05 -3.68
N GLN H 143 1.53 9.84 -3.62
CA GLN H 143 0.51 9.91 -4.67
C GLN H 143 1.03 10.68 -5.87
N LEU H 144 1.74 11.80 -5.64
CA LEU H 144 2.35 12.61 -6.70
C LEU H 144 3.41 11.83 -7.47
N TRP H 145 4.13 10.90 -6.81
CA TRP H 145 5.12 10.08 -7.49
C TRP H 145 4.44 9.06 -8.38
N GLU H 146 3.65 8.15 -7.76
CA GLU H 146 2.94 7.03 -8.38
C GLU H 146 1.95 7.38 -9.50
N THR H 147 1.64 8.66 -9.71
CA THR H 147 0.67 9.08 -10.72
C THR H 147 1.21 10.13 -11.70
N THR H 148 2.16 10.97 -11.24
CA THR H 148 2.67 12.12 -11.99
C THR H 148 4.20 12.24 -12.11
N MET H 149 4.97 11.36 -11.43
CA MET H 149 6.44 11.46 -11.50
C MET H 149 7.17 10.18 -11.89
N ASN H 150 6.68 8.99 -11.46
CA ASN H 150 7.31 7.71 -11.76
C ASN H 150 7.26 7.46 -13.27
N PRO H 151 8.44 7.29 -13.94
CA PRO H 151 8.44 7.11 -15.41
C PRO H 151 7.63 5.92 -15.92
N GLU H 152 7.37 4.93 -15.06
CA GLU H 152 6.60 3.72 -15.38
C GLU H 152 5.09 3.94 -15.52
N HIS H 153 4.44 4.65 -14.58
CA HIS H 153 3.00 4.83 -14.60
C HIS H 153 2.51 6.22 -15.06
N ARG H 154 3.40 7.22 -15.12
CA ARG H 154 3.07 8.61 -15.51
C ARG H 154 2.64 8.76 -16.99
N ALA H 155 2.11 9.95 -17.32
CA ALA H 155 1.71 10.32 -18.67
C ALA H 155 2.05 11.79 -18.91
N LEU H 156 3.16 12.03 -19.63
CA LEU H 156 3.60 13.40 -19.95
C LEU H 156 3.22 13.74 -21.38
N LEU H 157 2.75 14.98 -21.60
CA LEU H 157 2.38 15.43 -22.94
C LEU H 157 3.53 16.23 -23.52
N GLN H 158 4.14 15.72 -24.61
CA GLN H 158 5.25 16.38 -25.29
C GLN H 158 4.70 17.55 -26.09
N VAL H 159 5.17 18.76 -25.76
CA VAL H 159 4.73 19.98 -26.43
C VAL H 159 5.44 20.08 -27.79
N LYS H 160 4.64 20.13 -28.86
CA LYS H 160 5.12 20.19 -30.23
C LYS H 160 4.62 21.42 -30.97
N LEU H 161 5.49 22.00 -31.81
CA LEU H 161 5.19 23.15 -32.65
C LEU H 161 5.03 22.61 -34.07
N GLU H 162 3.86 22.81 -34.68
CA GLU H 162 3.58 22.31 -36.04
C GLU H 162 3.48 23.42 -37.09
N ASP H 163 3.02 24.61 -36.68
CA ASP H 163 2.83 25.78 -37.54
C ASP H 163 3.23 27.01 -36.73
N ALA H 164 4.46 27.52 -36.97
CA ALA H 164 5.03 28.69 -36.28
C ALA H 164 4.29 29.98 -36.59
N ILE H 165 3.70 30.07 -37.79
CA ILE H 165 2.93 31.24 -38.25
C ILE H 165 1.61 31.29 -37.47
N GLU H 166 0.98 30.11 -37.25
CA GLU H 166 -0.29 29.94 -36.51
C GLU H 166 -0.05 30.17 -35.01
N ALA H 167 1.05 29.60 -34.46
CA ALA H 167 1.43 29.75 -33.06
C ALA H 167 1.68 31.21 -32.71
N ASP H 168 2.37 31.97 -33.59
CA ASP H 168 2.62 33.40 -33.42
C ASP H 168 1.31 34.18 -33.26
N GLN H 169 0.31 33.88 -34.13
CA GLN H 169 -1.01 34.51 -34.13
C GLN H 169 -1.79 34.12 -32.87
N THR H 170 -1.58 32.88 -32.38
CA THR H 170 -2.23 32.32 -31.18
C THR H 170 -1.75 33.01 -29.89
N PHE H 171 -0.41 33.10 -29.70
CA PHE H 171 0.16 33.75 -28.53
C PHE H 171 -0.19 35.24 -28.45
N GLU H 172 -0.20 35.98 -29.57
CA GLU H 172 -0.55 37.41 -29.53
C GLU H 172 -2.05 37.64 -29.24
N MET H 173 -2.90 36.68 -29.64
CA MET H 173 -4.36 36.76 -29.47
C MET H 173 -4.81 36.44 -28.06
N LEU H 174 -4.24 35.37 -27.49
CA LEU H 174 -4.57 34.95 -26.15
C LEU H 174 -3.84 35.75 -25.09
N MET H 175 -2.56 36.05 -25.31
CA MET H 175 -1.72 36.72 -24.29
C MET H 175 -1.35 38.18 -24.60
N GLY H 176 -1.81 38.70 -25.73
CA GLY H 176 -1.54 40.08 -26.14
C GLY H 176 -2.23 41.17 -25.35
N ASP H 177 -1.88 42.44 -25.64
CA ASP H 177 -2.42 43.62 -24.96
C ASP H 177 -3.72 44.15 -25.63
N VAL H 178 -4.18 43.49 -26.73
CA VAL H 178 -5.42 43.80 -27.46
C VAL H 178 -6.55 42.89 -26.92
N VAL H 179 -7.39 43.43 -26.00
CA VAL H 179 -8.47 42.71 -25.32
C VAL H 179 -9.56 42.22 -26.31
N GLU H 180 -9.98 43.07 -27.28
CA GLU H 180 -11.05 42.71 -28.22
C GLU H 180 -10.91 41.32 -28.85
N ASN H 181 -9.75 40.99 -29.47
CA ASN H 181 -9.51 39.68 -30.12
C ASN H 181 -9.65 38.53 -29.15
N ARG H 182 -9.20 38.75 -27.89
CA ARG H 182 -9.28 37.80 -26.79
C ARG H 182 -10.76 37.60 -26.40
N ARG H 183 -11.51 38.70 -26.17
CA ARG H 183 -12.95 38.67 -25.86
C ARG H 183 -13.69 37.92 -26.97
N GLN H 184 -13.34 38.23 -28.25
CA GLN H 184 -13.90 37.64 -29.46
C GLN H 184 -13.66 36.14 -29.52
N PHE H 185 -12.45 35.69 -29.12
CA PHE H 185 -12.09 34.27 -29.07
C PHE H 185 -12.98 33.53 -28.07
N ILE H 186 -13.19 34.15 -26.88
CA ILE H 186 -14.05 33.60 -25.83
C ILE H 186 -15.47 33.50 -26.39
N GLU H 187 -16.01 34.61 -26.92
CA GLU H 187 -17.37 34.68 -27.48
C GLU H 187 -17.65 33.55 -28.48
N ASP H 188 -16.70 33.28 -29.39
CA ASP H 188 -16.80 32.27 -30.45
C ASP H 188 -16.66 30.83 -29.94
N ASN H 189 -15.62 30.56 -29.11
CA ASN H 189 -15.30 29.22 -28.62
C ASN H 189 -16.03 28.77 -27.33
N ALA H 190 -16.57 29.69 -26.52
CA ALA H 190 -17.23 29.33 -25.27
C ALA H 190 -18.47 28.48 -25.42
N VAL H 191 -18.51 27.36 -24.68
CA VAL H 191 -19.65 26.44 -24.62
C VAL H 191 -20.20 26.44 -23.16
N TYR H 192 -21.04 27.46 -22.84
CA TYR H 192 -21.66 27.72 -21.52
C TYR H 192 -22.78 26.70 -21.11
N ALA H 193 -22.39 25.41 -20.90
CA ALA H 193 -23.29 24.32 -20.52
C ALA H 193 -23.62 24.37 -19.03
N ASN I 1 -4.55 55.79 40.33
CA ASN I 1 -3.91 54.97 41.37
C ASN I 1 -2.45 54.62 41.03
N GLU I 2 -1.66 54.23 42.05
CA GLU I 2 -0.24 53.85 41.88
C GLU I 2 -0.01 52.33 42.00
N ARG I 3 1.23 51.87 41.72
CA ARG I 3 1.62 50.45 41.77
C ARG I 3 3.13 50.26 41.98
N ASN I 4 3.51 49.51 43.04
CA ASN I 4 4.89 49.18 43.38
C ASN I 4 5.50 48.34 42.25
N ILE I 5 6.78 48.59 41.90
CA ILE I 5 7.46 47.86 40.83
C ILE I 5 7.70 46.37 41.21
N THR I 6 8.15 46.08 42.44
CA THR I 6 8.40 44.71 42.93
C THR I 6 7.10 43.89 42.96
N SER I 7 6.01 44.50 43.47
CA SER I 7 4.69 43.88 43.55
C SER I 7 4.19 43.51 42.15
N GLU I 8 4.31 44.46 41.19
CA GLU I 8 3.90 44.28 39.80
C GLU I 8 4.71 43.19 39.12
N MET I 9 6.02 43.11 39.40
CA MET I 9 6.89 42.07 38.85
C MET I 9 6.52 40.71 39.39
N ARG I 10 6.39 40.58 40.73
CA ARG I 10 6.04 39.33 41.39
C ARG I 10 4.68 38.81 40.95
N GLU I 11 3.64 39.67 40.99
CA GLU I 11 2.27 39.32 40.62
C GLU I 11 2.10 38.94 39.14
N SER I 12 2.58 39.80 38.21
CA SER I 12 2.47 39.57 36.77
C SER I 12 3.27 38.38 36.31
N PHE I 13 4.52 38.22 36.78
CA PHE I 13 5.36 37.09 36.36
C PHE I 13 4.78 35.77 36.81
N LEU I 14 4.34 35.68 38.09
CA LEU I 14 3.71 34.47 38.62
C LEU I 14 2.42 34.12 37.82
N ASP I 15 1.66 35.15 37.37
CA ASP I 15 0.44 35.06 36.56
C ASP I 15 0.68 34.35 35.21
N TYR I 16 1.79 34.68 34.54
CA TYR I 16 2.21 34.11 33.29
C TYR I 16 2.79 32.72 33.51
N ALA I 17 3.80 32.61 34.41
CA ALA I 17 4.47 31.35 34.76
C ALA I 17 3.51 30.23 35.11
N MET I 18 2.52 30.49 35.99
CA MET I 18 1.53 29.47 36.39
C MET I 18 0.66 29.02 35.22
N SER I 19 0.27 29.97 34.34
CA SER I 19 -0.54 29.71 33.15
C SER I 19 0.21 28.85 32.15
N VAL I 20 1.51 29.14 31.90
CA VAL I 20 2.34 28.36 30.97
C VAL I 20 2.46 26.93 31.49
N ILE I 21 2.65 26.80 32.82
CA ILE I 21 2.79 25.52 33.52
C ILE I 21 1.50 24.68 33.49
N VAL I 22 0.37 25.24 33.98
CA VAL I 22 -0.87 24.46 34.10
C VAL I 22 -1.82 24.57 32.89
N ALA I 23 -1.56 25.48 31.93
CA ALA I 23 -2.44 25.66 30.77
C ALA I 23 -1.72 26.09 29.49
N ARG I 24 -0.67 25.34 29.10
CA ARG I 24 0.06 25.55 27.87
C ARG I 24 1.10 24.50 27.57
N ALA I 25 2.26 24.56 28.26
CA ALA I 25 3.48 23.78 28.00
C ALA I 25 3.54 22.37 28.58
N LEU I 26 2.90 22.11 29.72
CA LEU I 26 3.01 20.78 30.34
C LEU I 26 1.79 19.86 30.11
N PRO I 27 2.02 18.56 29.87
CA PRO I 27 0.89 17.64 29.67
C PRO I 27 0.26 17.19 30.98
N ASP I 28 -0.98 16.65 30.92
CA ASP I 28 -1.61 16.10 32.11
C ASP I 28 -1.12 14.67 32.23
N VAL I 29 -0.83 14.22 33.44
CA VAL I 29 -0.39 12.84 33.69
C VAL I 29 -1.41 11.78 33.19
N ARG I 30 -2.71 12.08 33.30
CA ARG I 30 -3.82 11.17 32.99
C ARG I 30 -4.00 10.87 31.51
N ASP I 31 -4.07 11.92 30.66
CA ASP I 31 -4.29 11.76 29.22
C ASP I 31 -3.04 12.09 28.35
N GLY I 32 -2.00 12.63 28.98
CA GLY I 32 -0.73 13.01 28.35
C GLY I 32 -0.78 14.20 27.41
N LEU I 33 -1.86 15.00 27.47
CA LEU I 33 -2.08 16.11 26.56
C LEU I 33 -1.89 17.50 27.13
N LYS I 34 -1.47 18.41 26.26
CA LYS I 34 -1.37 19.84 26.54
C LYS I 34 -2.78 20.37 26.15
N PRO I 35 -3.25 21.51 26.69
CA PRO I 35 -4.60 21.99 26.32
C PRO I 35 -4.88 22.08 24.81
N VAL I 36 -3.93 22.58 23.98
CA VAL I 36 -4.10 22.75 22.54
C VAL I 36 -4.43 21.41 21.84
N HIS I 37 -3.70 20.34 22.14
CA HIS I 37 -3.94 19.01 21.55
C HIS I 37 -5.30 18.47 21.95
N ARG I 38 -5.63 18.55 23.27
CA ARG I 38 -6.90 18.12 23.82
C ARG I 38 -8.06 18.85 23.13
N ARG I 39 -7.91 20.18 22.89
CA ARG I 39 -8.92 20.99 22.21
C ARG I 39 -9.09 20.62 20.76
N ILE I 40 -7.99 20.22 20.08
CA ILE I 40 -8.03 19.80 18.69
C ILE I 40 -8.80 18.47 18.60
N LEU I 41 -8.44 17.50 19.46
CA LEU I 41 -9.09 16.18 19.51
C LEU I 41 -10.59 16.23 19.89
N TYR I 42 -10.93 17.06 20.91
CA TYR I 42 -12.32 17.24 21.33
C TYR I 42 -13.14 17.92 20.23
N GLY I 43 -12.53 18.90 19.55
CA GLY I 43 -13.14 19.61 18.43
C GLY I 43 -13.46 18.68 17.27
N LEU I 44 -12.52 17.72 17.02
CA LEU I 44 -12.69 16.69 15.97
C LEU I 44 -13.88 15.82 16.36
N ASN I 45 -13.92 15.41 17.65
CA ASN I 45 -14.96 14.58 18.21
C ASN I 45 -16.34 15.23 18.12
N GLU I 46 -16.45 16.51 18.55
CA GLU I 46 -17.72 17.27 18.53
C GLU I 46 -18.26 17.44 17.14
N GLN I 47 -17.35 17.62 16.15
CA GLN I 47 -17.70 17.80 14.74
C GLN I 47 -17.93 16.49 13.98
N GLY I 48 -17.79 15.37 14.70
CA GLY I 48 -17.95 14.01 14.18
C GLY I 48 -16.95 13.65 13.10
N MET I 49 -15.73 14.23 13.16
CA MET I 49 -14.65 14.00 12.19
C MET I 49 -13.88 12.75 12.61
N THR I 50 -14.59 11.62 12.60
CA THR I 50 -14.18 10.26 12.98
C THR I 50 -13.48 9.51 11.82
N PRO I 51 -12.79 8.36 12.05
CA PRO I 51 -12.12 7.67 10.94
C PRO I 51 -13.04 7.14 9.84
N ASP I 52 -14.28 6.75 10.19
CA ASP I 52 -15.28 6.22 9.22
C ASP I 52 -15.79 7.27 8.24
N LYS I 53 -15.73 8.56 8.63
CA LYS I 53 -16.18 9.69 7.81
C LYS I 53 -15.04 10.38 7.07
N SER I 54 -15.34 10.98 5.90
CA SER I 54 -14.39 11.67 5.00
C SER I 54 -13.48 12.68 5.68
N TYR I 55 -12.32 12.96 5.06
CA TYR I 55 -11.36 13.96 5.57
C TYR I 55 -12.01 15.34 5.48
N LYS I 56 -11.83 16.17 6.51
CA LYS I 56 -12.38 17.53 6.54
C LYS I 56 -11.22 18.51 6.45
N LYS I 57 -11.40 19.62 5.70
N LYS I 57 -11.37 19.60 5.67
CA LYS I 57 -10.39 20.68 5.48
CA LYS I 57 -10.33 20.61 5.42
C LYS I 57 -9.82 21.22 6.80
C LYS I 57 -9.81 21.25 6.72
N SER I 58 -8.47 21.25 6.90
CA SER I 58 -7.72 21.74 8.08
C SER I 58 -8.14 23.10 8.61
N ALA I 59 -8.41 24.06 7.71
CA ALA I 59 -8.87 25.41 8.06
C ALA I 59 -10.22 25.40 8.79
N ARG I 60 -11.06 24.38 8.53
CA ARG I 60 -12.37 24.25 9.17
C ARG I 60 -12.20 23.72 10.59
N ILE I 61 -11.29 22.74 10.78
CA ILE I 61 -11.00 22.16 12.10
C ILE I 61 -10.38 23.26 12.99
N VAL I 62 -9.35 23.95 12.44
CA VAL I 62 -8.59 25.03 13.07
C VAL I 62 -9.52 26.18 13.52
N GLY I 63 -10.37 26.67 12.63
CA GLY I 63 -11.31 27.74 12.93
C GLY I 63 -12.30 27.39 14.03
N ASP I 64 -12.81 26.14 14.01
CA ASP I 64 -13.78 25.64 14.99
C ASP I 64 -13.19 25.60 16.39
N VAL I 65 -12.01 24.93 16.52
CA VAL I 65 -11.23 24.78 17.74
C VAL I 65 -10.88 26.15 18.33
N MET I 66 -10.54 27.11 17.47
CA MET I 66 -10.20 28.46 17.84
C MET I 66 -11.40 29.23 18.41
N GLY I 67 -12.48 29.25 17.63
CA GLY I 67 -13.70 29.95 17.99
C GLY I 67 -14.43 29.39 19.20
N LYS I 68 -14.32 28.07 19.39
CA LYS I 68 -15.01 27.41 20.48
C LYS I 68 -14.16 27.15 21.73
N TYR I 69 -12.83 26.87 21.59
CA TYR I 69 -12.04 26.45 22.76
C TYR I 69 -10.67 27.10 22.97
N HIS I 70 -9.88 27.32 21.90
CA HIS I 70 -8.51 27.84 21.96
C HIS I 70 -8.38 29.31 21.54
N PRO I 71 -8.38 30.26 22.53
CA PRO I 71 -8.32 31.69 22.17
C PRO I 71 -6.93 32.20 21.80
N HIS I 72 -6.34 31.59 20.78
CA HIS I 72 -4.99 31.93 20.33
C HIS I 72 -4.92 31.93 18.79
N GLY I 73 -3.72 32.02 18.23
CA GLY I 73 -3.48 32.06 16.80
C GLY I 73 -3.84 30.80 16.08
N ASP I 74 -4.29 30.95 14.82
CA ASP I 74 -4.67 29.84 13.97
C ASP I 74 -3.48 28.95 13.62
N SER I 75 -2.28 29.56 13.46
CA SER I 75 -1.02 28.88 13.16
C SER I 75 -0.62 27.93 14.29
N SER I 76 -0.69 28.39 15.55
CA SER I 76 -0.33 27.62 16.75
C SER I 76 -1.18 26.38 16.90
N ILE I 77 -2.46 26.43 16.42
CA ILE I 77 -3.43 25.33 16.45
C ILE I 77 -3.08 24.36 15.32
N TYR I 78 -2.97 24.89 14.09
CA TYR I 78 -2.66 24.11 12.90
C TYR I 78 -1.36 23.34 13.05
N GLU I 79 -0.30 24.02 13.55
CA GLU I 79 1.02 23.43 13.79
C GLU I 79 0.98 22.31 14.82
N ALA I 80 0.23 22.48 15.94
CA ALA I 80 0.06 21.46 16.98
C ALA I 80 -0.63 20.22 16.40
N MET I 81 -1.69 20.44 15.57
CA MET I 81 -2.46 19.40 14.88
C MET I 81 -1.57 18.66 13.91
N VAL I 82 -0.71 19.39 13.16
CA VAL I 82 0.21 18.83 12.16
C VAL I 82 1.12 17.78 12.77
N ARG I 83 1.81 18.12 13.87
N ARG I 83 1.80 18.13 13.88
CA ARG I 83 2.70 17.23 14.60
CA ARG I 83 2.70 17.24 14.61
C ARG I 83 2.01 15.91 14.95
C ARG I 83 2.01 15.92 14.98
N MET I 84 0.74 15.98 15.41
CA MET I 84 -0.11 14.82 15.78
C MET I 84 -0.40 13.86 14.63
N ALA I 85 -0.24 14.33 13.39
CA ALA I 85 -0.48 13.56 12.17
C ALA I 85 0.81 12.99 11.58
N GLN I 86 2.00 13.38 12.14
CA GLN I 86 3.32 12.96 11.66
C GLN I 86 3.79 11.65 12.28
N ASP I 87 3.94 10.61 11.42
CA ASP I 87 4.39 9.27 11.82
C ASP I 87 5.85 9.22 12.33
N PHE I 88 6.60 10.32 12.18
CA PHE I 88 7.97 10.44 12.65
C PHE I 88 8.04 11.25 13.96
N SER I 89 6.94 11.94 14.34
CA SER I 89 6.82 12.75 15.57
C SER I 89 6.06 11.97 16.64
N TYR I 90 4.86 11.47 16.28
CA TYR I 90 4.02 10.70 17.19
C TYR I 90 4.18 9.20 16.94
N ARG I 91 4.55 8.45 18.02
CA ARG I 91 4.76 7.01 17.98
C ARG I 91 3.46 6.28 17.61
N TYR I 92 2.30 6.81 18.05
CA TYR I 92 0.95 6.35 17.75
C TYR I 92 0.18 7.61 17.34
N PRO I 93 0.25 8.02 16.05
CA PRO I 93 -0.38 9.29 15.64
C PRO I 93 -1.85 9.45 16.01
N LEU I 94 -2.19 10.66 16.47
CA LEU I 94 -3.53 10.99 16.95
C LEU I 94 -4.40 11.69 15.91
N VAL I 95 -3.78 12.21 14.84
CA VAL I 95 -4.46 12.87 13.72
C VAL I 95 -4.14 12.13 12.39
N ASP I 96 -5.18 11.94 11.54
CA ASP I 96 -5.10 11.28 10.24
C ASP I 96 -5.08 12.40 9.17
N GLY I 97 -3.90 12.67 8.61
CA GLY I 97 -3.73 13.74 7.64
C GLY I 97 -3.66 13.32 6.19
N GLN I 98 -4.19 14.20 5.30
CA GLN I 98 -4.25 14.06 3.84
C GLN I 98 -3.51 15.24 3.22
N GLY I 99 -2.43 14.98 2.50
CA GLY I 99 -1.65 16.01 1.86
C GLY I 99 -0.28 16.21 2.48
N ASN I 100 0.37 17.36 2.17
CA ASN I 100 1.70 17.62 2.71
C ASN I 100 1.64 17.99 4.20
N PHE I 101 2.03 17.05 5.04
CA PHE I 101 2.07 17.23 6.49
C PHE I 101 3.51 17.28 6.99
N GLY I 102 4.43 17.52 6.05
CA GLY I 102 5.86 17.60 6.32
C GLY I 102 6.51 16.23 6.24
N SER I 103 7.82 16.19 6.16
CA SER I 103 8.49 14.90 6.09
C SER I 103 9.65 14.82 7.05
N MET I 104 10.29 13.65 7.12
CA MET I 104 11.43 13.43 7.99
C MET I 104 12.58 14.38 7.63
N ASP I 105 12.69 14.71 6.31
CA ASP I 105 13.68 15.61 5.68
C ASP I 105 13.81 16.98 6.36
N GLY I 106 12.77 17.39 7.10
CA GLY I 106 12.76 18.63 7.86
C GLY I 106 11.73 19.69 7.47
N ASP I 107 11.25 19.62 6.21
CA ASP I 107 10.28 20.55 5.63
C ASP I 107 8.96 20.55 6.38
N GLY I 108 8.30 21.71 6.40
CA GLY I 108 7.02 21.87 7.07
C GLY I 108 5.84 21.39 6.26
N ALA I 109 4.65 21.41 6.86
CA ALA I 109 3.40 21.02 6.22
C ALA I 109 2.95 22.13 5.28
N ALA I 110 2.02 21.82 4.37
CA ALA I 110 1.41 22.79 3.47
C ALA I 110 0.54 23.72 4.32
N ALA I 111 0.20 24.93 3.82
CA ALA I 111 -0.70 25.84 4.54
C ALA I 111 -2.07 25.15 4.76
N MET I 112 -2.75 25.44 5.88
CA MET I 112 -4.02 24.81 6.25
C MET I 112 -5.14 24.84 5.17
N ARG I 113 -5.04 25.74 4.17
CA ARG I 113 -5.99 25.86 3.07
C ARG I 113 -5.91 24.62 2.16
N PTR I 114 -4.70 23.98 2.09
CA PTR I 114 -4.37 22.81 1.26
C PTR I 114 -4.50 21.44 1.94
O PTR I 114 -4.59 20.44 1.24
CB PTR I 114 -2.87 22.86 0.87
CG PTR I 114 -2.45 24.05 0.10
CD1 PTR I 114 -2.68 24.17 -1.25
CD2 PTR I 114 -1.74 25.02 0.79
CE1 PTR I 114 -2.21 25.30 -1.91
CE2 PTR I 114 -1.27 26.17 0.12
CZ PTR I 114 -1.49 26.29 -1.25
OH PTR I 114 -1.07 27.39 -1.96
P PTR I 114 0.43 27.41 -2.39
O1P PTR I 114 1.17 28.09 -1.24
O2P PTR I 114 0.96 25.96 -2.70
O3P PTR I 114 0.62 28.26 -3.68
N THR I 115 -4.43 21.35 3.27
CA THR I 115 -4.50 20.04 3.90
C THR I 115 -5.86 19.73 4.48
N GLU I 116 -6.12 18.44 4.68
CA GLU I 116 -7.35 17.96 5.31
C GLU I 116 -6.99 16.90 6.35
N ALA I 117 -7.84 16.75 7.38
CA ALA I 117 -7.62 15.79 8.45
C ALA I 117 -8.90 15.23 9.06
N ARG I 118 -8.75 14.20 9.90
CA ARG I 118 -9.77 13.52 10.71
C ARG I 118 -9.01 12.80 11.85
N MET I 119 -9.73 12.19 12.80
CA MET I 119 -9.04 11.50 13.87
C MET I 119 -8.61 10.08 13.46
N THR I 120 -7.60 9.55 14.14
CA THR I 120 -7.10 8.19 13.90
C THR I 120 -7.98 7.22 14.70
N LYS I 121 -7.94 5.92 14.38
CA LYS I 121 -8.72 4.90 15.10
C LYS I 121 -8.29 4.81 16.56
N ILE I 122 -7.00 5.09 16.88
CA ILE I 122 -6.48 5.04 18.25
C ILE I 122 -7.05 6.20 19.10
N THR I 123 -7.25 7.39 18.49
CA THR I 123 -7.79 8.58 19.16
C THR I 123 -9.20 8.31 19.70
N LEU I 124 -9.99 7.43 19.03
CA LEU I 124 -11.31 7.05 19.53
C LEU I 124 -11.20 6.43 20.92
N GLU I 125 -10.06 5.81 21.23
CA GLU I 125 -9.81 5.23 22.55
C GLU I 125 -9.49 6.31 23.57
N LEU I 126 -8.98 7.49 23.11
CA LEU I 126 -8.73 8.61 24.03
C LEU I 126 -10.04 9.25 24.41
N LEU I 127 -11.01 9.24 23.47
CA LEU I 127 -12.34 9.85 23.63
C LEU I 127 -13.42 8.87 24.08
N ARG I 128 -13.11 7.55 24.11
CA ARG I 128 -14.04 6.49 24.48
C ARG I 128 -14.68 6.73 25.85
N ASP I 129 -16.02 6.72 25.90
CA ASP I 129 -16.85 6.90 27.10
C ASP I 129 -16.88 8.36 27.64
N ILE I 130 -16.40 9.36 26.87
CA ILE I 130 -16.38 10.78 27.29
C ILE I 130 -17.77 11.32 27.67
N ASN I 131 -18.83 10.85 26.98
CA ASN I 131 -20.20 11.29 27.19
C ASN I 131 -20.98 10.40 28.17
N LYS I 132 -20.26 9.66 29.02
CA LYS I 132 -20.83 8.76 30.02
C LYS I 132 -20.42 9.19 31.44
N ASP I 133 -20.32 10.52 31.69
CA ASP I 133 -19.95 11.15 32.96
C ASP I 133 -18.65 10.54 33.56
N THR I 134 -17.69 10.20 32.68
CA THR I 134 -16.41 9.60 33.08
C THR I 134 -15.39 10.67 33.48
N ILE I 135 -15.48 11.85 32.83
CA ILE I 135 -14.60 12.99 33.05
C ILE I 135 -15.39 14.27 33.39
N ASP I 136 -14.71 15.25 33.99
CA ASP I 136 -15.34 16.51 34.33
C ASP I 136 -15.19 17.54 33.21
N PHE I 137 -16.32 18.16 32.85
CA PHE I 137 -16.38 19.22 31.85
C PHE I 137 -16.29 20.56 32.55
N ILE I 138 -15.75 21.57 31.84
CA ILE I 138 -15.56 22.93 32.32
C ILE I 138 -16.07 23.93 31.27
N ASP I 139 -16.28 25.18 31.68
CA ASP I 139 -16.69 26.22 30.76
C ASP I 139 -15.47 26.69 29.96
N ASN I 140 -15.69 27.10 28.70
CA ASN I 140 -14.62 27.60 27.84
C ASN I 140 -14.26 29.04 28.20
N TYR I 141 -13.25 29.61 27.51
CA TYR I 141 -12.76 30.97 27.72
C TYR I 141 -13.84 32.08 27.75
N ASP I 142 -14.86 32.02 26.87
CA ASP I 142 -15.93 33.03 26.81
C ASP I 142 -17.18 32.65 27.61
N GLY I 143 -17.32 31.38 27.95
CA GLY I 143 -18.45 30.86 28.73
C GLY I 143 -19.65 30.46 27.90
N ASN I 144 -19.49 30.46 26.57
CA ASN I 144 -20.52 30.09 25.59
C ASN I 144 -20.46 28.62 25.17
N GLU I 145 -19.48 27.85 25.68
CA GLU I 145 -19.28 26.42 25.40
C GLU I 145 -18.79 25.65 26.63
N ARG I 146 -18.78 24.30 26.53
CA ARG I 146 -18.27 23.36 27.52
C ARG I 146 -17.13 22.56 26.88
N GLU I 147 -16.10 22.24 27.67
CA GLU I 147 -14.94 21.47 27.19
C GLU I 147 -14.41 20.49 28.26
N PRO I 148 -13.74 19.39 27.85
CA PRO I 148 -13.22 18.44 28.84
C PRO I 148 -11.99 18.92 29.60
N SER I 149 -11.92 18.64 30.91
CA SER I 149 -10.76 18.98 31.74
C SER I 149 -9.61 17.99 31.37
N VAL I 150 -9.99 16.74 31.11
CA VAL I 150 -9.14 15.60 30.77
C VAL I 150 -9.98 14.64 29.88
N LEU I 151 -9.35 13.86 29.02
CA LEU I 151 -10.06 12.89 28.18
C LEU I 151 -10.00 11.53 28.90
N PRO I 152 -10.97 10.60 28.70
CA PRO I 152 -10.88 9.29 29.39
C PRO I 152 -9.56 8.51 29.21
N ALA I 153 -8.87 8.67 28.05
CA ALA I 153 -7.57 8.05 27.69
C ALA I 153 -7.49 6.57 28.03
N ARG I 154 -8.21 5.74 27.27
CA ARG I 154 -8.30 4.31 27.52
C ARG I 154 -6.98 3.53 27.21
N PHE I 155 -5.92 4.26 26.77
CA PHE I 155 -4.55 3.73 26.58
C PHE I 155 -3.55 4.73 27.22
N PRO I 156 -2.41 4.28 27.82
CA PRO I 156 -1.48 5.24 28.46
C PRO I 156 -0.74 6.17 27.48
N ASN I 157 -1.41 7.27 27.06
CA ASN I 157 -0.93 8.22 26.06
C ASN I 157 0.32 9.04 26.44
N LEU I 158 0.46 9.45 27.71
CA LEU I 158 1.62 10.21 28.17
C LEU I 158 2.92 9.46 27.87
N LEU I 159 2.99 8.17 28.23
CA LEU I 159 4.17 7.34 27.98
C LEU I 159 4.28 6.86 26.54
N ALA I 160 3.13 6.53 25.87
CA ALA I 160 3.08 6.03 24.49
C ALA I 160 3.63 7.01 23.43
N ASN I 161 3.11 8.27 23.41
CA ASN I 161 3.52 9.30 22.47
C ASN I 161 4.57 10.25 23.03
N GLY I 162 4.78 10.19 24.33
CA GLY I 162 5.73 11.04 25.03
C GLY I 162 5.25 12.48 25.09
N ALA I 163 6.13 13.39 25.56
CA ALA I 163 5.85 14.81 25.68
C ALA I 163 7.14 15.60 25.66
N SER I 164 7.07 16.85 25.20
CA SER I 164 8.20 17.78 25.12
C SER I 164 7.65 19.20 25.19
N GLY I 165 7.93 19.89 26.30
CA GLY I 165 7.44 21.25 26.51
C GLY I 165 8.37 22.13 27.32
N ILE I 166 8.48 23.41 26.95
CA ILE I 166 9.30 24.40 27.69
C ILE I 166 8.33 25.33 28.45
N ALA I 167 8.30 25.20 29.78
CA ALA I 167 7.42 26.04 30.59
C ALA I 167 8.19 27.26 31.09
N VAL I 168 7.98 27.63 32.37
CA VAL I 168 8.67 28.72 33.05
C VAL I 168 9.11 28.12 34.39
N GLY I 169 10.41 28.17 34.67
CA GLY I 169 11.01 27.58 35.87
C GLY I 169 11.22 26.07 35.74
N MET I 170 10.63 25.46 34.70
CA MET I 170 10.73 24.03 34.42
C MET I 170 10.46 23.73 32.95
N ALA I 171 10.67 22.47 32.56
CA ALA I 171 10.43 21.94 31.23
C ALA I 171 10.19 20.44 31.34
N THR I 172 9.64 19.82 30.30
CA THR I 172 9.38 18.38 30.30
C THR I 172 9.98 17.70 29.05
N ASN I 173 10.38 16.43 29.21
CA ASN I 173 10.93 15.66 28.10
C ASN I 173 10.75 14.17 28.37
N ILE I 174 9.58 13.66 27.97
CA ILE I 174 9.18 12.27 28.14
C ILE I 174 9.31 11.55 26.79
N PRO I 175 10.11 10.47 26.71
CA PRO I 175 10.26 9.78 25.41
C PRO I 175 9.06 8.93 25.03
N PRO I 176 8.85 8.61 23.72
CA PRO I 176 7.72 7.73 23.38
C PRO I 176 8.03 6.28 23.74
N HIS I 177 6.98 5.46 23.93
CA HIS I 177 7.12 4.04 24.31
C HIS I 177 6.25 3.08 23.47
N ASN I 178 6.55 1.76 23.57
CA ASN I 178 5.80 0.71 22.88
C ASN I 178 4.52 0.36 23.69
N LEU I 179 3.34 0.54 23.05
CA LEU I 179 2.01 0.32 23.64
C LEU I 179 1.85 -1.06 24.25
N THR I 180 2.32 -2.12 23.55
CA THR I 180 2.23 -3.49 24.04
C THR I 180 3.00 -3.61 25.35
N GLU I 181 4.21 -3.04 25.40
CA GLU I 181 5.07 -3.04 26.58
C GLU I 181 4.45 -2.25 27.74
N LEU I 182 3.91 -1.05 27.46
CA LEU I 182 3.27 -0.19 28.45
C LEU I 182 2.08 -0.85 29.11
N ILE I 183 1.11 -1.30 28.29
CA ILE I 183 -0.10 -1.96 28.76
C ILE I 183 0.25 -3.16 29.64
N ASN I 184 1.26 -3.97 29.23
CA ASN I 184 1.73 -5.12 29.98
C ASN I 184 2.24 -4.70 31.35
N GLY I 185 2.96 -3.59 31.40
CA GLY I 185 3.49 -2.99 32.63
C GLY I 185 2.35 -2.53 33.53
N VAL I 186 1.30 -1.93 32.94
CA VAL I 186 0.09 -1.46 33.64
C VAL I 186 -0.62 -2.67 34.28
N LEU I 187 -0.76 -3.77 33.51
CA LEU I 187 -1.39 -5.01 33.96
C LEU I 187 -0.58 -5.64 35.09
N SER I 188 0.76 -5.59 35.00
CA SER I 188 1.66 -6.11 36.04
C SER I 188 1.57 -5.29 37.34
N LEU I 189 1.36 -3.95 37.22
CA LEU I 189 1.21 -3.02 38.34
C LEU I 189 -0.13 -3.23 39.08
N SER I 190 -1.23 -3.42 38.33
CA SER I 190 -2.56 -3.65 38.89
C SER I 190 -2.62 -4.92 39.75
N LYS I 191 -1.87 -5.96 39.33
CA LYS I 191 -1.77 -7.25 40.00
C LYS I 191 -0.78 -7.19 41.18
N ASN I 192 0.24 -6.32 41.09
CA ASN I 192 1.25 -6.15 42.14
C ASN I 192 1.53 -4.65 42.45
N PRO I 193 0.84 -4.05 43.43
CA PRO I 193 1.07 -2.63 43.74
C PRO I 193 2.46 -2.27 44.23
N ASP I 194 3.20 -3.24 44.82
CA ASP I 194 4.56 -3.02 45.34
C ASP I 194 5.66 -3.44 44.32
N ILE I 195 5.31 -3.42 43.01
CA ILE I 195 6.20 -3.75 41.89
C ILE I 195 7.39 -2.77 41.83
N SER I 196 8.62 -3.30 41.68
CA SER I 196 9.81 -2.46 41.57
C SER I 196 9.96 -1.94 40.15
N ILE I 197 10.71 -0.84 39.96
CA ILE I 197 10.99 -0.26 38.64
C ILE I 197 11.74 -1.30 37.82
N ALA I 198 12.66 -2.05 38.47
CA ALA I 198 13.42 -3.15 37.88
C ALA I 198 12.45 -4.19 37.31
N GLU I 199 11.44 -4.62 38.11
CA GLU I 199 10.42 -5.59 37.72
C GLU I 199 9.58 -5.08 36.55
N LEU I 200 9.17 -3.78 36.59
CA LEU I 200 8.40 -3.12 35.54
C LEU I 200 9.16 -3.14 34.22
N MET I 201 10.49 -2.98 34.29
CA MET I 201 11.39 -2.95 33.13
C MET I 201 11.49 -4.28 32.37
N GLU I 202 10.88 -5.37 32.91
CA GLU I 202 10.81 -6.66 32.24
C GLU I 202 9.73 -6.58 31.17
N ASP I 203 8.76 -5.65 31.35
CA ASP I 203 7.68 -5.34 30.43
C ASP I 203 8.08 -4.12 29.61
N ILE I 204 8.33 -2.97 30.29
CA ILE I 204 8.75 -1.71 29.65
C ILE I 204 10.28 -1.67 29.56
N GLU I 205 10.82 -2.15 28.42
CA GLU I 205 12.25 -2.24 28.14
C GLU I 205 12.94 -0.87 28.05
N GLY I 206 12.19 0.15 27.65
CA GLY I 206 12.70 1.50 27.49
C GLY I 206 11.93 2.28 26.45
N PRO I 207 12.44 3.46 26.03
CA PRO I 207 11.73 4.22 24.99
C PRO I 207 11.73 3.52 23.65
N ASP I 208 10.66 3.72 22.87
CA ASP I 208 10.52 3.16 21.54
C ASP I 208 10.16 4.32 20.66
N PHE I 209 11.10 4.80 19.85
CA PHE I 209 10.90 5.96 18.99
C PHE I 209 10.20 5.65 17.68
N PRO I 210 9.35 6.58 17.16
CA PRO I 210 8.72 6.33 15.86
C PRO I 210 9.75 6.24 14.70
N THR I 211 10.90 6.92 14.90
CA THR I 211 12.06 7.03 13.99
C THR I 211 12.99 5.81 14.09
N ALA I 212 12.61 4.84 14.96
CA ALA I 212 13.31 3.58 15.27
C ALA I 212 14.74 3.86 15.79
N GLY I 213 15.75 3.31 15.12
CA GLY I 213 17.14 3.48 15.52
C GLY I 213 17.57 2.56 16.65
N LEU I 214 18.60 3.01 17.41
CA LEU I 214 19.19 2.24 18.50
C LEU I 214 19.38 3.07 19.78
N ILE I 215 19.33 2.37 20.94
CA ILE I 215 19.60 2.93 22.27
C ILE I 215 20.84 2.22 22.81
N LEU I 216 21.79 2.98 23.34
CA LEU I 216 23.04 2.43 23.89
C LEU I 216 23.00 2.17 25.39
N GLY I 217 22.79 0.90 25.75
CA GLY I 217 22.74 0.44 27.13
C GLY I 217 21.43 0.70 27.85
N LYS I 218 21.17 -0.09 28.91
CA LYS I 218 19.98 0.03 29.76
C LYS I 218 20.25 1.01 30.93
N SER I 219 21.52 1.40 31.13
CA SER I 219 21.97 2.32 32.19
C SER I 219 21.23 3.66 32.16
N GLY I 220 21.22 4.32 31.01
CA GLY I 220 20.56 5.62 30.81
C GLY I 220 19.09 5.57 31.10
N ILE I 221 18.42 4.51 30.59
CA ILE I 221 17.00 4.20 30.75
C ILE I 221 16.65 4.00 32.24
N ARG I 222 17.44 3.14 32.95
CA ARG I 222 17.29 2.80 34.37
C ARG I 222 17.20 4.03 35.25
N ARG I 223 18.15 4.99 35.07
CA ARG I 223 18.21 6.25 35.80
C ARG I 223 16.97 7.10 35.52
N ALA I 224 16.60 7.20 34.22
CA ALA I 224 15.43 7.94 33.77
C ALA I 224 14.14 7.40 34.36
N TYR I 225 14.06 6.09 34.64
CA TYR I 225 12.86 5.44 35.18
C TYR I 225 12.76 5.52 36.70
N GLU I 226 13.88 5.43 37.42
CA GLU I 226 13.86 5.48 38.89
C GLU I 226 13.83 6.91 39.48
N THR I 227 14.27 7.92 38.69
CA THR I 227 14.30 9.29 39.17
C THR I 227 13.45 10.25 38.36
N GLY I 228 13.08 9.85 37.15
CA GLY I 228 12.32 10.70 36.23
C GLY I 228 13.24 11.60 35.42
N ARG I 229 14.56 11.41 35.61
CA ARG I 229 15.61 12.20 34.99
C ARG I 229 16.76 11.28 34.59
N GLY I 230 17.30 11.49 33.39
CA GLY I 230 18.40 10.70 32.83
C GLY I 230 18.68 11.01 31.38
N SER I 231 19.89 10.65 30.93
CA SER I 231 20.31 10.86 29.55
C SER I 231 20.37 9.53 28.81
N ILE I 232 19.58 9.41 27.72
CA ILE I 232 19.49 8.20 26.89
C ILE I 232 20.19 8.44 25.54
N GLN I 233 21.26 7.68 25.29
CA GLN I 233 22.03 7.81 24.06
C GLN I 233 21.35 7.12 22.89
N MET I 234 20.89 7.93 21.93
CA MET I 234 20.24 7.44 20.70
C MET I 234 21.29 7.45 19.61
N ARG I 235 21.40 6.33 18.89
CA ARG I 235 22.37 6.17 17.81
C ARG I 235 21.66 5.74 16.53
N SER I 236 22.10 6.29 15.40
CA SER I 236 21.60 5.95 14.06
C SER I 236 21.94 4.51 13.69
N ARG I 237 21.10 3.89 12.82
CA ARG I 237 21.39 2.55 12.32
C ARG I 237 22.27 2.73 11.10
N ALA I 238 23.54 2.31 11.23
CA ALA I 238 24.52 2.42 10.16
C ALA I 238 25.22 1.10 9.92
N VAL I 239 25.35 0.73 8.65
CA VAL I 239 26.00 -0.52 8.22
C VAL I 239 27.16 -0.26 7.28
N ILE I 240 28.24 -1.04 7.40
CA ILE I 240 29.41 -0.89 6.54
C ILE I 240 29.35 -1.97 5.46
N GLU I 241 29.01 -1.57 4.23
CA GLU I 241 28.92 -2.50 3.09
C GLU I 241 30.13 -2.37 2.15
N GLU I 242 30.37 -3.40 1.29
CA GLU I 242 31.46 -3.41 0.32
C GLU I 242 31.07 -2.62 -0.93
N ARG I 243 31.74 -1.48 -1.17
CA ARG I 243 31.52 -0.57 -2.30
C ARG I 243 31.88 -1.17 -3.68
N GLY I 244 32.52 -2.34 -3.67
CA GLY I 244 32.95 -3.04 -4.87
C GLY I 244 34.44 -3.25 -4.84
N GLY I 245 35.15 -2.53 -5.72
CA GLY I 245 36.60 -2.56 -5.82
C GLY I 245 37.24 -1.86 -4.64
N GLY I 246 36.62 -0.76 -4.20
CA GLY I 246 37.03 0.06 -3.06
C GLY I 246 36.62 -0.48 -1.71
N ARG I 247 35.66 -1.45 -1.71
CA ARG I 247 35.07 -2.21 -0.58
C ARG I 247 34.94 -1.45 0.78
N GLN I 248 34.63 -0.13 0.74
CA GLN I 248 34.47 0.68 1.93
C GLN I 248 33.47 1.85 1.74
N ARG I 249 32.29 1.77 2.41
CA ARG I 249 31.22 2.78 2.43
C ARG I 249 30.16 2.47 3.51
N ILE I 250 29.69 3.51 4.22
CA ILE I 250 28.70 3.38 5.30
C ILE I 250 27.32 3.85 4.84
N VAL I 251 26.24 3.12 5.26
CA VAL I 251 24.84 3.41 4.90
C VAL I 251 24.02 3.65 6.19
N VAL I 252 23.41 4.85 6.32
CA VAL I 252 22.57 5.21 7.47
C VAL I 252 21.10 5.00 7.07
N THR I 253 20.43 4.01 7.69
CA THR I 253 19.04 3.66 7.38
C THR I 253 18.01 4.25 8.37
N GLU I 254 18.40 4.42 9.63
CA GLU I 254 17.56 4.99 10.69
C GLU I 254 18.34 6.08 11.39
N ILE I 255 17.71 7.25 11.66
CA ILE I 255 18.38 8.38 12.34
C ILE I 255 17.73 8.64 13.72
N PRO I 256 18.40 9.34 14.68
CA PRO I 256 17.77 9.53 16.00
C PRO I 256 16.47 10.33 15.98
N PHE I 257 15.66 10.13 17.02
CA PHE I 257 14.39 10.82 17.21
C PHE I 257 14.60 12.33 17.39
N GLN I 258 13.74 13.13 16.74
CA GLN I 258 13.73 14.60 16.75
C GLN I 258 14.94 15.24 16.01
N VAL I 259 15.88 14.42 15.47
CA VAL I 259 17.04 14.89 14.71
C VAL I 259 16.64 15.24 13.27
N ASN I 260 17.01 16.45 12.79
CA ASN I 260 16.72 16.88 11.42
C ASN I 260 17.78 16.26 10.47
N LYS I 261 17.30 15.44 9.51
CA LYS I 261 18.12 14.72 8.53
C LYS I 261 19.03 15.64 7.71
N ALA I 262 18.45 16.68 7.06
CA ALA I 262 19.18 17.65 6.25
C ALA I 262 20.26 18.40 7.07
N ARG I 263 19.88 18.82 8.30
CA ARG I 263 20.70 19.49 9.30
C ARG I 263 21.87 18.60 9.76
N MET I 264 21.65 17.27 9.87
CA MET I 264 22.65 16.27 10.25
C MET I 264 23.64 16.09 9.11
N ILE I 265 23.14 16.01 7.85
CA ILE I 265 23.94 15.86 6.62
C ILE I 265 24.85 17.08 6.42
N GLU I 266 24.28 18.29 6.49
CA GLU I 266 25.06 19.51 6.33
C GLU I 266 26.13 19.68 7.45
N LYS I 267 25.94 19.02 8.63
CA LYS I 267 26.89 19.01 9.74
C LYS I 267 28.07 18.08 9.40
N ILE I 268 27.79 16.94 8.73
CA ILE I 268 28.80 15.98 8.23
C ILE I 268 29.54 16.70 7.09
N ALA I 269 28.78 17.40 6.22
CA ALA I 269 29.26 18.20 5.08
C ALA I 269 30.13 19.40 5.50
N GLU I 270 29.85 19.97 6.68
CA GLU I 270 30.62 21.09 7.23
C GLU I 270 31.98 20.58 7.68
N LEU I 271 32.03 19.40 8.35
CA LEU I 271 33.27 18.79 8.84
C LEU I 271 34.23 18.42 7.73
N VAL I 272 33.73 17.87 6.60
CA VAL I 272 34.57 17.47 5.47
C VAL I 272 35.14 18.70 4.73
N ARG I 273 34.29 19.73 4.48
CA ARG I 273 34.70 20.96 3.83
C ARG I 273 35.70 21.75 4.71
N ASP I 274 35.56 21.66 6.06
CA ASP I 274 36.45 22.32 7.03
C ASP I 274 37.66 21.43 7.43
N LYS I 275 37.75 20.20 6.86
CA LYS I 275 38.80 19.19 7.08
C LYS I 275 38.93 18.75 8.58
N LYS I 276 37.82 18.88 9.34
CA LYS I 276 37.69 18.50 10.75
C LYS I 276 37.57 16.98 10.97
N ILE I 277 37.46 16.22 9.87
CA ILE I 277 37.43 14.75 9.90
C ILE I 277 38.03 14.19 8.59
N ASP I 278 38.77 13.08 8.69
CA ASP I 278 39.49 12.43 7.58
C ASP I 278 38.88 11.10 7.14
N GLY I 279 38.87 10.87 5.82
CA GLY I 279 38.44 9.61 5.22
C GLY I 279 37.23 9.62 4.31
N ILE I 280 36.43 10.71 4.33
CA ILE I 280 35.22 10.79 3.51
C ILE I 280 35.50 11.40 2.13
N THR I 281 35.24 10.60 1.08
CA THR I 281 35.39 11.02 -0.32
C THR I 281 34.10 11.65 -0.83
N ASP I 282 32.94 11.03 -0.53
CA ASP I 282 31.63 11.52 -0.95
C ASP I 282 30.55 11.27 0.11
N LEU I 283 29.50 12.10 0.10
CA LEU I 283 28.32 12.03 0.97
C LEU I 283 27.06 12.29 0.11
N ARG I 284 26.05 11.39 0.20
CA ARG I 284 24.80 11.48 -0.59
C ARG I 284 23.55 11.14 0.22
N ASP I 285 22.42 11.81 -0.07
CA ASP I 285 21.12 11.50 0.54
C ASP I 285 20.31 10.73 -0.50
N GLU I 286 20.43 9.39 -0.46
CA GLU I 286 19.77 8.46 -1.38
C GLU I 286 18.34 8.10 -0.93
N THR I 287 17.81 8.83 0.07
CA THR I 287 16.48 8.65 0.63
C THR I 287 15.39 8.81 -0.41
N SER I 288 14.56 7.77 -0.55
CA SER I 288 13.41 7.74 -1.44
C SER I 288 12.25 7.13 -0.65
N LEU I 289 11.00 7.34 -1.08
CA LEU I 289 9.83 6.81 -0.37
C LEU I 289 9.84 5.27 -0.36
N ARG I 290 10.32 4.68 -1.48
CA ARG I 290 10.45 3.24 -1.70
C ARG I 290 11.48 2.65 -0.71
N THR I 291 12.67 3.28 -0.59
CA THR I 291 13.78 2.86 0.27
C THR I 291 13.53 3.17 1.74
N GLY I 292 13.38 4.46 2.01
CA GLY I 292 13.28 5.08 3.32
C GLY I 292 14.56 5.89 3.49
N VAL I 293 14.96 6.17 4.74
CA VAL I 293 16.19 6.92 5.00
C VAL I 293 17.41 6.12 4.53
N ARG I 294 18.22 6.72 3.64
CA ARG I 294 19.44 6.12 3.09
C ARG I 294 20.50 7.20 2.88
N VAL I 295 21.36 7.40 3.88
CA VAL I 295 22.43 8.40 3.81
C VAL I 295 23.74 7.62 3.63
N VAL I 296 24.36 7.76 2.46
CA VAL I 296 25.58 7.03 2.09
C VAL I 296 26.85 7.89 2.28
N ILE I 297 27.82 7.37 3.06
CA ILE I 297 29.11 8.01 3.36
C ILE I 297 30.25 7.18 2.76
N ASP I 298 30.82 7.66 1.64
CA ASP I 298 31.91 7.00 0.93
C ASP I 298 33.24 7.15 1.68
N VAL I 299 33.93 6.01 1.89
CA VAL I 299 35.20 5.93 2.60
C VAL I 299 36.37 5.76 1.61
N ARG I 300 37.47 6.53 1.82
CA ARG I 300 38.72 6.53 1.06
C ARG I 300 39.39 5.16 1.15
N LYS I 301 40.22 4.81 0.14
CA LYS I 301 40.97 3.55 0.12
C LYS I 301 41.95 3.49 1.30
N ASP I 302 42.12 2.29 1.89
CA ASP I 302 43.00 1.97 3.03
C ASP I 302 42.57 2.62 4.37
N ALA I 303 41.51 3.47 4.36
CA ALA I 303 40.97 4.13 5.55
C ALA I 303 39.90 3.24 6.21
N ASN I 304 40.00 3.07 7.55
CA ASN I 304 39.06 2.23 8.30
C ASN I 304 37.71 2.90 8.49
N ALA I 305 36.65 2.30 7.91
CA ALA I 305 35.27 2.78 7.98
C ALA I 305 34.70 2.73 9.40
N SER I 306 35.14 1.74 10.22
CA SER I 306 34.73 1.57 11.62
C SER I 306 35.20 2.76 12.47
N VAL I 307 36.40 3.28 12.15
CA VAL I 307 37.01 4.44 12.82
C VAL I 307 36.22 5.71 12.46
N ILE I 308 35.99 5.94 11.15
CA ILE I 308 35.24 7.09 10.62
C ILE I 308 33.82 7.17 11.21
N LEU I 309 33.09 6.04 11.17
CA LEU I 309 31.73 5.91 11.69
C LEU I 309 31.63 6.29 13.17
N ASN I 310 32.55 5.78 14.01
CA ASN I 310 32.60 6.07 15.44
C ASN I 310 32.91 7.55 15.71
N ASN I 311 33.74 8.15 14.83
CA ASN I 311 34.11 9.56 14.88
C ASN I 311 32.93 10.44 14.47
N LEU I 312 32.06 9.91 13.58
CA LEU I 312 30.84 10.59 13.12
C LEU I 312 29.79 10.61 14.25
N TYR I 313 29.71 9.52 15.05
CA TYR I 313 28.79 9.43 16.18
C TYR I 313 29.11 10.52 17.21
N LYS I 314 30.42 10.72 17.47
CA LYS I 314 30.95 11.69 18.43
C LYS I 314 30.80 13.15 17.97
N GLN I 315 31.13 13.44 16.70
CA GLN I 315 31.15 14.80 16.14
C GLN I 315 29.86 15.29 15.45
N THR I 316 28.93 14.40 15.05
CA THR I 316 27.69 14.81 14.38
C THR I 316 26.42 14.32 15.11
N PRO I 317 25.20 14.81 14.76
CA PRO I 317 23.99 14.29 15.42
C PRO I 317 23.54 12.88 14.94
N LEU I 318 24.51 12.07 14.45
CA LEU I 318 24.31 10.66 14.05
C LEU I 318 24.02 9.89 15.31
N GLN I 319 24.59 10.40 16.42
CA GLN I 319 24.37 9.94 17.77
C GLN I 319 23.98 11.18 18.57
N THR I 320 22.81 11.15 19.22
CA THR I 320 22.26 12.28 19.99
C THR I 320 21.68 11.77 21.29
N SER I 321 21.83 12.56 22.37
CA SER I 321 21.28 12.19 23.67
C SER I 321 19.85 12.68 23.81
N PHE I 322 19.04 11.94 24.61
CA PHE I 322 17.68 12.30 24.96
C PHE I 322 17.66 12.55 26.46
N GLY I 323 17.54 13.84 26.81
CA GLY I 323 17.54 14.30 28.20
C GLY I 323 16.18 14.23 28.84
N VAL I 324 15.84 13.04 29.39
CA VAL I 324 14.59 12.70 30.07
C VAL I 324 14.41 13.58 31.29
N ASN I 325 13.24 14.23 31.39
CA ASN I 325 12.82 15.09 32.49
C ASN I 325 11.29 14.92 32.54
N MET I 326 10.86 13.86 33.24
CA MET I 326 9.45 13.48 33.30
C MET I 326 8.64 14.35 34.25
N ILE I 327 8.20 15.52 33.74
CA ILE I 327 7.35 16.46 34.46
C ILE I 327 5.97 16.48 33.83
N ALA I 328 4.94 16.21 34.63
CA ALA I 328 3.55 16.18 34.17
C ALA I 328 2.64 16.85 35.19
N LEU I 329 1.43 17.23 34.77
CA LEU I 329 0.48 17.84 35.70
C LEU I 329 -0.26 16.75 36.49
N VAL I 330 0.08 16.61 37.77
CA VAL I 330 -0.51 15.63 38.69
C VAL I 330 -1.32 16.45 39.72
N ASN I 331 -2.66 16.29 39.71
CA ASN I 331 -3.61 17.06 40.55
C ASN I 331 -3.53 18.57 40.25
N GLY I 332 -3.42 18.89 38.97
CA GLY I 332 -3.31 20.25 38.45
C GLY I 332 -2.05 21.01 38.80
N ARG I 333 -1.03 20.33 39.38
CA ARG I 333 0.25 20.92 39.77
C ARG I 333 1.42 20.18 39.10
N PRO I 334 2.52 20.87 38.71
CA PRO I 334 3.65 20.16 38.07
C PRO I 334 4.39 19.24 39.05
N LYS I 335 4.88 18.09 38.54
CA LYS I 335 5.60 17.13 39.38
C LYS I 335 6.59 16.31 38.55
N LEU I 336 7.81 16.13 39.08
CA LEU I 336 8.82 15.27 38.46
C LEU I 336 8.47 13.87 38.93
N ILE I 337 7.96 13.05 38.01
CA ILE I 337 7.49 11.70 38.27
C ILE I 337 8.44 10.64 37.69
N ASN I 338 8.53 9.49 38.37
CA ASN I 338 9.33 8.36 37.92
C ASN I 338 8.41 7.45 37.08
N LEU I 339 8.95 6.37 36.49
CA LEU I 339 8.15 5.46 35.65
C LEU I 339 6.94 4.89 36.38
N LYS I 340 7.14 4.36 37.61
CA LYS I 340 6.05 3.78 38.39
C LYS I 340 4.94 4.80 38.68
N GLU I 341 5.32 6.04 39.12
CA GLU I 341 4.33 7.09 39.40
C GLU I 341 3.46 7.41 38.19
N ALA I 342 4.08 7.48 36.98
CA ALA I 342 3.38 7.72 35.72
C ALA I 342 2.31 6.64 35.47
N LEU I 343 2.68 5.37 35.73
CA LEU I 343 1.80 4.23 35.55
C LEU I 343 0.70 4.16 36.62
N VAL I 344 1.04 4.46 37.90
CA VAL I 344 0.10 4.44 39.04
C VAL I 344 -1.00 5.48 38.83
N HIS I 345 -0.60 6.73 38.48
CA HIS I 345 -1.52 7.83 38.21
C HIS I 345 -2.40 7.51 37.02
N TYR I 346 -1.85 6.86 35.99
CA TYR I 346 -2.62 6.45 34.82
C TYR I 346 -3.65 5.39 35.20
N LEU I 347 -3.24 4.37 35.99
CA LEU I 347 -4.11 3.28 36.43
C LEU I 347 -5.28 3.80 37.28
N GLU I 348 -5.02 4.83 38.11
CA GLU I 348 -6.03 5.48 38.94
C GLU I 348 -7.07 6.21 38.12
N HIS I 349 -6.63 6.85 37.02
CA HIS I 349 -7.51 7.54 36.10
C HIS I 349 -8.43 6.51 35.44
N GLN I 350 -7.86 5.35 35.06
CA GLN I 350 -8.62 4.26 34.45
C GLN I 350 -9.65 3.69 35.41
N LYS I 351 -9.27 3.53 36.70
CA LYS I 351 -10.15 3.03 37.76
C LYS I 351 -11.35 3.98 37.91
N THR I 352 -11.09 5.31 37.91
CA THR I 352 -12.11 6.35 38.05
C THR I 352 -13.03 6.40 36.83
N VAL I 353 -12.45 6.45 35.61
CA VAL I 353 -13.20 6.47 34.34
C VAL I 353 -14.17 5.28 34.25
N VAL I 354 -13.69 4.05 34.52
CA VAL I 354 -14.49 2.82 34.49
C VAL I 354 -15.57 2.81 35.59
N ARG I 355 -15.26 3.29 36.81
CA ARG I 355 -16.22 3.36 37.93
C ARG I 355 -17.34 4.34 37.57
N ARG I 356 -16.96 5.58 37.21
CA ARG I 356 -17.85 6.68 36.79
C ARG I 356 -18.78 6.27 35.64
N ARG I 357 -18.24 5.49 34.67
CA ARG I 357 -18.97 4.95 33.53
C ARG I 357 -20.03 3.96 34.02
N THR I 358 -19.63 2.98 34.83
CA THR I 358 -20.50 1.94 35.42
C THR I 358 -21.60 2.59 36.26
N GLN I 359 -21.26 3.66 37.02
CA GLN I 359 -22.21 4.41 37.84
C GLN I 359 -23.26 5.10 36.98
N TYR I 360 -22.81 5.74 35.86
CA TYR I 360 -23.64 6.42 34.86
C TYR I 360 -24.58 5.40 34.22
N ASN I 361 -24.01 4.32 33.64
CA ASN I 361 -24.71 3.23 32.98
C ASN I 361 -25.82 2.65 33.88
N LEU I 362 -25.55 2.53 35.20
CA LEU I 362 -26.50 2.05 36.21
C LEU I 362 -27.68 3.01 36.40
N ARG I 363 -27.41 4.34 36.57
CA ARG I 363 -28.46 5.36 36.73
C ARG I 363 -29.46 5.24 35.58
N LYS I 364 -28.93 5.28 34.33
CA LYS I 364 -29.68 5.15 33.08
C LYS I 364 -30.48 3.83 33.01
N ALA I 365 -29.87 2.71 33.43
CA ALA I 365 -30.48 1.38 33.42
C ALA I 365 -31.65 1.32 34.40
N LYS I 366 -31.46 1.86 35.61
CA LYS I 366 -32.47 1.92 36.66
C LYS I 366 -33.64 2.80 36.18
N ASP I 367 -33.31 3.94 35.52
CA ASP I 367 -34.28 4.88 34.96
C ASP I 367 -35.13 4.18 33.89
N ARG I 368 -34.48 3.46 32.97
CA ARG I 368 -35.16 2.73 31.89
C ARG I 368 -36.04 1.61 32.41
N ALA I 369 -35.53 0.81 33.37
CA ALA I 369 -36.27 -0.30 33.99
C ALA I 369 -37.57 0.20 34.61
N HIS I 370 -37.53 1.41 35.22
CA HIS I 370 -38.67 2.10 35.84
C HIS I 370 -39.75 2.41 34.78
N ILE I 371 -39.34 2.99 33.65
CA ILE I 371 -40.21 3.32 32.52
C ILE I 371 -40.85 2.03 32.00
N LEU I 372 -40.01 1.00 31.79
CA LEU I 372 -40.45 -0.31 31.33
C LEU I 372 -41.52 -0.92 32.26
N GLU I 373 -41.38 -0.74 33.59
CA GLU I 373 -42.37 -1.19 34.56
C GLU I 373 -43.71 -0.50 34.31
N GLY I 374 -43.65 0.80 34.02
CA GLY I 374 -44.81 1.64 33.72
C GLY I 374 -45.51 1.20 32.45
N LEU I 375 -44.72 1.00 31.36
CA LEU I 375 -45.23 0.51 30.08
C LEU I 375 -45.83 -0.88 30.23
N ARG I 376 -45.23 -1.73 31.09
CA ARG I 376 -45.72 -3.07 31.40
C ARG I 376 -47.08 -3.02 32.06
N ILE I 377 -47.29 -2.08 33.01
CA ILE I 377 -48.59 -1.89 33.68
C ILE I 377 -49.59 -1.41 32.62
N ALA I 378 -49.18 -0.40 31.81
CA ALA I 378 -49.97 0.18 30.72
C ALA I 378 -50.49 -0.87 29.74
N LEU I 379 -49.57 -1.69 29.19
CA LEU I 379 -49.91 -2.74 28.22
C LEU I 379 -50.83 -3.78 28.79
N ASP I 380 -50.61 -4.15 30.07
CA ASP I 380 -51.41 -5.15 30.78
C ASP I 380 -52.85 -4.72 31.04
N HIS I 381 -53.11 -3.39 31.02
CA HIS I 381 -54.43 -2.80 31.27
C HIS I 381 -54.71 -1.71 30.22
N ILE I 382 -54.35 -1.98 28.95
CA ILE I 382 -54.45 -1.02 27.86
C ILE I 382 -55.89 -0.52 27.61
N ASP I 383 -56.92 -1.38 27.73
CA ASP I 383 -58.32 -0.96 27.54
C ASP I 383 -58.68 0.14 28.55
N GLU I 384 -58.17 0.04 29.79
CA GLU I 384 -58.38 1.01 30.87
C GLU I 384 -57.56 2.25 30.65
N ILE I 385 -56.26 2.10 30.30
CA ILE I 385 -55.30 3.18 30.03
C ILE I 385 -55.87 4.12 28.96
N ILE I 386 -56.37 3.53 27.83
CA ILE I 386 -56.98 4.23 26.70
C ILE I 386 -58.21 5.01 27.14
N SER I 387 -59.14 4.37 27.88
CA SER I 387 -60.35 5.07 28.36
C SER I 387 -59.97 6.25 29.25
N THR I 388 -59.01 6.05 30.23
CA THR I 388 -58.50 7.07 31.14
C THR I 388 -58.01 8.30 30.38
N ILE I 389 -57.23 8.08 29.31
CA ILE I 389 -56.71 9.15 28.46
C ILE I 389 -57.87 9.86 27.74
N ARG I 390 -58.71 9.08 27.04
CA ARG I 390 -59.88 9.55 26.28
C ARG I 390 -60.85 10.40 27.12
N GLU I 391 -61.07 10.00 28.38
CA GLU I 391 -61.95 10.69 29.34
C GLU I 391 -61.36 12.03 29.78
N SER I 392 -60.01 12.20 29.67
CA SER I 392 -59.29 13.40 30.08
C SER I 392 -59.35 14.53 29.05
N ASP I 393 -59.68 15.75 29.52
CA ASP I 393 -59.79 16.94 28.68
C ASP I 393 -58.42 17.44 28.21
N THR I 394 -57.43 17.48 29.12
CA THR I 394 -56.07 17.95 28.83
C THR I 394 -55.02 16.87 29.15
N ASP I 395 -53.75 17.12 28.75
CA ASP I 395 -52.61 16.23 29.03
C ASP I 395 -52.38 16.18 30.53
N LYS I 396 -52.51 17.33 31.22
CA LYS I 396 -52.36 17.48 32.68
C LYS I 396 -53.31 16.54 33.44
N VAL I 397 -54.59 16.48 33.01
CA VAL I 397 -55.59 15.63 33.64
C VAL I 397 -55.26 14.14 33.39
N ALA I 398 -54.87 13.79 32.14
CA ALA I 398 -54.47 12.42 31.79
C ALA I 398 -53.31 11.95 32.67
N MET I 399 -52.32 12.83 32.87
CA MET I 399 -51.15 12.60 33.70
C MET I 399 -51.54 12.28 35.14
N GLU I 400 -52.43 13.09 35.72
CA GLU I 400 -52.93 12.92 37.09
C GLU I 400 -53.76 11.64 37.22
N SER I 401 -54.74 11.45 36.32
CA SER I 401 -55.64 10.29 36.29
C SER I 401 -54.89 8.96 36.18
N LEU I 402 -53.84 8.90 35.31
CA LEU I 402 -53.01 7.70 35.14
C LEU I 402 -52.23 7.38 36.42
N GLN I 403 -51.63 8.39 37.06
CA GLN I 403 -50.87 8.26 38.30
C GLN I 403 -51.75 7.86 39.50
N GLN I 404 -52.95 8.44 39.59
CA GLN I 404 -53.90 8.17 40.68
C GLN I 404 -54.58 6.82 40.55
N ARG I 405 -54.97 6.41 39.33
CA ARG I 405 -55.66 5.14 39.11
C ARG I 405 -54.72 3.94 39.06
N PHE I 406 -53.63 4.03 38.30
CA PHE I 406 -52.72 2.89 38.12
C PHE I 406 -51.46 2.95 38.99
N LYS I 407 -51.46 3.80 40.05
CA LYS I 407 -50.37 3.98 41.00
C LYS I 407 -49.01 4.13 40.29
N LEU I 408 -48.97 4.96 39.22
CA LEU I 408 -47.79 5.22 38.41
C LEU I 408 -47.09 6.51 38.83
N SER I 409 -45.80 6.66 38.43
CA SER I 409 -45.03 7.86 38.72
C SER I 409 -45.28 8.88 37.61
N GLU I 410 -44.84 10.14 37.84
CA GLU I 410 -44.98 11.21 36.86
C GLU I 410 -44.28 10.79 35.59
N LYS I 411 -43.05 10.22 35.72
CA LYS I 411 -42.22 9.74 34.61
C LYS I 411 -42.89 8.59 33.88
N GLN I 412 -43.48 7.64 34.62
CA GLN I 412 -44.17 6.48 34.05
C GLN I 412 -45.41 6.91 33.27
N ALA I 413 -46.20 7.86 33.82
CA ALA I 413 -47.40 8.41 33.17
C ALA I 413 -47.01 9.16 31.89
N GLN I 414 -45.97 9.99 31.96
CA GLN I 414 -45.49 10.74 30.81
C GLN I 414 -44.99 9.80 29.70
N ALA I 415 -44.33 8.69 30.07
CA ALA I 415 -43.81 7.70 29.13
C ALA I 415 -44.94 6.99 28.39
N ILE I 416 -46.03 6.69 29.12
CA ILE I 416 -47.25 6.07 28.61
C ILE I 416 -47.93 7.03 27.62
N LEU I 417 -48.02 8.32 27.97
CA LEU I 417 -48.62 9.32 27.11
C LEU I 417 -47.79 9.55 25.83
N ASP I 418 -46.47 9.31 25.87
CA ASP I 418 -45.56 9.45 24.73
C ASP I 418 -45.46 8.16 23.91
N MET I 419 -46.18 7.11 24.33
CA MET I 419 -46.18 5.80 23.71
C MET I 419 -46.96 5.83 22.41
N ARG I 420 -46.33 5.42 21.30
CA ARG I 420 -46.97 5.41 19.97
C ARG I 420 -47.84 4.19 19.83
N LEU I 421 -48.95 4.31 19.07
CA LEU I 421 -49.93 3.24 18.87
C LEU I 421 -49.31 1.95 18.35
N ARG I 422 -48.22 2.04 17.57
CA ARG I 422 -47.50 0.89 17.01
C ARG I 422 -46.84 0.01 18.09
N ARG I 423 -46.75 0.49 19.35
CA ARG I 423 -46.21 -0.29 20.47
C ARG I 423 -47.22 -1.32 21.00
N LEU I 424 -48.47 -1.28 20.50
CA LEU I 424 -49.58 -2.16 20.84
C LEU I 424 -49.64 -3.42 19.95
N THR I 425 -48.72 -3.56 18.97
CA THR I 425 -48.69 -4.76 18.11
C THR I 425 -48.10 -5.93 18.89
N GLY I 426 -48.35 -7.15 18.41
CA GLY I 426 -47.90 -8.38 19.05
C GLY I 426 -46.44 -8.40 19.41
N LEU I 427 -45.57 -8.26 18.41
CA LEU I 427 -44.11 -8.25 18.57
C LEU I 427 -43.57 -7.14 19.45
N GLU I 428 -44.18 -5.92 19.36
CA GLU I 428 -43.74 -4.74 20.12
C GLU I 428 -44.00 -4.86 21.62
N ARG I 429 -45.04 -5.60 22.02
CA ARG I 429 -45.35 -5.83 23.43
C ARG I 429 -44.32 -6.83 24.00
N ASP I 430 -43.99 -7.89 23.22
CA ASP I 430 -43.01 -8.93 23.57
C ASP I 430 -41.60 -8.37 23.75
N LYS I 431 -41.25 -7.33 22.95
CA LYS I 431 -39.95 -6.65 22.98
C LYS I 431 -39.75 -5.98 24.32
N ILE I 432 -40.83 -5.36 24.86
CA ILE I 432 -40.81 -4.66 26.15
C ILE I 432 -40.48 -5.62 27.30
N GLU I 433 -41.11 -6.80 27.32
CA GLU I 433 -40.84 -7.82 28.34
C GLU I 433 -39.39 -8.31 28.24
N ALA I 434 -38.90 -8.56 27.01
CA ALA I 434 -37.54 -9.03 26.75
C ALA I 434 -36.51 -8.00 27.20
N GLU I 435 -36.79 -6.69 26.97
CA GLU I 435 -35.92 -5.57 27.35
C GLU I 435 -35.84 -5.46 28.85
N TYR I 436 -36.99 -5.54 29.55
CA TYR I 436 -37.02 -5.47 31.01
C TYR I 436 -36.21 -6.57 31.67
N ASN I 437 -36.39 -7.82 31.22
CA ASN I 437 -35.67 -8.99 31.76
C ASN I 437 -34.16 -8.93 31.50
N GLU I 438 -33.73 -8.52 30.29
CA GLU I 438 -32.32 -8.37 29.96
C GLU I 438 -31.72 -7.23 30.77
N LEU I 439 -32.52 -6.17 31.01
CA LEU I 439 -32.10 -5.00 31.78
C LEU I 439 -31.85 -5.31 33.24
N LEU I 440 -32.71 -6.16 33.87
CA LEU I 440 -32.55 -6.56 35.26
C LEU I 440 -31.22 -7.29 35.48
N ASN I 441 -30.80 -8.12 34.50
CA ASN I 441 -29.52 -8.84 34.52
C ASN I 441 -28.36 -7.85 34.39
N TYR I 442 -28.49 -6.87 33.49
CA TYR I 442 -27.47 -5.83 33.28
C TYR I 442 -27.32 -5.00 34.53
N ILE I 443 -28.45 -4.69 35.24
CA ILE I 443 -28.43 -3.93 36.49
C ILE I 443 -27.64 -4.73 37.54
N SER I 444 -27.92 -6.05 37.66
CA SER I 444 -27.22 -6.95 38.57
C SER I 444 -25.72 -7.00 38.25
N GLU I 445 -25.38 -7.16 36.94
CA GLU I 445 -24.03 -7.19 36.39
C GLU I 445 -23.24 -5.93 36.77
N LEU I 446 -23.87 -4.74 36.63
CA LEU I 446 -23.28 -3.43 36.96
C LEU I 446 -23.10 -3.27 38.47
N GLU I 447 -24.14 -3.63 39.27
CA GLU I 447 -24.16 -3.56 40.73
C GLU I 447 -23.03 -4.39 41.35
N THR I 448 -22.68 -5.52 40.70
CA THR I 448 -21.61 -6.46 41.05
C THR I 448 -20.26 -5.77 40.83
N ILE I 449 -20.13 -4.95 39.75
CA ILE I 449 -18.89 -4.22 39.45
C ILE I 449 -18.61 -3.19 40.54
N LEU I 450 -19.64 -2.41 40.93
CA LEU I 450 -19.50 -1.39 41.95
C LEU I 450 -19.35 -1.96 43.36
N ALA I 451 -19.87 -3.18 43.60
CA ALA I 451 -19.79 -3.86 44.90
C ALA I 451 -18.38 -4.39 45.21
N ASP I 452 -17.64 -4.88 44.20
CA ASP I 452 -16.30 -5.47 44.36
C ASP I 452 -15.25 -4.69 43.60
N GLU I 453 -14.28 -4.11 44.33
CA GLU I 453 -13.17 -3.35 43.75
C GLU I 453 -12.29 -4.20 42.84
N GLU I 454 -12.22 -5.52 43.11
CA GLU I 454 -11.44 -6.48 42.33
C GLU I 454 -12.12 -6.77 40.99
N VAL I 455 -13.48 -6.84 40.97
CA VAL I 455 -14.24 -7.04 39.74
C VAL I 455 -14.03 -5.82 38.83
N LEU I 456 -14.08 -4.61 39.42
CA LEU I 456 -13.86 -3.35 38.72
C LEU I 456 -12.43 -3.29 38.16
N LEU I 457 -11.42 -3.72 38.97
CA LEU I 457 -10.01 -3.77 38.57
C LEU I 457 -9.81 -4.75 37.41
N GLN I 458 -10.51 -5.91 37.47
CA GLN I 458 -10.46 -6.92 36.42
C GLN I 458 -11.06 -6.40 35.13
N LEU I 459 -12.16 -5.60 35.22
CA LEU I 459 -12.77 -5.00 34.04
C LEU I 459 -11.78 -4.05 33.35
N VAL I 460 -11.05 -3.23 34.13
CA VAL I 460 -10.02 -2.29 33.62
C VAL I 460 -8.95 -3.09 32.86
N ARG I 461 -8.49 -4.21 33.47
CA ARG I 461 -7.49 -5.12 32.89
C ARG I 461 -7.96 -5.69 31.54
N ASP I 462 -9.21 -6.21 31.52
CA ASP I 462 -9.85 -6.79 30.34
C ASP I 462 -9.93 -5.77 29.19
N GLU I 463 -10.37 -4.53 29.48
CA GLU I 463 -10.49 -3.45 28.50
C GLU I 463 -9.12 -2.98 28.00
N LEU I 464 -8.10 -2.96 28.90
CA LEU I 464 -6.72 -2.58 28.55
C LEU I 464 -6.09 -3.61 27.62
N THR I 465 -6.39 -4.90 27.85
CA THR I 465 -5.87 -6.01 27.04
C THR I 465 -6.46 -5.94 25.64
N GLU I 466 -7.76 -5.59 25.54
CA GLU I 466 -8.49 -5.43 24.27
C GLU I 466 -7.78 -4.40 23.39
N ILE I 467 -7.40 -3.25 23.97
CA ILE I 467 -6.68 -2.16 23.28
C ILE I 467 -5.28 -2.64 22.86
N ARG I 468 -4.60 -3.38 23.74
CA ARG I 468 -3.27 -3.92 23.47
C ARG I 468 -3.28 -4.85 22.26
N ASP I 469 -4.31 -5.72 22.17
CA ASP I 469 -4.46 -6.68 21.08
C ASP I 469 -4.82 -6.01 19.77
N ARG I 470 -5.53 -4.88 19.84
CA ARG I 470 -5.97 -4.15 18.65
C ARG I 470 -4.95 -3.18 18.10
N PHE I 471 -4.26 -2.41 18.97
CA PHE I 471 -3.36 -1.33 18.57
C PHE I 471 -1.87 -1.55 18.87
N GLY I 472 -1.56 -2.49 19.73
CA GLY I 472 -0.18 -2.80 20.08
C GLY I 472 0.63 -3.28 18.89
N ASP I 473 1.87 -2.77 18.74
CA ASP I 473 2.73 -3.12 17.62
C ASP I 473 4.14 -3.51 18.05
N ASP I 474 4.94 -4.00 17.08
CA ASP I 474 6.34 -4.41 17.29
C ASP I 474 7.21 -3.22 17.68
N ARG I 475 8.22 -3.48 18.55
CA ARG I 475 9.20 -2.50 19.00
C ARG I 475 10.06 -2.05 17.81
N ARG I 476 10.22 -0.73 17.62
CA ARG I 476 10.99 -0.15 16.51
C ARG I 476 12.46 0.11 16.88
N THR I 477 12.70 0.72 18.06
CA THR I 477 14.03 1.06 18.57
C THR I 477 14.71 -0.14 19.25
N GLU I 478 15.93 -0.52 18.78
CA GLU I 478 16.71 -1.64 19.33
C GLU I 478 17.61 -1.18 20.50
N ILE I 479 17.34 -1.68 21.72
CA ILE I 479 18.15 -1.35 22.90
C ILE I 479 19.31 -2.36 22.98
N GLN I 480 20.53 -1.89 22.70
CA GLN I 480 21.74 -2.70 22.71
C GLN I 480 22.28 -2.91 24.12
N LEU I 481 22.63 -4.18 24.45
CA LEU I 481 23.12 -4.57 25.78
C LEU I 481 24.63 -4.41 25.87
N LEU J 1 1.84 54.70 8.33
CA LEU J 1 2.82 54.10 9.24
C LEU J 1 2.72 52.55 9.25
N PRO J 2 3.84 51.83 9.00
CA PRO J 2 3.76 50.35 8.88
C PRO J 2 3.90 49.53 10.17
N GLY J 3 4.84 49.91 11.03
CA GLY J 3 5.18 49.22 12.27
C GLY J 3 6.11 50.06 13.14
N LYS J 4 6.60 51.19 12.57
CA LYS J 4 7.50 52.12 13.26
C LYS J 4 6.71 53.07 14.18
N LEU J 5 7.43 53.96 14.89
CA LEU J 5 6.88 54.96 15.81
C LEU J 5 6.00 55.98 15.07
N ALA J 6 4.87 56.36 15.69
CA ALA J 6 3.96 57.38 15.20
C ALA J 6 3.92 58.48 16.25
N ASP J 7 4.80 59.47 16.07
CA ASP J 7 5.01 60.60 16.98
C ASP J 7 3.81 61.58 17.01
N CYS J 8 3.76 62.40 18.09
CA CYS J 8 2.77 63.45 18.33
C CYS J 8 3.31 64.80 17.86
N SER J 9 2.40 65.69 17.41
CA SER J 9 2.75 67.01 16.87
C SER J 9 3.40 67.97 17.87
N SER J 10 3.08 67.85 19.18
CA SER J 10 3.62 68.70 20.23
C SER J 10 5.11 68.48 20.46
N LYS J 11 5.81 69.58 20.81
CA LYS J 11 7.25 69.61 21.08
C LYS J 11 7.56 69.80 22.59
N SER J 12 6.51 69.96 23.43
CA SER J 12 6.67 70.11 24.89
C SER J 12 6.58 68.70 25.52
N PRO J 13 7.66 68.23 26.21
CA PRO J 13 7.65 66.86 26.77
C PRO J 13 6.66 66.60 27.91
N GLU J 14 6.41 67.62 28.77
CA GLU J 14 5.47 67.58 29.90
C GLU J 14 4.04 67.34 29.37
N GLU J 15 3.77 67.86 28.17
CA GLU J 15 2.52 67.78 27.41
C GLU J 15 2.34 66.39 26.74
N CYS J 16 3.44 65.77 26.27
CA CYS J 16 3.45 64.51 25.50
C CYS J 16 3.36 63.21 26.34
N GLU J 17 2.83 62.13 25.68
CA GLU J 17 2.64 60.76 26.20
C GLU J 17 3.02 59.74 25.11
N ILE J 18 3.68 58.62 25.48
CA ILE J 18 4.02 57.55 24.53
C ILE J 18 3.40 56.23 24.99
N PHE J 19 2.69 55.58 24.05
CA PHE J 19 2.01 54.31 24.29
C PHE J 19 2.73 53.18 23.58
N LEU J 20 3.38 52.32 24.37
CA LEU J 20 4.07 51.13 23.89
C LEU J 20 2.99 50.05 23.82
N VAL J 21 2.36 49.92 22.66
CA VAL J 21 1.24 49.03 22.42
C VAL J 21 1.68 47.62 21.95
N GLU J 22 0.96 46.58 22.42
CA GLU J 22 1.21 45.17 22.12
C GLU J 22 0.56 44.72 20.81
N GLY J 23 1.38 44.28 19.87
CA GLY J 23 0.92 43.74 18.59
C GLY J 23 0.64 44.73 17.49
N ASP J 24 0.64 44.24 16.23
CA ASP J 24 0.40 45.00 15.01
C ASP J 24 -1.02 45.58 14.92
N SER J 25 -2.03 44.70 14.98
CA SER J 25 -3.46 45.03 14.88
C SER J 25 -3.94 46.05 15.89
N ALA J 26 -3.40 46.01 17.14
CA ALA J 26 -3.73 46.96 18.19
C ALA J 26 -3.07 48.31 17.88
N GLY J 27 -1.79 48.27 17.47
CA GLY J 27 -0.96 49.43 17.11
C GLY J 27 -1.58 50.35 16.09
N GLY J 28 -2.28 49.78 15.12
CA GLY J 28 -2.98 50.51 14.06
C GLY J 28 -4.19 51.28 14.54
N SER J 29 -5.08 50.63 15.34
CA SER J 29 -6.31 51.21 15.92
C SER J 29 -6.00 52.29 16.94
N THR J 30 -4.89 52.11 17.69
CA THR J 30 -4.37 53.05 18.69
C THR J 30 -4.00 54.34 17.95
N LYS J 31 -3.22 54.22 16.86
CA LYS J 31 -2.76 55.33 16.00
C LYS J 31 -3.91 56.12 15.38
N SER J 32 -5.06 55.44 15.21
CA SER J 32 -6.27 56.01 14.64
C SER J 32 -7.17 56.66 15.70
N GLY J 33 -7.23 56.03 16.87
CA GLY J 33 -8.04 56.48 18.00
C GLY J 33 -7.39 57.50 18.94
N ARG J 34 -6.07 57.68 18.84
CA ARG J 34 -5.26 58.57 19.69
C ARG J 34 -5.56 60.08 19.57
N ASP J 35 -4.92 60.86 20.44
CA ASP J 35 -4.92 62.31 20.43
C ASP J 35 -3.64 62.62 19.65
N SER J 36 -3.80 63.06 18.38
CA SER J 36 -2.74 63.36 17.41
C SER J 36 -1.65 64.34 17.90
N ARG J 37 -2.01 65.26 18.82
CA ARG J 37 -1.11 66.27 19.37
C ARG J 37 -0.41 65.86 20.66
N THR J 38 -1.15 65.21 21.58
CA THR J 38 -0.71 64.80 22.91
C THR J 38 -0.06 63.39 22.97
N GLN J 39 -0.63 62.40 22.24
CA GLN J 39 -0.18 61.01 22.33
C GLN J 39 0.57 60.46 21.11
N ALA J 40 1.62 59.64 21.38
CA ALA J 40 2.46 58.93 20.42
C ALA J 40 2.31 57.42 20.63
N ILE J 41 2.49 56.62 19.56
CA ILE J 41 2.30 55.16 19.59
C ILE J 41 3.55 54.46 19.07
N LEU J 42 4.13 53.53 19.85
CA LEU J 42 5.24 52.72 19.39
C LEU J 42 4.80 51.24 19.43
N PRO J 43 4.42 50.66 18.27
CA PRO J 43 3.95 49.26 18.27
C PRO J 43 5.11 48.30 18.53
N LEU J 44 4.97 47.48 19.60
CA LEU J 44 5.96 46.49 19.99
C LEU J 44 5.44 45.14 19.56
N ARG J 45 6.16 44.52 18.60
CA ARG J 45 5.79 43.25 17.99
C ARG J 45 6.54 42.09 18.63
N GLY J 46 5.78 41.07 19.02
CA GLY J 46 6.29 39.86 19.66
C GLY J 46 6.75 40.06 21.09
N LYS J 47 7.36 39.02 21.69
CA LYS J 47 7.89 39.07 23.05
C LYS J 47 9.18 39.90 23.05
N ILE J 48 9.29 40.85 23.98
CA ILE J 48 10.45 41.74 24.09
C ILE J 48 11.64 40.96 24.66
N LEU J 49 12.87 41.25 24.17
CA LEU J 49 14.09 40.57 24.63
C LEU J 49 14.30 40.74 26.14
N ASN J 50 14.56 39.63 26.85
CA ASN J 50 14.87 39.67 28.28
C ASN J 50 16.31 40.14 28.42
N VAL J 51 16.48 41.42 28.82
CA VAL J 51 17.78 42.07 29.01
C VAL J 51 18.58 41.45 30.17
N GLU J 52 17.89 40.86 31.17
CA GLU J 52 18.53 40.21 32.33
C GLU J 52 19.31 38.96 31.90
N LYS J 53 18.80 38.24 30.89
CA LYS J 53 19.41 37.03 30.33
C LYS J 53 20.45 37.30 29.23
N ALA J 54 20.34 38.46 28.53
CA ALA J 54 21.22 38.82 27.41
C ALA J 54 22.48 39.61 27.79
N ARG J 55 23.52 39.53 26.92
CA ARG J 55 24.78 40.28 27.05
C ARG J 55 24.59 41.59 26.26
N LEU J 56 25.32 42.68 26.62
CA LEU J 56 25.17 44.01 26.03
C LEU J 56 25.17 44.03 24.50
N ASP J 57 26.09 43.27 23.86
CA ASP J 57 26.20 43.20 22.40
C ASP J 57 24.88 42.80 21.72
N ARG J 58 24.13 41.88 22.34
CA ARG J 58 22.82 41.42 21.87
C ARG J 58 21.73 42.48 22.11
N ILE J 59 21.67 43.07 23.34
CA ILE J 59 20.70 44.11 23.74
C ILE J 59 20.71 45.29 22.77
N LEU J 60 21.91 45.82 22.46
CA LEU J 60 22.11 46.95 21.56
C LEU J 60 21.84 46.60 20.10
N ASN J 61 21.96 45.31 19.75
CA ASN J 61 21.71 44.79 18.39
C ASN J 61 20.22 44.55 18.12
N ASN J 62 19.39 44.42 19.19
CA ASN J 62 17.95 44.23 19.09
C ASN J 62 17.27 45.52 18.63
N ASN J 63 16.42 45.41 17.59
CA ASN J 63 15.73 46.53 16.95
C ASN J 63 14.60 47.11 17.81
N GLU J 64 13.84 46.24 18.51
CA GLU J 64 12.72 46.65 19.36
C GLU J 64 13.24 47.54 20.50
N ILE J 65 14.37 47.13 21.12
CA ILE J 65 15.04 47.87 22.18
C ILE J 65 15.56 49.19 21.61
N ARG J 66 16.23 49.16 20.45
CA ARG J 66 16.76 50.35 19.78
C ARG J 66 15.67 51.35 19.35
N GLN J 67 14.46 50.86 18.96
CA GLN J 67 13.31 51.69 18.58
C GLN J 67 12.83 52.52 19.76
N MET J 68 12.79 51.91 20.98
CA MET J 68 12.40 52.56 22.23
C MET J 68 13.41 53.64 22.65
N ILE J 69 14.72 53.32 22.62
CA ILE J 69 15.81 54.24 22.99
C ILE J 69 15.76 55.50 22.10
N THR J 70 15.58 55.30 20.79
CA THR J 70 15.50 56.37 19.79
C THR J 70 14.23 57.22 20.02
N ALA J 71 13.13 56.60 20.49
CA ALA J 71 11.86 57.27 20.77
C ALA J 71 11.94 58.17 22.01
N PHE J 72 12.52 57.67 23.11
CA PHE J 72 12.66 58.44 24.36
C PHE J 72 13.77 59.47 24.25
N GLY J 73 14.84 59.10 23.53
CA GLY J 73 16.01 59.95 23.28
C GLY J 73 16.76 60.36 24.54
N THR J 74 16.82 59.46 25.52
CA THR J 74 17.47 59.70 26.80
C THR J 74 18.86 59.06 26.87
N GLY J 75 19.06 58.03 26.05
CA GLY J 75 20.27 57.22 26.04
C GLY J 75 20.10 56.11 27.08
N ILE J 76 21.13 55.28 27.27
CA ILE J 76 21.04 54.18 28.25
C ILE J 76 22.26 54.12 29.18
N GLY J 77 22.07 53.42 30.31
CA GLY J 77 23.08 53.22 31.34
C GLY J 77 23.53 54.51 32.00
N GLY J 78 24.83 54.77 31.93
CA GLY J 78 25.46 55.94 32.51
C GLY J 78 25.16 57.26 31.82
N ASP J 79 24.93 57.23 30.50
CA ASP J 79 24.65 58.46 29.75
C ASP J 79 23.13 58.73 29.62
N PHE J 80 22.33 58.17 30.54
CA PHE J 80 20.89 58.41 30.61
C PHE J 80 20.67 59.84 31.17
N ASP J 81 20.02 60.71 30.37
CA ASP J 81 19.71 62.09 30.75
C ASP J 81 18.21 62.31 30.71
N LEU J 82 17.60 62.43 31.92
CA LEU J 82 16.16 62.67 32.15
C LEU J 82 15.67 63.95 31.48
N ALA J 83 16.57 64.95 31.37
CA ALA J 83 16.33 66.26 30.76
C ALA J 83 16.09 66.13 29.24
N LYS J 84 16.65 65.07 28.64
CA LYS J 84 16.54 64.78 27.22
C LYS J 84 15.31 63.91 26.87
N ALA J 85 14.44 63.58 27.87
CA ALA J 85 13.23 62.76 27.65
C ALA J 85 12.20 63.48 26.77
N ARG J 86 11.72 62.78 25.73
CA ARG J 86 10.75 63.28 24.75
C ARG J 86 9.31 63.20 25.22
N TYR J 87 9.04 62.35 26.24
CA TYR J 87 7.71 62.10 26.81
C TYR J 87 7.81 62.02 28.34
N HIS J 88 6.87 62.68 29.05
CA HIS J 88 6.79 62.69 30.51
C HIS J 88 5.77 61.67 31.05
N LYS J 89 5.33 60.78 30.14
CA LYS J 89 4.41 59.67 30.36
C LYS J 89 4.74 58.58 29.35
N ILE J 90 5.30 57.47 29.83
CA ILE J 90 5.65 56.29 29.04
C ILE J 90 4.67 55.21 29.54
N VAL J 91 3.56 54.99 28.78
CA VAL J 91 2.45 54.10 29.15
C VAL J 91 2.52 52.70 28.48
N ILE J 92 2.77 51.64 29.29
CA ILE J 92 2.83 50.24 28.84
C ILE J 92 1.39 49.74 28.62
N MET J 93 1.00 49.51 27.35
CA MET J 93 -0.34 49.06 27.01
C MET J 93 -0.29 47.67 26.35
N THR J 94 -0.71 46.64 27.10
CA THR J 94 -0.72 45.25 26.61
C THR J 94 -2.11 44.65 26.75
N ASP J 95 -2.29 43.45 26.16
CA ASP J 95 -3.53 42.66 26.23
C ASP J 95 -3.83 42.34 27.71
N ALA J 96 -5.13 42.21 28.03
CA ALA J 96 -5.58 41.89 29.38
C ALA J 96 -5.47 40.36 29.67
N ASP J 97 -4.42 39.72 29.09
CA ASP J 97 -4.12 38.30 29.24
C ASP J 97 -2.73 38.05 29.86
N VAL J 98 -2.43 36.77 30.15
CA VAL J 98 -1.20 36.28 30.77
C VAL J 98 0.08 36.64 29.98
N ASP J 99 -0.01 36.69 28.63
CA ASP J 99 1.12 37.06 27.75
C ASP J 99 1.31 38.57 27.75
N GLY J 100 0.21 39.30 27.99
CA GLY J 100 0.21 40.75 28.15
C GLY J 100 0.99 41.11 29.40
N ALA J 101 0.80 40.30 30.47
CA ALA J 101 1.51 40.41 31.74
C ALA J 101 3.00 40.12 31.52
N HIS J 102 3.33 39.09 30.72
CA HIS J 102 4.71 38.71 30.42
C HIS J 102 5.48 39.83 29.73
N ILE J 103 4.87 40.45 28.72
CA ILE J 103 5.45 41.57 27.98
C ILE J 103 5.70 42.75 28.92
N ARG J 104 4.75 42.98 29.85
CA ARG J 104 4.83 44.02 30.86
C ARG J 104 6.06 43.79 31.76
N THR J 105 6.35 42.51 32.13
CA THR J 105 7.51 42.16 32.97
C THR J 105 8.83 42.42 32.24
N LEU J 106 8.90 42.00 30.97
CA LEU J 106 10.06 42.15 30.10
C LEU J 106 10.43 43.62 29.88
N LEU J 107 9.41 44.49 29.69
CA LEU J 107 9.61 45.92 29.49
C LEU J 107 10.15 46.59 30.75
N LEU J 108 9.59 46.20 31.92
CA LEU J 108 10.04 46.72 33.22
C LEU J 108 11.48 46.31 33.54
N THR J 109 11.91 45.11 33.06
CA THR J 109 13.27 44.59 33.23
C THR J 109 14.26 45.49 32.47
N PHE J 110 13.91 45.87 31.22
CA PHE J 110 14.74 46.74 30.41
C PHE J 110 14.83 48.13 31.05
N PHE J 111 13.67 48.70 31.43
CA PHE J 111 13.61 50.02 32.09
C PHE J 111 14.36 50.05 33.41
N TYR J 112 14.29 48.96 34.21
CA TYR J 112 15.00 48.92 35.49
C TYR J 112 16.51 48.83 35.34
N ARG J 113 16.99 48.05 34.36
CA ARG J 113 18.42 47.85 34.17
C ARG J 113 19.10 48.92 33.28
N PHE J 114 18.32 49.62 32.41
CA PHE J 114 18.91 50.60 31.50
C PHE J 114 18.39 52.02 31.64
N MET J 115 17.14 52.22 32.08
CA MET J 115 16.54 53.54 32.22
C MET J 115 15.96 53.77 33.62
N ARG J 116 16.65 53.28 34.68
CA ARG J 116 16.20 53.35 36.08
C ARG J 116 15.66 54.75 36.52
N PRO J 117 16.32 55.90 36.26
CA PRO J 117 15.76 57.19 36.72
C PRO J 117 14.48 57.64 36.00
N LEU J 118 14.03 56.88 34.98
CA LEU J 118 12.79 57.16 34.27
C LEU J 118 11.63 56.67 35.15
N ILE J 119 11.81 55.49 35.81
CA ILE J 119 10.83 54.89 36.73
C ILE J 119 10.78 55.72 38.01
N GLU J 120 11.97 56.13 38.53
CA GLU J 120 12.14 56.94 39.75
C GLU J 120 11.43 58.30 39.67
N ALA J 121 11.47 58.94 38.48
CA ALA J 121 10.83 60.22 38.20
C ALA J 121 9.31 60.08 37.98
N GLY J 122 8.82 58.84 38.01
CA GLY J 122 7.41 58.50 37.85
C GLY J 122 6.88 58.69 36.44
N TYR J 123 7.74 58.48 35.43
CA TYR J 123 7.42 58.63 34.02
C TYR J 123 6.83 57.34 33.44
N VAL J 124 7.08 56.18 34.08
CA VAL J 124 6.58 54.89 33.63
C VAL J 124 5.18 54.61 34.22
N TYR J 125 4.20 54.33 33.33
CA TYR J 125 2.80 54.02 33.65
C TYR J 125 2.32 52.72 32.99
N ILE J 126 1.27 52.13 33.56
CA ILE J 126 0.64 50.91 33.05
C ILE J 126 -0.82 51.22 32.76
N ALA J 127 -1.20 51.12 31.48
CA ALA J 127 -2.58 51.35 31.04
C ALA J 127 -3.48 50.22 31.57
N GLN J 128 -4.73 50.55 31.90
CA GLN J 128 -5.68 49.54 32.41
C GLN J 128 -6.84 49.34 31.42
N PRO J 129 -6.64 48.43 30.44
CA PRO J 129 -7.69 48.21 29.43
C PRO J 129 -8.82 47.34 29.95
N PRO J 130 -10.00 47.32 29.28
CA PRO J 130 -11.09 46.45 29.76
C PRO J 130 -10.74 44.95 29.68
N THR J 131 -11.04 44.22 30.77
CA THR J 131 -10.79 42.79 30.95
C THR J 131 -11.52 41.88 29.92
N GLY J 132 -12.64 41.28 30.33
CA GLY J 132 -13.49 40.37 29.55
C GLY J 132 -12.93 39.55 28.39
N TYR J 133 -11.88 38.70 28.63
CA TYR J 133 -11.17 37.72 27.76
C TYR J 133 -10.59 38.24 26.42
N LYS J 134 -11.17 39.32 25.83
CA LYS J 134 -10.71 39.86 24.54
C LYS J 134 -9.40 40.61 24.67
N GLY J 135 -8.58 40.51 23.62
CA GLY J 135 -7.31 41.22 23.55
C GLY J 135 -7.47 42.64 23.06
N LEU J 136 -6.35 43.33 22.95
CA LEU J 136 -6.30 44.71 22.48
C LEU J 136 -6.58 44.77 20.98
N GLY J 137 -6.10 43.78 20.22
CA GLY J 137 -6.26 43.69 18.78
C GLY J 137 -7.70 43.62 18.31
N GLU J 138 -8.53 42.86 19.07
CA GLU J 138 -9.98 42.63 18.87
C GLU J 138 -10.81 43.89 19.10
N MET J 139 -10.27 44.82 19.90
CA MET J 139 -10.87 46.10 20.27
C MET J 139 -11.03 47.05 19.09
N ASN J 140 -12.08 47.88 19.15
CA ASN J 140 -12.44 48.90 18.17
C ASN J 140 -11.51 50.11 18.35
N ALA J 141 -11.24 50.85 17.25
CA ALA J 141 -10.37 52.05 17.27
C ALA J 141 -10.90 53.16 18.19
N ASP J 142 -12.24 53.35 18.25
CA ASP J 142 -12.93 54.32 19.11
C ASP J 142 -13.07 53.75 20.52
N GLN J 143 -13.14 52.40 20.64
CA GLN J 143 -13.23 51.68 21.92
C GLN J 143 -11.96 51.90 22.73
N LEU J 144 -10.79 51.70 22.07
CA LEU J 144 -9.45 51.86 22.64
C LEU J 144 -9.24 53.23 23.29
N TRP J 145 -9.79 54.29 22.65
CA TRP J 145 -9.69 55.66 23.15
C TRP J 145 -10.52 55.85 24.42
N GLU J 146 -11.85 55.66 24.31
CA GLU J 146 -12.82 55.84 25.39
C GLU J 146 -12.54 55.08 26.70
N THR J 147 -11.68 54.03 26.66
CA THR J 147 -11.41 53.21 27.85
C THR J 147 -9.94 53.19 28.35
N THR J 148 -8.96 53.30 27.43
CA THR J 148 -7.54 53.19 27.77
C THR J 148 -6.69 54.45 27.50
N MET J 149 -7.09 55.31 26.53
CA MET J 149 -6.32 56.50 26.12
C MET J 149 -6.93 57.86 26.50
N ASN J 150 -8.27 57.94 26.65
CA ASN J 150 -8.96 59.19 26.98
C ASN J 150 -8.62 59.59 28.42
N PRO J 151 -7.94 60.73 28.66
CA PRO J 151 -7.59 61.11 30.05
C PRO J 151 -8.77 61.34 31.00
N GLU J 152 -9.97 61.64 30.44
CA GLU J 152 -11.20 61.87 31.20
C GLU J 152 -11.84 60.58 31.73
N HIS J 153 -11.39 59.38 31.26
CA HIS J 153 -11.93 58.08 31.67
C HIS J 153 -10.88 57.00 31.99
N ARG J 154 -9.65 57.13 31.45
CA ARG J 154 -8.60 56.11 31.64
C ARG J 154 -8.02 56.11 33.07
N ALA J 155 -7.45 54.96 33.47
CA ALA J 155 -6.82 54.72 34.76
C ALA J 155 -5.42 54.14 34.55
N LEU J 156 -4.38 54.98 34.75
CA LEU J 156 -2.98 54.55 34.59
C LEU J 156 -2.36 54.27 35.94
N LEU J 157 -1.55 53.21 36.02
CA LEU J 157 -0.85 52.85 37.25
C LEU J 157 0.58 53.37 37.19
N GLN J 158 0.91 54.33 38.08
CA GLN J 158 2.25 54.92 38.17
C GLN J 158 3.19 53.89 38.79
N VAL J 159 4.22 53.49 38.05
CA VAL J 159 5.20 52.52 38.53
C VAL J 159 6.16 53.23 39.50
N LYS J 160 6.24 52.72 40.74
CA LYS J 160 7.07 53.29 41.80
C LYS J 160 8.08 52.29 42.36
N LEU J 161 9.29 52.77 42.69
CA LEU J 161 10.38 52.00 43.28
C LEU J 161 10.45 52.42 44.75
N GLU J 162 10.29 51.46 45.68
CA GLU J 162 10.33 51.76 47.12
C GLU J 162 11.57 51.20 47.84
N ASP J 163 12.13 50.08 47.35
CA ASP J 163 13.30 49.42 47.91
C ASP J 163 14.14 48.88 46.74
N ALA J 164 15.21 49.62 46.39
CA ALA J 164 16.11 49.29 45.28
C ALA J 164 16.91 48.00 45.50
N ILE J 165 17.20 47.67 46.77
CA ILE J 165 17.92 46.46 47.15
C ILE J 165 17.01 45.23 46.92
N GLU J 166 15.71 45.36 47.27
CA GLU J 166 14.69 44.33 47.11
C GLU J 166 14.36 44.14 45.62
N ALA J 167 14.19 45.27 44.87
CA ALA J 167 13.91 45.27 43.44
C ALA J 167 15.02 44.56 42.66
N ASP J 168 16.31 44.83 43.02
CA ASP J 168 17.47 44.18 42.40
C ASP J 168 17.38 42.66 42.53
N GLN J 169 17.05 42.17 43.74
CA GLN J 169 16.90 40.74 44.04
C GLN J 169 15.71 40.13 43.29
N THR J 170 14.64 40.93 43.10
CA THR J 170 13.39 40.54 42.41
C THR J 170 13.61 40.36 40.90
N PHE J 171 14.27 41.33 40.22
CA PHE J 171 14.58 41.24 38.78
C PHE J 171 15.52 40.10 38.46
N GLU J 172 16.53 39.88 39.32
CA GLU J 172 17.37 38.69 39.20
C GLU J 172 16.43 37.58 39.74
N MET J 173 16.70 36.29 39.53
CA MET J 173 15.78 35.21 39.98
C MET J 173 14.56 35.12 39.04
N LEU J 174 13.68 36.18 39.01
CA LEU J 174 12.49 36.22 38.13
C LEU J 174 12.90 36.28 36.66
N MET J 175 13.89 37.14 36.34
CA MET J 175 14.40 37.35 34.98
C MET J 175 15.85 36.86 34.78
N GLY J 176 16.56 36.51 35.85
CA GLY J 176 17.94 36.01 35.80
C GLY J 176 18.10 34.68 35.10
N ASP J 177 19.35 34.27 34.76
CA ASP J 177 19.60 33.00 34.06
C ASP J 177 19.58 31.75 34.97
N VAL J 178 19.40 31.93 36.29
CA VAL J 178 19.32 30.83 37.27
C VAL J 178 17.87 30.39 37.39
N VAL J 179 17.57 29.22 36.79
CA VAL J 179 16.24 28.61 36.75
C VAL J 179 15.79 28.13 38.12
N GLU J 180 16.67 27.43 38.87
CA GLU J 180 16.41 26.87 40.19
C GLU J 180 15.73 27.87 41.15
N ASN J 181 16.22 29.13 41.22
CA ASN J 181 15.67 30.19 42.09
C ASN J 181 14.26 30.59 41.68
N ARG J 182 14.00 30.60 40.35
CA ARG J 182 12.72 30.94 39.77
C ARG J 182 11.67 29.84 40.07
N ARG J 183 12.02 28.55 39.87
CA ARG J 183 11.10 27.45 40.14
C ARG J 183 10.83 27.29 41.64
N GLN J 184 11.80 27.72 42.51
CA GLN J 184 11.66 27.71 43.96
C GLN J 184 10.64 28.78 44.35
N PHE J 185 10.70 29.97 43.71
CA PHE J 185 9.76 31.08 43.89
C PHE J 185 8.35 30.64 43.48
N ILE J 186 8.23 29.92 42.35
CA ILE J 186 6.97 29.38 41.85
C ILE J 186 6.43 28.41 42.91
N GLU J 187 7.27 27.44 43.34
CA GLU J 187 6.92 26.43 44.35
C GLU J 187 6.29 27.03 45.60
N ASP J 188 6.89 28.10 46.11
CA ASP J 188 6.48 28.81 47.32
C ASP J 188 5.23 29.67 47.15
N ASN J 189 5.19 30.49 46.09
CA ASN J 189 4.12 31.45 45.84
C ASN J 189 2.90 30.96 45.01
N ALA J 190 3.05 29.96 44.14
CA ALA J 190 1.95 29.52 43.27
C ALA J 190 0.74 28.90 43.99
N VAL J 191 -0.48 29.37 43.63
CA VAL J 191 -1.78 28.91 44.15
C VAL J 191 -2.60 28.18 43.05
N TYR J 192 -2.97 26.90 43.29
CA TYR J 192 -3.73 26.04 42.36
C TYR J 192 -5.07 26.65 41.87
MG MG M . 2.85 -37.66 0.87
MG MG N . 0.30 -36.48 30.47
C1 GOL O . 30.79 -33.04 -10.88
O1 GOL O . 30.89 -31.94 -11.79
C2 GOL O . 31.37 -34.32 -11.44
O2 GOL O . 31.43 -35.31 -10.41
C3 GOL O . 30.54 -34.85 -12.58
O3 GOL O . 30.94 -36.16 -12.93
C1 GOL P . 59.97 -6.12 -7.35
O1 GOL P . 60.83 -6.95 -8.11
C2 GOL P . 58.73 -5.78 -8.11
O2 GOL P . 57.72 -5.37 -7.20
C3 GOL P . 59.00 -4.69 -9.13
O3 GOL P . 57.79 -4.24 -9.71
MG MG Q . 12.62 -45.87 -6.61
MG MG R . -4.74 -30.52 -13.10
MG MG S . -17.42 -40.39 -37.20
C1 GOL T . 17.12 -8.62 -16.31
O1 GOL T . 18.25 -8.18 -17.05
C2 GOL T . 16.11 -7.51 -16.16
O2 GOL T . 14.79 -8.03 -16.31
C3 GOL T . 16.22 -6.84 -14.81
O3 GOL T . 15.79 -7.69 -13.78
C1 GOL U . 42.00 -8.20 -27.04
O1 GOL U . 42.87 -7.16 -26.59
C2 GOL U . 42.50 -8.89 -28.28
O2 GOL U . 41.49 -9.78 -28.79
C3 GOL U . 43.79 -9.66 -28.07
O3 GOL U . 44.16 -10.42 -29.22
MG MG V . -3.50 -16.50 -9.03
F MFX W . -2.27 -42.10 0.50
O01 MFX W . 0.15 -44.09 -3.29
O02 MFX W . 1.69 -39.11 0.08
O03 MFX W . 4.94 -38.74 -2.48
O MFX W . 4.06 -38.13 -0.56
N01 MFX W . -2.09 -44.22 -1.66
N02 MFX W . -4.90 -45.46 -2.55
N MFX W . 2.33 -41.95 -2.90
C01 MFX W . -3.10 -46.30 -1.00
C02 MFX W . -4.21 -45.26 -1.28
C03 MFX W . -1.81 -45.49 -0.96
C04 MFX W . -3.49 -43.93 -1.31
C05 MFX W . -2.89 -47.49 -1.95
C06 MFX W . 2.75 -42.90 -3.95
C07 MFX W . -3.68 -47.52 -3.27
C08 MFX W . 3.30 -44.18 -3.31
C09 MFX W . 4.25 -43.19 -3.97
C10 MFX W . -4.29 -46.18 -3.67
C11 MFX W . -1.11 -43.20 -1.40
C12 MFX W . 1.10 -42.05 -2.16
C13 MFX W . 0.08 -43.16 -2.30
C14 MFX W . 0.84 -41.05 -1.06
C15 MFX W . -1.26 -42.11 -0.39
C16 MFX W . 3.15 -40.90 -2.72
C17 MFX W . -0.32 -41.09 -0.28
C18 MFX W . 3.04 -39.95 -1.69
C19 MFX W . 1.85 -39.98 -0.81
C20 MFX W . 4.07 -38.87 -1.57
C MFX W . -0.54 -43.72 -4.50
F MFX X . -10.56 -31.60 -9.80
O01 MFX X . -9.30 -27.84 -6.90
O02 MFX X . -6.12 -30.33 -11.60
O03 MFX X . -3.14 -27.53 -10.75
O MFX X . -3.77 -29.20 -12.00
N01 MFX X . -11.21 -29.75 -7.46
N02 MFX X . -13.11 -31.07 -5.24
N MFX X . -6.74 -27.52 -8.62
C01 MFX X . -13.55 -29.45 -7.13
C02 MFX X . -13.18 -30.87 -6.69
C03 MFX X . -12.33 -28.92 -7.89
C04 MFX X . -11.79 -31.09 -7.26
C05 MFX X . -13.96 -28.41 -6.07
C06 MFX X . -6.83 -26.42 -7.62
C07 MFX X . -13.83 -28.80 -4.58
C08 MFX X . -7.80 -25.34 -8.13
C09 MFX X . -6.30 -25.09 -8.13
C10 MFX X . -12.88 -29.96 -4.31
C11 MFX X . -10.06 -29.67 -8.31
C12 MFX X . -7.77 -28.53 -8.78
C13 MFX X . -9.04 -28.64 -7.98
C14 MFX X . -7.58 -29.54 -9.87
C15 MFX X . -9.72 -30.64 -9.41
C16 MFX X . -5.60 -27.58 -9.32
C17 MFX X . -8.50 -30.56 -10.07
C18 MFX X . -5.33 -28.44 -10.38
C19 MFX X . -6.34 -29.49 -10.69
C20 MFX X . -4.00 -28.37 -11.10
C MFX X . -8.86 -28.37 -5.64
MG MG Y . -0.15 -50.85 20.68
F MFX Z . -0.58 -44.37 22.59
O01 MFX Z . 3.22 -45.38 25.62
O02 MFX Z . 0.38 -49.17 21.52
O03 MFX Z . 3.10 -52.07 22.63
O MFX Z . 1.72 -51.39 21.06
N01 MFX Z . 1.21 -43.44 24.28
N02 MFX Z . 1.25 -41.03 22.63
N MFX Z . 3.18 -48.27 24.44
C01 MFX Z . 1.62 -41.29 25.09
C02 MFX Z . 2.20 -41.41 23.68
C03 MFX Z . 1.24 -42.71 25.54
C04 MFX Z . 2.37 -42.90 23.57
C05 MFX Z . 0.40 -40.34 25.21
C06 MFX Z . 4.32 -48.06 25.37
C07 MFX Z . 0.31 -39.26 24.13
C08 MFX Z . 4.91 -49.35 25.93
C09 MFX Z . 4.03 -48.46 26.81
C10 MFX Z . 0.48 -39.80 22.70
C11 MFX Z . 1.23 -44.84 24.20
C12 MFX Z . 2.32 -47.19 24.05
C13 MFX Z . 2.30 -45.79 24.67
C14 MFX Z . 1.29 -47.48 22.99
C15 MFX Z . 0.30 -45.27 23.11
C16 MFX Z . 3.18 -49.44 23.77
C17 MFX Z . 0.33 -46.56 22.60
C18 MFX Z . 2.27 -49.83 22.79
C19 MFX Z . 1.23 -48.85 22.38
C20 MFX Z . 2.35 -51.19 22.14
C MFX Z . 2.82 -45.27 26.99
MG MG AA . -3.17 38.27 -0.60
C1 GOL BA . -24.20 15.69 0.88
O1 GOL BA . -24.35 16.64 1.94
C2 GOL BA . -25.07 16.03 -0.32
O2 GOL BA . -25.95 17.11 -0.01
C3 GOL BA . -24.24 16.39 -1.54
O3 GOL BA . -23.59 15.24 -2.05
C1 GOL CA . -47.09 31.63 -0.36
O1 GOL CA . -45.87 31.13 0.17
C2 GOL CA . -47.71 32.68 0.54
O2 GOL CA . -47.77 32.19 1.88
C3 GOL CA . -49.09 33.04 0.05
O3 GOL CA . -49.60 34.18 0.70
C1 GOL DA . -18.61 25.34 12.81
O1 GOL DA . -19.24 26.62 12.79
C2 GOL DA . -17.81 25.14 11.55
O2 GOL DA . -16.62 25.93 11.62
C3 GOL DA . -17.46 23.69 11.33
O3 GOL DA . -18.56 22.97 10.77
MG MG EA . -5.40 24.99 -7.51
MG MG FA . 4.35 31.44 13.77
MG MG GA . 26.89 13.61 18.63
C1 GOL HA . -23.23 24.58 29.21
O1 GOL HA . -24.62 24.53 28.93
C2 GOL HA . -22.67 25.98 29.05
O2 GOL HA . -21.34 26.03 29.58
C3 GOL HA . -22.65 26.40 27.60
O3 GOL HA . -22.14 27.72 27.51
MG MG IA . -3.62 38.13 23.74
F MFX JA . 3.30 38.84 -2.67
O01 MFX JA . 3.25 33.98 -3.28
O02 MFX JA . -1.28 37.69 -1.16
O03 MFX JA . -3.46 34.16 -0.66
O MFX JA . -3.51 36.35 -0.61
N01 MFX JA . 4.71 36.31 -3.57
N02 MFX JA . 7.91 36.53 -3.42
N MFX JA . 0.29 34.03 -2.43
C01 MFX JA . 6.30 36.60 -5.35
C02 MFX JA . 6.85 37.28 -4.09
C03 MFX JA . 4.85 36.29 -5.03
C04 MFX JA . 5.65 37.37 -3.16
C05 MFX JA . 6.98 35.33 -5.89
C06 MFX JA . 0.71 32.67 -2.84
C07 MFX JA . 8.05 34.66 -5.02
C08 MFX JA . 0.65 32.55 -4.37
C09 MFX JA . -0.40 31.87 -3.51
C10 MFX JA . 8.06 35.09 -3.55
C11 MFX JA . 3.36 36.41 -3.11
C12 MFX JA . 1.17 35.17 -2.48
C13 MFX JA . 2.59 35.14 -2.99
C14 MFX JA . 0.62 36.51 -2.06
C15 MFX JA . 2.70 37.65 -2.61
C16 MFX JA . -0.93 34.14 -1.87
C17 MFX JA . 1.38 37.67 -2.14
C18 MFX JA . -1.54 35.33 -1.46
C19 MFX JA . -0.77 36.60 -1.53
C20 MFX JA . -2.93 35.28 -0.88
C MFX JA . 4.00 33.40 -2.20
F MFX KA . 8.87 36.36 13.11
O01 MFX KA . 5.44 39.43 14.88
O02 MFX KA . 5.03 33.38 13.67
O03 MFX KA . 1.02 33.63 14.75
O MFX KA . 2.69 32.29 14.30
N01 MFX KA . 8.05 39.16 13.93
N02 MFX KA . 9.60 41.53 12.40
N MFX KA . 3.56 36.96 15.09
C01 MFX KA . 9.90 40.47 14.70
C02 MFX KA . 9.98 40.33 13.16
C03 MFX KA . 8.83 39.47 15.13
C04 MFX KA . 9.01 39.21 12.82
C05 MFX KA . 9.56 41.86 15.28
C06 MFX KA . 2.88 38.16 15.63
C07 MFX KA . 9.18 42.99 14.32
C08 MFX KA . 3.36 38.44 17.07
C09 MFX KA . 1.98 37.87 16.84
C10 MFX KA . 8.71 42.55 12.94
C11 MFX KA . 7.24 37.98 14.05
C12 MFX KA . 4.90 36.97 14.60
C13 MFX KA . 5.83 38.16 14.54
C14 MFX KA . 5.47 35.68 14.10
C15 MFX KA . 7.64 36.63 13.55
C16 MFX KA . 2.77 35.86 14.98
C17 MFX KA . 6.74 35.59 13.55
C18 MFX KA . 3.20 34.61 14.57
C19 MFX KA . 4.59 34.47 14.09
C20 MFX KA . 2.24 33.44 14.55
C MFX KA . 4.93 40.20 13.78
MG MG LA . -0.62 53.04 -19.04
F MFX MA . -3.72 56.73 -14.27
O01 MFX MA . -7.37 57.28 -17.60
O02 MFX MA . -2.07 54.05 -18.18
O03 MFX MA . -3.44 53.03 -22.00
O MFX MA . -2.05 52.49 -20.36
N01 MFX MA . -6.45 57.89 -15.02
N02 MFX MA . -7.05 59.23 -11.96
N MFX MA . -5.72 55.51 -19.51
C01 MFX MA . -7.22 56.95 -12.93
C02 MFX MA . -6.32 58.14 -12.60
C03 MFX MA . -7.55 57.12 -14.40
C04 MFX MA . -5.81 58.65 -13.94
C05 MFX MA . -8.56 56.89 -12.18
C06 MFX MA . -7.05 55.85 -20.06
C07 MFX MA . -8.53 57.58 -10.81
C08 MFX MA . -7.17 55.72 -21.57
C09 MFX MA . -7.03 57.09 -20.94
C10 MFX MA . -7.93 58.99 -10.83
C11 MFX MA . -5.61 57.08 -15.87
C12 MFX MA . -5.35 55.85 -18.16
C13 MFX MA . -6.14 56.77 -17.25
C14 MFX MA . -4.01 55.38 -17.66
C15 MFX MA . -4.26 56.52 -15.49
C16 MFX MA . -4.99 54.64 -20.24
C17 MFX MA . -3.53 55.75 -16.40
C18 MFX MA . -3.75 54.12 -19.88
C19 MFX MA . -3.19 54.52 -18.56
C20 MFX MA . -3.04 53.16 -20.81
C MFX MA . -7.48 58.67 -17.88
MG MG NA . -0.14 33.97 6.55
#